data_3MSP
#
_entry.id   3MSP
#
_cell.length_a   1.000
_cell.length_b   1.000
_cell.length_c   1.000
_cell.angle_alpha   90.00
_cell.angle_beta   90.00
_cell.angle_gamma   90.00
#
_symmetry.space_group_name_H-M   'P 1'
#
_entity_poly.entity_id   1
_entity_poly.type   'polypeptide(L)'
_entity_poly.pdbx_seq_one_letter_code
;AQSVPPGDINTQPSQKIVFNAPYDDKHTYHIKITNAGGRRIGWAIKTTNMRRLSVDPPCGVLDPKEKVLMAVSCDTFNAA
TEDLNNDRITIEWTNTPDGAAKQFRREWFQGDGMVRRKNLPIEYNL
;
_entity_poly.pdbx_strand_id   A,B
#
# COMPACT_ATOMS: atom_id res chain seq x y z
N ALA A 1 12.72 -37.70 -3.17
CA ALA A 1 13.63 -38.88 -3.15
C ALA A 1 14.94 -38.55 -2.45
N GLN A 2 15.57 -37.44 -2.84
CA GLN A 2 16.83 -37.03 -2.24
C GLN A 2 16.63 -35.79 -1.37
N SER A 3 17.72 -35.31 -0.79
CA SER A 3 17.67 -34.14 0.07
C SER A 3 16.99 -32.97 -0.64
N VAL A 4 16.35 -32.10 0.13
CA VAL A 4 15.67 -30.94 -0.43
C VAL A 4 15.82 -29.71 0.48
N PRO A 5 16.63 -28.72 0.06
CA PRO A 5 16.85 -27.51 0.84
C PRO A 5 15.59 -26.66 0.96
N PRO A 6 15.59 -25.68 1.88
CA PRO A 6 14.44 -24.79 2.10
C PRO A 6 14.22 -23.83 0.94
N GLY A 7 13.33 -24.20 0.02
CA GLY A 7 13.04 -23.35 -1.12
C GLY A 7 12.77 -21.91 -0.73
N ASP A 8 13.45 -20.99 -1.43
CA ASP A 8 13.28 -19.56 -1.14
C ASP A 8 11.82 -19.15 -1.28
N ILE A 9 11.18 -18.85 -0.16
CA ILE A 9 9.78 -18.44 -0.15
C ILE A 9 9.61 -17.06 -0.79
N ASN A 10 8.78 -16.99 -1.82
CA ASN A 10 8.53 -15.74 -2.51
C ASN A 10 7.89 -14.72 -1.56
N THR A 11 8.23 -13.45 -1.74
CA THR A 11 7.70 -12.39 -0.90
C THR A 11 7.38 -11.13 -1.72
N GLN A 12 6.23 -10.54 -1.45
CA GLN A 12 5.80 -9.34 -2.15
C GLN A 12 5.11 -8.37 -1.19
N PRO A 13 5.79 -7.26 -0.79
CA PRO A 13 7.14 -6.93 -1.25
C PRO A 13 8.17 -8.00 -0.85
N SER A 14 9.31 -7.99 -1.52
CA SER A 14 10.37 -8.94 -1.25
C SER A 14 11.36 -8.40 -0.23
N GLN A 15 11.46 -7.08 -0.16
CA GLN A 15 12.38 -6.44 0.79
C GLN A 15 12.22 -4.92 0.74
N LYS A 16 10.98 -4.45 0.84
CA LYS A 16 10.71 -3.01 0.81
C LYS A 16 9.20 -2.74 0.91
N ILE A 17 8.78 -2.26 2.08
CA ILE A 17 7.37 -1.96 2.31
C ILE A 17 7.21 -0.55 2.88
N VAL A 18 6.48 0.29 2.15
CA VAL A 18 6.25 1.66 2.58
C VAL A 18 4.80 1.89 3.03
N PHE A 19 4.56 1.72 4.33
CA PHE A 19 3.22 1.90 4.87
C PHE A 19 2.66 3.27 4.48
N ASN A 20 1.86 3.28 3.41
CA ASN A 20 1.27 4.52 2.92
C ASN A 20 0.26 5.09 3.90
N ALA A 21 0.25 6.40 4.02
CA ALA A 21 -0.67 7.09 4.92
C ALA A 21 -2.11 6.60 4.71
N PRO A 22 -3.06 6.97 5.60
CA PRO A 22 -2.80 7.83 6.76
C PRO A 22 -2.45 7.04 8.01
N TYR A 23 -1.95 7.75 9.02
CA TYR A 23 -1.57 7.12 10.29
C TYR A 23 -2.56 7.51 11.38
N ASP A 24 -3.81 7.72 11.01
CA ASP A 24 -4.85 8.10 11.96
C ASP A 24 -5.66 6.88 12.40
N ASP A 25 -5.28 5.69 11.93
CA ASP A 25 -5.99 4.47 12.28
C ASP A 25 -5.15 3.24 11.94
N LYS A 26 -5.35 2.16 12.68
CA LYS A 26 -4.61 0.92 12.46
C LYS A 26 -4.71 0.48 11.01
N HIS A 27 -3.60 0.61 10.29
CA HIS A 27 -3.55 0.22 8.88
C HIS A 27 -2.85 -1.12 8.71
N THR A 28 -3.62 -2.14 8.35
CA THR A 28 -3.07 -3.48 8.14
C THR A 28 -2.69 -3.71 6.68
N TYR A 29 -1.39 -3.80 6.42
CA TYR A 29 -0.90 -4.02 5.06
C TYR A 29 -0.80 -5.51 4.76
N HIS A 30 -1.50 -5.95 3.72
CA HIS A 30 -1.49 -7.35 3.33
C HIS A 30 -0.23 -7.71 2.58
N ILE A 31 0.42 -8.81 2.98
CA ILE A 31 1.63 -9.28 2.34
C ILE A 31 1.39 -10.61 1.64
N LYS A 32 2.15 -10.88 0.60
CA LYS A 32 2.00 -12.13 -0.16
C LYS A 32 3.23 -13.02 0.00
N ILE A 33 3.01 -14.23 0.50
CA ILE A 33 4.08 -15.20 0.69
C ILE A 33 3.76 -16.50 -0.01
N THR A 34 4.78 -17.22 -0.46
CA THR A 34 4.58 -18.49 -1.15
C THR A 34 5.73 -19.45 -0.90
N ASN A 35 5.42 -20.73 -0.82
CA ASN A 35 6.42 -21.76 -0.60
C ASN A 35 6.98 -22.25 -1.93
N ALA A 36 8.21 -21.86 -2.23
CA ALA A 36 8.86 -22.25 -3.48
C ALA A 36 9.67 -23.53 -3.30
N GLY A 37 9.34 -24.30 -2.26
CA GLY A 37 10.04 -25.54 -2.01
C GLY A 37 9.22 -26.76 -2.39
N GLY A 38 9.71 -27.94 -2.03
CA GLY A 38 9.00 -29.17 -2.34
C GLY A 38 8.13 -29.64 -1.20
N ARG A 39 8.54 -29.32 0.03
CA ARG A 39 7.79 -29.72 1.21
C ARG A 39 7.39 -28.50 2.04
N ARG A 40 6.67 -28.74 3.13
CA ARG A 40 6.22 -27.67 4.01
C ARG A 40 7.41 -26.98 4.66
N ILE A 41 7.15 -25.86 5.34
CA ILE A 41 8.20 -25.11 6.01
C ILE A 41 7.67 -24.31 7.20
N GLY A 42 8.39 -24.36 8.30
CA GLY A 42 7.99 -23.62 9.49
C GLY A 42 8.62 -22.25 9.53
N TRP A 43 7.80 -21.21 9.39
CA TRP A 43 8.31 -19.85 9.39
C TRP A 43 7.75 -19.04 10.57
N ALA A 44 8.47 -17.99 10.94
CA ALA A 44 8.07 -17.12 12.03
C ALA A 44 8.49 -15.68 11.74
N ILE A 45 7.77 -14.73 12.31
CA ILE A 45 8.07 -13.32 12.10
C ILE A 45 8.50 -12.64 13.40
N LYS A 46 9.33 -11.61 13.26
CA LYS A 46 9.82 -10.85 14.41
C LYS A 46 10.03 -9.39 14.05
N THR A 47 9.50 -8.50 14.87
CA THR A 47 9.63 -7.07 14.62
C THR A 47 10.34 -6.38 15.79
N THR A 48 10.97 -5.24 15.49
CA THR A 48 11.69 -4.48 16.51
C THR A 48 10.79 -4.20 17.71
N ASN A 49 9.49 -4.10 17.46
CA ASN A 49 8.53 -3.84 18.54
C ASN A 49 7.26 -4.67 18.34
N MET A 50 6.99 -5.54 19.30
CA MET A 50 5.81 -6.41 19.24
C MET A 50 4.61 -5.74 19.91
N ARG A 51 4.69 -4.43 20.13
CA ARG A 51 3.60 -3.70 20.75
C ARG A 51 2.88 -2.82 19.74
N ARG A 52 3.65 -2.04 18.99
CA ARG A 52 3.09 -1.14 17.97
C ARG A 52 2.66 -1.93 16.74
N LEU A 53 3.56 -2.75 16.22
CA LEU A 53 3.27 -3.56 15.04
C LEU A 53 2.64 -4.90 15.42
N SER A 54 1.78 -5.41 14.55
CA SER A 54 1.11 -6.67 14.79
C SER A 54 1.10 -7.52 13.53
N VAL A 55 1.91 -8.58 13.52
CA VAL A 55 2.00 -9.47 12.38
C VAL A 55 1.31 -10.80 12.67
N ASP A 56 0.28 -11.10 11.87
CA ASP A 56 -0.46 -12.34 12.05
C ASP A 56 -0.87 -12.93 10.70
N PRO A 57 -0.72 -14.26 10.51
CA PRO A 57 -0.20 -15.17 11.54
C PRO A 57 1.32 -15.02 11.72
N PRO A 58 1.79 -14.93 12.98
CA PRO A 58 3.22 -14.78 13.25
C PRO A 58 4.03 -16.00 12.83
N CYS A 59 3.51 -17.18 13.15
CA CYS A 59 4.18 -18.43 12.81
C CYS A 59 3.19 -19.42 12.22
N GLY A 60 3.67 -20.26 11.31
CA GLY A 60 2.80 -21.25 10.67
C GLY A 60 3.58 -22.20 9.78
N VAL A 61 2.89 -23.20 9.25
CA VAL A 61 3.51 -24.18 8.38
C VAL A 61 2.93 -24.11 6.96
N LEU A 62 3.72 -23.62 6.03
CA LEU A 62 3.29 -23.50 4.65
C LEU A 62 3.41 -24.84 3.92
N ASP A 63 2.67 -24.99 2.83
CA ASP A 63 2.69 -26.22 2.05
C ASP A 63 3.43 -26.01 0.74
N PRO A 64 3.72 -27.10 0.00
CA PRO A 64 4.43 -27.03 -1.28
C PRO A 64 3.70 -26.16 -2.30
N LYS A 65 4.28 -25.00 -2.61
CA LYS A 65 3.68 -24.09 -3.58
C LYS A 65 2.35 -23.57 -3.06
N GLU A 66 2.27 -23.33 -1.76
CA GLU A 66 1.04 -22.83 -1.15
C GLU A 66 1.16 -21.33 -0.90
N LYS A 67 0.05 -20.61 -1.10
CA LYS A 67 0.02 -19.17 -0.91
C LYS A 67 -0.65 -18.82 0.42
N VAL A 68 -0.14 -17.79 1.08
CA VAL A 68 -0.68 -17.35 2.36
C VAL A 68 -0.67 -15.82 2.46
N LEU A 69 -1.65 -15.27 3.17
CA LEU A 69 -1.73 -13.83 3.35
C LEU A 69 -1.28 -13.42 4.74
N MET A 70 -0.63 -12.27 4.84
CA MET A 70 -0.15 -11.75 6.11
C MET A 70 -0.76 -10.39 6.41
N ALA A 71 -0.81 -10.03 7.69
CA ALA A 71 -1.38 -8.76 8.11
C ALA A 71 -0.44 -8.02 9.05
N VAL A 72 0.08 -6.88 8.61
CA VAL A 72 0.98 -6.08 9.41
C VAL A 72 0.35 -4.74 9.77
N SER A 73 -0.39 -4.71 10.88
CA SER A 73 -1.05 -3.50 11.32
C SER A 73 -0.08 -2.56 12.02
N CYS A 74 -0.30 -1.25 11.87
CA CYS A 74 0.55 -0.24 12.48
C CYS A 74 -0.29 0.78 13.24
N ASP A 75 -0.24 0.71 14.57
CA ASP A 75 -1.00 1.64 15.40
C ASP A 75 -0.73 3.09 14.99
N THR A 76 -1.76 3.93 15.12
CA THR A 76 -1.64 5.34 14.77
C THR A 76 -0.51 6.00 15.56
N PHE A 77 -0.10 7.17 15.11
CA PHE A 77 0.98 7.91 15.77
C PHE A 77 1.24 9.24 15.07
N ASN A 78 2.28 9.93 15.49
CA ASN A 78 2.63 11.23 14.91
C ASN A 78 4.00 11.16 14.23
N ALA A 79 3.99 11.21 12.90
CA ALA A 79 5.24 11.16 12.13
C ALA A 79 5.75 12.56 11.81
N ALA A 80 5.25 13.56 12.53
CA ALA A 80 5.67 14.94 12.32
C ALA A 80 6.94 15.26 13.10
N THR A 81 7.18 14.50 14.17
CA THR A 81 8.36 14.70 14.99
C THR A 81 8.84 13.39 15.59
N GLU A 82 8.89 12.35 14.75
CA GLU A 82 9.33 11.03 15.18
C GLU A 82 10.17 10.36 14.10
N ASP A 83 11.34 9.87 14.49
CA ASP A 83 12.24 9.19 13.55
C ASP A 83 11.59 7.92 13.01
N LEU A 84 11.70 7.72 11.70
CA LEU A 84 11.13 6.54 11.06
C LEU A 84 12.17 5.84 10.20
N ASN A 85 13.15 5.23 10.86
CA ASN A 85 14.21 4.51 10.15
C ASN A 85 14.84 3.45 11.05
N ASN A 86 14.04 2.91 11.97
CA ASN A 86 14.52 1.88 12.88
C ASN A 86 13.57 0.69 12.93
N ASP A 87 12.56 0.68 12.07
CA ASP A 87 11.59 -0.41 12.02
C ASP A 87 11.96 -1.42 10.96
N ARG A 88 12.20 -2.65 11.38
CA ARG A 88 12.57 -3.73 10.46
C ARG A 88 11.97 -5.06 10.90
N ILE A 89 11.43 -5.80 9.93
CA ILE A 89 10.82 -7.10 10.21
C ILE A 89 11.80 -8.23 9.89
N THR A 90 11.49 -9.43 10.37
CA THR A 90 12.35 -10.59 10.12
C THR A 90 11.50 -11.82 9.80
N ILE A 91 11.76 -12.41 8.63
CA ILE A 91 11.02 -13.60 8.20
C ILE A 91 11.97 -14.76 7.95
N GLU A 92 11.88 -15.79 8.79
CA GLU A 92 12.72 -16.97 8.64
C GLU A 92 11.88 -18.22 8.47
N TRP A 93 12.47 -19.25 7.84
CA TRP A 93 11.76 -20.49 7.61
C TRP A 93 12.75 -21.64 7.39
N THR A 94 12.36 -22.84 7.84
CA THR A 94 13.20 -24.02 7.68
C THR A 94 12.37 -25.24 7.33
N ASN A 95 12.83 -26.01 6.35
CA ASN A 95 12.12 -27.21 5.92
C ASN A 95 11.83 -28.12 7.11
N THR A 96 10.56 -28.47 7.28
CA THR A 96 10.14 -29.34 8.37
C THR A 96 10.70 -30.75 8.20
N PRO A 97 10.92 -31.46 9.32
CA PRO A 97 11.46 -32.83 9.28
C PRO A 97 10.47 -33.82 8.67
N ASP A 98 10.97 -35.00 8.32
CA ASP A 98 10.14 -36.04 7.72
C ASP A 98 8.84 -36.22 8.49
N GLY A 99 7.72 -35.96 7.83
CA GLY A 99 6.43 -36.09 8.48
C GLY A 99 6.37 -35.34 9.80
N ALA A 100 6.82 -34.09 9.79
CA ALA A 100 6.82 -33.27 10.99
C ALA A 100 5.43 -33.21 11.62
N ALA A 101 5.38 -32.72 12.86
CA ALA A 101 4.11 -32.60 13.58
C ALA A 101 3.32 -31.39 13.09
N LYS A 102 2.04 -31.37 13.44
CA LYS A 102 1.17 -30.27 13.06
C LYS A 102 1.22 -29.17 14.09
N GLN A 103 2.36 -28.49 14.15
CA GLN A 103 2.56 -27.39 15.09
C GLN A 103 3.99 -26.88 15.03
N PHE A 104 4.15 -25.58 14.75
CA PHE A 104 5.47 -24.96 14.65
C PHE A 104 6.33 -25.31 15.87
N ARG A 105 7.48 -25.92 15.63
CA ARG A 105 8.38 -26.30 16.71
C ARG A 105 9.72 -25.55 16.58
N ARG A 106 10.36 -25.31 17.71
CA ARG A 106 11.63 -24.60 17.73
C ARG A 106 12.79 -25.54 17.40
N GLU A 107 12.56 -26.85 17.53
CA GLU A 107 13.59 -27.83 17.23
C GLU A 107 13.95 -27.83 15.75
N TRP A 108 13.03 -27.37 14.92
CA TRP A 108 13.26 -27.32 13.48
C TRP A 108 14.41 -26.38 13.13
N PHE A 109 14.83 -25.55 14.08
CA PHE A 109 15.92 -24.62 13.86
C PHE A 109 17.23 -25.12 14.49
N GLN A 110 17.09 -26.00 15.48
CA GLN A 110 18.26 -26.55 16.16
C GLN A 110 18.47 -28.01 15.77
N GLY A 111 18.14 -28.35 14.52
CA GLY A 111 18.30 -29.71 14.06
C GLY A 111 19.23 -29.81 12.86
N ASP A 112 18.87 -30.67 11.91
CA ASP A 112 19.69 -30.85 10.71
C ASP A 112 19.21 -29.94 9.59
N GLY A 113 20.14 -29.53 8.73
CA GLY A 113 19.79 -28.65 7.63
C GLY A 113 20.19 -27.22 7.87
N MET A 114 19.67 -26.31 7.06
CA MET A 114 19.97 -24.89 7.19
C MET A 114 18.69 -24.06 7.25
N VAL A 115 18.76 -22.91 7.91
CA VAL A 115 17.60 -22.03 8.04
C VAL A 115 17.84 -20.70 7.32
N ARG A 116 16.84 -20.24 6.59
CA ARG A 116 16.93 -18.98 5.86
C ARG A 116 16.25 -17.86 6.63
N ARG A 117 16.72 -16.63 6.41
CA ARG A 117 16.16 -15.47 7.09
C ARG A 117 16.48 -14.19 6.34
N LYS A 118 15.50 -13.30 6.22
CA LYS A 118 15.68 -12.03 5.53
C LYS A 118 14.86 -10.93 6.20
N ASN A 119 15.51 -9.79 6.44
CA ASN A 119 14.83 -8.66 7.08
C ASN A 119 14.23 -7.72 6.04
N LEU A 120 12.98 -7.33 6.27
CA LEU A 120 12.28 -6.43 5.35
C LEU A 120 12.30 -4.99 5.89
N PRO A 121 12.92 -4.05 5.15
CA PRO A 121 12.99 -2.65 5.58
C PRO A 121 11.62 -1.98 5.59
N ILE A 122 11.29 -1.34 6.71
CA ILE A 122 10.01 -0.66 6.84
C ILE A 122 10.12 0.81 6.46
N GLU A 123 9.04 1.37 5.92
CA GLU A 123 9.00 2.76 5.49
C GLU A 123 7.67 3.39 5.85
N TYR A 124 7.65 4.72 5.90
CA TYR A 124 6.43 5.45 6.23
C TYR A 124 6.19 6.59 5.24
N ASN A 125 5.15 6.44 4.43
CA ASN A 125 4.79 7.45 3.44
C ASN A 125 3.65 8.33 3.95
N LEU A 126 3.81 9.64 3.83
CA LEU A 126 2.79 10.58 4.28
C LEU A 126 2.00 11.13 3.10
N ALA B 1 -24.80 31.05 4.07
CA ALA B 1 -25.33 32.43 4.02
C ALA B 1 -24.47 33.32 3.12
N GLN B 2 -23.16 33.29 3.37
CA GLN B 2 -22.22 34.08 2.58
C GLN B 2 -21.39 33.20 1.66
N SER B 3 -20.49 33.82 0.90
CA SER B 3 -19.63 33.08 -0.03
C SER B 3 -18.91 31.94 0.70
N VAL B 4 -18.60 30.89 -0.05
CA VAL B 4 -17.91 29.73 0.52
C VAL B 4 -16.92 29.15 -0.48
N PRO B 5 -15.60 29.34 -0.24
CA PRO B 5 -14.55 28.82 -1.13
C PRO B 5 -14.51 27.30 -1.14
N PRO B 6 -13.79 26.71 -2.11
CA PRO B 6 -13.68 25.25 -2.24
C PRO B 6 -12.82 24.65 -1.12
N GLY B 7 -13.49 24.15 -0.08
CA GLY B 7 -12.77 23.56 1.04
C GLY B 7 -11.74 22.53 0.59
N ASP B 8 -10.53 22.65 1.12
CA ASP B 8 -9.44 21.73 0.77
C ASP B 8 -9.83 20.29 1.07
N ILE B 9 -10.06 19.52 0.02
CA ILE B 9 -10.44 18.11 0.18
C ILE B 9 -9.28 17.29 0.73
N ASN B 10 -9.52 16.62 1.86
CA ASN B 10 -8.50 15.79 2.48
C ASN B 10 -8.09 14.65 1.56
N THR B 11 -6.82 14.28 1.61
CA THR B 11 -6.30 13.21 0.78
C THR B 11 -5.31 12.34 1.54
N GLN B 12 -5.44 11.02 1.38
CA GLN B 12 -4.56 10.08 2.05
C GLN B 12 -4.22 8.92 1.13
N PRO B 13 -2.99 8.87 0.58
CA PRO B 13 -1.94 9.87 0.82
C PRO B 13 -2.36 11.27 0.37
N SER B 14 -1.67 12.28 0.88
CA SER B 14 -1.96 13.66 0.54
C SER B 14 -1.12 14.13 -0.64
N GLN B 15 0.04 13.51 -0.81
CA GLN B 15 0.93 13.88 -1.90
C GLN B 15 2.15 12.94 -1.95
N LYS B 16 1.89 11.64 -1.91
CA LYS B 16 2.96 10.65 -1.95
C LYS B 16 2.40 9.23 -1.88
N ILE B 17 2.43 8.53 -3.00
CA ILE B 17 1.94 7.16 -3.07
C ILE B 17 2.96 6.23 -3.70
N VAL B 18 3.39 5.22 -2.95
CA VAL B 18 4.37 4.26 -3.44
C VAL B 18 3.76 2.90 -3.70
N PHE B 19 3.33 2.68 -4.94
CA PHE B 19 2.72 1.41 -5.33
C PHE B 19 3.62 0.25 -4.94
N ASN B 20 3.36 -0.35 -3.79
CA ASN B 20 4.16 -1.47 -3.30
C ASN B 20 3.99 -2.70 -4.18
N ALA B 21 5.08 -3.42 -4.40
CA ALA B 21 5.08 -4.63 -5.21
C ALA B 21 3.94 -5.56 -4.78
N PRO B 22 3.65 -6.62 -5.56
CA PRO B 22 4.35 -6.96 -6.80
C PRO B 22 3.71 -6.33 -8.04
N TYR B 23 4.44 -6.36 -9.15
CA TYR B 23 3.95 -5.81 -10.40
C TYR B 23 3.63 -6.92 -11.39
N ASP B 24 3.21 -8.07 -10.86
CA ASP B 24 2.87 -9.21 -11.70
C ASP B 24 1.36 -9.29 -11.94
N ASP B 25 0.61 -8.30 -11.44
CA ASP B 25 -0.84 -8.28 -11.61
C ASP B 25 -1.39 -6.89 -11.30
N LYS B 26 -2.50 -6.56 -11.95
CA LYS B 26 -3.14 -5.26 -11.74
C LYS B 26 -3.37 -4.99 -10.26
N HIS B 27 -2.61 -4.06 -9.70
CA HIS B 27 -2.73 -3.71 -8.28
C HIS B 27 -3.47 -2.40 -8.11
N THR B 28 -4.69 -2.48 -7.58
CA THR B 28 -5.51 -1.29 -7.37
C THR B 28 -5.33 -0.74 -5.96
N TYR B 29 -4.69 0.42 -5.86
CA TYR B 29 -4.45 1.06 -4.56
C TYR B 29 -5.62 1.95 -4.18
N HIS B 30 -6.22 1.68 -3.04
CA HIS B 30 -7.36 2.46 -2.56
C HIS B 30 -6.91 3.78 -1.95
N ILE B 31 -7.56 4.86 -2.35
CA ILE B 31 -7.24 6.19 -1.85
C ILE B 31 -8.41 6.75 -1.04
N LYS B 32 -8.11 7.61 -0.08
CA LYS B 32 -9.14 8.20 0.76
C LYS B 32 -9.28 9.70 0.51
N ILE B 33 -10.48 10.11 0.13
CA ILE B 33 -10.76 11.53 -0.14
C ILE B 33 -11.95 12.00 0.69
N THR B 34 -11.96 13.27 1.05
CA THR B 34 -13.05 13.83 1.85
C THR B 34 -13.30 15.30 1.51
N ASN B 35 -14.56 15.70 1.56
CA ASN B 35 -14.93 17.07 1.28
C ASN B 35 -14.89 17.91 2.56
N ALA B 36 -13.87 18.75 2.66
CA ALA B 36 -13.71 19.61 3.83
C ALA B 36 -14.40 20.95 3.65
N GLY B 37 -15.35 21.01 2.71
CA GLY B 37 -16.07 22.25 2.46
C GLY B 37 -17.47 22.22 3.03
N GLY B 38 -18.26 23.24 2.68
CA GLY B 38 -19.63 23.32 3.17
C GLY B 38 -20.63 22.75 2.17
N ARG B 39 -20.29 22.82 0.89
CA ARG B 39 -21.17 22.31 -0.15
C ARG B 39 -20.46 21.26 -1.01
N ARG B 40 -21.18 20.70 -1.97
CA ARG B 40 -20.61 19.69 -2.85
C ARG B 40 -19.49 20.27 -3.71
N ILE B 41 -18.77 19.42 -4.41
CA ILE B 41 -17.67 19.86 -5.26
C ILE B 41 -17.43 18.89 -6.42
N GLY B 42 -17.24 19.45 -7.61
CA GLY B 42 -16.97 18.63 -8.78
C GLY B 42 -15.49 18.43 -9.00
N TRP B 43 -15.02 17.20 -8.82
CA TRP B 43 -13.60 16.89 -8.98
C TRP B 43 -13.36 15.91 -10.12
N ALA B 44 -12.14 15.94 -10.65
CA ALA B 44 -11.75 15.05 -11.74
C ALA B 44 -10.28 14.67 -11.60
N ILE B 45 -9.92 13.51 -12.14
CA ILE B 45 -8.54 13.04 -12.07
C ILE B 45 -7.91 12.94 -13.45
N LYS B 46 -6.59 13.10 -13.50
CA LYS B 46 -5.85 13.03 -14.75
C LYS B 46 -4.45 12.46 -14.52
N THR B 47 -4.08 11.47 -15.32
CA THR B 47 -2.77 10.85 -15.19
C THR B 47 -1.96 10.99 -16.48
N THR B 48 -0.64 10.94 -16.35
CA THR B 48 0.24 11.06 -17.50
C THR B 48 -0.14 10.08 -18.60
N ASN B 49 -0.70 8.94 -18.19
CA ASN B 49 -1.11 7.91 -19.13
C ASN B 49 -2.45 7.30 -18.72
N MET B 50 -3.45 7.46 -19.58
CA MET B 50 -4.78 6.93 -19.30
C MET B 50 -4.93 5.51 -19.86
N ARG B 51 -3.81 4.86 -20.16
CA ARG B 51 -3.84 3.50 -20.69
C ARG B 51 -3.33 2.50 -19.66
N ARG B 52 -2.18 2.80 -19.06
CA ARG B 52 -1.59 1.93 -18.05
C ARG B 52 -2.32 2.08 -16.72
N LEU B 53 -2.49 3.31 -16.28
CA LEU B 53 -3.16 3.58 -15.01
C LEU B 53 -4.66 3.73 -15.22
N SER B 54 -5.43 3.33 -14.21
CA SER B 54 -6.89 3.43 -14.27
C SER B 54 -7.46 3.96 -12.96
N VAL B 55 -7.91 5.21 -13.00
CA VAL B 55 -8.48 5.85 -11.81
C VAL B 55 -10.00 5.94 -11.92
N ASP B 56 -10.70 5.30 -10.99
CA ASP B 56 -12.15 5.31 -10.98
C ASP B 56 -12.69 5.38 -9.54
N PRO B 57 -13.71 6.23 -9.29
CA PRO B 57 -14.33 7.08 -10.30
C PRO B 57 -13.44 8.26 -10.69
N PRO B 58 -13.27 8.52 -12.00
CA PRO B 58 -12.44 9.62 -12.48
C PRO B 58 -13.00 10.99 -12.08
N CYS B 59 -14.31 11.15 -12.26
CA CYS B 59 -14.98 12.40 -11.91
C CYS B 59 -16.25 12.13 -11.13
N GLY B 60 -16.60 13.06 -10.23
CA GLY B 60 -17.79 12.90 -9.44
C GLY B 60 -18.09 14.13 -8.59
N VAL B 61 -19.23 14.11 -7.91
CA VAL B 61 -19.63 15.22 -7.05
C VAL B 61 -19.70 14.81 -5.59
N LEU B 62 -18.74 15.28 -4.80
CA LEU B 62 -18.69 14.96 -3.38
C LEU B 62 -19.66 15.82 -2.59
N ASP B 63 -20.04 15.36 -1.40
CA ASP B 63 -20.97 16.09 -0.55
C ASP B 63 -20.24 16.71 0.63
N PRO B 64 -20.92 17.58 1.40
CA PRO B 64 -20.34 18.24 2.57
C PRO B 64 -19.85 17.23 3.61
N LYS B 65 -18.53 17.14 3.77
CA LYS B 65 -17.94 16.22 4.74
C LYS B 65 -18.26 14.78 4.38
N GLU B 66 -18.27 14.49 3.08
CA GLU B 66 -18.56 13.14 2.59
C GLU B 66 -17.26 12.42 2.24
N LYS B 67 -17.21 11.12 2.53
CA LYS B 67 -16.03 10.31 2.24
C LYS B 67 -16.25 9.46 0.99
N VAL B 68 -15.19 9.30 0.21
CA VAL B 68 -15.27 8.51 -1.01
C VAL B 68 -13.98 7.71 -1.22
N LEU B 69 -14.11 6.54 -1.84
CA LEU B 69 -12.96 5.68 -2.10
C LEU B 69 -12.55 5.74 -3.57
N MET B 70 -11.25 5.67 -3.82
CA MET B 70 -10.72 5.72 -5.18
C MET B 70 -9.93 4.45 -5.49
N ALA B 71 -9.82 4.13 -6.76
CA ALA B 71 -9.09 2.93 -7.19
C ALA B 71 -8.10 3.26 -8.30
N VAL B 72 -6.81 3.13 -8.00
CA VAL B 72 -5.77 3.41 -8.98
C VAL B 72 -5.00 2.14 -9.34
N SER B 73 -5.51 1.42 -10.34
CA SER B 73 -4.88 0.18 -10.77
C SER B 73 -3.67 0.45 -11.65
N CYS B 74 -2.67 -0.41 -11.57
CA CYS B 74 -1.45 -0.27 -12.35
C CYS B 74 -1.11 -1.58 -13.05
N ASP B 75 -1.31 -1.61 -14.37
CA ASP B 75 -1.03 -2.80 -15.16
C ASP B 75 0.38 -3.32 -14.89
N THR B 76 0.54 -4.64 -14.95
CA THR B 76 1.84 -5.26 -14.71
C THR B 76 2.89 -4.71 -15.67
N PHE B 77 4.15 -4.96 -15.36
CA PHE B 77 5.25 -4.49 -16.20
C PHE B 77 6.59 -4.92 -15.63
N ASN B 78 7.68 -4.44 -16.24
CA ASN B 78 9.02 -4.79 -15.80
C ASN B 78 9.76 -3.55 -15.30
N ALA B 79 9.97 -3.47 -13.99
CA ALA B 79 10.67 -2.35 -13.39
C ALA B 79 12.16 -2.63 -13.23
N ALA B 80 12.65 -3.63 -13.95
CA ALA B 80 14.06 -3.99 -13.88
C ALA B 80 14.89 -3.14 -14.84
N THR B 81 14.24 -2.62 -15.88
CA THR B 81 14.92 -1.80 -16.87
C THR B 81 13.98 -0.73 -17.43
N GLU B 82 13.24 -0.09 -16.53
CA GLU B 82 12.31 0.96 -16.93
C GLU B 82 12.30 2.10 -15.93
N ASP B 83 12.44 3.33 -16.43
CA ASP B 83 12.46 4.50 -15.57
C ASP B 83 11.12 4.68 -14.87
N LEU B 84 11.17 4.97 -13.57
CA LEU B 84 9.96 5.16 -12.78
C LEU B 84 10.01 6.49 -12.03
N ASN B 85 9.92 7.59 -12.76
CA ASN B 85 9.96 8.91 -12.15
C ASN B 85 9.27 9.94 -13.04
N ASN B 86 8.29 9.48 -13.81
CA ASN B 86 7.56 10.37 -14.71
C ASN B 86 6.04 10.19 -14.55
N ASP B 87 5.62 9.40 -13.57
CA ASP B 87 4.20 9.16 -13.33
C ASP B 87 3.67 10.10 -12.25
N ARG B 88 2.69 10.93 -12.62
CA ARG B 88 2.10 11.87 -11.68
C ARG B 88 0.61 12.04 -11.95
N ILE B 89 -0.18 12.05 -10.88
CA ILE B 89 -1.63 12.21 -10.99
C ILE B 89 -2.03 13.64 -10.72
N THR B 90 -3.27 13.99 -11.07
CA THR B 90 -3.77 15.35 -10.86
C THR B 90 -5.20 15.32 -10.34
N ILE B 91 -5.43 15.93 -9.18
CA ILE B 91 -6.75 15.97 -8.58
C ILE B 91 -7.21 17.41 -8.37
N GLU B 92 -8.24 17.81 -9.13
CA GLU B 92 -8.78 19.16 -9.02
C GLU B 92 -10.26 19.13 -8.65
N TRP B 93 -10.73 20.20 -8.03
CA TRP B 93 -12.13 20.29 -7.63
C TRP B 93 -12.56 21.75 -7.46
N THR B 94 -13.82 22.02 -7.77
CA THR B 94 -14.37 23.37 -7.66
C THR B 94 -15.79 23.34 -7.11
N ASN B 95 -16.08 24.21 -6.16
CA ASN B 95 -17.40 24.29 -5.55
C ASN B 95 -18.48 24.43 -6.62
N THR B 96 -19.45 23.53 -6.60
CA THR B 96 -20.54 23.56 -7.57
C THR B 96 -21.42 24.79 -7.37
N PRO B 97 -22.05 25.28 -8.46
CA PRO B 97 -22.92 26.45 -8.40
C PRO B 97 -24.19 26.19 -7.60
N ASP B 98 -24.88 27.26 -7.24
CA ASP B 98 -26.12 27.16 -6.47
C ASP B 98 -27.05 26.10 -7.06
N GLY B 99 -27.32 25.06 -6.27
CA GLY B 99 -28.19 23.99 -6.73
C GLY B 99 -27.76 23.45 -8.08
N ALA B 100 -26.47 23.16 -8.22
CA ALA B 100 -25.92 22.64 -9.46
C ALA B 100 -26.66 21.38 -9.90
N ALA B 101 -26.44 20.99 -11.15
CA ALA B 101 -27.08 19.80 -11.70
C ALA B 101 -26.41 18.53 -11.21
N LYS B 102 -27.11 17.42 -11.39
CA LYS B 102 -26.58 16.12 -10.96
C LYS B 102 -25.74 15.50 -12.07
N GLN B 103 -24.59 16.09 -12.32
CA GLN B 103 -23.68 15.62 -13.35
C GLN B 103 -22.48 16.56 -13.51
N PHE B 104 -21.29 16.02 -13.35
CA PHE B 104 -20.07 16.82 -13.47
C PHE B 104 -20.07 17.62 -14.76
N ARG B 105 -19.96 18.95 -14.63
CA ARG B 105 -19.93 19.83 -15.79
C ARG B 105 -18.60 20.56 -15.89
N ARG B 106 -18.21 20.90 -17.11
CA ARG B 106 -16.94 21.60 -17.35
C ARG B 106 -17.09 23.09 -17.10
N GLU B 107 -18.33 23.59 -17.11
CA GLU B 107 -18.60 25.01 -16.89
C GLU B 107 -18.22 25.42 -15.47
N TRP B 108 -18.20 24.46 -14.56
CA TRP B 108 -17.86 24.73 -13.16
C TRP B 108 -16.42 25.23 -13.03
N PHE B 109 -15.63 25.08 -14.09
CA PHE B 109 -14.25 25.52 -14.08
C PHE B 109 -14.08 26.84 -14.82
N GLN B 110 -15.01 27.12 -15.74
CA GLN B 110 -14.96 28.36 -16.52
C GLN B 110 -16.03 29.33 -16.07
N GLY B 111 -16.33 29.32 -14.77
CA GLY B 111 -17.33 30.21 -14.24
C GLY B 111 -16.79 31.14 -13.17
N ASP B 112 -17.57 31.37 -12.13
CA ASP B 112 -17.16 32.24 -11.04
C ASP B 112 -16.49 31.44 -9.92
N GLY B 113 -15.56 32.07 -9.22
CA GLY B 113 -14.86 31.41 -8.15
C GLY B 113 -13.47 30.96 -8.54
N MET B 114 -12.88 30.09 -7.72
CA MET B 114 -11.53 29.58 -7.99
C MET B 114 -11.51 28.06 -7.93
N VAL B 115 -10.59 27.45 -8.67
CA VAL B 115 -10.45 26.00 -8.71
C VAL B 115 -9.11 25.56 -8.12
N ARG B 116 -9.16 24.52 -7.31
CA ARG B 116 -7.94 23.99 -6.68
C ARG B 116 -7.45 22.76 -7.43
N ARG B 117 -6.14 22.53 -7.35
CA ARG B 117 -5.53 21.38 -8.02
C ARG B 117 -4.18 21.03 -7.41
N LYS B 118 -3.93 19.74 -7.23
CA LYS B 118 -2.67 19.27 -6.66
C LYS B 118 -2.25 17.95 -7.29
N ASN B 119 -0.99 17.86 -7.69
CA ASN B 119 -0.46 16.65 -8.31
C ASN B 119 0.14 15.72 -7.26
N LEU B 120 -0.19 14.44 -7.36
CA LEU B 120 0.32 13.44 -6.42
C LEU B 120 1.47 12.66 -7.05
N PRO B 121 2.68 12.74 -6.46
CA PRO B 121 3.86 12.03 -6.98
C PRO B 121 3.71 10.52 -6.86
N ILE B 122 3.94 9.81 -7.97
CA ILE B 122 3.83 8.36 -7.98
C ILE B 122 5.18 7.71 -7.71
N GLU B 123 5.14 6.54 -7.07
CA GLU B 123 6.35 5.80 -6.75
C GLU B 123 6.16 4.30 -6.96
N TYR B 124 7.27 3.58 -7.10
CA TYR B 124 7.21 2.15 -7.32
C TYR B 124 8.17 1.40 -6.39
N ASN B 125 7.60 0.67 -5.44
CA ASN B 125 8.40 -0.10 -4.49
C ASN B 125 8.49 -1.55 -4.90
N LEU B 126 9.69 -2.11 -4.89
CA LEU B 126 9.90 -3.50 -5.27
C LEU B 126 10.11 -4.37 -4.04
N ALA A 1 29.39 -35.52 3.62
CA ALA A 1 27.99 -35.74 3.16
C ALA A 1 27.51 -34.57 2.30
N GLN A 2 26.56 -34.85 1.41
CA GLN A 2 26.03 -33.83 0.53
C GLN A 2 24.75 -33.23 1.11
N SER A 3 24.91 -32.27 2.02
CA SER A 3 23.77 -31.61 2.65
C SER A 3 23.24 -30.49 1.77
N VAL A 4 22.10 -29.93 2.17
CA VAL A 4 21.48 -28.85 1.41
C VAL A 4 20.91 -27.78 2.35
N PRO A 5 21.13 -26.49 2.04
CA PRO A 5 20.62 -25.39 2.85
C PRO A 5 19.12 -25.18 2.69
N PRO A 6 18.51 -24.37 3.56
CA PRO A 6 17.07 -24.09 3.51
C PRO A 6 16.68 -23.26 2.29
N GLY A 7 15.75 -23.80 1.49
CA GLY A 7 15.31 -23.10 0.30
C GLY A 7 14.96 -21.64 0.57
N ASP A 8 15.78 -20.73 0.05
CA ASP A 8 15.55 -19.31 0.23
C ASP A 8 14.14 -18.92 -0.20
N ILE A 9 13.37 -18.38 0.75
CA ILE A 9 12.00 -17.96 0.46
C ILE A 9 11.96 -16.54 -0.08
N ASN A 10 11.25 -16.35 -1.19
CA ASN A 10 11.13 -15.03 -1.80
C ASN A 10 10.06 -14.20 -1.09
N THR A 11 10.23 -12.89 -1.11
CA THR A 11 9.27 -11.99 -0.46
C THR A 11 8.99 -10.77 -1.33
N GLN A 12 7.77 -10.23 -1.20
CA GLN A 12 7.36 -9.06 -1.96
C GLN A 12 6.51 -8.14 -1.10
N PRO A 13 7.04 -6.95 -0.69
CA PRO A 13 8.39 -6.51 -1.04
C PRO A 13 9.47 -7.44 -0.50
N SER A 14 10.66 -7.36 -1.09
CA SER A 14 11.78 -8.19 -0.68
C SER A 14 12.92 -7.36 -0.10
N GLN A 15 12.78 -6.04 -0.12
CA GLN A 15 13.82 -5.16 0.42
C GLN A 15 13.27 -4.29 1.55
N LYS A 16 12.13 -3.68 1.32
CA LYS A 16 11.51 -2.82 2.32
C LYS A 16 10.10 -2.41 1.92
N ILE A 17 9.20 -2.37 2.90
CA ILE A 17 7.81 -1.98 2.65
C ILE A 17 7.52 -0.60 3.24
N VAL A 18 6.68 0.17 2.57
CA VAL A 18 6.34 1.50 3.04
C VAL A 18 4.83 1.68 3.18
N PHE A 19 4.33 1.60 4.41
CA PHE A 19 2.91 1.76 4.68
C PHE A 19 2.44 3.12 4.19
N ASN A 20 1.61 3.12 3.14
CA ASN A 20 1.08 4.35 2.57
C ASN A 20 0.05 4.99 3.49
N ALA A 21 0.09 6.31 3.60
CA ALA A 21 -0.84 7.05 4.42
C ALA A 21 -2.28 6.78 3.99
N PRO A 22 -3.28 7.18 4.81
CA PRO A 22 -3.07 7.86 6.09
C PRO A 22 -2.94 6.89 7.27
N TYR A 23 -2.42 7.39 8.38
CA TYR A 23 -2.24 6.59 9.57
C TYR A 23 -3.33 6.87 10.60
N ASP A 24 -4.51 7.27 10.10
CA ASP A 24 -5.63 7.56 10.96
C ASP A 24 -6.61 6.38 11.04
N ASP A 25 -6.25 5.26 10.43
CA ASP A 25 -7.10 4.08 10.43
C ASP A 25 -6.26 2.81 10.39
N LYS A 26 -6.83 1.71 10.86
CA LYS A 26 -6.13 0.43 10.89
C LYS A 26 -6.11 -0.19 9.50
N HIS A 27 -4.93 -0.19 8.87
CA HIS A 27 -4.76 -0.76 7.54
C HIS A 27 -3.92 -2.03 7.59
N THR A 28 -4.36 -3.05 6.86
CA THR A 28 -3.65 -4.32 6.82
C THR A 28 -2.98 -4.52 5.47
N TYR A 29 -1.65 -4.39 5.45
CA TYR A 29 -0.88 -4.56 4.22
C TYR A 29 -0.42 -6.01 4.08
N HIS A 30 -0.94 -6.69 3.06
CA HIS A 30 -0.59 -8.08 2.82
C HIS A 30 0.75 -8.20 2.10
N ILE A 31 1.42 -9.34 2.28
CA ILE A 31 2.71 -9.58 1.66
C ILE A 31 2.72 -10.95 0.97
N LYS A 32 3.46 -11.05 -0.13
CA LYS A 32 3.55 -12.30 -0.88
C LYS A 32 4.84 -13.04 -0.57
N ILE A 33 4.71 -14.30 -0.18
CA ILE A 33 5.89 -15.12 0.14
C ILE A 33 5.90 -16.39 -0.70
N THR A 34 7.08 -17.00 -0.81
CA THR A 34 7.22 -18.23 -1.59
C THR A 34 8.44 -19.02 -1.11
N ASN A 35 8.39 -20.34 -1.32
CA ASN A 35 9.48 -21.22 -0.92
C ASN A 35 10.17 -21.80 -2.14
N ALA A 36 11.00 -20.99 -2.80
CA ALA A 36 11.73 -21.40 -3.98
C ALA A 36 12.27 -22.83 -3.85
N GLY A 37 12.57 -23.23 -2.63
CA GLY A 37 13.09 -24.57 -2.40
C GLY A 37 12.13 -25.65 -2.87
N GLY A 38 12.56 -26.90 -2.80
CA GLY A 38 11.72 -28.00 -3.22
C GLY A 38 11.29 -28.88 -2.07
N ARG A 39 11.07 -28.27 -0.91
CA ARG A 39 10.65 -29.01 0.28
C ARG A 39 9.88 -28.12 1.24
N ARG A 40 9.31 -28.72 2.28
CA ARG A 40 8.54 -27.97 3.26
C ARG A 40 9.46 -27.19 4.19
N ILE A 41 8.96 -26.09 4.72
CA ILE A 41 9.74 -25.25 5.63
C ILE A 41 8.86 -24.54 6.65
N GLY A 42 9.38 -24.42 7.87
CA GLY A 42 8.63 -23.75 8.92
C GLY A 42 9.11 -22.33 9.10
N TRP A 43 8.29 -21.37 8.68
CA TRP A 43 8.65 -19.95 8.78
C TRP A 43 7.82 -19.24 9.83
N ALA A 44 8.35 -18.12 10.33
CA ALA A 44 7.68 -17.32 11.33
C ALA A 44 8.04 -15.84 11.15
N ILE A 45 7.16 -14.97 11.64
CA ILE A 45 7.39 -13.53 11.53
C ILE A 45 7.40 -12.86 12.90
N LYS A 46 8.25 -11.84 13.03
CA LYS A 46 8.36 -11.11 14.29
C LYS A 46 8.72 -9.65 14.04
N THR A 47 8.04 -8.75 14.76
CA THR A 47 8.29 -7.32 14.62
C THR A 47 8.77 -6.72 15.93
N THR A 48 9.47 -5.59 15.84
CA THR A 48 9.98 -4.91 17.01
C THR A 48 8.89 -4.71 18.06
N ASN A 49 7.88 -3.94 17.70
CA ASN A 49 6.78 -3.67 18.61
C ASN A 49 5.60 -4.60 18.34
N MET A 50 5.30 -5.46 19.30
CA MET A 50 4.21 -6.42 19.16
C MET A 50 2.92 -5.86 19.77
N ARG A 51 2.85 -4.54 19.88
CA ARG A 51 1.68 -3.88 20.45
C ARG A 51 0.85 -3.21 19.37
N ARG A 52 1.53 -2.54 18.44
CA ARG A 52 0.86 -1.86 17.35
C ARG A 52 0.81 -2.73 16.10
N LEU A 53 1.97 -3.27 15.71
CA LEU A 53 2.05 -4.13 14.53
C LEU A 53 1.51 -5.52 14.84
N SER A 54 0.78 -6.09 13.88
CA SER A 54 0.20 -7.42 14.06
C SER A 54 0.47 -8.29 12.84
N VAL A 55 1.08 -9.45 13.06
CA VAL A 55 1.39 -10.38 11.98
C VAL A 55 0.40 -11.55 11.96
N ASP A 56 0.01 -11.96 10.75
CA ASP A 56 -0.93 -13.06 10.60
C ASP A 56 -0.99 -13.53 9.14
N PRO A 57 -0.80 -14.84 8.87
CA PRO A 57 -0.54 -15.85 9.91
C PRO A 57 0.85 -15.71 10.52
N PRO A 58 0.96 -15.74 11.86
CA PRO A 58 2.24 -15.60 12.56
C PRO A 58 3.27 -16.63 12.08
N CYS A 59 2.83 -17.87 11.93
CA CYS A 59 3.71 -18.94 11.48
C CYS A 59 2.98 -19.86 10.49
N GLY A 60 3.70 -20.30 9.46
CA GLY A 60 3.10 -21.17 8.47
C GLY A 60 4.12 -22.07 7.80
N VAL A 61 3.65 -23.20 7.27
CA VAL A 61 4.53 -24.15 6.59
C VAL A 61 4.36 -24.05 5.07
N LEU A 62 5.43 -23.64 4.39
CA LEU A 62 5.40 -23.51 2.94
C LEU A 62 5.77 -24.82 2.26
N ASP A 63 5.32 -24.99 1.03
CA ASP A 63 5.60 -26.21 0.27
C ASP A 63 6.57 -25.92 -0.88
N PRO A 64 6.94 -26.96 -1.65
CA PRO A 64 7.86 -26.81 -2.78
C PRO A 64 7.35 -25.82 -3.82
N LYS A 65 8.01 -24.68 -3.92
CA LYS A 65 7.61 -23.65 -4.88
C LYS A 65 6.15 -23.24 -4.67
N GLU A 66 5.76 -23.12 -3.41
CA GLU A 66 4.40 -22.73 -3.06
C GLU A 66 4.34 -21.28 -2.62
N LYS A 67 3.16 -20.67 -2.76
CA LYS A 67 2.96 -19.28 -2.37
C LYS A 67 1.99 -19.18 -1.21
N VAL A 68 2.25 -18.22 -0.31
CA VAL A 68 1.39 -18.02 0.85
C VAL A 68 1.08 -16.54 1.03
N LEU A 69 -0.08 -16.25 1.63
CA LEU A 69 -0.50 -14.87 1.86
C LEU A 69 -0.18 -14.43 3.28
N MET A 70 0.25 -13.17 3.43
CA MET A 70 0.59 -12.62 4.73
C MET A 70 -0.19 -11.34 4.98
N ALA A 71 -0.27 -10.95 6.25
CA ALA A 71 -0.99 -9.74 6.63
C ALA A 71 -0.28 -9.01 7.76
N VAL A 72 -0.11 -7.70 7.60
CA VAL A 72 0.54 -6.88 8.61
C VAL A 72 -0.31 -5.67 8.98
N SER A 73 -1.16 -5.83 9.98
CA SER A 73 -2.04 -4.76 10.43
C SER A 73 -1.24 -3.66 11.11
N CYS A 74 -1.72 -2.42 10.99
CA CYS A 74 -1.06 -1.28 11.60
C CYS A 74 -2.03 -0.52 12.51
N ASP A 75 -1.48 0.15 13.52
CA ASP A 75 -2.30 0.91 14.46
C ASP A 75 -2.16 2.41 14.22
N THR A 76 -3.29 3.12 14.26
CA THR A 76 -3.30 4.55 14.04
C THR A 76 -2.43 5.26 15.07
N PHE A 77 -1.78 6.35 14.65
CA PHE A 77 -0.92 7.11 15.54
C PHE A 77 -0.59 8.48 14.94
N ASN A 78 0.41 9.15 15.52
CA ASN A 78 0.82 10.47 15.03
C ASN A 78 2.23 10.42 14.47
N ALA A 79 2.36 10.73 13.18
CA ALA A 79 3.66 10.72 12.52
C ALA A 79 4.25 12.12 12.43
N ALA A 80 3.75 13.04 13.27
CA ALA A 80 4.23 14.42 13.28
C ALA A 80 5.32 14.60 14.33
N THR A 81 5.27 13.80 15.38
CA THR A 81 6.25 13.88 16.46
C THR A 81 6.60 12.49 16.99
N GLU A 82 6.86 11.56 16.08
CA GLU A 82 7.20 10.19 16.45
C GLU A 82 8.25 9.62 15.50
N ASP A 83 9.11 8.75 16.03
CA ASP A 83 10.16 8.13 15.23
C ASP A 83 9.56 7.35 14.06
N LEU A 84 10.32 7.26 12.97
CA LEU A 84 9.86 6.54 11.78
C LEU A 84 10.90 5.52 11.33
N ASN A 85 11.67 5.00 12.28
CA ASN A 85 12.70 4.02 11.98
C ASN A 85 12.81 2.99 13.10
N ASN A 86 11.68 2.70 13.74
CA ASN A 86 11.65 1.74 14.83
C ASN A 86 10.90 0.48 14.44
N ASP A 87 10.09 0.56 13.39
CA ASP A 87 9.32 -0.58 12.93
C ASP A 87 10.15 -1.45 11.99
N ARG A 88 10.38 -2.70 12.39
CA ARG A 88 11.16 -3.63 11.59
C ARG A 88 10.66 -5.05 11.77
N ILE A 89 10.59 -5.79 10.67
CA ILE A 89 10.12 -7.17 10.69
C ILE A 89 11.28 -8.14 10.45
N THR A 90 11.05 -9.42 10.72
CA THR A 90 12.07 -10.44 10.54
C THR A 90 11.43 -11.80 10.27
N ILE A 91 11.81 -12.41 9.14
CA ILE A 91 11.27 -13.71 8.77
C ILE A 91 12.36 -14.78 8.80
N GLU A 92 12.14 -15.81 9.60
CA GLU A 92 13.09 -16.91 9.72
C GLU A 92 12.42 -18.26 9.47
N TRP A 93 13.07 -19.12 8.70
CA TRP A 93 12.52 -20.43 8.38
C TRP A 93 13.62 -21.48 8.37
N THR A 94 13.28 -22.69 8.81
CA THR A 94 14.23 -23.80 8.85
C THR A 94 13.63 -25.06 8.23
N ASN A 95 14.49 -25.88 7.63
CA ASN A 95 14.06 -27.12 6.99
C ASN A 95 13.19 -27.93 7.94
N THR A 96 12.08 -28.45 7.42
CA THR A 96 11.16 -29.26 8.23
C THR A 96 11.67 -30.70 8.35
N PRO A 97 11.73 -31.23 9.59
CA PRO A 97 12.20 -32.60 9.83
C PRO A 97 11.42 -33.63 9.02
N ASP A 98 12.02 -34.80 8.85
CA ASP A 98 11.39 -35.88 8.09
C ASP A 98 9.97 -36.14 8.59
N GLY A 99 9.00 -36.08 7.68
CA GLY A 99 7.62 -36.32 8.04
C GLY A 99 7.15 -35.41 9.17
N ALA A 100 7.53 -34.14 9.10
CA ALA A 100 7.15 -33.18 10.13
C ALA A 100 5.63 -33.06 10.24
N ALA A 101 5.14 -32.89 11.45
CA ALA A 101 3.71 -32.77 11.69
C ALA A 101 3.14 -31.54 11.00
N LYS A 102 1.82 -31.52 10.88
CA LYS A 102 1.14 -30.40 10.24
C LYS A 102 0.83 -29.31 11.26
N GLN A 103 1.89 -28.65 11.71
CA GLN A 103 1.77 -27.58 12.68
C GLN A 103 3.13 -26.96 12.99
N PHE A 104 3.21 -25.63 12.91
CA PHE A 104 4.47 -24.93 13.17
C PHE A 104 5.09 -25.39 14.49
N ARG A 105 6.35 -25.76 14.43
CA ARG A 105 7.07 -26.23 15.61
C ARG A 105 8.27 -25.35 15.91
N ARG A 106 8.64 -25.25 17.19
CA ARG A 106 9.77 -24.44 17.61
C ARG A 106 11.07 -25.23 17.51
N GLU A 107 11.00 -26.52 17.82
CA GLU A 107 12.17 -27.39 17.77
C GLU A 107 12.72 -27.49 16.35
N TRP A 108 11.89 -27.16 15.37
CA TRP A 108 12.31 -27.23 13.97
C TRP A 108 13.59 -26.43 13.74
N PHE A 109 13.87 -25.47 14.63
CA PHE A 109 15.06 -24.65 14.51
C PHE A 109 16.24 -25.29 15.22
N GLN A 110 15.97 -25.99 16.31
CA GLN A 110 17.01 -26.66 17.09
C GLN A 110 17.07 -28.14 16.74
N GLY A 111 17.16 -28.45 15.46
CA GLY A 111 17.22 -29.83 15.02
C GLY A 111 18.31 -30.07 13.99
N ASP A 112 17.92 -30.53 12.81
CA ASP A 112 18.88 -30.80 11.74
C ASP A 112 18.73 -29.78 10.62
N GLY A 113 19.86 -29.40 10.02
CA GLY A 113 19.84 -28.42 8.93
C GLY A 113 20.31 -27.06 9.38
N MET A 114 20.15 -26.07 8.50
CA MET A 114 20.56 -24.71 8.80
C MET A 114 19.36 -23.76 8.81
N VAL A 115 19.41 -22.77 9.69
CA VAL A 115 18.33 -21.80 9.81
C VAL A 115 18.57 -20.59 8.92
N ARG A 116 17.49 -19.97 8.45
CA ARG A 116 17.60 -18.80 7.58
C ARG A 116 16.89 -17.60 8.21
N ARG A 117 17.50 -16.43 8.08
CA ARG A 117 16.94 -15.21 8.64
C ARG A 117 16.86 -14.10 7.59
N LYS A 118 15.83 -13.27 7.71
CA LYS A 118 15.63 -12.17 6.78
C LYS A 118 15.03 -10.96 7.49
N ASN A 119 15.18 -9.79 6.90
CA ASN A 119 14.65 -8.57 7.49
C ASN A 119 13.81 -7.78 6.49
N LEU A 120 12.80 -7.09 6.99
CA LEU A 120 11.92 -6.28 6.17
C LEU A 120 11.62 -4.95 6.86
N PRO A 121 12.47 -3.94 6.65
CA PRO A 121 12.31 -2.61 7.27
C PRO A 121 11.00 -1.95 6.86
N ILE A 122 10.43 -1.16 7.77
CA ILE A 122 9.18 -0.46 7.51
C ILE A 122 9.44 1.00 7.16
N GLU A 123 8.54 1.59 6.36
CA GLU A 123 8.66 2.98 5.95
C GLU A 123 7.31 3.67 5.93
N TYR A 124 7.32 4.98 6.10
CA TYR A 124 6.08 5.77 6.10
C TYR A 124 6.01 6.69 4.89
N ASN A 125 4.91 6.59 4.15
CA ASN A 125 4.71 7.42 2.97
C ASN A 125 3.63 8.46 3.21
N LEU A 126 4.00 9.56 3.86
CA LEU A 126 3.05 10.63 4.15
C LEU A 126 2.79 11.49 2.92
N ALA B 1 -15.06 43.43 -4.63
CA ALA B 1 -15.91 42.39 -4.00
C ALA B 1 -15.08 41.43 -3.17
N GLN B 2 -15.70 40.83 -2.16
CA GLN B 2 -15.01 39.88 -1.28
C GLN B 2 -15.25 38.45 -1.76
N SER B 3 -14.47 38.02 -2.75
CA SER B 3 -14.59 36.67 -3.28
C SER B 3 -13.82 35.67 -2.42
N VAL B 4 -13.99 34.39 -2.72
CA VAL B 4 -13.31 33.34 -1.97
C VAL B 4 -12.83 32.22 -2.90
N PRO B 5 -11.60 31.74 -2.71
CA PRO B 5 -11.03 30.66 -3.53
C PRO B 5 -11.63 29.30 -3.21
N PRO B 6 -11.37 28.30 -4.06
CA PRO B 6 -11.89 26.94 -3.86
C PRO B 6 -11.24 26.25 -2.65
N GLY B 7 -12.08 25.80 -1.72
CA GLY B 7 -11.57 25.13 -0.54
C GLY B 7 -10.57 24.04 -0.87
N ASP B 8 -9.32 24.27 -0.51
CA ASP B 8 -8.25 23.31 -0.77
C ASP B 8 -8.61 21.93 -0.20
N ILE B 9 -8.67 20.94 -1.08
CA ILE B 9 -9.01 19.58 -0.66
C ILE B 9 -7.76 18.82 -0.22
N ASN B 10 -7.85 18.18 0.95
CA ASN B 10 -6.73 17.42 1.47
C ASN B 10 -6.67 16.03 0.85
N THR B 11 -5.48 15.47 0.75
CA THR B 11 -5.30 14.15 0.15
C THR B 11 -4.32 13.31 0.96
N GLN B 12 -4.52 12.00 0.94
CA GLN B 12 -3.66 11.07 1.67
C GLN B 12 -3.43 9.79 0.84
N PRO B 13 -2.21 9.59 0.31
CA PRO B 13 -1.08 10.51 0.46
C PRO B 13 -1.36 11.89 -0.14
N SER B 14 -0.59 12.88 0.30
CA SER B 14 -0.76 14.25 -0.18
C SER B 14 0.47 14.73 -0.96
N GLN B 15 1.51 13.90 -1.01
CA GLN B 15 2.74 14.27 -1.72
C GLN B 15 3.04 13.28 -2.84
N LYS B 16 2.99 12.00 -2.53
CA LYS B 16 3.26 10.95 -3.51
C LYS B 16 2.91 9.57 -2.97
N ILE B 17 2.36 8.73 -3.83
CA ILE B 17 1.99 7.38 -3.45
C ILE B 17 2.92 6.35 -4.10
N VAL B 18 3.21 5.27 -3.39
CA VAL B 18 4.11 4.24 -3.91
C VAL B 18 3.44 2.87 -3.87
N PHE B 19 2.96 2.42 -5.04
CA PHE B 19 2.32 1.11 -5.13
C PHE B 19 3.27 0.01 -4.68
N ASN B 20 2.97 -0.61 -3.55
CA ASN B 20 3.80 -1.67 -3.01
C ASN B 20 3.68 -2.95 -3.84
N ALA B 21 4.80 -3.62 -4.05
CA ALA B 21 4.83 -4.87 -4.81
C ALA B 21 3.90 -5.91 -4.19
N PRO B 22 3.61 -7.01 -4.92
CA PRO B 22 4.14 -7.28 -6.25
C PRO B 22 3.25 -6.73 -7.37
N TYR B 23 3.81 -6.63 -8.56
CA TYR B 23 3.08 -6.11 -9.71
C TYR B 23 2.62 -7.26 -10.62
N ASP B 24 2.40 -8.42 -10.02
CA ASP B 24 1.95 -9.59 -10.76
C ASP B 24 0.43 -9.79 -10.64
N ASP B 25 -0.25 -8.84 -9.99
CA ASP B 25 -1.69 -8.93 -9.82
C ASP B 25 -2.32 -7.54 -9.78
N LYS B 26 -3.60 -7.46 -10.11
CA LYS B 26 -4.31 -6.19 -10.12
C LYS B 26 -4.65 -5.74 -8.70
N HIS B 27 -3.95 -4.71 -8.23
CA HIS B 27 -4.18 -4.18 -6.89
C HIS B 27 -4.82 -2.81 -6.95
N THR B 28 -5.82 -2.58 -6.10
CA THR B 28 -6.51 -1.29 -6.06
C THR B 28 -6.16 -0.54 -4.78
N TYR B 29 -5.35 0.52 -4.94
CA TYR B 29 -4.94 1.33 -3.80
C TYR B 29 -5.90 2.50 -3.61
N HIS B 30 -6.62 2.49 -2.49
CA HIS B 30 -7.59 3.55 -2.20
C HIS B 30 -6.89 4.79 -1.63
N ILE B 31 -7.52 5.93 -1.83
CA ILE B 31 -6.98 7.20 -1.34
C ILE B 31 -8.04 7.98 -0.57
N LYS B 32 -7.60 8.72 0.45
CA LYS B 32 -8.51 9.51 1.26
C LYS B 32 -8.49 10.98 0.86
N ILE B 33 -9.68 11.53 0.58
CA ILE B 33 -9.80 12.92 0.17
C ILE B 33 -10.76 13.68 1.09
N THR B 34 -10.64 14.99 1.10
CA THR B 34 -11.50 15.83 1.93
C THR B 34 -11.59 17.24 1.38
N ASN B 35 -12.70 17.92 1.69
CA ASN B 35 -12.91 19.29 1.23
C ASN B 35 -12.88 20.26 2.39
N ALA B 36 -11.69 20.56 2.89
CA ALA B 36 -11.51 21.47 4.01
C ALA B 36 -12.44 22.68 3.92
N GLY B 37 -12.77 23.08 2.69
CA GLY B 37 -13.66 24.21 2.50
C GLY B 37 -15.01 24.00 3.15
N GLY B 38 -15.84 25.04 3.12
CA GLY B 38 -17.17 24.94 3.72
C GLY B 38 -18.28 24.98 2.68
N ARG B 39 -18.01 24.40 1.52
CA ARG B 39 -19.00 24.37 0.45
C ARG B 39 -18.76 23.17 -0.48
N ARG B 40 -19.71 22.95 -1.40
CA ARG B 40 -19.60 21.84 -2.34
C ARG B 40 -18.57 22.14 -3.42
N ILE B 41 -17.96 21.09 -3.97
CA ILE B 41 -16.96 21.25 -5.01
C ILE B 41 -16.95 20.07 -5.97
N GLY B 42 -16.74 20.36 -7.25
CA GLY B 42 -16.68 19.31 -8.25
C GLY B 42 -15.25 18.93 -8.58
N TRP B 43 -14.82 17.75 -8.13
CA TRP B 43 -13.46 17.30 -8.37
C TRP B 43 -13.42 16.15 -9.37
N ALA B 44 -12.25 15.98 -9.99
CA ALA B 44 -12.05 14.92 -10.97
C ALA B 44 -10.61 14.44 -10.94
N ILE B 45 -10.39 13.20 -11.37
CA ILE B 45 -9.04 12.63 -11.38
C ILE B 45 -8.64 12.19 -12.79
N LYS B 46 -7.35 12.35 -13.10
CA LYS B 46 -6.83 11.98 -14.41
C LYS B 46 -5.39 11.52 -14.31
N THR B 47 -5.07 10.43 -15.00
CA THR B 47 -3.72 9.87 -14.99
C THR B 47 -3.11 9.88 -16.38
N THR B 48 -1.79 9.86 -16.44
CA THR B 48 -1.08 9.86 -17.72
C THR B 48 -1.62 8.78 -18.65
N ASN B 49 -1.45 7.52 -18.23
CA ASN B 49 -1.92 6.39 -19.01
C ASN B 49 -3.29 5.93 -18.54
N MET B 50 -4.30 6.07 -19.40
CA MET B 50 -5.65 5.66 -19.06
C MET B 50 -5.94 4.25 -19.56
N ARG B 51 -4.87 3.47 -19.75
CA ARG B 51 -5.00 2.09 -20.23
C ARG B 51 -4.74 1.11 -19.09
N ARG B 52 -3.70 1.38 -18.31
CA ARG B 52 -3.34 0.52 -17.19
C ARG B 52 -3.96 1.02 -15.89
N LEU B 53 -3.75 2.30 -15.61
CA LEU B 53 -4.30 2.91 -14.39
C LEU B 53 -5.79 3.19 -14.54
N SER B 54 -6.54 2.94 -13.46
CA SER B 54 -7.98 3.16 -13.48
C SER B 54 -8.42 3.93 -12.24
N VAL B 55 -9.12 5.03 -12.45
CA VAL B 55 -9.60 5.86 -11.35
C VAL B 55 -11.10 5.65 -11.13
N ASP B 56 -11.51 5.62 -9.87
CA ASP B 56 -12.91 5.43 -9.52
C ASP B 56 -13.15 5.72 -8.04
N PRO B 57 -14.13 6.60 -7.71
CA PRO B 57 -14.97 7.29 -8.69
C PRO B 57 -14.19 8.35 -9.47
N PRO B 58 -14.32 8.37 -10.81
CA PRO B 58 -13.61 9.34 -11.66
C PRO B 58 -13.88 10.77 -11.24
N CYS B 59 -15.14 11.08 -10.95
CA CYS B 59 -15.53 12.42 -10.53
C CYS B 59 -16.56 12.36 -9.41
N GLY B 60 -16.43 13.26 -8.44
CA GLY B 60 -17.37 13.30 -7.33
C GLY B 60 -17.50 14.68 -6.71
N VAL B 61 -18.63 14.92 -6.07
CA VAL B 61 -18.88 16.21 -5.42
C VAL B 61 -18.71 16.11 -3.91
N LEU B 62 -17.72 16.83 -3.39
CA LEU B 62 -17.45 16.82 -1.96
C LEU B 62 -18.28 17.88 -1.25
N ASP B 63 -18.50 17.68 0.05
CA ASP B 63 -19.29 18.61 0.85
C ASP B 63 -18.40 19.34 1.86
N PRO B 64 -18.99 20.27 2.65
CA PRO B 64 -18.25 21.03 3.65
C PRO B 64 -17.57 20.13 4.67
N LYS B 65 -16.23 20.08 4.61
CA LYS B 65 -15.46 19.26 5.54
C LYS B 65 -15.91 17.80 5.47
N GLU B 66 -16.16 17.32 4.25
CA GLU B 66 -16.59 15.94 4.05
C GLU B 66 -15.45 15.08 3.52
N LYS B 67 -15.54 13.78 3.75
CA LYS B 67 -14.52 12.85 3.30
C LYS B 67 -15.09 11.90 2.25
N VAL B 68 -14.26 11.54 1.26
CA VAL B 68 -14.68 10.64 0.20
C VAL B 68 -13.61 9.58 -0.04
N LEU B 69 -14.05 8.41 -0.52
CA LEU B 69 -13.14 7.31 -0.79
C LEU B 69 -12.78 7.25 -2.27
N MET B 70 -11.52 6.94 -2.55
CA MET B 70 -11.02 6.84 -3.92
C MET B 70 -10.39 5.49 -4.17
N ALA B 71 -10.25 5.12 -5.44
CA ALA B 71 -9.66 3.85 -5.81
C ALA B 71 -8.81 3.98 -7.07
N VAL B 72 -7.60 3.44 -7.02
CA VAL B 72 -6.69 3.50 -8.16
C VAL B 72 -6.16 2.10 -8.50
N SER B 73 -6.87 1.41 -9.38
CA SER B 73 -6.48 0.07 -9.80
C SER B 73 -5.22 0.10 -10.65
N CYS B 74 -4.41 -0.96 -10.55
CA CYS B 74 -3.17 -1.05 -11.32
C CYS B 74 -3.15 -2.32 -12.16
N ASP B 75 -2.43 -2.28 -13.27
CA ASP B 75 -2.33 -3.44 -14.16
C ASP B 75 -0.96 -4.11 -14.02
N THR B 76 -0.96 -5.44 -13.99
CA THR B 76 0.27 -6.20 -13.87
C THR B 76 1.20 -5.91 -15.05
N PHE B 77 2.51 -5.92 -14.78
CA PHE B 77 3.49 -5.66 -15.82
C PHE B 77 4.88 -6.08 -15.36
N ASN B 78 5.91 -5.64 -16.08
CA ASN B 78 7.29 -5.96 -15.75
C ASN B 78 8.06 -4.70 -15.35
N ALA B 79 8.55 -4.68 -14.12
CA ALA B 79 9.30 -3.54 -13.62
C ALA B 79 10.81 -3.79 -13.69
N ALA B 80 11.20 -4.75 -14.53
CA ALA B 80 12.62 -5.08 -14.70
C ALA B 80 13.22 -4.33 -15.87
N THR B 81 12.38 -4.01 -16.85
CA THR B 81 12.84 -3.29 -18.03
C THR B 81 11.80 -2.29 -18.51
N GLU B 82 11.25 -1.52 -17.57
CA GLU B 82 10.24 -0.52 -17.89
C GLU B 82 10.42 0.73 -17.04
N ASP B 83 10.08 1.88 -17.60
CA ASP B 83 10.20 3.15 -16.89
C ASP B 83 9.38 3.13 -15.60
N LEU B 84 9.83 3.89 -14.60
CA LEU B 84 9.14 3.96 -13.33
C LEU B 84 8.87 5.41 -12.93
N ASN B 85 8.72 6.28 -13.92
CA ASN B 85 8.47 7.69 -13.68
C ASN B 85 7.53 8.26 -14.73
N ASN B 86 6.61 7.42 -15.21
CA ASN B 86 5.66 7.84 -16.23
C ASN B 86 4.24 7.92 -15.66
N ASP B 87 4.02 7.25 -14.53
CA ASP B 87 2.70 7.25 -13.90
C ASP B 87 2.52 8.47 -13.01
N ARG B 88 1.55 9.31 -13.35
CA ARG B 88 1.27 10.52 -12.59
C ARG B 88 -0.22 10.84 -12.60
N ILE B 89 -0.74 11.24 -11.45
CA ILE B 89 -2.15 11.59 -11.33
C ILE B 89 -2.33 13.09 -11.16
N THR B 90 -3.57 13.56 -11.32
CA THR B 90 -3.86 14.98 -11.18
C THR B 90 -5.31 15.20 -10.74
N ILE B 91 -5.49 15.90 -9.63
CA ILE B 91 -6.82 16.17 -9.10
C ILE B 91 -7.15 17.65 -9.19
N GLU B 92 -8.24 17.97 -9.88
CA GLU B 92 -8.67 19.36 -10.04
C GLU B 92 -10.13 19.52 -9.62
N TRP B 93 -10.41 20.58 -8.88
CA TRP B 93 -11.77 20.85 -8.40
C TRP B 93 -12.09 22.34 -8.46
N THR B 94 -13.34 22.66 -8.76
CA THR B 94 -13.77 24.06 -8.84
C THR B 94 -15.06 24.26 -8.05
N ASN B 95 -15.23 25.47 -7.52
CA ASN B 95 -16.43 25.79 -6.74
C ASN B 95 -17.69 25.43 -7.52
N THR B 96 -18.65 24.82 -6.84
CA THR B 96 -19.90 24.43 -7.47
C THR B 96 -20.87 25.61 -7.57
N PRO B 97 -21.43 25.87 -8.76
CA PRO B 97 -22.38 26.98 -8.96
C PRO B 97 -23.55 26.93 -7.98
N ASP B 98 -24.20 28.07 -7.81
CA ASP B 98 -25.35 28.16 -6.91
C ASP B 98 -26.38 27.07 -7.21
N GLY B 99 -26.72 26.29 -6.21
CA GLY B 99 -27.69 25.23 -6.40
C GLY B 99 -27.31 24.28 -7.51
N ALA B 100 -26.03 23.92 -7.58
CA ALA B 100 -25.55 23.02 -8.62
C ALA B 100 -26.26 21.67 -8.55
N ALA B 101 -26.52 21.09 -9.72
CA ALA B 101 -27.20 19.81 -9.80
C ALA B 101 -26.39 18.71 -9.12
N LYS B 102 -27.04 17.59 -8.85
CA LYS B 102 -26.38 16.46 -8.21
C LYS B 102 -25.74 15.56 -9.25
N GLN B 103 -24.69 16.07 -9.88
CA GLN B 103 -23.97 15.32 -10.90
C GLN B 103 -22.77 16.12 -11.41
N PHE B 104 -21.60 15.49 -11.43
CA PHE B 104 -20.38 16.15 -11.89
C PHE B 104 -20.60 16.85 -13.23
N ARG B 105 -20.25 18.12 -13.29
CA ARG B 105 -20.40 18.90 -14.52
C ARG B 105 -19.06 19.43 -15.02
N ARG B 106 -18.95 19.59 -16.33
CA ARG B 106 -17.72 20.09 -16.94
C ARG B 106 -17.69 21.61 -16.94
N GLU B 107 -18.85 22.22 -17.15
CA GLU B 107 -18.96 23.67 -17.19
C GLU B 107 -18.59 24.28 -15.83
N TRP B 108 -18.63 23.47 -14.78
CA TRP B 108 -18.29 23.94 -13.44
C TRP B 108 -16.92 24.61 -13.41
N PHE B 109 -16.08 24.28 -14.39
CA PHE B 109 -14.74 24.85 -14.47
C PHE B 109 -14.75 26.15 -15.28
N GLN B 110 -15.62 26.21 -16.28
CA GLN B 110 -15.73 27.40 -17.12
C GLN B 110 -16.91 28.27 -16.69
N GLY B 111 -16.96 28.59 -15.40
CA GLY B 111 -18.03 29.41 -14.88
C GLY B 111 -17.53 30.52 -13.98
N ASP B 112 -17.99 30.52 -12.73
CA ASP B 112 -17.57 31.53 -11.76
C ASP B 112 -16.66 30.93 -10.70
N GLY B 113 -15.67 31.71 -10.27
CA GLY B 113 -14.74 31.24 -9.27
C GLY B 113 -13.39 30.88 -9.85
N MET B 114 -12.53 30.27 -9.02
CA MET B 114 -11.20 29.87 -9.47
C MET B 114 -11.05 28.36 -9.41
N VAL B 115 -10.28 27.81 -10.35
CA VAL B 115 -10.05 26.37 -10.41
C VAL B 115 -8.79 25.99 -9.63
N ARG B 116 -8.78 24.78 -9.09
CA ARG B 116 -7.64 24.29 -8.32
C ARG B 116 -7.07 23.02 -8.94
N ARG B 117 -5.75 22.93 -8.97
CA ARG B 117 -5.09 21.76 -9.54
C ARG B 117 -4.07 21.17 -8.57
N LYS B 118 -3.92 19.85 -8.61
CA LYS B 118 -2.99 19.15 -7.75
C LYS B 118 -2.38 17.95 -8.47
N ASN B 119 -1.24 17.49 -7.98
CA ASN B 119 -0.56 16.35 -8.59
C ASN B 119 -0.21 15.29 -7.56
N LEU B 120 -0.23 14.03 -7.99
CA LEU B 120 0.09 12.90 -7.13
C LEU B 120 0.97 11.89 -7.86
N PRO B 121 2.30 12.10 -7.83
CA PRO B 121 3.25 11.20 -8.51
C PRO B 121 3.18 9.77 -8.00
N ILE B 122 3.43 8.81 -8.88
CA ILE B 122 3.40 7.41 -8.53
C ILE B 122 4.80 6.86 -8.30
N GLU B 123 4.92 5.84 -7.46
CA GLU B 123 6.21 5.23 -7.17
C GLU B 123 6.08 3.72 -7.03
N TYR B 124 7.17 3.01 -7.28
CA TYR B 124 7.17 1.55 -7.20
C TYR B 124 8.06 1.07 -6.06
N ASN B 125 7.50 0.25 -5.18
CA ASN B 125 8.24 -0.29 -4.04
C ASN B 125 8.51 -1.78 -4.23
N LEU B 126 9.55 -2.10 -4.99
CA LEU B 126 9.92 -3.48 -5.25
C LEU B 126 10.66 -4.08 -4.06
N ALA A 1 32.50 -33.27 3.79
CA ALA A 1 32.55 -32.95 2.34
C ALA A 1 31.15 -32.62 1.81
N GLN A 2 31.10 -31.80 0.77
CA GLN A 2 29.83 -31.39 0.18
C GLN A 2 28.97 -30.63 1.18
N SER A 3 28.31 -29.58 0.71
CA SER A 3 27.45 -28.78 1.56
C SER A 3 26.13 -28.46 0.88
N VAL A 4 25.18 -27.93 1.64
CA VAL A 4 23.87 -27.59 1.11
C VAL A 4 23.31 -26.34 1.79
N PRO A 5 23.36 -25.18 1.11
CA PRO A 5 22.85 -23.92 1.66
C PRO A 5 21.33 -23.83 1.60
N PRO A 6 20.73 -22.94 2.42
CA PRO A 6 19.27 -22.77 2.45
C PRO A 6 18.76 -22.01 1.23
N GLY A 7 18.04 -22.72 0.36
CA GLY A 7 17.51 -22.10 -0.84
C GLY A 7 16.77 -20.81 -0.54
N ASP A 8 17.06 -19.78 -1.33
CA ASP A 8 16.42 -18.48 -1.14
C ASP A 8 14.90 -18.60 -1.21
N ILE A 9 14.21 -17.87 -0.35
CA ILE A 9 12.76 -17.90 -0.32
C ILE A 9 12.16 -16.67 -0.99
N ASN A 10 11.01 -16.85 -1.64
CA ASN A 10 10.33 -15.75 -2.31
C ASN A 10 9.33 -15.09 -1.39
N THR A 11 9.21 -13.76 -1.50
CA THR A 11 8.29 -13.01 -0.65
C THR A 11 7.49 -12.00 -1.48
N GLN A 12 6.29 -11.70 -1.02
CA GLN A 12 5.41 -10.76 -1.71
C GLN A 12 4.78 -9.80 -0.70
N PRO A 13 5.14 -8.49 -0.73
CA PRO A 13 6.13 -7.93 -1.67
C PRO A 13 7.51 -8.54 -1.49
N SER A 14 8.37 -8.32 -2.48
CA SER A 14 9.73 -8.84 -2.45
C SER A 14 10.39 -8.60 -1.11
N GLN A 15 10.69 -7.33 -0.81
CA GLN A 15 11.34 -6.99 0.46
C GLN A 15 11.04 -5.54 0.84
N LYS A 16 9.80 -5.11 0.60
CA LYS A 16 9.39 -3.76 0.93
C LYS A 16 7.87 -3.61 0.92
N ILE A 17 7.34 -2.90 1.90
CA ILE A 17 5.91 -2.68 2.00
C ILE A 17 5.61 -1.32 2.63
N VAL A 18 4.62 -0.61 2.09
CA VAL A 18 4.25 0.70 2.60
C VAL A 18 2.81 0.72 3.10
N PHE A 19 2.65 0.96 4.40
CA PHE A 19 1.31 1.01 5.00
C PHE A 19 0.62 2.30 4.60
N ASN A 20 -0.20 2.23 3.56
CA ASN A 20 -0.94 3.39 3.07
C ASN A 20 -2.03 3.83 4.04
N ALA A 21 -2.11 5.14 4.27
CA ALA A 21 -3.12 5.70 5.18
C ALA A 21 -4.49 5.69 4.50
N PRO A 22 -5.57 6.04 5.23
CA PRO A 22 -5.51 6.43 6.65
C PRO A 22 -5.47 5.24 7.60
N TYR A 23 -5.09 5.51 8.85
CA TYR A 23 -5.02 4.48 9.87
C TYR A 23 -6.22 4.53 10.80
N ASP A 24 -7.40 4.68 10.21
CA ASP A 24 -8.63 4.75 10.98
C ASP A 24 -9.65 3.69 10.52
N ASP A 25 -9.21 2.79 9.65
CA ASP A 25 -10.09 1.74 9.14
C ASP A 25 -9.39 0.38 9.10
N LYS A 26 -8.19 0.30 9.68
CA LYS A 26 -7.44 -0.95 9.69
C LYS A 26 -7.10 -1.40 8.28
N HIS A 27 -5.87 -1.87 8.09
CA HIS A 27 -5.42 -2.33 6.78
C HIS A 27 -4.57 -3.59 6.90
N THR A 28 -5.21 -4.75 6.74
CA THR A 28 -4.50 -6.02 6.83
C THR A 28 -3.68 -6.28 5.58
N TYR A 29 -2.36 -6.39 5.74
CA TYR A 29 -1.47 -6.64 4.63
C TYR A 29 -1.03 -8.10 4.59
N HIS A 30 -1.50 -8.82 3.57
CA HIS A 30 -1.17 -10.24 3.43
C HIS A 30 0.17 -10.43 2.73
N ILE A 31 0.98 -11.33 3.26
CA ILE A 31 2.29 -11.61 2.70
C ILE A 31 2.33 -13.03 2.13
N LYS A 32 2.93 -13.18 0.96
CA LYS A 32 3.04 -14.47 0.30
C LYS A 32 4.48 -14.98 0.29
N ILE A 33 4.68 -16.19 0.80
CA ILE A 33 6.01 -16.79 0.85
C ILE A 33 6.04 -18.11 0.08
N THR A 34 7.22 -18.49 -0.39
CA THR A 34 7.36 -19.73 -1.16
C THR A 34 8.76 -20.32 -0.98
N ASN A 35 8.87 -21.61 -1.23
CA ASN A 35 10.14 -22.32 -1.10
C ASN A 35 10.83 -22.42 -2.47
N ALA A 36 11.90 -21.67 -2.63
CA ALA A 36 12.65 -21.68 -3.89
C ALA A 36 13.84 -22.65 -3.81
N GLY A 37 13.74 -23.62 -2.91
CA GLY A 37 14.81 -24.58 -2.74
C GLY A 37 14.37 -26.00 -3.09
N GLY A 38 15.00 -26.98 -2.47
CA GLY A 38 14.66 -28.37 -2.73
C GLY A 38 14.14 -29.09 -1.49
N ARG A 39 14.43 -28.53 -0.32
CA ARG A 39 14.00 -29.13 0.94
C ARG A 39 13.16 -28.15 1.74
N ARG A 40 12.26 -28.69 2.57
CA ARG A 40 11.39 -27.85 3.40
C ARG A 40 12.22 -26.88 4.23
N ILE A 41 11.54 -25.92 4.85
CA ILE A 41 12.22 -24.92 5.68
C ILE A 41 11.29 -24.33 6.73
N GLY A 42 11.88 -23.94 7.87
CA GLY A 42 11.10 -23.35 8.94
C GLY A 42 11.35 -21.87 9.05
N TRP A 43 10.33 -21.07 8.74
CA TRP A 43 10.45 -19.61 8.78
C TRP A 43 9.82 -19.03 10.04
N ALA A 44 10.21 -17.80 10.36
CA ALA A 44 9.69 -17.09 11.51
C ALA A 44 9.60 -15.60 11.22
N ILE A 45 8.65 -14.92 11.86
CA ILE A 45 8.47 -13.49 11.65
C ILE A 45 8.78 -12.68 12.90
N LYS A 46 9.35 -11.50 12.70
CA LYS A 46 9.70 -10.60 13.80
C LYS A 46 9.28 -9.17 13.47
N THR A 47 8.83 -8.44 14.48
CA THR A 47 8.39 -7.06 14.29
C THR A 47 8.88 -6.18 15.44
N THR A 48 9.10 -4.90 15.13
CA THR A 48 9.57 -3.94 16.13
C THR A 48 8.56 -3.81 17.27
N ASN A 49 7.28 -3.89 16.93
CA ASN A 49 6.22 -3.78 17.92
C ASN A 49 5.12 -4.81 17.67
N MET A 50 4.98 -5.76 18.59
CA MET A 50 3.97 -6.81 18.46
C MET A 50 2.64 -6.39 19.10
N ARG A 51 2.52 -5.11 19.47
CA ARG A 51 1.30 -4.61 20.08
C ARG A 51 0.43 -3.91 19.05
N ARG A 52 1.06 -3.24 18.09
CA ARG A 52 0.35 -2.54 17.04
C ARG A 52 0.21 -3.42 15.79
N LEU A 53 1.14 -4.36 15.64
CA LEU A 53 1.13 -5.27 14.50
C LEU A 53 1.02 -6.72 14.96
N SER A 54 0.24 -7.51 14.23
CA SER A 54 0.06 -8.92 14.56
C SER A 54 0.20 -9.80 13.32
N VAL A 55 1.27 -10.58 13.28
CA VAL A 55 1.52 -11.47 12.15
C VAL A 55 1.14 -12.90 12.49
N ASP A 56 0.23 -13.47 11.70
CA ASP A 56 -0.22 -14.83 11.91
C ASP A 56 -0.44 -15.56 10.58
N PRO A 57 0.10 -16.79 10.43
CA PRO A 57 0.90 -17.47 11.46
C PRO A 57 2.28 -16.83 11.64
N PRO A 58 2.76 -16.73 12.89
CA PRO A 58 4.06 -16.13 13.19
C PRO A 58 5.22 -16.98 12.65
N CYS A 59 5.07 -18.29 12.77
CA CYS A 59 6.10 -19.22 12.30
C CYS A 59 5.46 -20.42 11.61
N GLY A 60 6.28 -21.20 10.91
CA GLY A 60 5.77 -22.36 10.21
C GLY A 60 6.82 -23.04 9.36
N VAL A 61 6.38 -23.97 8.51
CA VAL A 61 7.29 -24.70 7.64
C VAL A 61 6.57 -25.11 6.35
N LEU A 62 7.27 -24.98 5.23
CA LEU A 62 6.68 -25.35 3.93
C LEU A 62 7.66 -26.18 3.11
N ASP A 63 7.12 -27.03 2.24
CA ASP A 63 7.93 -27.89 1.39
C ASP A 63 8.36 -27.15 0.13
N PRO A 64 9.16 -27.80 -0.74
CA PRO A 64 9.64 -27.19 -1.98
C PRO A 64 8.50 -26.84 -2.94
N LYS A 65 8.48 -25.58 -3.39
CA LYS A 65 7.46 -25.09 -4.32
C LYS A 65 6.17 -24.71 -3.59
N GLU A 66 6.08 -25.00 -2.29
CA GLU A 66 4.89 -24.68 -1.52
C GLU A 66 4.92 -23.22 -1.07
N LYS A 67 3.75 -22.67 -0.78
CA LYS A 67 3.64 -21.28 -0.36
C LYS A 67 2.72 -21.17 0.86
N VAL A 68 2.99 -20.17 1.70
CA VAL A 68 2.19 -19.95 2.90
C VAL A 68 1.59 -18.54 2.90
N LEU A 69 0.45 -18.40 3.57
CA LEU A 69 -0.23 -17.11 3.65
C LEU A 69 -0.03 -16.48 5.02
N MET A 70 0.20 -15.17 5.04
CA MET A 70 0.40 -14.45 6.30
C MET A 70 -0.49 -13.21 6.36
N ALA A 71 -0.81 -12.78 7.57
CA ALA A 71 -1.66 -11.61 7.77
C ALA A 71 -1.13 -10.72 8.89
N VAL A 72 -0.77 -9.50 8.53
CA VAL A 72 -0.26 -8.55 9.52
C VAL A 72 -1.30 -7.47 9.82
N SER A 73 -2.17 -7.77 10.78
CA SER A 73 -3.23 -6.83 11.17
C SER A 73 -2.65 -5.65 11.95
N CYS A 74 -3.04 -4.45 11.54
CA CYS A 74 -2.57 -3.23 12.21
C CYS A 74 -3.75 -2.40 12.70
N ASP A 75 -4.09 -2.55 13.98
CA ASP A 75 -5.20 -1.80 14.57
C ASP A 75 -5.07 -0.31 14.30
N THR A 76 -6.21 0.36 14.19
CA THR A 76 -6.24 1.80 13.93
C THR A 76 -5.61 2.58 15.09
N PHE A 77 -4.82 3.58 14.76
CA PHE A 77 -4.17 4.40 15.77
C PHE A 77 -3.86 5.79 15.24
N ASN A 78 -3.16 6.60 16.03
CA ASN A 78 -2.80 7.95 15.63
C ASN A 78 -1.33 8.04 15.24
N ALA A 79 -1.07 8.21 13.95
CA ALA A 79 0.30 8.32 13.45
C ALA A 79 0.74 9.77 13.32
N ALA A 80 0.03 10.67 14.00
CA ALA A 80 0.34 12.09 13.95
C ALA A 80 1.36 12.47 15.03
N THR A 81 1.42 11.67 16.08
CA THR A 81 2.35 11.92 17.18
C THR A 81 2.98 10.62 17.68
N GLU A 82 3.54 9.85 16.76
CA GLU A 82 4.17 8.58 17.11
C GLU A 82 5.44 8.36 16.28
N ASP A 83 6.14 7.28 16.57
CA ASP A 83 7.37 6.95 15.85
C ASP A 83 7.13 5.83 14.84
N LEU A 84 7.22 6.17 13.56
CA LEU A 84 7.02 5.20 12.49
C LEU A 84 8.09 5.31 11.43
N ASN A 85 9.34 5.12 11.83
CA ASN A 85 10.47 5.21 10.90
C ASN A 85 11.53 4.15 11.20
N ASN A 86 11.15 3.13 11.98
CA ASN A 86 12.08 2.06 12.33
C ASN A 86 11.41 0.69 12.29
N ASP A 87 10.18 0.62 11.77
CA ASP A 87 9.46 -0.65 11.68
C ASP A 87 9.99 -1.50 10.55
N ARG A 88 10.14 -2.80 10.81
CA ARG A 88 10.64 -3.74 9.81
C ARG A 88 10.34 -5.18 10.20
N ILE A 89 9.84 -5.95 9.25
CA ILE A 89 9.51 -7.35 9.50
C ILE A 89 10.65 -8.27 9.05
N THR A 90 11.31 -8.90 10.01
CA THR A 90 12.42 -9.80 9.70
C THR A 90 11.95 -11.24 9.58
N ILE A 91 12.21 -11.84 8.42
CA ILE A 91 11.83 -13.23 8.17
C ILE A 91 13.06 -14.13 8.08
N GLU A 92 13.24 -14.98 9.08
CA GLU A 92 14.38 -15.90 9.10
C GLU A 92 13.93 -17.34 8.93
N TRP A 93 14.59 -18.06 8.03
CA TRP A 93 14.25 -19.46 7.78
C TRP A 93 15.51 -20.32 7.66
N THR A 94 15.44 -21.52 8.21
CA THR A 94 16.58 -22.45 8.16
C THR A 94 16.14 -23.82 7.69
N ASN A 95 17.01 -24.49 6.94
CA ASN A 95 16.71 -25.83 6.42
C ASN A 95 16.32 -26.78 7.56
N THR A 96 15.37 -27.66 7.27
CA THR A 96 14.91 -28.62 8.27
C THR A 96 15.87 -29.81 8.37
N PRO A 97 16.06 -30.34 9.59
CA PRO A 97 16.95 -31.48 9.81
C PRO A 97 16.43 -32.77 9.17
N ASP A 98 17.33 -33.72 8.95
CA ASP A 98 16.95 -34.99 8.34
C ASP A 98 15.77 -35.62 9.07
N GLY A 99 14.71 -35.90 8.33
CA GLY A 99 13.53 -36.50 8.92
C GLY A 99 12.90 -35.63 9.99
N ALA A 100 12.94 -34.32 9.77
CA ALA A 100 12.36 -33.37 10.71
C ALA A 100 10.86 -33.53 10.82
N ALA A 101 10.34 -33.52 12.05
CA ALA A 101 8.92 -33.66 12.28
C ALA A 101 8.11 -32.64 11.48
N LYS A 102 6.81 -32.90 11.37
CA LYS A 102 5.93 -32.01 10.63
C LYS A 102 5.36 -30.94 11.56
N GLN A 103 6.21 -30.03 11.98
CA GLN A 103 5.81 -28.95 12.88
C GLN A 103 7.00 -28.06 13.24
N PHE A 104 6.77 -26.76 13.26
CA PHE A 104 7.83 -25.81 13.59
C PHE A 104 8.54 -26.21 14.88
N ARG A 105 9.87 -26.06 14.89
CA ARG A 105 10.66 -26.41 16.06
C ARG A 105 11.61 -25.27 16.42
N ARG A 106 11.88 -25.13 17.72
CA ARG A 106 12.77 -24.08 18.21
C ARG A 106 14.24 -24.46 18.00
N GLU A 107 14.52 -25.77 18.10
CA GLU A 107 15.87 -26.26 17.93
C GLU A 107 16.30 -26.27 16.46
N TRP A 108 15.34 -26.03 15.55
CA TRP A 108 15.63 -26.02 14.13
C TRP A 108 16.61 -24.91 13.77
N PHE A 109 16.77 -23.94 14.66
CA PHE A 109 17.69 -22.82 14.43
C PHE A 109 18.94 -22.98 15.28
N GLN A 110 19.30 -24.22 15.59
CA GLN A 110 20.48 -24.50 16.40
C GLN A 110 21.09 -25.86 16.03
N GLY A 111 20.97 -26.22 14.76
CA GLY A 111 21.51 -27.48 14.30
C GLY A 111 22.54 -27.31 13.21
N ASP A 112 22.54 -28.22 12.24
CA ASP A 112 23.48 -28.16 11.12
C ASP A 112 22.94 -27.28 10.00
N GLY A 113 23.82 -26.51 9.38
CA GLY A 113 23.42 -25.63 8.30
C GLY A 113 23.48 -24.17 8.69
N MET A 114 23.12 -23.30 7.75
CA MET A 114 23.15 -21.86 7.99
C MET A 114 21.73 -21.28 8.00
N VAL A 115 21.52 -20.24 8.78
CA VAL A 115 20.21 -19.60 8.87
C VAL A 115 20.21 -18.25 8.14
N ARG A 116 19.21 -18.06 7.29
CA ARG A 116 19.09 -16.83 6.53
C ARG A 116 18.18 -15.83 7.24
N ARG A 117 18.62 -14.57 7.29
CA ARG A 117 17.85 -13.52 7.94
C ARG A 117 17.58 -12.36 6.99
N LYS A 118 16.30 -12.11 6.72
CA LYS A 118 15.89 -11.03 5.82
C LYS A 118 15.07 -9.99 6.57
N ASN A 119 14.95 -8.82 5.97
CA ASN A 119 14.18 -7.73 6.57
C ASN A 119 13.39 -6.96 5.51
N LEU A 120 12.19 -6.54 5.88
CA LEU A 120 11.32 -5.79 4.96
C LEU A 120 10.92 -4.45 5.58
N PRO A 121 11.51 -3.34 5.12
CA PRO A 121 11.20 -2.00 5.63
C PRO A 121 9.73 -1.66 5.51
N ILE A 122 9.18 -1.04 6.55
CA ILE A 122 7.77 -0.64 6.56
C ILE A 122 7.63 0.87 6.57
N GLU A 123 7.26 1.42 5.41
CA GLU A 123 7.08 2.87 5.28
C GLU A 123 5.62 3.26 5.44
N TYR A 124 5.33 4.05 6.47
CA TYR A 124 3.96 4.49 6.72
C TYR A 124 3.60 5.69 5.85
N ASN A 125 2.89 5.42 4.75
CA ASN A 125 2.49 6.47 3.82
C ASN A 125 1.37 7.32 4.41
N LEU A 126 1.74 8.30 5.22
CA LEU A 126 0.76 9.19 5.84
C LEU A 126 0.07 10.05 4.79
N ALA B 1 -11.57 44.84 -5.17
CA ALA B 1 -11.10 44.77 -3.77
C ALA B 1 -11.49 43.46 -3.11
N GLN B 2 -10.69 43.04 -2.14
CA GLN B 2 -10.94 41.79 -1.43
C GLN B 2 -10.87 40.60 -2.38
N SER B 3 -10.28 39.51 -1.91
CA SER B 3 -10.14 38.31 -2.72
C SER B 3 -10.49 37.06 -1.91
N VAL B 4 -10.63 35.93 -2.60
CA VAL B 4 -10.96 34.67 -1.94
C VAL B 4 -10.30 33.49 -2.64
N PRO B 5 -9.21 32.96 -2.06
CA PRO B 5 -8.48 31.83 -2.65
C PRO B 5 -9.19 30.50 -2.41
N PRO B 6 -8.87 29.47 -3.22
CA PRO B 6 -9.47 28.14 -3.09
C PRO B 6 -8.96 27.37 -1.88
N GLY B 7 -9.82 27.20 -0.88
CA GLY B 7 -9.43 26.49 0.33
C GLY B 7 -8.77 25.16 0.03
N ASP B 8 -7.64 24.91 0.68
CA ASP B 8 -6.90 23.66 0.48
C ASP B 8 -7.79 22.45 0.74
N ILE B 9 -7.64 21.42 -0.09
CA ILE B 9 -8.44 20.21 0.05
C ILE B 9 -7.64 19.09 0.70
N ASN B 10 -8.31 18.26 1.47
CA ASN B 10 -7.65 17.14 2.14
C ASN B 10 -7.72 15.88 1.29
N THR B 11 -6.66 15.09 1.31
CA THR B 11 -6.60 13.85 0.53
C THR B 11 -6.07 12.69 1.37
N GLN B 12 -6.51 11.49 1.03
CA GLN B 12 -6.08 10.29 1.74
C GLN B 12 -5.74 9.17 0.76
N PRO B 13 -4.45 8.79 0.64
CA PRO B 13 -3.34 9.39 1.41
C PRO B 13 -3.14 10.86 1.12
N SER B 14 -2.39 11.53 2.00
CA SER B 14 -2.11 12.96 1.85
C SER B 14 -1.74 13.31 0.41
N GLN B 15 -0.54 12.88 -0.01
CA GLN B 15 -0.08 13.15 -1.36
C GLN B 15 0.94 12.10 -1.81
N LYS B 16 0.68 10.84 -1.46
CA LYS B 16 1.58 9.75 -1.84
C LYS B 16 0.90 8.40 -1.66
N ILE B 17 1.10 7.51 -2.63
CA ILE B 17 0.52 6.18 -2.59
C ILE B 17 1.43 5.17 -3.28
N VAL B 18 1.58 3.99 -2.68
CA VAL B 18 2.43 2.95 -3.23
C VAL B 18 1.63 1.69 -3.56
N PHE B 19 1.58 1.34 -4.84
CA PHE B 19 0.86 0.16 -5.28
C PHE B 19 1.63 -1.10 -4.91
N ASN B 20 1.27 -1.70 -3.78
CA ASN B 20 1.93 -2.89 -3.29
C ASN B 20 1.60 -4.11 -4.16
N ALA B 21 2.63 -4.88 -4.48
CA ALA B 21 2.48 -6.09 -5.29
C ALA B 21 1.82 -7.21 -4.47
N PRO B 22 1.46 -8.34 -5.10
CA PRO B 22 1.64 -8.59 -6.54
C PRO B 22 0.55 -7.97 -7.39
N TYR B 23 0.82 -7.88 -8.69
CA TYR B 23 -0.13 -7.32 -9.63
C TYR B 23 -0.84 -8.42 -10.42
N ASP B 24 -1.27 -9.46 -9.71
CA ASP B 24 -1.94 -10.59 -10.33
C ASP B 24 -3.31 -10.84 -9.68
N ASP B 25 -3.73 -9.95 -8.80
CA ASP B 25 -5.01 -10.10 -8.12
C ASP B 25 -5.79 -8.78 -8.06
N LYS B 26 -5.29 -7.77 -8.76
CA LYS B 26 -5.95 -6.46 -8.77
C LYS B 26 -5.98 -5.85 -7.38
N HIS B 27 -5.72 -4.55 -7.30
CA HIS B 27 -5.71 -3.86 -6.02
C HIS B 27 -6.33 -2.47 -6.16
N THR B 28 -7.62 -2.37 -5.83
CA THR B 28 -8.34 -1.11 -5.91
C THR B 28 -7.98 -0.21 -4.74
N TYR B 29 -7.40 0.95 -5.06
CA TYR B 29 -7.01 1.91 -4.03
C TYR B 29 -8.01 3.05 -3.94
N HIS B 30 -8.73 3.11 -2.82
CA HIS B 30 -9.73 4.15 -2.61
C HIS B 30 -9.11 5.42 -2.06
N ILE B 31 -9.51 6.55 -2.62
CA ILE B 31 -9.00 7.85 -2.19
C ILE B 31 -10.10 8.67 -1.52
N LYS B 32 -9.75 9.34 -0.43
CA LYS B 32 -10.71 10.15 0.31
C LYS B 32 -10.39 11.63 0.19
N ILE B 33 -11.35 12.42 -0.25
CA ILE B 33 -11.18 13.86 -0.40
C ILE B 33 -12.18 14.63 0.45
N THR B 34 -11.83 15.85 0.81
CA THR B 34 -12.70 16.68 1.63
C THR B 34 -12.49 18.16 1.34
N ASN B 35 -13.49 18.96 1.67
CA ASN B 35 -13.43 20.41 1.45
C ASN B 35 -13.00 21.12 2.73
N ALA B 36 -11.78 21.64 2.72
CA ALA B 36 -11.24 22.36 3.87
C ALA B 36 -11.44 23.86 3.73
N GLY B 37 -12.42 24.24 2.91
CA GLY B 37 -12.71 25.65 2.70
C GLY B 37 -14.08 26.05 3.19
N GLY B 38 -14.65 27.08 2.58
CA GLY B 38 -15.97 27.54 2.98
C GLY B 38 -16.99 27.41 1.87
N ARG B 39 -16.53 27.30 0.64
CA ARG B 39 -17.41 27.17 -0.51
C ARG B 39 -17.13 25.89 -1.28
N ARG B 40 -18.15 25.37 -1.96
CA ARG B 40 -18.00 24.14 -2.75
C ARG B 40 -16.85 24.27 -3.73
N ILE B 41 -16.47 23.16 -4.35
CA ILE B 41 -15.37 23.15 -5.31
C ILE B 41 -15.50 21.99 -6.29
N GLY B 42 -15.02 22.20 -7.51
CA GLY B 42 -15.06 21.17 -8.53
C GLY B 42 -13.68 20.58 -8.77
N TRP B 43 -13.50 19.32 -8.41
CA TRP B 43 -12.21 18.64 -8.59
C TRP B 43 -12.21 17.72 -9.79
N ALA B 44 -11.01 17.38 -10.24
CA ALA B 44 -10.83 16.49 -11.38
C ALA B 44 -9.58 15.63 -11.18
N ILE B 45 -9.58 14.44 -11.77
CA ILE B 45 -8.45 13.53 -11.64
C ILE B 45 -7.76 13.28 -12.97
N LYS B 46 -6.43 13.16 -12.92
CA LYS B 46 -5.64 12.90 -14.12
C LYS B 46 -4.61 11.82 -13.86
N THR B 47 -4.35 10.98 -14.86
CA THR B 47 -3.39 9.89 -14.72
C THR B 47 -2.53 9.77 -15.98
N THR B 48 -1.31 9.28 -15.80
CA THR B 48 -0.38 9.11 -16.91
C THR B 48 -0.94 8.12 -17.93
N ASN B 49 -1.64 7.10 -17.43
CA ASN B 49 -2.22 6.09 -18.31
C ASN B 49 -3.64 5.73 -17.85
N MET B 50 -4.62 6.06 -18.68
CA MET B 50 -6.02 5.77 -18.35
C MET B 50 -6.44 4.39 -18.87
N ARG B 51 -5.47 3.59 -19.31
CA ARG B 51 -5.76 2.25 -19.81
C ARG B 51 -5.51 1.20 -18.74
N ARG B 52 -4.49 1.45 -17.92
CA ARG B 52 -4.14 0.52 -16.84
C ARG B 52 -4.80 0.96 -15.53
N LEU B 53 -5.08 2.25 -15.42
CA LEU B 53 -5.72 2.79 -14.21
C LEU B 53 -7.06 3.44 -14.55
N SER B 54 -8.03 3.25 -13.68
CA SER B 54 -9.36 3.82 -13.88
C SER B 54 -9.87 4.49 -12.60
N VAL B 55 -9.97 5.80 -12.63
CA VAL B 55 -10.44 6.57 -11.48
C VAL B 55 -11.89 6.99 -11.66
N ASP B 56 -12.74 6.57 -10.73
CA ASP B 56 -14.17 6.90 -10.80
C ASP B 56 -14.73 7.18 -9.40
N PRO B 57 -15.46 8.30 -9.21
CA PRO B 57 -15.75 9.28 -10.28
C PRO B 57 -14.50 10.08 -10.66
N PRO B 58 -14.32 10.37 -11.97
CA PRO B 58 -13.17 11.13 -12.45
C PRO B 58 -13.22 12.59 -12.00
N CYS B 59 -14.41 13.16 -12.00
CA CYS B 59 -14.60 14.54 -11.59
C CYS B 59 -15.85 14.69 -10.74
N GLY B 60 -16.00 15.84 -10.08
CA GLY B 60 -17.17 16.06 -9.25
C GLY B 60 -17.08 17.37 -8.47
N VAL B 61 -17.99 17.53 -7.51
CA VAL B 61 -18.02 18.74 -6.70
C VAL B 61 -18.58 18.44 -5.31
N LEU B 62 -17.98 19.03 -4.29
CA LEU B 62 -18.43 18.80 -2.91
C LEU B 62 -18.51 20.12 -2.15
N ASP B 63 -19.41 20.16 -1.17
CA ASP B 63 -19.59 21.36 -0.36
C ASP B 63 -18.59 21.40 0.79
N PRO B 64 -18.61 22.48 1.60
CA PRO B 64 -17.70 22.63 2.74
C PRO B 64 -17.88 21.54 3.79
N LYS B 65 -16.77 20.87 4.14
CA LYS B 65 -16.78 19.81 5.15
C LYS B 65 -17.21 18.47 4.55
N GLU B 66 -17.68 18.48 3.30
CA GLU B 66 -18.12 17.26 2.64
C GLU B 66 -16.93 16.48 2.09
N LYS B 67 -17.12 15.18 1.91
CA LYS B 67 -16.06 14.32 1.39
C LYS B 67 -16.58 13.41 0.28
N VAL B 68 -15.71 13.06 -0.66
CA VAL B 68 -16.09 12.19 -1.77
C VAL B 68 -15.22 10.94 -1.81
N LEU B 69 -15.78 9.86 -2.34
CA LEU B 69 -15.06 8.59 -2.44
C LEU B 69 -14.60 8.34 -3.87
N MET B 70 -13.37 7.85 -4.01
CA MET B 70 -12.81 7.56 -5.32
C MET B 70 -12.25 6.15 -5.38
N ALA B 71 -12.20 5.57 -6.57
CA ALA B 71 -11.68 4.22 -6.76
C ALA B 71 -10.80 4.12 -7.99
N VAL B 72 -9.54 3.79 -7.78
CA VAL B 72 -8.58 3.66 -8.88
C VAL B 72 -8.26 2.19 -9.14
N SER B 73 -9.08 1.55 -9.96
CA SER B 73 -8.89 0.15 -10.30
C SER B 73 -7.70 -0.05 -11.22
N CYS B 74 -6.83 -0.99 -10.87
CA CYS B 74 -5.66 -1.29 -11.67
C CYS B 74 -5.63 -2.76 -12.08
N ASP B 75 -6.08 -3.03 -13.30
CA ASP B 75 -6.11 -4.40 -13.81
C ASP B 75 -4.75 -5.07 -13.66
N THR B 76 -4.77 -6.39 -13.47
CA THR B 76 -3.54 -7.16 -13.32
C THR B 76 -2.71 -7.11 -14.60
N PHE B 77 -1.41 -6.96 -14.44
CA PHE B 77 -0.50 -6.91 -15.58
C PHE B 77 0.91 -7.36 -15.18
N ASN B 78 1.86 -7.24 -16.10
CA ASN B 78 3.23 -7.64 -15.84
C ASN B 78 4.12 -6.42 -15.64
N ALA B 79 4.57 -6.22 -14.41
CA ALA B 79 5.44 -5.09 -14.08
C ALA B 79 6.91 -5.49 -14.10
N ALA B 80 7.21 -6.60 -14.77
CA ALA B 80 8.58 -7.09 -14.86
C ALA B 80 9.30 -6.49 -16.07
N THR B 81 8.52 -6.09 -17.06
CA THR B 81 9.08 -5.50 -18.28
C THR B 81 8.26 -4.31 -18.75
N GLU B 82 8.00 -3.37 -17.84
CA GLU B 82 7.23 -2.18 -18.17
C GLU B 82 7.81 -0.95 -17.48
N ASP B 83 7.23 0.21 -17.77
CA ASP B 83 7.69 1.46 -17.18
C ASP B 83 6.75 1.92 -16.07
N LEU B 84 7.24 1.89 -14.83
CA LEU B 84 6.43 2.30 -13.68
C LEU B 84 7.24 3.21 -12.75
N ASN B 85 7.68 4.34 -13.28
CA ASN B 85 8.45 5.30 -12.50
C ASN B 85 8.07 6.74 -12.85
N ASN B 86 6.92 6.92 -13.49
CA ASN B 86 6.46 8.26 -13.87
C ASN B 86 4.96 8.42 -13.66
N ASP B 87 4.33 7.46 -12.99
CA ASP B 87 2.90 7.52 -12.74
C ASP B 87 2.59 8.50 -11.61
N ARG B 88 1.54 9.29 -11.79
CA ARG B 88 1.14 10.27 -10.79
C ARG B 88 -0.28 10.77 -11.04
N ILE B 89 -1.07 10.82 -9.98
CA ILE B 89 -2.46 11.27 -10.08
C ILE B 89 -2.58 12.74 -9.70
N THR B 90 -2.88 13.58 -10.68
CA THR B 90 -3.03 15.01 -10.44
C THR B 90 -4.48 15.40 -10.15
N ILE B 91 -4.70 16.01 -9.00
CA ILE B 91 -6.04 16.43 -8.59
C ILE B 91 -6.13 17.96 -8.58
N GLU B 92 -6.89 18.51 -9.53
CA GLU B 92 -7.06 19.95 -9.62
C GLU B 92 -8.50 20.36 -9.29
N TRP B 93 -8.65 21.35 -8.42
CA TRP B 93 -9.97 21.83 -8.03
C TRP B 93 -10.02 23.34 -8.01
N THR B 94 -11.15 23.91 -8.44
CA THR B 94 -11.32 25.35 -8.46
C THR B 94 -12.66 25.75 -7.84
N ASN B 95 -12.68 26.88 -7.15
CA ASN B 95 -13.88 27.38 -6.50
C ASN B 95 -15.02 27.48 -7.50
N THR B 96 -16.23 27.16 -7.06
CA THR B 96 -17.42 27.23 -7.92
C THR B 96 -17.92 28.66 -8.04
N PRO B 97 -18.43 29.05 -9.23
CA PRO B 97 -18.95 30.39 -9.47
C PRO B 97 -20.22 30.67 -8.68
N ASP B 98 -20.53 31.95 -8.49
CA ASP B 98 -21.72 32.35 -7.75
C ASP B 98 -22.96 31.64 -8.29
N GLY B 99 -23.67 30.93 -7.41
CA GLY B 99 -24.87 30.23 -7.83
C GLY B 99 -24.59 29.17 -8.87
N ALA B 100 -23.44 28.52 -8.75
CA ALA B 100 -23.05 27.47 -9.70
C ALA B 100 -24.00 26.28 -9.62
N ALA B 101 -24.39 25.76 -10.77
CA ALA B 101 -25.30 24.62 -10.83
C ALA B 101 -24.76 23.46 -10.02
N LYS B 102 -25.64 22.51 -9.74
CA LYS B 102 -25.26 21.31 -8.98
C LYS B 102 -24.78 20.21 -9.91
N GLN B 103 -23.61 20.43 -10.49
CA GLN B 103 -23.02 19.46 -11.40
C GLN B 103 -21.70 19.97 -11.97
N PHE B 104 -20.72 19.08 -12.06
CA PHE B 104 -19.41 19.44 -12.57
C PHE B 104 -19.53 20.18 -13.90
N ARG B 105 -18.72 21.22 -14.08
CA ARG B 105 -18.73 22.01 -15.31
C ARG B 105 -17.32 22.18 -15.86
N ARG B 106 -17.22 22.26 -17.19
CA ARG B 106 -15.94 22.43 -17.84
C ARG B 106 -15.48 23.88 -17.80
N GLU B 107 -16.43 24.80 -17.82
CA GLU B 107 -16.11 26.23 -17.77
C GLU B 107 -15.73 26.67 -16.36
N TRP B 108 -15.91 25.79 -15.39
CA TRP B 108 -15.57 26.11 -13.99
C TRP B 108 -14.08 26.38 -13.84
N PHE B 109 -13.29 25.93 -14.81
CA PHE B 109 -11.84 26.12 -14.78
C PHE B 109 -11.42 27.22 -15.76
N GLN B 110 -12.32 28.16 -16.01
CA GLN B 110 -12.04 29.26 -16.93
C GLN B 110 -12.82 30.51 -16.53
N GLY B 111 -13.02 30.69 -15.22
CA GLY B 111 -13.75 31.84 -14.74
C GLY B 111 -12.92 32.68 -13.79
N ASP B 112 -13.58 33.23 -12.77
CA ASP B 112 -12.90 34.05 -11.77
C ASP B 112 -12.30 33.20 -10.66
N GLY B 113 -11.10 33.57 -10.21
CA GLY B 113 -10.45 32.82 -9.16
C GLY B 113 -9.23 32.08 -9.65
N MET B 114 -8.56 31.36 -8.75
CA MET B 114 -7.38 30.60 -9.09
C MET B 114 -7.63 29.09 -8.98
N VAL B 115 -6.95 28.31 -9.81
CA VAL B 115 -7.11 26.87 -9.80
C VAL B 115 -5.89 26.19 -9.17
N ARG B 116 -6.14 25.29 -8.22
CA ARG B 116 -5.07 24.57 -7.54
C ARG B 116 -4.78 23.24 -8.22
N ARG B 117 -3.50 22.93 -8.42
CA ARG B 117 -3.11 21.69 -9.05
C ARG B 117 -2.15 20.90 -8.15
N LYS B 118 -2.57 19.70 -7.77
CA LYS B 118 -1.76 18.84 -6.91
C LYS B 118 -1.41 17.54 -7.63
N ASN B 119 -0.41 16.85 -7.10
CA ASN B 119 0.03 15.59 -7.69
C ASN B 119 0.39 14.57 -6.60
N LEU B 120 0.08 13.31 -6.86
CA LEU B 120 0.37 12.24 -5.91
C LEU B 120 1.20 11.14 -6.58
N PRO B 121 2.51 11.09 -6.27
CA PRO B 121 3.41 10.07 -6.84
C PRO B 121 2.94 8.66 -6.58
N ILE B 122 3.06 7.80 -7.58
CA ILE B 122 2.64 6.41 -7.46
C ILE B 122 3.86 5.47 -7.56
N GLU B 123 4.27 4.93 -6.41
CA GLU B 123 5.41 4.03 -6.37
C GLU B 123 4.94 2.57 -6.39
N TYR B 124 5.34 1.84 -7.43
CA TYR B 124 4.97 0.44 -7.56
C TYR B 124 5.89 -0.45 -6.74
N ASN B 125 5.43 -0.84 -5.56
CA ASN B 125 6.22 -1.69 -4.66
C ASN B 125 6.28 -3.12 -5.17
N LEU B 126 7.19 -3.39 -6.09
CA LEU B 126 7.35 -4.72 -6.66
C LEU B 126 7.84 -5.70 -5.60
N ALA A 1 26.68 -34.51 8.48
CA ALA A 1 25.28 -34.61 8.96
C ALA A 1 24.44 -33.46 8.45
N GLN A 2 23.93 -33.59 7.23
CA GLN A 2 23.11 -32.54 6.63
C GLN A 2 22.24 -33.12 5.51
N SER A 3 21.13 -32.44 5.23
CA SER A 3 20.21 -32.88 4.18
C SER A 3 20.39 -32.04 2.92
N VAL A 4 20.24 -30.73 3.07
CA VAL A 4 20.38 -29.81 1.95
C VAL A 4 20.22 -28.36 2.40
N PRO A 5 21.03 -27.45 1.84
CA PRO A 5 20.97 -26.02 2.18
C PRO A 5 19.55 -25.45 2.05
N PRO A 6 19.21 -24.46 2.90
CA PRO A 6 17.88 -23.84 2.87
C PRO A 6 17.70 -22.93 1.66
N GLY A 7 16.91 -23.40 0.69
CA GLY A 7 16.66 -22.62 -0.50
C GLY A 7 16.04 -21.28 -0.20
N ASP A 8 16.62 -20.22 -0.76
CA ASP A 8 16.11 -18.87 -0.54
C ASP A 8 14.64 -18.78 -0.93
N ILE A 9 13.82 -18.25 -0.02
CA ILE A 9 12.39 -18.10 -0.25
C ILE A 9 12.07 -16.77 -0.90
N ASN A 10 11.16 -16.78 -1.86
CA ASN A 10 10.75 -15.56 -2.56
C ASN A 10 9.85 -14.71 -1.68
N THR A 11 9.91 -13.40 -1.86
CA THR A 11 9.09 -12.48 -1.07
C THR A 11 8.65 -11.28 -1.90
N GLN A 12 7.49 -10.74 -1.57
CA GLN A 12 6.94 -9.59 -2.28
C GLN A 12 6.19 -8.67 -1.31
N PRO A 13 6.74 -7.49 -0.96
CA PRO A 13 8.06 -7.04 -1.47
C PRO A 13 9.20 -7.96 -1.06
N SER A 14 10.26 -7.96 -1.85
CA SER A 14 11.42 -8.80 -1.58
C SER A 14 12.02 -8.48 -0.20
N GLN A 15 12.31 -7.19 0.03
CA GLN A 15 12.89 -6.76 1.29
C GLN A 15 12.68 -5.26 1.51
N LYS A 16 11.51 -4.77 1.13
CA LYS A 16 11.18 -3.36 1.28
C LYS A 16 9.69 -3.12 1.17
N ILE A 17 9.07 -2.74 2.29
CA ILE A 17 7.64 -2.48 2.31
C ILE A 17 7.35 -1.13 2.97
N VAL A 18 6.48 -0.35 2.34
CA VAL A 18 6.11 0.97 2.86
C VAL A 18 4.60 1.16 2.90
N PHE A 19 4.05 1.20 4.11
CA PHE A 19 2.61 1.39 4.27
C PHE A 19 2.19 2.68 3.59
N ASN A 20 0.92 2.75 3.19
CA ASN A 20 0.40 3.94 2.53
C ASN A 20 -0.68 4.61 3.35
N ALA A 21 -0.44 5.88 3.72
CA ALA A 21 -1.40 6.64 4.50
C ALA A 21 -2.80 6.57 3.88
N PRO A 22 -3.84 7.03 4.60
CA PRO A 22 -3.71 7.60 5.95
C PRO A 22 -3.42 6.53 7.00
N TYR A 23 -2.96 6.97 8.16
CA TYR A 23 -2.63 6.07 9.25
C TYR A 23 -3.61 6.24 10.41
N ASP A 24 -4.86 6.52 10.08
CA ASP A 24 -5.89 6.70 11.09
C ASP A 24 -6.87 5.53 11.10
N ASP A 25 -6.60 4.51 10.29
CA ASP A 25 -7.45 3.33 10.23
C ASP A 25 -6.63 2.07 10.01
N LYS A 26 -6.90 1.05 10.81
CA LYS A 26 -6.18 -0.22 10.70
C LYS A 26 -6.19 -0.74 9.27
N HIS A 27 -5.00 -0.96 8.71
CA HIS A 27 -4.88 -1.45 7.35
C HIS A 27 -4.16 -2.79 7.33
N THR A 28 -4.49 -3.63 6.35
CA THR A 28 -3.88 -4.95 6.23
C THR A 28 -3.21 -5.13 4.88
N TYR A 29 -1.88 -5.17 4.87
CA TYR A 29 -1.13 -5.34 3.63
C TYR A 29 -0.72 -6.80 3.47
N HIS A 30 -1.22 -7.45 2.42
CA HIS A 30 -0.91 -8.85 2.16
C HIS A 30 0.43 -9.00 1.47
N ILE A 31 1.27 -9.90 2.00
CA ILE A 31 2.58 -10.16 1.43
C ILE A 31 2.63 -11.55 0.81
N LYS A 32 3.34 -11.68 -0.30
CA LYS A 32 3.45 -12.96 -0.98
C LYS A 32 4.77 -13.66 -0.67
N ILE A 33 4.69 -14.93 -0.32
CA ILE A 33 5.87 -15.73 0.00
C ILE A 33 5.91 -17.00 -0.84
N THR A 34 7.10 -17.53 -1.06
CA THR A 34 7.26 -18.74 -1.86
C THR A 34 8.52 -19.50 -1.46
N ASN A 35 8.51 -20.80 -1.75
CA ASN A 35 9.65 -21.67 -1.44
C ASN A 35 10.42 -22.01 -2.70
N ALA A 36 11.62 -21.45 -2.83
CA ALA A 36 12.46 -21.69 -4.00
C ALA A 36 13.44 -22.83 -3.73
N GLY A 37 13.12 -23.67 -2.76
CA GLY A 37 13.99 -24.79 -2.41
C GLY A 37 13.46 -26.11 -2.91
N GLY A 38 13.70 -27.16 -2.14
CA GLY A 38 13.23 -28.48 -2.52
C GLY A 38 12.48 -29.18 -1.40
N ARG A 39 12.98 -29.03 -0.18
CA ARG A 39 12.34 -29.65 0.99
C ARG A 39 11.55 -28.62 1.79
N ARG A 40 10.60 -29.11 2.59
CA ARG A 40 9.78 -28.23 3.42
C ARG A 40 10.64 -27.28 4.23
N ILE A 41 10.05 -26.18 4.67
CA ILE A 41 10.77 -25.19 5.46
C ILE A 41 9.85 -24.46 6.43
N GLY A 42 10.12 -24.62 7.72
CA GLY A 42 9.32 -23.96 8.73
C GLY A 42 9.75 -22.52 8.95
N TRP A 43 8.86 -21.59 8.66
CA TRP A 43 9.16 -20.17 8.81
C TRP A 43 8.32 -19.53 9.90
N ALA A 44 8.85 -18.45 10.47
CA ALA A 44 8.17 -17.71 11.53
C ALA A 44 8.38 -16.21 11.36
N ILE A 45 7.46 -15.42 11.91
CA ILE A 45 7.55 -13.97 11.81
C ILE A 45 7.70 -13.31 13.17
N LYS A 46 8.43 -12.20 13.21
CA LYS A 46 8.63 -11.46 14.45
C LYS A 46 8.70 -9.96 14.17
N THR A 47 7.95 -9.18 14.95
CA THR A 47 7.91 -7.74 14.78
C THR A 47 8.54 -7.03 15.98
N THR A 48 9.12 -5.86 15.74
CA THR A 48 9.75 -5.08 16.80
C THR A 48 8.79 -4.89 17.97
N ASN A 49 7.51 -4.72 17.65
CA ASN A 49 6.49 -4.51 18.67
C ASN A 49 5.24 -5.32 18.34
N MET A 50 4.91 -6.28 19.20
CA MET A 50 3.73 -7.11 19.00
C MET A 50 2.53 -6.53 19.75
N ARG A 51 2.58 -5.23 20.04
CA ARG A 51 1.50 -4.57 20.75
C ARG A 51 0.67 -3.71 19.80
N ARG A 52 1.35 -3.09 18.84
CA ARG A 52 0.68 -2.24 17.86
C ARG A 52 0.51 -2.96 16.53
N LEU A 53 1.42 -3.89 16.25
CA LEU A 53 1.38 -4.65 15.00
C LEU A 53 0.98 -6.10 15.27
N SER A 54 0.33 -6.72 14.30
CA SER A 54 -0.09 -8.11 14.42
C SER A 54 0.02 -8.84 13.09
N VAL A 55 0.97 -9.77 13.02
CA VAL A 55 1.19 -10.55 11.80
C VAL A 55 0.53 -11.91 11.90
N ASP A 56 0.01 -12.40 10.79
CA ASP A 56 -0.64 -13.70 10.75
C ASP A 56 -0.68 -14.26 9.32
N PRO A 57 -0.39 -15.56 9.13
CA PRO A 57 -0.02 -16.48 10.22
C PRO A 57 1.40 -16.22 10.75
N PRO A 58 1.61 -16.39 12.05
CA PRO A 58 2.92 -16.17 12.68
C PRO A 58 3.91 -17.30 12.41
N CYS A 59 3.44 -18.35 11.74
CA CYS A 59 4.31 -19.49 11.42
C CYS A 59 3.59 -20.47 10.49
N GLY A 60 4.36 -21.32 9.83
CA GLY A 60 3.78 -22.30 8.93
C GLY A 60 4.82 -23.01 8.10
N VAL A 61 4.47 -24.19 7.59
CA VAL A 61 5.38 -24.98 6.78
C VAL A 61 5.16 -24.70 5.29
N LEU A 62 6.25 -24.51 4.56
CA LEU A 62 6.16 -24.23 3.14
C LEU A 62 6.66 -25.42 2.33
N ASP A 63 5.89 -25.79 1.30
CA ASP A 63 6.25 -26.92 0.45
C ASP A 63 7.12 -26.44 -0.72
N PRO A 64 7.73 -27.38 -1.46
CA PRO A 64 8.58 -27.05 -2.61
C PRO A 64 7.81 -26.32 -3.71
N LYS A 65 8.17 -25.06 -3.94
CA LYS A 65 7.52 -24.26 -4.96
C LYS A 65 6.09 -23.90 -4.56
N GLU A 66 5.86 -23.77 -3.26
CA GLU A 66 4.54 -23.44 -2.75
C GLU A 66 4.45 -21.95 -2.41
N LYS A 67 3.26 -21.37 -2.58
CA LYS A 67 3.04 -19.97 -2.29
C LYS A 67 2.07 -19.78 -1.13
N VAL A 68 2.53 -19.09 -0.08
CA VAL A 68 1.70 -18.83 1.09
C VAL A 68 1.38 -17.35 1.21
N LEU A 69 0.18 -17.05 1.71
CA LEU A 69 -0.25 -15.67 1.87
C LEU A 69 0.04 -15.17 3.29
N MET A 70 0.34 -13.88 3.39
CA MET A 70 0.63 -13.26 4.68
C MET A 70 -0.21 -11.99 4.86
N ALA A 71 -0.42 -11.60 6.11
CA ALA A 71 -1.20 -10.41 6.41
C ALA A 71 -0.60 -9.61 7.57
N VAL A 72 -0.28 -8.34 7.30
CA VAL A 72 0.29 -7.47 8.31
C VAL A 72 -0.69 -6.36 8.70
N SER A 73 -1.12 -6.38 9.94
CA SER A 73 -2.07 -5.38 10.43
C SER A 73 -1.37 -4.29 11.22
N CYS A 74 -1.65 -3.04 10.86
CA CYS A 74 -1.05 -1.89 11.54
C CYS A 74 -2.12 -1.06 12.24
N ASP A 75 -1.91 -0.79 13.52
CA ASP A 75 -2.86 -0.01 14.31
C ASP A 75 -2.68 1.48 14.05
N THR A 76 -3.79 2.23 14.12
CA THR A 76 -3.75 3.66 13.90
C THR A 76 -2.89 4.35 14.93
N PHE A 77 -2.46 5.57 14.64
CA PHE A 77 -1.63 6.34 15.56
C PHE A 77 -1.35 7.74 15.01
N ASN A 78 -0.53 8.49 15.72
CA ASN A 78 -0.17 9.84 15.31
C ASN A 78 1.24 9.88 14.74
N ALA A 79 1.33 10.07 13.42
CA ALA A 79 2.62 10.12 12.75
C ALA A 79 3.15 11.56 12.66
N ALA A 80 2.60 12.44 13.50
CA ALA A 80 3.01 13.83 13.50
C ALA A 80 4.15 14.06 14.50
N THR A 81 4.06 13.39 15.64
CA THR A 81 5.08 13.52 16.68
C THR A 81 5.54 12.15 17.16
N GLU A 82 5.78 11.25 16.23
CA GLU A 82 6.24 9.90 16.56
C GLU A 82 7.34 9.44 15.61
N ASP A 83 7.87 8.25 15.85
CA ASP A 83 8.92 7.69 15.01
C ASP A 83 8.34 6.86 13.89
N LEU A 84 9.05 6.83 12.75
CA LEU A 84 8.60 6.06 11.60
C LEU A 84 9.76 5.35 10.93
N ASN A 85 10.77 5.01 11.72
CA ASN A 85 11.96 4.33 11.20
C ASN A 85 12.45 3.27 12.18
N ASN A 86 11.55 2.75 13.00
CA ASN A 86 11.89 1.74 13.99
C ASN A 86 11.11 0.44 13.75
N ASP A 87 10.10 0.49 12.90
CA ASP A 87 9.28 -0.69 12.60
C ASP A 87 9.97 -1.58 11.58
N ARG A 88 10.24 -2.82 11.97
CA ARG A 88 10.90 -3.78 11.10
C ARG A 88 10.46 -5.21 11.41
N ILE A 89 10.14 -5.98 10.37
CA ILE A 89 9.70 -7.36 10.54
C ILE A 89 10.86 -8.32 10.32
N THR A 90 10.66 -9.58 10.73
CA THR A 90 11.70 -10.59 10.57
C THR A 90 11.10 -11.90 10.08
N ILE A 91 11.54 -12.35 8.90
CA ILE A 91 11.05 -13.59 8.33
C ILE A 91 12.17 -14.62 8.19
N GLU A 92 12.12 -15.65 9.02
CA GLU A 92 13.13 -16.70 8.99
C GLU A 92 12.53 -18.03 8.55
N TRP A 93 13.38 -18.92 8.04
CA TRP A 93 12.93 -20.23 7.59
C TRP A 93 14.09 -21.23 7.61
N THR A 94 13.78 -22.47 8.00
CA THR A 94 14.79 -23.51 8.07
C THR A 94 14.24 -24.84 7.55
N ASN A 95 15.12 -25.69 7.07
CA ASN A 95 14.72 -27.00 6.54
C ASN A 95 14.20 -27.89 7.66
N THR A 96 13.02 -28.47 7.45
CA THR A 96 12.41 -29.35 8.45
C THR A 96 13.17 -30.67 8.53
N PRO A 97 13.36 -31.20 9.75
CA PRO A 97 14.07 -32.46 9.96
C PRO A 97 13.58 -33.56 9.03
N ASP A 98 14.37 -34.62 8.92
CA ASP A 98 14.02 -35.75 8.05
C ASP A 98 12.62 -36.27 8.38
N GLY A 99 11.64 -35.86 7.58
CA GLY A 99 10.27 -36.30 7.79
C GLY A 99 9.75 -35.92 9.16
N ALA A 100 10.00 -34.67 9.57
CA ALA A 100 9.56 -34.19 10.86
C ALA A 100 8.05 -34.33 11.01
N ALA A 101 7.31 -33.33 10.53
CA ALA A 101 5.86 -33.35 10.62
C ALA A 101 5.25 -32.12 9.97
N LYS A 102 3.95 -32.18 9.72
CA LYS A 102 3.24 -31.07 9.11
C LYS A 102 2.78 -30.07 10.17
N GLN A 103 3.76 -29.36 10.73
CA GLN A 103 3.47 -28.37 11.77
C GLN A 103 4.77 -27.74 12.26
N PHE A 104 4.84 -26.40 12.20
CA PHE A 104 6.02 -25.68 12.63
C PHE A 104 6.35 -26.00 14.09
N ARG A 105 7.64 -26.04 14.41
CA ARG A 105 8.09 -26.34 15.76
C ARG A 105 9.20 -25.38 16.20
N ARG A 106 9.34 -25.20 17.50
CA ARG A 106 10.36 -24.31 18.05
C ARG A 106 11.64 -25.07 18.38
N GLU A 107 11.91 -26.14 17.63
CA GLU A 107 13.10 -26.95 17.86
C GLU A 107 14.02 -26.91 16.63
N TRP A 108 13.43 -26.83 15.44
CA TRP A 108 14.19 -26.78 14.21
C TRP A 108 15.13 -25.58 14.20
N PHE A 109 14.73 -24.51 14.88
CA PHE A 109 15.53 -23.29 14.96
C PHE A 109 16.55 -23.39 16.07
N GLN A 110 16.12 -23.87 17.23
CA GLN A 110 17.00 -24.00 18.38
C GLN A 110 17.61 -25.41 18.44
N GLY A 111 18.24 -25.82 17.35
CA GLY A 111 18.85 -27.13 17.29
C GLY A 111 19.80 -27.28 16.13
N ASP A 112 20.04 -28.52 15.71
CA ASP A 112 20.93 -28.81 14.60
C ASP A 112 20.32 -28.36 13.28
N GLY A 113 21.17 -28.08 12.31
CA GLY A 113 20.70 -27.64 11.02
C GLY A 113 21.15 -26.24 10.65
N MET A 114 20.48 -25.64 9.68
CA MET A 114 20.84 -24.29 9.24
C MET A 114 19.58 -23.44 9.06
N VAL A 115 19.41 -22.44 9.92
CA VAL A 115 18.26 -21.57 9.85
C VAL A 115 18.66 -20.16 9.44
N ARG A 116 17.97 -19.61 8.46
CA ARG A 116 18.26 -18.26 7.97
C ARG A 116 17.22 -17.26 8.48
N ARG A 117 17.62 -16.00 8.57
CA ARG A 117 16.73 -14.95 9.05
C ARG A 117 16.77 -13.74 8.12
N LYS A 118 15.61 -13.12 7.93
CA LYS A 118 15.50 -11.94 7.07
C LYS A 118 14.82 -10.79 7.80
N ASN A 119 14.99 -9.59 7.28
CA ASN A 119 14.39 -8.40 7.88
C ASN A 119 13.86 -7.46 6.82
N LEU A 120 12.57 -7.12 6.92
CA LEU A 120 11.94 -6.21 5.97
C LEU A 120 11.70 -4.84 6.61
N PRO A 121 12.33 -3.78 6.07
CA PRO A 121 12.16 -2.42 6.60
C PRO A 121 10.78 -1.85 6.32
N ILE A 122 10.20 -1.19 7.32
CA ILE A 122 8.87 -0.60 7.17
C ILE A 122 8.96 0.93 7.03
N GLU A 123 8.20 1.47 6.09
CA GLU A 123 8.18 2.92 5.86
C GLU A 123 6.76 3.45 5.95
N TYR A 124 6.64 4.75 6.22
CA TYR A 124 5.34 5.39 6.33
C TYR A 124 5.18 6.51 5.31
N ASN A 125 4.54 6.19 4.19
CA ASN A 125 4.32 7.16 3.13
C ASN A 125 3.13 8.07 3.47
N LEU A 126 3.40 9.10 4.28
CA LEU A 126 2.36 10.03 4.68
C LEU A 126 1.78 10.76 3.48
N ALA B 1 -16.31 40.27 -9.35
CA ALA B 1 -17.19 39.11 -9.63
C ALA B 1 -16.58 37.82 -9.11
N GLN B 2 -16.80 37.55 -7.83
CA GLN B 2 -16.28 36.34 -7.19
C GLN B 2 -17.06 35.99 -5.94
N SER B 3 -17.04 34.71 -5.58
CA SER B 3 -17.76 34.24 -4.39
C SER B 3 -16.80 34.03 -3.23
N VAL B 4 -15.78 33.20 -3.44
CA VAL B 4 -14.80 32.92 -2.42
C VAL B 4 -13.71 31.97 -2.94
N PRO B 5 -12.44 32.21 -2.55
CA PRO B 5 -11.32 31.38 -2.99
C PRO B 5 -11.55 29.90 -2.72
N PRO B 6 -11.01 29.02 -3.59
CA PRO B 6 -11.17 27.57 -3.44
C PRO B 6 -10.34 27.02 -2.28
N GLY B 7 -11.03 26.66 -1.19
CA GLY B 7 -10.34 26.13 -0.02
C GLY B 7 -9.57 24.86 -0.33
N ASP B 8 -8.31 24.84 0.07
CA ASP B 8 -7.46 23.67 -0.17
C ASP B 8 -8.11 22.41 0.39
N ILE B 9 -8.20 21.38 -0.46
CA ILE B 9 -8.79 20.11 -0.05
C ILE B 9 -7.74 19.17 0.54
N ASN B 10 -8.10 18.48 1.61
CA ASN B 10 -7.20 17.54 2.26
C ASN B 10 -7.08 16.27 1.44
N THR B 11 -5.91 15.62 1.52
CA THR B 11 -5.67 14.39 0.78
C THR B 11 -4.77 13.44 1.57
N GLN B 12 -4.96 12.15 1.35
CA GLN B 12 -4.18 11.13 2.05
C GLN B 12 -3.92 9.93 1.13
N PRO B 13 -2.67 9.75 0.64
CA PRO B 13 -1.54 10.65 0.93
C PRO B 13 -1.79 12.08 0.44
N SER B 14 -1.13 13.04 1.09
CA SER B 14 -1.27 14.43 0.72
C SER B 14 -0.86 14.68 -0.73
N GLN B 15 0.35 14.23 -1.08
CA GLN B 15 0.85 14.40 -2.44
C GLN B 15 1.98 13.41 -2.72
N LYS B 16 1.83 12.19 -2.23
CA LYS B 16 2.85 11.15 -2.44
C LYS B 16 2.27 9.77 -2.16
N ILE B 17 2.14 8.96 -3.21
CA ILE B 17 1.60 7.62 -3.08
C ILE B 17 2.52 6.61 -3.78
N VAL B 18 2.80 5.50 -3.11
CA VAL B 18 3.66 4.47 -3.66
C VAL B 18 3.02 3.09 -3.53
N PHE B 19 2.62 2.51 -4.65
CA PHE B 19 2.01 1.19 -4.66
C PHE B 19 2.97 0.18 -4.02
N ASN B 20 2.42 -0.90 -3.47
CA ASN B 20 3.24 -1.91 -2.83
C ASN B 20 3.14 -3.25 -3.55
N ALA B 21 4.28 -3.74 -4.04
CA ALA B 21 4.32 -5.02 -4.74
C ALA B 21 3.62 -6.11 -3.94
N PRO B 22 3.37 -7.29 -4.55
CA PRO B 22 3.75 -7.57 -5.94
C PRO B 22 2.88 -6.83 -6.95
N TYR B 23 3.34 -6.76 -8.19
CA TYR B 23 2.61 -6.09 -9.25
C TYR B 23 2.10 -7.08 -10.28
N ASP B 24 1.74 -8.26 -9.82
CA ASP B 24 1.22 -9.30 -10.70
C ASP B 24 -0.29 -9.51 -10.50
N ASP B 25 -0.90 -8.67 -9.66
CA ASP B 25 -2.34 -8.77 -9.41
C ASP B 25 -2.95 -7.39 -9.20
N LYS B 26 -4.05 -7.13 -9.89
CA LYS B 26 -4.73 -5.84 -9.79
C LYS B 26 -4.99 -5.47 -8.33
N HIS B 27 -4.49 -4.32 -7.93
CA HIS B 27 -4.67 -3.85 -6.55
C HIS B 27 -5.43 -2.53 -6.53
N THR B 28 -6.19 -2.30 -5.46
CA THR B 28 -6.96 -1.07 -5.34
C THR B 28 -6.60 -0.32 -4.05
N TYR B 29 -5.94 0.82 -4.21
CA TYR B 29 -5.55 1.64 -3.07
C TYR B 29 -6.54 2.78 -2.87
N HIS B 30 -7.22 2.77 -1.73
CA HIS B 30 -8.21 3.79 -1.41
C HIS B 30 -7.55 5.06 -0.88
N ILE B 31 -7.93 6.19 -1.45
CA ILE B 31 -7.40 7.49 -1.03
C ILE B 31 -8.47 8.31 -0.33
N LYS B 32 -8.07 9.06 0.69
CA LYS B 32 -9.01 9.88 1.44
C LYS B 32 -8.95 11.34 1.02
N ILE B 33 -10.12 11.92 0.76
CA ILE B 33 -10.21 13.32 0.36
C ILE B 33 -11.17 14.09 1.28
N THR B 34 -10.95 15.39 1.38
CA THR B 34 -11.80 16.22 2.24
C THR B 34 -11.84 17.66 1.73
N ASN B 35 -12.90 18.37 2.11
CA ASN B 35 -13.08 19.76 1.71
C ASN B 35 -12.80 20.69 2.90
N ALA B 36 -11.69 21.41 2.84
CA ALA B 36 -11.32 22.33 3.90
C ALA B 36 -11.80 23.75 3.59
N GLY B 37 -12.79 23.85 2.73
CA GLY B 37 -13.32 25.16 2.36
C GLY B 37 -14.66 25.44 3.00
N GLY B 38 -15.52 26.16 2.29
CA GLY B 38 -16.84 26.49 2.82
C GLY B 38 -17.96 26.15 1.85
N ARG B 39 -17.72 26.40 0.57
CA ARG B 39 -18.72 26.12 -0.46
C ARG B 39 -18.37 24.83 -1.23
N ARG B 40 -19.38 24.25 -1.87
CA ARG B 40 -19.18 23.02 -2.64
C ARG B 40 -18.02 23.19 -3.62
N ILE B 41 -17.45 22.07 -4.06
CA ILE B 41 -16.34 22.11 -5.00
C ILE B 41 -16.32 20.86 -5.90
N GLY B 42 -16.48 21.09 -7.20
CA GLY B 42 -16.47 19.99 -8.14
C GLY B 42 -15.06 19.57 -8.51
N TRP B 43 -14.69 18.34 -8.17
CA TRP B 43 -13.35 17.84 -8.46
C TRP B 43 -13.38 16.71 -9.48
N ALA B 44 -12.27 16.55 -10.19
CA ALA B 44 -12.14 15.50 -11.20
C ALA B 44 -10.75 14.90 -11.17
N ILE B 45 -10.62 13.66 -11.65
CA ILE B 45 -9.34 12.98 -11.66
C ILE B 45 -8.88 12.65 -13.08
N LYS B 46 -7.57 12.67 -13.28
CA LYS B 46 -6.98 12.37 -14.59
C LYS B 46 -5.66 11.65 -14.43
N THR B 47 -5.49 10.55 -15.15
CA THR B 47 -4.26 9.76 -15.09
C THR B 47 -3.49 9.83 -16.40
N THR B 48 -2.17 9.72 -16.32
CA THR B 48 -1.32 9.77 -17.50
C THR B 48 -1.79 8.77 -18.55
N ASN B 49 -2.29 7.62 -18.08
CA ASN B 49 -2.77 6.58 -18.97
C ASN B 49 -4.06 5.97 -18.44
N MET B 50 -5.15 6.15 -19.18
CA MET B 50 -6.44 5.60 -18.78
C MET B 50 -6.67 4.23 -19.41
N ARG B 51 -5.59 3.57 -19.79
CA ARG B 51 -5.67 2.24 -20.40
C ARG B 51 -5.25 1.16 -19.42
N ARG B 52 -4.26 1.46 -18.59
CA ARG B 52 -3.76 0.52 -17.60
C ARG B 52 -4.30 0.86 -16.21
N LEU B 53 -4.57 2.14 -15.98
CA LEU B 53 -5.08 2.59 -14.70
C LEU B 53 -6.55 3.01 -14.82
N SER B 54 -7.29 2.86 -13.71
CA SER B 54 -8.70 3.22 -13.69
C SER B 54 -9.08 3.80 -12.34
N VAL B 55 -9.37 5.10 -12.32
CA VAL B 55 -9.75 5.79 -11.10
C VAL B 55 -11.27 5.95 -11.01
N ASP B 56 -11.81 5.85 -9.81
CA ASP B 56 -13.25 5.99 -9.59
C ASP B 56 -13.56 6.35 -8.15
N PRO B 57 -14.48 7.30 -7.90
CA PRO B 57 -15.20 8.03 -8.96
C PRO B 57 -14.31 9.05 -9.68
N PRO B 58 -14.50 9.23 -10.99
CA PRO B 58 -13.72 10.17 -11.78
C PRO B 58 -14.12 11.63 -11.56
N CYS B 59 -15.17 11.84 -10.77
CA CYS B 59 -15.64 13.19 -10.48
C CYS B 59 -16.72 13.17 -9.41
N GLY B 60 -16.96 14.33 -8.79
CA GLY B 60 -17.97 14.41 -7.75
C GLY B 60 -17.93 15.73 -7.01
N VAL B 61 -19.05 16.10 -6.39
CA VAL B 61 -19.14 17.34 -5.65
C VAL B 61 -18.83 17.12 -4.16
N LEU B 62 -18.01 17.99 -3.59
CA LEU B 62 -17.63 17.87 -2.19
C LEU B 62 -18.27 18.98 -1.36
N ASP B 63 -18.86 18.60 -0.23
CA ASP B 63 -19.51 19.55 0.65
C ASP B 63 -18.52 20.12 1.66
N PRO B 64 -18.90 21.18 2.38
CA PRO B 64 -18.04 21.80 3.39
C PRO B 64 -17.68 20.85 4.53
N LYS B 65 -16.40 20.50 4.62
CA LYS B 65 -15.92 19.59 5.66
C LYS B 65 -16.42 18.16 5.41
N GLU B 66 -16.60 17.81 4.15
CA GLU B 66 -17.07 16.48 3.78
C GLU B 66 -15.90 15.59 3.36
N LYS B 67 -16.02 14.29 3.63
CA LYS B 67 -14.97 13.34 3.28
C LYS B 67 -15.46 12.34 2.24
N VAL B 68 -14.78 12.30 1.10
CA VAL B 68 -15.14 11.38 0.03
C VAL B 68 -14.07 10.30 -0.16
N LEU B 69 -14.50 9.10 -0.52
CA LEU B 69 -13.58 7.99 -0.73
C LEU B 69 -13.18 7.86 -2.20
N MET B 70 -11.95 7.42 -2.43
CA MET B 70 -11.44 7.25 -3.78
C MET B 70 -10.83 5.86 -3.94
N ALA B 71 -10.76 5.39 -5.19
CA ALA B 71 -10.20 4.07 -5.47
C ALA B 71 -9.36 4.09 -6.74
N VAL B 72 -8.09 3.69 -6.60
CA VAL B 72 -7.19 3.65 -7.73
C VAL B 72 -6.81 2.21 -8.07
N SER B 73 -7.20 1.75 -9.25
CA SER B 73 -6.93 0.39 -9.68
C SER B 73 -5.73 0.34 -10.62
N CYS B 74 -4.77 -0.53 -10.33
CA CYS B 74 -3.59 -0.68 -11.15
C CYS B 74 -3.53 -2.08 -11.77
N ASP B 75 -3.36 -2.13 -13.08
CA ASP B 75 -3.28 -3.40 -13.79
C ASP B 75 -1.90 -4.03 -13.66
N THR B 76 -1.86 -5.36 -13.64
CA THR B 76 -0.59 -6.08 -13.52
C THR B 76 0.30 -5.79 -14.72
N PHE B 77 1.59 -6.05 -14.56
CA PHE B 77 2.56 -5.82 -15.63
C PHE B 77 3.96 -6.29 -15.22
N ASN B 78 4.93 -6.04 -16.09
CA ASN B 78 6.31 -6.44 -15.82
C ASN B 78 7.15 -5.22 -15.42
N ALA B 79 7.52 -5.15 -14.15
CA ALA B 79 8.33 -4.05 -13.64
C ALA B 79 9.82 -4.37 -13.72
N ALA B 80 10.18 -5.35 -14.54
CA ALA B 80 11.57 -5.74 -14.71
C ALA B 80 12.23 -4.98 -15.85
N THR B 81 11.47 -4.76 -16.93
CA THR B 81 11.98 -4.06 -18.09
C THR B 81 11.00 -2.97 -18.53
N GLU B 82 10.48 -2.21 -17.57
CA GLU B 82 9.54 -1.14 -17.87
C GLU B 82 9.85 0.10 -17.03
N ASP B 83 9.08 1.16 -17.26
CA ASP B 83 9.27 2.41 -16.52
C ASP B 83 8.40 2.44 -15.27
N LEU B 84 8.88 3.13 -14.24
CA LEU B 84 8.14 3.24 -12.99
C LEU B 84 8.24 4.65 -12.42
N ASN B 85 8.38 5.63 -13.30
CA ASN B 85 8.48 7.03 -12.89
C ASN B 85 7.73 7.94 -13.85
N ASN B 86 6.71 7.39 -14.51
CA ASN B 86 5.91 8.14 -15.46
C ASN B 86 4.44 8.20 -15.04
N ASP B 87 4.06 7.36 -14.07
CA ASP B 87 2.68 7.34 -13.59
C ASP B 87 2.41 8.46 -12.61
N ARG B 88 1.46 9.32 -12.94
CA ARG B 88 1.09 10.44 -12.09
C ARG B 88 -0.38 10.80 -12.25
N ILE B 89 -1.05 11.02 -11.13
CA ILE B 89 -2.47 11.37 -11.14
C ILE B 89 -2.66 12.87 -11.00
N THR B 90 -3.87 13.35 -11.29
CA THR B 90 -4.17 14.78 -11.20
C THR B 90 -5.53 15.00 -10.54
N ILE B 91 -5.53 15.69 -9.40
CA ILE B 91 -6.76 15.97 -8.68
C ILE B 91 -7.02 17.48 -8.62
N GLU B 92 -8.03 17.93 -9.36
CA GLU B 92 -8.38 19.34 -9.39
C GLU B 92 -9.77 19.57 -8.80
N TRP B 93 -10.00 20.79 -8.32
CA TRP B 93 -11.29 21.14 -7.73
C TRP B 93 -11.54 22.64 -7.82
N THR B 94 -12.79 23.02 -8.10
CA THR B 94 -13.16 24.42 -8.21
C THR B 94 -14.51 24.69 -7.53
N ASN B 95 -14.70 25.93 -7.11
CA ASN B 95 -15.95 26.31 -6.44
C ASN B 95 -17.12 26.27 -7.42
N THR B 96 -18.19 25.60 -7.03
CA THR B 96 -19.37 25.48 -7.87
C THR B 96 -20.11 26.82 -7.96
N PRO B 97 -20.60 27.17 -9.15
CA PRO B 97 -21.33 28.43 -9.36
C PRO B 97 -22.40 28.67 -8.30
N ASP B 98 -22.87 29.90 -8.21
CA ASP B 98 -23.89 30.26 -7.24
C ASP B 98 -25.10 29.33 -7.35
N GLY B 99 -25.16 28.35 -6.46
CA GLY B 99 -26.27 27.41 -6.47
C GLY B 99 -26.40 26.68 -7.79
N ALA B 100 -25.27 26.19 -8.31
CA ALA B 100 -25.25 25.48 -9.57
C ALA B 100 -26.17 24.26 -9.52
N ALA B 101 -25.66 23.14 -9.01
CA ALA B 101 -26.44 21.91 -8.91
C ALA B 101 -25.63 20.79 -8.28
N LYS B 102 -26.32 19.75 -7.87
CA LYS B 102 -25.68 18.60 -7.25
C LYS B 102 -25.21 17.61 -8.31
N GLN B 103 -24.19 18.02 -9.04
CA GLN B 103 -23.62 17.19 -10.10
C GLN B 103 -22.47 17.91 -10.80
N PHE B 104 -21.30 17.27 -10.83
CA PHE B 104 -20.13 17.84 -11.47
C PHE B 104 -20.42 18.19 -12.93
N ARG B 105 -19.81 19.28 -13.40
CA ARG B 105 -20.00 19.71 -14.78
C ARG B 105 -18.67 20.11 -15.41
N ARG B 106 -18.61 20.06 -16.74
CA ARG B 106 -17.40 20.40 -17.47
C ARG B 106 -17.42 21.87 -17.91
N GLU B 107 -18.08 22.70 -17.12
CA GLU B 107 -18.18 24.12 -17.43
C GLU B 107 -17.51 24.97 -16.35
N TRP B 108 -17.60 24.51 -15.11
CA TRP B 108 -17.01 25.21 -13.98
C TRP B 108 -15.49 25.38 -14.17
N PHE B 109 -14.89 24.41 -14.88
CA PHE B 109 -13.46 24.44 -15.13
C PHE B 109 -13.13 25.28 -16.36
N GLN B 110 -13.92 25.09 -17.41
CA GLN B 110 -13.73 25.83 -18.66
C GLN B 110 -14.60 27.07 -18.70
N GLY B 111 -14.48 27.90 -17.66
CA GLY B 111 -15.26 29.12 -17.60
C GLY B 111 -14.75 30.09 -16.55
N ASP B 112 -15.62 30.98 -16.09
CA ASP B 112 -15.26 31.96 -15.09
C ASP B 112 -15.03 31.30 -13.73
N GLY B 113 -14.22 31.93 -12.89
CA GLY B 113 -13.95 31.38 -11.58
C GLY B 113 -12.48 31.06 -11.38
N MET B 114 -12.19 30.25 -10.38
CA MET B 114 -10.82 29.86 -10.08
C MET B 114 -10.73 28.37 -9.79
N VAL B 115 -10.08 27.63 -10.70
CA VAL B 115 -9.93 26.18 -10.55
C VAL B 115 -8.48 25.81 -10.29
N ARG B 116 -8.25 25.00 -9.26
CA ARG B 116 -6.90 24.56 -8.92
C ARG B 116 -6.67 23.12 -9.36
N ARG B 117 -5.40 22.79 -9.59
CA ARG B 117 -5.04 21.44 -10.02
C ARG B 117 -3.88 20.89 -9.20
N LYS B 118 -3.93 19.60 -8.89
CA LYS B 118 -2.89 18.95 -8.12
C LYS B 118 -2.36 17.71 -8.84
N ASN B 119 -1.20 17.25 -8.42
CA ASN B 119 -0.58 16.07 -9.03
C ASN B 119 0.08 15.20 -7.98
N LEU B 120 -0.32 13.92 -7.94
CA LEU B 120 0.23 12.98 -6.98
C LEU B 120 1.19 12.00 -7.68
N PRO B 121 2.48 12.01 -7.30
CA PRO B 121 3.48 11.10 -7.90
C PRO B 121 3.27 9.65 -7.48
N ILE B 122 3.40 8.74 -8.44
CA ILE B 122 3.24 7.32 -8.17
C ILE B 122 4.57 6.59 -8.14
N GLU B 123 4.76 5.73 -7.16
CA GLU B 123 6.00 4.96 -7.04
C GLU B 123 5.70 3.47 -6.99
N TYR B 124 6.71 2.66 -7.32
CA TYR B 124 6.55 1.21 -7.31
C TYR B 124 7.54 0.55 -6.36
N ASN B 125 7.08 0.26 -5.15
CA ASN B 125 7.92 -0.37 -4.14
C ASN B 125 8.03 -1.87 -4.39
N LEU B 126 8.92 -2.25 -5.29
CA LEU B 126 9.13 -3.64 -5.64
C LEU B 126 9.59 -4.44 -4.41
N ALA A 1 20.36 -38.78 3.77
CA ALA A 1 19.44 -39.62 2.95
C ALA A 1 18.22 -38.81 2.50
N GLN A 2 17.50 -38.26 3.47
CA GLN A 2 16.31 -37.46 3.17
C GLN A 2 16.19 -36.29 4.14
N SER A 3 16.84 -35.17 3.79
CA SER A 3 16.80 -33.98 4.62
C SER A 3 17.43 -32.80 3.90
N VAL A 4 17.10 -32.64 2.63
CA VAL A 4 17.63 -31.54 1.83
C VAL A 4 17.44 -30.20 2.52
N PRO A 5 18.40 -29.27 2.36
CA PRO A 5 18.32 -27.94 2.98
C PRO A 5 16.98 -27.26 2.73
N PRO A 6 16.70 -26.17 3.45
CA PRO A 6 15.44 -25.42 3.29
C PRO A 6 15.33 -24.76 1.92
N GLY A 7 14.11 -24.67 1.41
CA GLY A 7 13.89 -24.05 0.11
C GLY A 7 13.72 -22.56 0.21
N ASP A 8 14.67 -21.82 -0.33
CA ASP A 8 14.63 -20.36 -0.32
C ASP A 8 13.27 -19.85 -0.76
N ILE A 9 12.61 -19.08 0.11
CA ILE A 9 11.29 -18.53 -0.19
C ILE A 9 11.41 -17.13 -0.78
N ASN A 10 10.49 -16.80 -1.67
CA ASN A 10 10.47 -15.49 -2.32
C ASN A 10 9.59 -14.52 -1.55
N THR A 11 9.99 -13.25 -1.52
CA THR A 11 9.23 -12.23 -0.82
C THR A 11 9.10 -10.96 -1.66
N GLN A 12 8.05 -10.20 -1.41
CA GLN A 12 7.80 -8.95 -2.14
C GLN A 12 7.29 -7.87 -1.18
N PRO A 13 7.92 -6.66 -1.17
CA PRO A 13 9.06 -6.33 -2.03
C PRO A 13 10.33 -7.09 -1.64
N SER A 14 11.30 -7.09 -2.56
CA SER A 14 12.56 -7.79 -2.34
C SER A 14 13.09 -7.58 -0.92
N GLN A 15 13.21 -6.33 -0.52
CA GLN A 15 13.70 -6.00 0.82
C GLN A 15 13.70 -4.50 1.06
N LYS A 16 12.57 -3.86 0.78
CA LYS A 16 12.44 -2.42 0.97
C LYS A 16 10.99 -1.97 0.83
N ILE A 17 10.37 -1.63 1.96
CA ILE A 17 8.98 -1.18 1.96
C ILE A 17 8.88 0.23 2.55
N VAL A 18 7.89 0.99 2.08
CA VAL A 18 7.70 2.36 2.57
C VAL A 18 6.24 2.63 2.92
N PHE A 19 5.90 2.47 4.20
CA PHE A 19 4.54 2.71 4.65
C PHE A 19 4.09 4.12 4.26
N ASN A 20 3.37 4.22 3.15
CA ASN A 20 2.90 5.50 2.65
C ASN A 20 2.01 6.20 3.67
N ALA A 21 2.01 7.54 3.61
CA ALA A 21 1.19 8.35 4.51
C ALA A 21 -0.29 8.10 4.28
N PRO A 22 -1.18 8.62 5.16
CA PRO A 22 -0.81 9.41 6.34
C PRO A 22 -0.66 8.55 7.59
N TYR A 23 -0.01 9.13 8.60
CA TYR A 23 0.20 8.44 9.87
C TYR A 23 -0.78 8.94 10.92
N ASP A 24 -2.00 9.21 10.50
CA ASP A 24 -3.04 9.69 11.40
C ASP A 24 -4.16 8.66 11.56
N ASP A 25 -4.10 7.57 10.79
CA ASP A 25 -5.10 6.52 10.86
C ASP A 25 -4.48 5.14 10.65
N LYS A 26 -5.32 4.17 10.32
CA LYS A 26 -4.84 2.80 10.09
C LYS A 26 -4.57 2.56 8.61
N HIS A 27 -3.51 1.80 8.35
CA HIS A 27 -3.12 1.46 6.97
C HIS A 27 -2.24 0.23 6.95
N THR A 28 -2.88 -0.94 6.81
CA THR A 28 -2.15 -2.21 6.79
C THR A 28 -1.60 -2.51 5.40
N TYR A 29 -0.42 -3.12 5.37
CA TYR A 29 0.22 -3.49 4.11
C TYR A 29 0.47 -4.99 4.06
N HIS A 30 0.07 -5.62 2.97
CA HIS A 30 0.25 -7.06 2.83
C HIS A 30 1.48 -7.40 1.99
N ILE A 31 2.28 -8.35 2.49
CA ILE A 31 3.48 -8.79 1.79
C ILE A 31 3.22 -10.09 1.03
N LYS A 32 3.93 -10.27 -0.07
CA LYS A 32 3.76 -11.47 -0.89
C LYS A 32 4.86 -12.49 -0.61
N ILE A 33 4.46 -13.71 -0.28
CA ILE A 33 5.41 -14.78 0.01
C ILE A 33 5.14 -16.00 -0.88
N THR A 34 6.18 -16.78 -1.12
CA THR A 34 6.06 -17.98 -1.95
C THR A 34 7.12 -19.01 -1.59
N ASN A 35 6.83 -20.27 -1.89
CA ASN A 35 7.76 -21.36 -1.59
C ASN A 35 8.48 -21.81 -2.86
N ALA A 36 9.52 -21.10 -3.24
CA ALA A 36 10.29 -21.43 -4.42
C ALA A 36 10.80 -22.87 -4.37
N GLY A 37 10.90 -23.41 -3.16
CA GLY A 37 11.37 -24.77 -3.00
C GLY A 37 10.32 -25.80 -3.39
N GLY A 38 10.50 -27.03 -2.90
CA GLY A 38 9.55 -28.08 -3.22
C GLY A 38 9.27 -28.98 -2.02
N ARG A 39 9.03 -28.38 -0.87
CA ARG A 39 8.75 -29.14 0.34
C ARG A 39 8.02 -28.27 1.36
N ARG A 40 7.03 -28.85 2.03
CA ARG A 40 6.26 -28.14 3.04
C ARG A 40 7.17 -27.44 4.04
N ILE A 41 6.82 -26.21 4.40
CA ILE A 41 7.61 -25.42 5.34
C ILE A 41 6.73 -24.70 6.34
N GLY A 42 7.37 -24.06 7.31
CA GLY A 42 6.65 -23.32 8.34
C GLY A 42 7.24 -21.94 8.55
N TRP A 43 6.64 -20.93 7.92
CA TRP A 43 7.14 -19.56 8.04
C TRP A 43 6.45 -18.81 9.17
N ALA A 44 7.14 -17.79 9.68
CA ALA A 44 6.62 -16.95 10.76
C ALA A 44 7.08 -15.52 10.61
N ILE A 45 6.37 -14.59 11.22
CA ILE A 45 6.71 -13.18 11.14
C ILE A 45 6.87 -12.55 12.51
N LYS A 46 7.74 -11.55 12.61
CA LYS A 46 7.98 -10.85 13.86
C LYS A 46 8.60 -9.48 13.59
N THR A 47 8.05 -8.45 14.23
CA THR A 47 8.54 -7.09 14.04
C THR A 47 9.23 -6.59 15.30
N THR A 48 10.08 -5.58 15.13
CA THR A 48 10.83 -4.99 16.25
C THR A 48 9.88 -4.60 17.38
N ASN A 49 8.64 -4.25 17.01
CA ASN A 49 7.64 -3.86 17.99
C ASN A 49 6.37 -4.68 17.84
N MET A 50 6.02 -5.43 18.88
CA MET A 50 4.83 -6.26 18.85
C MET A 50 3.62 -5.50 19.40
N ARG A 51 3.72 -4.17 19.45
CA ARG A 51 2.63 -3.35 19.95
C ARG A 51 1.97 -2.56 18.81
N ARG A 52 2.80 -2.00 17.95
CA ARG A 52 2.30 -1.22 16.81
C ARG A 52 1.96 -2.13 15.64
N LEU A 53 2.95 -2.87 15.16
CA LEU A 53 2.74 -3.78 14.04
C LEU A 53 2.18 -5.11 14.51
N SER A 54 1.26 -5.67 13.73
CA SER A 54 0.64 -6.94 14.06
C SER A 54 0.43 -7.79 12.82
N VAL A 55 1.24 -8.85 12.69
CA VAL A 55 1.15 -9.74 11.55
C VAL A 55 -0.07 -10.64 11.66
N ASP A 56 -0.58 -11.07 10.51
CA ASP A 56 -1.75 -11.95 10.48
C ASP A 56 -1.97 -12.51 9.07
N PRO A 57 -1.81 -13.84 8.88
CA PRO A 57 -1.43 -14.78 9.94
C PRO A 57 0.04 -14.66 10.34
N PRO A 58 0.35 -14.77 11.64
CA PRO A 58 1.73 -14.67 12.13
C PRO A 58 2.54 -15.93 11.85
N CYS A 59 1.90 -16.95 11.29
CA CYS A 59 2.58 -18.20 10.98
C CYS A 59 1.69 -19.11 10.13
N GLY A 60 2.31 -19.90 9.26
CA GLY A 60 1.56 -20.80 8.41
C GLY A 60 2.45 -21.79 7.68
N VAL A 61 1.84 -22.71 6.95
CA VAL A 61 2.57 -23.71 6.20
C VAL A 61 2.55 -23.41 4.70
N LEU A 62 3.73 -23.27 4.11
CA LEU A 62 3.84 -22.98 2.69
C LEU A 62 4.02 -24.27 1.88
N ASP A 63 3.14 -24.48 0.90
CA ASP A 63 3.20 -25.66 0.06
C ASP A 63 4.23 -25.49 -1.04
N PRO A 64 4.67 -26.61 -1.65
CA PRO A 64 5.67 -26.59 -2.72
C PRO A 64 5.28 -25.62 -3.85
N LYS A 65 5.89 -24.44 -3.84
CA LYS A 65 5.61 -23.43 -4.86
C LYS A 65 4.20 -22.87 -4.70
N GLU A 66 3.84 -22.56 -3.46
CA GLU A 66 2.53 -22.01 -3.16
C GLU A 66 2.64 -20.53 -2.81
N LYS A 67 1.57 -19.78 -3.04
CA LYS A 67 1.55 -18.36 -2.74
C LYS A 67 0.63 -18.05 -1.56
N VAL A 68 1.10 -17.17 -0.68
CA VAL A 68 0.31 -16.79 0.49
C VAL A 68 0.38 -15.29 0.72
N LEU A 69 -0.71 -14.72 1.21
CA LEU A 69 -0.77 -13.28 1.46
C LEU A 69 -0.76 -12.98 2.96
N MET A 70 0.28 -12.29 3.40
CA MET A 70 0.42 -11.93 4.81
C MET A 70 0.02 -10.47 5.04
N ALA A 71 -0.53 -10.18 6.20
CA ALA A 71 -0.96 -8.82 6.53
C ALA A 71 -0.13 -8.23 7.66
N VAL A 72 0.19 -6.94 7.53
CA VAL A 72 0.98 -6.25 8.54
C VAL A 72 0.25 -5.00 9.04
N SER A 73 -0.64 -5.20 10.02
CA SER A 73 -1.41 -4.10 10.58
C SER A 73 -0.49 -3.01 11.13
N CYS A 74 -0.75 -1.77 10.72
CA CYS A 74 0.05 -0.63 11.16
C CYS A 74 -0.84 0.43 11.81
N ASP A 75 -0.54 0.76 13.07
CA ASP A 75 -1.31 1.76 13.80
C ASP A 75 -0.69 3.14 13.64
N THR A 76 -1.54 4.14 13.46
CA THR A 76 -1.07 5.52 13.30
C THR A 76 -0.10 5.90 14.41
N PHE A 77 0.66 6.97 14.19
CA PHE A 77 1.63 7.44 15.17
C PHE A 77 2.16 8.82 14.79
N ASN A 78 3.30 9.19 15.38
CA ASN A 78 3.91 10.49 15.11
C ASN A 78 5.26 10.32 14.44
N ALA A 79 5.40 10.87 13.23
CA ALA A 79 6.65 10.77 12.49
C ALA A 79 7.38 12.12 12.48
N ALA A 80 7.04 12.99 13.42
CA ALA A 80 7.66 14.31 13.50
C ALA A 80 8.76 14.32 14.56
N THR A 81 8.58 13.50 15.59
CA THR A 81 9.56 13.42 16.68
C THR A 81 9.80 11.98 17.09
N GLU A 82 9.97 11.10 16.10
CA GLU A 82 10.21 9.70 16.35
C GLU A 82 11.17 9.11 15.31
N ASP A 83 12.07 8.25 15.77
CA ASP A 83 13.05 7.62 14.88
C ASP A 83 12.35 6.91 13.74
N LEU A 84 12.99 6.90 12.57
CA LEU A 84 12.44 6.25 11.40
C LEU A 84 13.47 5.33 10.74
N ASN A 85 14.34 4.75 11.55
CA ASN A 85 15.38 3.86 11.05
C ASN A 85 15.62 2.71 12.01
N ASN A 86 14.58 2.35 12.77
CA ASN A 86 14.69 1.25 13.73
C ASN A 86 13.58 0.23 13.54
N ASP A 87 12.78 0.39 12.48
CA ASP A 87 11.69 -0.54 12.20
C ASP A 87 12.09 -1.54 11.11
N ARG A 88 12.07 -2.82 11.46
CA ARG A 88 12.43 -3.87 10.51
C ARG A 88 11.69 -5.17 10.81
N ILE A 89 11.10 -5.75 9.77
CA ILE A 89 10.36 -7.00 9.91
C ILE A 89 11.31 -8.20 9.83
N THR A 90 10.86 -9.35 10.31
CA THR A 90 11.68 -10.55 10.27
C THR A 90 10.86 -11.78 9.87
N ILE A 91 11.45 -12.61 9.03
CA ILE A 91 10.79 -13.82 8.55
C ILE A 91 11.61 -15.05 8.92
N GLU A 92 10.93 -16.16 9.20
CA GLU A 92 11.61 -17.40 9.56
C GLU A 92 10.81 -18.61 9.11
N TRP A 93 11.35 -19.34 8.13
CA TRP A 93 10.68 -20.53 7.61
C TRP A 93 11.60 -21.75 7.71
N THR A 94 11.02 -22.88 8.11
CA THR A 94 11.79 -24.11 8.25
C THR A 94 10.99 -25.31 7.74
N ASN A 95 11.62 -26.11 6.88
CA ASN A 95 10.97 -27.30 6.33
C ASN A 95 10.42 -28.18 7.43
N THR A 96 9.12 -28.49 7.35
CA THR A 96 8.47 -29.33 8.35
C THR A 96 9.01 -30.76 8.28
N PRO A 97 9.11 -31.44 9.44
CA PRO A 97 9.61 -32.82 9.49
C PRO A 97 8.90 -33.72 8.50
N ASP A 98 9.50 -34.87 8.23
CA ASP A 98 8.93 -35.85 7.29
C ASP A 98 7.45 -36.08 7.58
N GLY A 99 6.60 -35.76 6.62
CA GLY A 99 5.17 -35.95 6.80
C GLY A 99 4.66 -35.33 8.09
N ALA A 100 5.07 -34.09 8.35
CA ALA A 100 4.65 -33.39 9.56
C ALA A 100 3.15 -33.12 9.54
N ALA A 101 2.55 -33.06 10.73
CA ALA A 101 1.13 -32.81 10.85
C ALA A 101 0.70 -31.58 10.05
N LYS A 102 -0.60 -31.47 9.83
CA LYS A 102 -1.15 -30.34 9.08
C LYS A 102 -1.51 -29.20 10.02
N GLN A 103 -0.49 -28.56 10.56
CA GLN A 103 -0.68 -27.44 11.48
C GLN A 103 0.66 -26.91 11.98
N PHE A 104 0.75 -25.59 12.13
CA PHE A 104 1.97 -24.96 12.59
C PHE A 104 2.34 -25.44 13.99
N ARG A 105 3.61 -25.77 14.18
CA ARG A 105 4.09 -26.26 15.48
C ARG A 105 5.16 -25.34 16.04
N ARG A 106 5.31 -25.35 17.36
CA ARG A 106 6.29 -24.52 18.03
C ARG A 106 7.61 -25.27 18.25
N GLU A 107 7.64 -26.56 17.94
CA GLU A 107 8.83 -27.37 18.12
C GLU A 107 9.75 -27.27 16.90
N TRP A 108 9.21 -26.81 15.78
CA TRP A 108 9.99 -26.68 14.55
C TRP A 108 11.17 -25.71 14.75
N PHE A 109 11.11 -24.92 15.81
CA PHE A 109 12.17 -23.96 16.10
C PHE A 109 12.71 -24.14 17.52
N GLN A 110 12.79 -25.39 17.96
CA GLN A 110 13.28 -25.69 19.30
C GLN A 110 13.93 -27.08 19.34
N GLY A 111 14.74 -27.38 18.33
CA GLY A 111 15.40 -28.66 18.27
C GLY A 111 16.22 -28.84 17.00
N ASP A 112 15.85 -29.83 16.21
CA ASP A 112 16.56 -30.11 14.96
C ASP A 112 15.83 -29.49 13.77
N GLY A 113 16.57 -29.23 12.70
CA GLY A 113 15.99 -28.65 11.50
C GLY A 113 16.59 -27.31 11.17
N MET A 114 16.89 -27.10 9.89
CA MET A 114 17.47 -25.84 9.43
C MET A 114 16.41 -24.75 9.35
N VAL A 115 16.72 -23.59 9.92
CA VAL A 115 15.79 -22.47 9.92
C VAL A 115 16.43 -21.23 9.27
N ARG A 116 15.84 -20.79 8.16
CA ARG A 116 16.34 -19.61 7.46
C ARG A 116 15.50 -18.39 7.80
N ARG A 117 16.13 -17.22 7.82
CA ARG A 117 15.43 -15.99 8.14
C ARG A 117 15.96 -14.82 7.33
N LYS A 118 15.10 -13.82 7.12
CA LYS A 118 15.47 -12.62 6.37
C LYS A 118 14.73 -11.41 6.91
N ASN A 119 15.45 -10.33 7.16
CA ASN A 119 14.86 -9.11 7.68
C ASN A 119 14.73 -8.05 6.59
N LEU A 120 13.56 -7.42 6.53
CA LEU A 120 13.29 -6.38 5.54
C LEU A 120 13.26 -5.00 6.19
N PRO A 121 13.88 -3.99 5.54
CA PRO A 121 13.92 -2.62 6.07
C PRO A 121 12.61 -1.87 5.87
N ILE A 122 12.18 -1.13 6.88
CA ILE A 122 10.95 -0.36 6.81
C ILE A 122 11.23 1.11 6.53
N GLU A 123 10.33 1.75 5.80
CA GLU A 123 10.48 3.16 5.46
C GLU A 123 9.19 3.92 5.72
N TYR A 124 9.28 5.24 5.76
CA TYR A 124 8.12 6.08 6.00
C TYR A 124 7.97 7.14 4.92
N ASN A 125 6.77 7.27 4.39
CA ASN A 125 6.49 8.26 3.34
C ASN A 125 5.41 9.22 3.79
N LEU A 126 5.78 10.50 3.94
CA LEU A 126 4.84 11.53 4.36
C LEU A 126 4.24 12.24 3.15
N ALA B 1 -22.60 37.53 -3.51
CA ALA B 1 -23.68 37.25 -2.53
C ALA B 1 -23.58 35.83 -2.00
N GLN B 2 -23.60 34.85 -2.90
CA GLN B 2 -23.52 33.45 -2.51
C GLN B 2 -22.71 32.66 -3.53
N SER B 3 -21.39 32.64 -3.35
CA SER B 3 -20.51 31.92 -4.26
C SER B 3 -19.08 31.87 -3.71
N VAL B 4 -18.96 31.59 -2.42
CA VAL B 4 -17.66 31.51 -1.77
C VAL B 4 -16.71 30.59 -2.52
N PRO B 5 -15.41 30.92 -2.57
CA PRO B 5 -14.41 30.11 -3.26
C PRO B 5 -14.50 28.62 -2.89
N PRO B 6 -13.81 27.76 -3.64
CA PRO B 6 -13.82 26.31 -3.39
C PRO B 6 -13.14 25.95 -2.07
N GLY B 7 -13.64 24.91 -1.41
CA GLY B 7 -13.07 24.48 -0.15
C GLY B 7 -11.91 23.54 -0.33
N ASP B 8 -10.71 23.99 0.04
CA ASP B 8 -9.51 23.18 -0.08
C ASP B 8 -9.73 21.78 0.49
N ILE B 9 -9.54 20.77 -0.34
CA ILE B 9 -9.72 19.39 0.08
C ILE B 9 -8.41 18.78 0.56
N ASN B 10 -8.49 17.88 1.53
CA ASN B 10 -7.31 17.22 2.08
C ASN B 10 -7.05 15.90 1.35
N THR B 11 -5.78 15.56 1.18
CA THR B 11 -5.39 14.34 0.51
C THR B 11 -4.28 13.61 1.27
N GLN B 12 -4.22 12.29 1.09
CA GLN B 12 -3.21 11.47 1.75
C GLN B 12 -2.68 10.40 0.80
N PRO B 13 -1.34 10.29 0.62
CA PRO B 13 -0.36 11.14 1.30
C PRO B 13 -0.39 12.59 0.82
N SER B 14 0.22 13.47 1.60
CA SER B 14 0.27 14.90 1.28
C SER B 14 0.55 15.14 -0.20
N GLN B 15 1.62 14.54 -0.72
CA GLN B 15 1.97 14.70 -2.12
C GLN B 15 3.22 13.87 -2.46
N LYS B 16 3.20 12.60 -2.09
CA LYS B 16 4.33 11.72 -2.38
C LYS B 16 3.97 10.26 -2.08
N ILE B 17 3.79 9.48 -3.14
CA ILE B 17 3.45 8.07 -3.01
C ILE B 17 4.51 7.19 -3.67
N VAL B 18 4.69 5.98 -3.15
CA VAL B 18 5.68 5.07 -3.70
C VAL B 18 5.11 3.66 -3.89
N PHE B 19 4.64 3.38 -5.10
CA PHE B 19 4.08 2.06 -5.40
C PHE B 19 5.09 0.96 -5.06
N ASN B 20 4.93 0.38 -3.88
CA ASN B 20 5.83 -0.67 -3.41
C ASN B 20 5.83 -1.87 -4.36
N ALA B 21 6.96 -2.57 -4.40
CA ALA B 21 7.12 -3.74 -5.25
C ALA B 21 6.16 -4.86 -4.81
N PRO B 22 6.02 -5.94 -5.62
CA PRO B 22 6.72 -6.12 -6.87
C PRO B 22 5.94 -5.63 -8.08
N TYR B 23 6.62 -5.46 -9.20
CA TYR B 23 5.99 -4.99 -10.43
C TYR B 23 5.76 -6.16 -11.39
N ASP B 24 5.42 -7.31 -10.83
CA ASP B 24 5.17 -8.51 -11.63
C ASP B 24 3.70 -8.91 -11.57
N ASP B 25 2.91 -8.22 -10.75
CA ASP B 25 1.49 -8.53 -10.61
C ASP B 25 0.68 -7.26 -10.39
N LYS B 26 -0.54 -7.41 -9.88
CA LYS B 26 -1.42 -6.28 -9.62
C LYS B 26 -1.30 -5.81 -8.17
N HIS B 27 -1.36 -4.50 -7.99
CA HIS B 27 -1.26 -3.90 -6.65
C HIS B 27 -1.85 -2.50 -6.65
N THR B 28 -3.14 -2.40 -6.35
CA THR B 28 -3.83 -1.12 -6.33
C THR B 28 -3.63 -0.40 -5.00
N TYR B 29 -3.52 0.93 -5.07
CA TYR B 29 -3.33 1.74 -3.88
C TYR B 29 -4.46 2.76 -3.76
N HIS B 30 -5.08 2.83 -2.58
CA HIS B 30 -6.18 3.75 -2.36
C HIS B 30 -5.71 5.04 -1.66
N ILE B 31 -6.17 6.17 -2.18
CA ILE B 31 -5.82 7.47 -1.61
C ILE B 31 -6.95 7.99 -0.74
N LYS B 32 -6.60 8.76 0.28
CA LYS B 32 -7.60 9.32 1.20
C LYS B 32 -7.91 10.77 0.86
N ILE B 33 -9.20 11.06 0.68
CA ILE B 33 -9.65 12.41 0.35
C ILE B 33 -10.70 12.89 1.34
N THR B 34 -10.80 14.20 1.51
CA THR B 34 -11.75 14.78 2.43
C THR B 34 -12.12 16.20 2.02
N ASN B 35 -13.31 16.65 2.44
CA ASN B 35 -13.77 18.00 2.10
C ASN B 35 -13.63 18.93 3.30
N ALA B 36 -12.43 19.45 3.50
CA ALA B 36 -12.16 20.36 4.60
C ALA B 36 -13.11 21.54 4.59
N GLY B 37 -13.67 21.84 3.41
CA GLY B 37 -14.60 22.95 3.30
C GLY B 37 -15.96 22.64 3.88
N GLY B 38 -16.97 23.40 3.48
CA GLY B 38 -18.31 23.19 3.97
C GLY B 38 -19.37 23.35 2.91
N ARG B 39 -19.13 22.75 1.75
CA ARG B 39 -20.07 22.83 0.63
C ARG B 39 -19.85 21.69 -0.35
N ARG B 40 -20.95 21.11 -0.85
CA ARG B 40 -20.87 20.01 -1.79
C ARG B 40 -19.93 20.34 -2.94
N ILE B 41 -19.12 19.36 -3.34
CA ILE B 41 -18.16 19.56 -4.43
C ILE B 41 -18.14 18.36 -5.38
N GLY B 42 -17.38 18.50 -6.47
CA GLY B 42 -17.27 17.43 -7.43
C GLY B 42 -15.82 17.18 -7.82
N TRP B 43 -15.20 16.18 -7.20
CA TRP B 43 -13.80 15.86 -7.47
C TRP B 43 -13.66 14.80 -8.56
N ALA B 44 -12.51 14.80 -9.22
CA ALA B 44 -12.22 13.85 -10.29
C ALA B 44 -10.74 13.50 -10.30
N ILE B 45 -10.41 12.35 -10.88
CA ILE B 45 -9.02 11.90 -10.94
C ILE B 45 -8.59 11.61 -12.38
N LYS B 46 -7.31 11.80 -12.64
CA LYS B 46 -6.74 11.55 -13.96
C LYS B 46 -5.23 11.36 -13.88
N THR B 47 -4.73 10.31 -14.51
CA THR B 47 -3.31 10.01 -14.49
C THR B 47 -2.68 10.24 -15.86
N THR B 48 -1.36 10.45 -15.86
CA THR B 48 -0.63 10.68 -17.11
C THR B 48 -0.93 9.59 -18.13
N ASN B 49 -1.22 8.40 -17.65
CA ASN B 49 -1.54 7.27 -18.52
C ASN B 49 -2.87 6.64 -18.14
N MET B 50 -3.82 6.67 -19.07
CA MET B 50 -5.14 6.11 -18.84
C MET B 50 -5.21 4.65 -19.28
N ARG B 51 -4.04 4.03 -19.44
CA ARG B 51 -3.98 2.63 -19.86
C ARG B 51 -3.51 1.73 -18.72
N ARG B 52 -2.49 2.19 -17.99
CA ARG B 52 -1.95 1.44 -16.87
C ARG B 52 -2.74 1.71 -15.60
N LEU B 53 -2.79 2.97 -15.19
CA LEU B 53 -3.52 3.37 -13.99
C LEU B 53 -5.01 3.56 -14.30
N SER B 54 -5.85 3.13 -13.37
CA SER B 54 -7.30 3.26 -13.53
C SER B 54 -7.97 3.63 -12.21
N VAL B 55 -8.41 4.88 -12.11
CA VAL B 55 -9.07 5.34 -10.90
C VAL B 55 -10.49 4.79 -10.79
N ASP B 56 -10.97 4.66 -9.57
CA ASP B 56 -12.31 4.14 -9.33
C ASP B 56 -12.72 4.35 -7.86
N PRO B 57 -13.74 5.21 -7.60
CA PRO B 57 -14.47 5.96 -8.63
C PRO B 57 -13.65 7.11 -9.22
N PRO B 58 -13.74 7.34 -10.53
CA PRO B 58 -13.01 8.42 -11.20
C PRO B 58 -13.61 9.79 -10.94
N CYS B 59 -14.73 9.84 -10.23
CA CYS B 59 -15.41 11.09 -9.92
C CYS B 59 -16.53 10.89 -8.90
N GLY B 60 -16.74 11.88 -8.06
CA GLY B 60 -17.80 11.78 -7.06
C GLY B 60 -18.07 13.10 -6.37
N VAL B 61 -19.08 13.13 -5.51
CA VAL B 61 -19.44 14.34 -4.78
C VAL B 61 -19.02 14.25 -3.33
N LEU B 62 -18.20 15.21 -2.90
CA LEU B 62 -17.73 15.25 -1.52
C LEU B 62 -18.62 16.14 -0.66
N ASP B 63 -19.12 15.57 0.44
CA ASP B 63 -19.99 16.31 1.35
C ASP B 63 -19.18 17.17 2.30
N PRO B 64 -19.81 18.18 2.93
CA PRO B 64 -19.13 19.08 3.88
C PRO B 64 -18.38 18.32 4.96
N LYS B 65 -17.06 18.21 4.79
CA LYS B 65 -16.23 17.50 5.77
C LYS B 65 -16.51 16.01 5.74
N GLU B 66 -16.59 15.45 4.54
CA GLU B 66 -16.85 14.02 4.36
C GLU B 66 -15.58 13.31 3.89
N LYS B 67 -15.49 12.03 4.20
CA LYS B 67 -14.32 11.23 3.81
C LYS B 67 -14.70 10.21 2.73
N VAL B 68 -13.82 10.08 1.74
CA VAL B 68 -14.06 9.14 0.64
C VAL B 68 -12.78 8.38 0.30
N LEU B 69 -12.93 7.13 -0.08
CA LEU B 69 -11.79 6.29 -0.43
C LEU B 69 -11.72 6.05 -1.94
N MET B 70 -10.64 6.52 -2.55
CA MET B 70 -10.45 6.35 -3.98
C MET B 70 -9.46 5.23 -4.27
N ALA B 71 -9.64 4.52 -5.37
CA ALA B 71 -8.77 3.43 -5.73
C ALA B 71 -7.96 3.74 -7.00
N VAL B 72 -6.71 3.32 -7.01
CA VAL B 72 -5.83 3.55 -8.15
C VAL B 72 -5.23 2.24 -8.65
N SER B 73 -5.97 1.54 -9.49
CA SER B 73 -5.52 0.26 -10.04
C SER B 73 -4.19 0.42 -10.76
N CYS B 74 -3.23 -0.44 -10.42
CA CYS B 74 -1.91 -0.39 -11.04
C CYS B 74 -1.55 -1.75 -11.65
N ASP B 75 -1.28 -1.75 -12.94
CA ASP B 75 -0.93 -2.99 -13.65
C ASP B 75 0.57 -3.18 -13.67
N THR B 76 1.01 -4.43 -13.46
CA THR B 76 2.43 -4.75 -13.46
C THR B 76 3.12 -4.20 -14.70
N PHE B 77 4.44 -4.12 -14.66
CA PHE B 77 5.22 -3.62 -15.78
C PHE B 77 6.71 -3.88 -15.58
N ASN B 78 7.54 -3.16 -16.32
CA ASN B 78 8.99 -3.31 -16.22
C ASN B 78 9.63 -2.02 -15.72
N ALA B 79 10.32 -2.12 -14.58
CA ALA B 79 10.99 -0.97 -13.99
C ALA B 79 12.50 -1.06 -14.17
N ALA B 80 12.95 -1.88 -15.12
CA ALA B 80 14.37 -2.05 -15.37
C ALA B 80 14.82 -1.20 -16.56
N THR B 81 13.91 -0.98 -17.50
CA THR B 81 14.21 -0.20 -18.69
C THR B 81 13.07 0.74 -19.02
N GLU B 82 12.54 1.42 -18.00
CA GLU B 82 11.44 2.36 -18.18
C GLU B 82 11.58 3.54 -17.23
N ASP B 83 11.27 4.73 -17.74
CA ASP B 83 11.36 5.94 -16.94
C ASP B 83 10.54 5.82 -15.66
N LEU B 84 11.01 6.44 -14.59
CA LEU B 84 10.32 6.40 -13.30
C LEU B 84 10.18 7.80 -12.72
N ASN B 85 10.04 8.79 -13.59
CA ASN B 85 9.89 10.18 -13.15
C ASN B 85 8.91 10.93 -14.07
N ASN B 86 7.98 10.20 -14.65
CA ASN B 86 6.99 10.79 -15.54
C ASN B 86 5.56 10.42 -15.13
N ASP B 87 5.41 9.73 -14.00
CA ASP B 87 4.10 9.32 -13.52
C ASP B 87 3.60 10.27 -12.43
N ARG B 88 2.47 10.89 -12.67
CA ARG B 88 1.89 11.82 -11.71
C ARG B 88 0.37 11.88 -11.81
N ILE B 89 -0.30 11.75 -10.67
CA ILE B 89 -1.76 11.79 -10.63
C ILE B 89 -2.26 13.23 -10.58
N THR B 90 -3.53 13.43 -10.91
CA THR B 90 -4.11 14.76 -10.90
C THR B 90 -5.52 14.75 -10.31
N ILE B 91 -5.81 15.74 -9.48
CA ILE B 91 -7.11 15.86 -8.85
C ILE B 91 -7.78 17.18 -9.22
N GLU B 92 -9.10 17.18 -9.33
CA GLU B 92 -9.83 18.38 -9.69
C GLU B 92 -11.23 18.39 -9.05
N TRP B 93 -11.44 19.30 -8.10
CA TRP B 93 -12.72 19.39 -7.42
C TRP B 93 -13.29 20.81 -7.55
N THR B 94 -14.58 20.90 -7.78
CA THR B 94 -15.25 22.19 -7.93
C THR B 94 -16.61 22.19 -7.24
N ASN B 95 -16.85 23.20 -6.42
CA ASN B 95 -18.12 23.33 -5.70
C ASN B 95 -19.29 23.25 -6.66
N THR B 96 -20.21 22.32 -6.40
CA THR B 96 -21.39 22.16 -7.24
C THR B 96 -22.31 23.37 -7.13
N PRO B 97 -22.98 23.75 -8.24
CA PRO B 97 -23.89 24.89 -8.27
C PRO B 97 -24.90 24.84 -7.13
N ASP B 98 -25.53 25.97 -6.86
CA ASP B 98 -26.52 26.07 -5.79
C ASP B 98 -27.53 24.93 -5.88
N GLY B 99 -27.58 24.10 -4.84
CA GLY B 99 -28.50 22.99 -4.82
C GLY B 99 -28.40 22.14 -6.07
N ALA B 100 -27.18 21.82 -6.48
CA ALA B 100 -26.97 21.00 -7.67
C ALA B 100 -27.52 19.61 -7.49
N ALA B 101 -27.92 18.98 -8.59
CA ALA B 101 -28.47 17.63 -8.56
C ALA B 101 -27.56 16.69 -7.79
N LYS B 102 -28.11 15.53 -7.42
CA LYS B 102 -27.35 14.52 -6.69
C LYS B 102 -26.69 13.55 -7.66
N GLN B 103 -25.69 14.03 -8.37
CA GLN B 103 -24.96 13.21 -9.34
C GLN B 103 -23.88 14.03 -10.03
N PHE B 104 -22.74 13.39 -10.29
CA PHE B 104 -21.62 14.06 -10.94
C PHE B 104 -22.02 14.53 -12.34
N ARG B 105 -21.67 15.77 -12.67
CA ARG B 105 -21.99 16.34 -13.97
C ARG B 105 -20.72 16.72 -14.73
N ARG B 106 -20.83 16.77 -16.06
CA ARG B 106 -19.69 17.12 -16.90
C ARG B 106 -19.66 18.60 -17.23
N GLU B 107 -20.71 19.33 -16.83
CA GLU B 107 -20.79 20.76 -17.09
C GLU B 107 -20.07 21.57 -16.01
N TRP B 108 -19.82 20.94 -14.86
CA TRP B 108 -19.15 21.62 -13.76
C TRP B 108 -17.74 22.08 -14.17
N PHE B 109 -17.23 21.54 -15.27
CA PHE B 109 -15.92 21.91 -15.75
C PHE B 109 -15.96 22.36 -17.22
N GLN B 110 -17.03 23.06 -17.58
CA GLN B 110 -17.20 23.54 -18.93
C GLN B 110 -18.04 24.82 -18.97
N GLY B 111 -17.75 25.72 -18.03
CA GLY B 111 -18.47 26.98 -17.98
C GLY B 111 -18.04 27.86 -16.81
N ASP B 112 -18.97 28.12 -15.89
CA ASP B 112 -18.67 28.95 -14.74
C ASP B 112 -18.38 28.08 -13.51
N GLY B 113 -17.65 28.65 -12.56
CA GLY B 113 -17.31 27.93 -11.35
C GLY B 113 -15.81 27.75 -11.19
N MET B 114 -15.31 27.97 -9.98
CA MET B 114 -13.90 27.84 -9.69
C MET B 114 -13.52 26.36 -9.55
N VAL B 115 -12.45 25.97 -10.24
CA VAL B 115 -11.98 24.59 -10.20
C VAL B 115 -10.53 24.51 -9.73
N ARG B 116 -10.32 23.85 -8.59
CA ARG B 116 -8.98 23.70 -8.04
C ARG B 116 -8.42 22.32 -8.35
N ARG B 117 -7.12 22.23 -8.55
CA ARG B 117 -6.48 20.96 -8.86
C ARG B 117 -5.11 20.83 -8.21
N LYS B 118 -4.69 19.60 -7.97
CA LYS B 118 -3.39 19.33 -7.36
C LYS B 118 -2.82 18.02 -7.88
N ASN B 119 -1.56 18.04 -8.29
CA ASN B 119 -0.90 16.86 -8.82
C ASN B 119 0.05 16.25 -7.81
N LEU B 120 -0.01 14.93 -7.65
CA LEU B 120 0.84 14.23 -6.71
C LEU B 120 1.92 13.43 -7.45
N PRO B 121 3.17 13.45 -6.96
CA PRO B 121 4.28 12.72 -7.59
C PRO B 121 4.25 11.23 -7.27
N ILE B 122 4.53 10.42 -8.28
CA ILE B 122 4.54 8.97 -8.11
C ILE B 122 5.97 8.45 -7.98
N GLU B 123 6.14 7.39 -7.18
CA GLU B 123 7.45 6.79 -6.97
C GLU B 123 7.38 5.28 -7.12
N TYR B 124 8.54 4.65 -7.27
CA TYR B 124 8.62 3.21 -7.43
C TYR B 124 9.57 2.59 -6.41
N ASN B 125 9.12 1.54 -5.73
CA ASN B 125 9.94 0.86 -4.74
C ASN B 125 10.14 -0.60 -5.12
N LEU B 126 11.39 -0.97 -5.40
CA LEU B 126 11.71 -2.34 -5.78
C LEU B 126 12.16 -3.15 -4.56
N ALA A 1 28.83 -31.68 7.11
CA ALA A 1 28.09 -31.32 5.88
C ALA A 1 27.07 -32.41 5.51
N GLN A 2 25.81 -32.15 5.82
CA GLN A 2 24.75 -33.11 5.53
C GLN A 2 23.51 -32.40 4.99
N SER A 3 23.04 -32.86 3.83
CA SER A 3 21.85 -32.27 3.21
C SER A 3 22.15 -30.86 2.70
N VAL A 4 21.14 -30.21 2.14
CA VAL A 4 21.30 -28.86 1.61
C VAL A 4 20.58 -27.84 2.49
N PRO A 5 21.04 -26.58 2.49
CA PRO A 5 20.44 -25.52 3.29
C PRO A 5 19.08 -25.08 2.76
N PRO A 6 18.25 -24.47 3.61
CA PRO A 6 16.90 -24.01 3.22
C PRO A 6 16.94 -23.04 2.04
N GLY A 7 16.28 -23.40 0.96
CA GLY A 7 16.25 -22.55 -0.21
C GLY A 7 15.75 -21.16 0.09
N ASP A 8 16.32 -20.15 -0.56
CA ASP A 8 15.92 -18.77 -0.35
C ASP A 8 14.45 -18.56 -0.73
N ILE A 9 13.63 -18.25 0.27
CA ILE A 9 12.21 -18.03 0.05
C ILE A 9 11.96 -16.69 -0.66
N ASN A 10 10.99 -16.67 -1.56
CA ASN A 10 10.67 -15.45 -2.28
C ASN A 10 9.67 -14.60 -1.51
N THR A 11 9.88 -13.29 -1.50
CA THR A 11 8.99 -12.38 -0.79
C THR A 11 8.61 -11.18 -1.67
N GLN A 12 7.41 -10.66 -1.44
CA GLN A 12 6.92 -9.52 -2.20
C GLN A 12 6.11 -8.58 -1.31
N PRO A 13 6.69 -7.40 -0.93
CA PRO A 13 8.03 -6.98 -1.33
C PRO A 13 9.10 -7.95 -0.85
N SER A 14 10.24 -7.96 -1.55
CA SER A 14 11.34 -8.85 -1.21
C SER A 14 12.02 -8.39 0.08
N GLN A 15 12.25 -7.09 0.19
CA GLN A 15 12.90 -6.53 1.38
C GLN A 15 12.73 -5.01 1.42
N LYS A 16 11.51 -4.55 1.14
CA LYS A 16 11.22 -3.11 1.16
C LYS A 16 9.72 -2.87 1.15
N ILE A 17 9.21 -2.40 2.29
CA ILE A 17 7.78 -2.10 2.43
C ILE A 17 7.57 -0.71 3.01
N VAL A 18 6.55 -0.01 2.54
CA VAL A 18 6.26 1.33 3.02
C VAL A 18 4.75 1.55 3.19
N PHE A 19 4.26 1.44 4.42
CA PHE A 19 2.85 1.63 4.70
C PHE A 19 2.38 2.98 4.14
N ASN A 20 1.38 2.93 3.26
CA ASN A 20 0.84 4.14 2.66
C ASN A 20 -0.25 4.76 3.53
N ALA A 21 -0.13 6.06 3.76
CA ALA A 21 -1.11 6.80 4.56
C ALA A 21 -2.52 6.61 4.00
N PRO A 22 -3.56 7.00 4.77
CA PRO A 22 -3.43 7.61 6.09
C PRO A 22 -3.28 6.58 7.20
N TYR A 23 -2.82 7.03 8.36
CA TYR A 23 -2.63 6.14 9.51
C TYR A 23 -3.73 6.36 10.54
N ASP A 24 -4.88 6.84 10.09
CA ASP A 24 -6.02 7.08 10.96
C ASP A 24 -7.02 5.92 10.92
N ASP A 25 -6.66 4.83 10.25
CA ASP A 25 -7.54 3.68 10.15
C ASP A 25 -6.75 2.38 10.26
N LYS A 26 -7.46 1.26 10.27
CA LYS A 26 -6.83 -0.05 10.37
C LYS A 26 -6.79 -0.74 9.02
N HIS A 27 -5.60 -0.92 8.47
CA HIS A 27 -5.43 -1.57 7.17
C HIS A 27 -4.39 -2.68 7.26
N THR A 28 -4.59 -3.73 6.46
CA THR A 28 -3.67 -4.86 6.44
C THR A 28 -2.94 -4.95 5.11
N TYR A 29 -1.62 -5.04 5.16
CA TYR A 29 -0.81 -5.14 3.94
C TYR A 29 -0.56 -6.60 3.58
N HIS A 30 -1.01 -6.98 2.39
CA HIS A 30 -0.85 -8.36 1.92
C HIS A 30 0.56 -8.61 1.41
N ILE A 31 1.16 -9.72 1.84
CA ILE A 31 2.51 -10.08 1.43
C ILE A 31 2.50 -11.44 0.73
N LYS A 32 3.41 -11.62 -0.21
CA LYS A 32 3.49 -12.88 -0.95
C LYS A 32 4.78 -13.63 -0.63
N ILE A 33 4.63 -14.88 -0.21
CA ILE A 33 5.78 -15.72 0.11
C ILE A 33 5.76 -16.99 -0.72
N THR A 34 6.94 -17.55 -0.98
CA THR A 34 7.05 -18.76 -1.77
C THR A 34 8.24 -19.62 -1.33
N ASN A 35 8.14 -20.92 -1.61
CA ASN A 35 9.21 -21.85 -1.24
C ASN A 35 10.11 -22.14 -2.43
N ALA A 36 10.96 -21.17 -2.74
CA ALA A 36 11.90 -21.30 -3.86
C ALA A 36 12.70 -22.59 -3.75
N GLY A 37 12.86 -23.09 -2.54
CA GLY A 37 13.62 -24.32 -2.33
C GLY A 37 12.93 -25.52 -2.94
N GLY A 38 13.12 -26.68 -2.33
CA GLY A 38 12.51 -27.91 -2.84
C GLY A 38 11.83 -28.73 -1.75
N ARG A 39 11.82 -28.22 -0.53
CA ARG A 39 11.19 -28.93 0.58
C ARG A 39 10.39 -27.97 1.46
N ARG A 40 9.67 -28.52 2.42
CA ARG A 40 8.85 -27.71 3.32
C ARG A 40 9.74 -26.92 4.28
N ILE A 41 9.22 -25.80 4.79
CA ILE A 41 9.99 -24.96 5.70
C ILE A 41 9.08 -24.25 6.70
N GLY A 42 9.48 -24.26 7.97
CA GLY A 42 8.71 -23.59 9.00
C GLY A 42 9.15 -22.16 9.16
N TRP A 43 8.26 -21.22 8.82
CA TRP A 43 8.57 -19.81 8.92
C TRP A 43 7.81 -19.13 10.05
N ALA A 44 8.32 -17.98 10.47
CA ALA A 44 7.72 -17.20 11.54
C ALA A 44 8.09 -15.73 11.38
N ILE A 45 7.17 -14.85 11.73
CA ILE A 45 7.41 -13.41 11.60
C ILE A 45 7.41 -12.72 12.97
N LYS A 46 8.34 -11.78 13.14
CA LYS A 46 8.45 -11.04 14.39
C LYS A 46 8.79 -9.58 14.11
N THR A 47 8.02 -8.68 14.71
CA THR A 47 8.23 -7.25 14.53
C THR A 47 8.83 -6.62 15.78
N THR A 48 9.64 -5.58 15.59
CA THR A 48 10.27 -4.88 16.70
C THR A 48 9.24 -4.42 17.71
N ASN A 49 8.02 -4.18 17.24
CA ASN A 49 6.94 -3.73 18.11
C ASN A 49 5.72 -4.64 17.98
N MET A 50 5.52 -5.49 18.99
CA MET A 50 4.40 -6.41 18.99
C MET A 50 3.23 -5.87 19.82
N ARG A 51 3.19 -4.54 19.94
CA ARG A 51 2.13 -3.88 20.70
C ARG A 51 1.13 -3.20 19.76
N ARG A 52 1.66 -2.50 18.77
CA ARG A 52 0.82 -1.79 17.81
C ARG A 52 0.75 -2.56 16.49
N LEU A 53 1.87 -3.12 16.07
CA LEU A 53 1.94 -3.89 14.83
C LEU A 53 1.83 -5.38 15.11
N SER A 54 1.28 -6.11 14.14
CA SER A 54 1.12 -7.56 14.28
C SER A 54 1.08 -8.23 12.91
N VAL A 55 1.00 -9.56 12.91
CA VAL A 55 0.95 -10.32 11.67
C VAL A 55 0.10 -11.58 11.83
N ASP A 56 -0.45 -12.05 10.72
CA ASP A 56 -1.29 -13.24 10.72
C ASP A 56 -1.42 -13.84 9.32
N PRO A 57 -1.16 -15.16 9.15
CA PRO A 57 -0.75 -16.06 10.24
C PRO A 57 0.66 -15.77 10.72
N PRO A 58 0.88 -15.69 12.05
CA PRO A 58 2.20 -15.42 12.62
C PRO A 58 3.25 -16.42 12.12
N CYS A 59 2.91 -17.70 12.18
CA CYS A 59 3.81 -18.76 11.74
C CYS A 59 3.07 -19.79 10.90
N GLY A 60 3.82 -20.63 10.20
CA GLY A 60 3.21 -21.66 9.37
C GLY A 60 4.24 -22.52 8.67
N VAL A 61 3.78 -23.32 7.71
CA VAL A 61 4.66 -24.20 6.95
C VAL A 61 4.31 -24.19 5.47
N LEU A 62 5.31 -23.90 4.64
CA LEU A 62 5.11 -23.86 3.19
C LEU A 62 5.67 -25.11 2.53
N ASP A 63 5.21 -25.39 1.32
CA ASP A 63 5.67 -26.55 0.56
C ASP A 63 6.52 -26.13 -0.63
N PRO A 64 7.13 -27.10 -1.33
CA PRO A 64 7.98 -26.81 -2.50
C PRO A 64 7.20 -26.13 -3.62
N LYS A 65 7.59 -24.90 -3.93
CA LYS A 65 6.94 -24.14 -5.00
C LYS A 65 5.53 -23.72 -4.60
N GLU A 66 5.31 -23.58 -3.30
CA GLU A 66 4.00 -23.18 -2.78
C GLU A 66 4.02 -21.71 -2.36
N LYS A 67 2.89 -21.04 -2.51
CA LYS A 67 2.78 -19.63 -2.14
C LYS A 67 1.68 -19.41 -1.11
N VAL A 68 1.98 -18.57 -0.11
CA VAL A 68 1.02 -18.27 0.95
C VAL A 68 0.82 -16.76 1.09
N LEU A 69 -0.34 -16.38 1.62
CA LEU A 69 -0.66 -14.97 1.81
C LEU A 69 -0.51 -14.57 3.28
N MET A 70 0.00 -13.36 3.50
CA MET A 70 0.19 -12.86 4.86
C MET A 70 -0.51 -11.52 5.04
N ALA A 71 -0.85 -11.19 6.27
CA ALA A 71 -1.53 -9.94 6.59
C ALA A 71 -0.80 -9.17 7.67
N VAL A 72 -0.39 -7.94 7.36
CA VAL A 72 0.32 -7.09 8.31
C VAL A 72 -0.64 -6.15 9.02
N SER A 73 -1.03 -6.51 10.24
CA SER A 73 -1.95 -5.69 11.02
C SER A 73 -1.31 -4.35 11.39
N CYS A 74 -1.91 -3.27 10.91
CA CYS A 74 -1.40 -1.93 11.18
C CYS A 74 -2.47 -1.06 11.84
N ASP A 75 -2.22 -0.66 13.08
CA ASP A 75 -3.17 0.17 13.83
C ASP A 75 -2.80 1.64 13.71
N THR A 76 -3.81 2.51 13.81
CA THR A 76 -3.59 3.95 13.73
C THR A 76 -2.54 4.41 14.74
N PHE A 77 -2.09 5.65 14.58
CA PHE A 77 -1.09 6.21 15.47
C PHE A 77 -0.78 7.66 15.09
N ASN A 78 0.32 8.19 15.61
CA ASN A 78 0.71 9.57 15.33
C ASN A 78 2.18 9.64 14.90
N ALA A 79 2.41 9.71 13.60
CA ALA A 79 3.76 9.78 13.05
C ALA A 79 4.38 11.15 13.31
N ALA A 80 3.52 12.15 13.53
CA ALA A 80 3.99 13.51 13.78
C ALA A 80 5.06 13.54 14.86
N THR A 81 4.87 12.71 15.89
CA THR A 81 5.83 12.64 16.99
C THR A 81 6.24 11.20 17.28
N GLU A 82 6.58 10.46 16.22
CA GLU A 82 6.99 9.07 16.37
C GLU A 82 8.10 8.73 15.37
N ASP A 83 8.94 7.77 15.74
CA ASP A 83 10.04 7.35 14.88
C ASP A 83 9.52 6.58 13.66
N LEU A 84 10.24 6.72 12.54
CA LEU A 84 9.85 6.03 11.31
C LEU A 84 11.01 5.20 10.76
N ASN A 85 11.94 4.82 11.64
CA ASN A 85 13.09 4.03 11.25
C ASN A 85 13.43 3.01 12.32
N ASN A 86 12.42 2.57 13.06
CA ASN A 86 12.61 1.60 14.12
C ASN A 86 11.70 0.38 13.94
N ASP A 87 11.00 0.32 12.81
CA ASP A 87 10.10 -0.80 12.54
C ASP A 87 10.68 -1.74 11.49
N ARG A 88 10.81 -3.01 11.85
CA ARG A 88 11.35 -4.01 10.93
C ARG A 88 10.63 -5.34 11.10
N ILE A 89 10.53 -6.09 10.00
CA ILE A 89 9.86 -7.39 10.02
C ILE A 89 10.83 -8.50 9.64
N THR A 90 11.21 -9.31 10.61
CA THR A 90 12.13 -10.42 10.38
C THR A 90 11.38 -11.71 10.07
N ILE A 91 11.65 -12.27 8.89
CA ILE A 91 11.02 -13.51 8.47
C ILE A 91 12.03 -14.65 8.41
N GLU A 92 12.02 -15.48 9.45
CA GLU A 92 12.94 -16.61 9.52
C GLU A 92 12.27 -17.90 9.07
N TRP A 93 13.07 -18.87 8.65
CA TRP A 93 12.55 -20.14 8.18
C TRP A 93 13.64 -21.21 8.15
N THR A 94 13.26 -22.43 8.51
CA THR A 94 14.20 -23.55 8.53
C THR A 94 13.51 -24.83 8.07
N ASN A 95 14.14 -25.54 7.15
CA ASN A 95 13.58 -26.79 6.63
C ASN A 95 13.13 -27.71 7.76
N THR A 96 12.06 -28.46 7.51
CA THR A 96 11.52 -29.38 8.51
C THR A 96 12.17 -30.76 8.39
N PRO A 97 12.45 -31.41 9.53
CA PRO A 97 13.06 -32.73 9.55
C PRO A 97 12.30 -33.72 8.67
N ASP A 98 12.96 -34.81 8.30
CA ASP A 98 12.35 -35.84 7.46
C ASP A 98 10.95 -36.20 7.95
N GLY A 99 9.96 -35.95 7.11
CA GLY A 99 8.58 -36.25 7.49
C GLY A 99 8.23 -35.70 8.86
N ALA A 100 8.54 -34.43 9.08
CA ALA A 100 8.26 -33.79 10.35
C ALA A 100 6.84 -33.21 10.39
N ALA A 101 5.87 -34.03 9.99
CA ALA A 101 4.47 -33.60 9.98
C ALA A 101 4.28 -32.34 9.15
N LYS A 102 3.03 -32.05 8.83
CA LYS A 102 2.69 -30.87 8.05
C LYS A 102 2.18 -29.76 8.96
N GLN A 103 3.11 -29.13 9.69
CA GLN A 103 2.76 -28.05 10.60
C GLN A 103 4.04 -27.38 11.12
N PHE A 104 3.91 -26.09 11.46
CA PHE A 104 5.04 -25.33 11.98
C PHE A 104 5.51 -25.90 13.32
N ARG A 105 6.79 -25.70 13.62
CA ARG A 105 7.36 -26.19 14.87
C ARG A 105 8.38 -25.20 15.43
N ARG A 106 8.51 -25.19 16.76
CA ARG A 106 9.44 -24.30 17.43
C ARG A 106 10.70 -25.04 17.86
N GLU A 107 11.00 -26.15 17.16
CA GLU A 107 12.16 -26.95 17.48
C GLU A 107 13.19 -26.89 16.37
N TRP A 108 12.71 -26.71 15.13
CA TRP A 108 13.59 -26.63 13.98
C TRP A 108 14.55 -25.44 14.09
N PHE A 109 14.11 -24.40 14.80
CA PHE A 109 14.92 -23.20 14.99
C PHE A 109 15.92 -23.40 16.12
N GLN A 110 15.47 -24.03 17.19
CA GLN A 110 16.32 -24.29 18.35
C GLN A 110 17.50 -25.16 17.98
N GLY A 111 17.31 -26.01 16.97
CA GLY A 111 18.37 -26.89 16.52
C GLY A 111 19.50 -26.13 15.84
N ASP A 112 20.73 -26.63 16.01
CA ASP A 112 21.89 -25.99 15.41
C ASP A 112 22.09 -26.47 13.97
N GLY A 113 21.94 -25.54 13.03
CA GLY A 113 22.10 -25.89 11.63
C GLY A 113 20.86 -25.62 10.81
N MET A 114 21.03 -25.01 9.64
CA MET A 114 19.92 -24.70 8.76
C MET A 114 18.85 -23.87 9.48
N VAL A 115 18.84 -22.58 9.20
CA VAL A 115 17.89 -21.64 9.80
C VAL A 115 18.28 -20.21 9.47
N ARG A 116 17.65 -19.63 8.46
CA ARG A 116 17.95 -18.26 8.05
C ARG A 116 16.97 -17.27 8.64
N ARG A 117 17.39 -16.00 8.67
CA ARG A 117 16.56 -14.93 9.22
C ARG A 117 16.69 -13.66 8.39
N LYS A 118 15.68 -13.38 7.58
CA LYS A 118 15.67 -12.20 6.73
C LYS A 118 15.02 -11.02 7.43
N ASN A 119 15.22 -9.83 6.87
CA ASN A 119 14.65 -8.61 7.42
C ASN A 119 13.88 -7.82 6.36
N LEU A 120 12.89 -7.06 6.79
CA LEU A 120 12.08 -6.26 5.87
C LEU A 120 11.88 -4.85 6.42
N PRO A 121 12.75 -3.90 6.03
CA PRO A 121 12.66 -2.51 6.48
C PRO A 121 11.29 -1.89 6.23
N ILE A 122 10.74 -1.23 7.24
CA ILE A 122 9.43 -0.59 7.12
C ILE A 122 9.58 0.90 6.84
N GLU A 123 8.65 1.45 6.07
CA GLU A 123 8.67 2.87 5.73
C GLU A 123 7.28 3.47 5.79
N TYR A 124 7.22 4.79 5.93
CA TYR A 124 5.95 5.50 6.00
C TYR A 124 5.82 6.51 4.87
N ASN A 125 4.64 6.57 4.26
CA ASN A 125 4.38 7.48 3.16
C ASN A 125 3.23 8.41 3.49
N LEU A 126 3.52 9.44 4.28
CA LEU A 126 2.51 10.42 4.68
C LEU A 126 1.80 11.00 3.47
N ALA B 1 -12.60 40.68 -8.49
CA ALA B 1 -12.54 39.94 -7.21
C ALA B 1 -13.93 39.70 -6.64
N GLN B 2 -14.42 38.47 -6.80
CA GLN B 2 -15.75 38.11 -6.31
C GLN B 2 -15.72 36.73 -5.67
N SER B 3 -16.22 36.64 -4.44
CA SER B 3 -16.26 35.37 -3.71
C SER B 3 -14.85 34.92 -3.34
N VAL B 4 -14.76 33.76 -2.71
CA VAL B 4 -13.47 33.21 -2.29
C VAL B 4 -13.10 32.00 -3.13
N PRO B 5 -11.79 31.73 -3.28
CA PRO B 5 -11.30 30.59 -4.08
C PRO B 5 -11.59 29.25 -3.40
N PRO B 6 -11.60 28.16 -4.18
CA PRO B 6 -11.87 26.82 -3.66
C PRO B 6 -10.88 26.41 -2.57
N GLY B 7 -11.41 26.12 -1.38
CA GLY B 7 -10.55 25.73 -0.27
C GLY B 7 -9.68 24.53 -0.62
N ASP B 8 -8.45 24.53 -0.10
CA ASP B 8 -7.52 23.43 -0.36
C ASP B 8 -8.07 22.12 0.19
N ILE B 9 -8.36 21.19 -0.72
CA ILE B 9 -8.88 19.89 -0.33
C ILE B 9 -7.79 19.02 0.30
N ASN B 10 -8.16 18.25 1.32
CA ASN B 10 -7.21 17.38 1.99
C ASN B 10 -7.12 16.03 1.29
N THR B 11 -5.91 15.51 1.17
CA THR B 11 -5.69 14.22 0.51
C THR B 11 -4.78 13.33 1.34
N GLN B 12 -4.98 12.02 1.23
CA GLN B 12 -4.18 11.06 1.97
C GLN B 12 -3.91 9.81 1.13
N PRO B 13 -2.68 9.64 0.61
CA PRO B 13 -1.57 10.59 0.81
C PRO B 13 -1.88 11.98 0.27
N SER B 14 -1.23 12.99 0.82
CA SER B 14 -1.43 14.37 0.39
C SER B 14 -0.85 14.60 -1.00
N GLN B 15 0.36 14.10 -1.22
CA GLN B 15 1.03 14.26 -2.51
C GLN B 15 2.20 13.30 -2.64
N LYS B 16 1.99 12.05 -2.24
CA LYS B 16 3.05 11.04 -2.32
C LYS B 16 2.48 9.63 -2.15
N ILE B 17 2.47 8.87 -3.24
CA ILE B 17 1.95 7.51 -3.22
C ILE B 17 2.95 6.55 -3.86
N VAL B 18 3.06 5.35 -3.31
CA VAL B 18 3.98 4.35 -3.85
C VAL B 18 3.36 2.95 -3.83
N PHE B 19 2.86 2.52 -4.98
CA PHE B 19 2.25 1.21 -5.10
C PHE B 19 3.20 0.13 -4.58
N ASN B 20 2.75 -0.62 -3.58
CA ASN B 20 3.57 -1.68 -2.98
C ASN B 20 3.42 -2.99 -3.75
N ALA B 21 4.56 -3.60 -4.08
CA ALA B 21 4.56 -4.87 -4.81
C ALA B 21 3.74 -5.92 -4.08
N PRO B 22 3.43 -7.07 -4.72
CA PRO B 22 3.85 -7.38 -6.09
C PRO B 22 2.91 -6.77 -7.13
N TYR B 23 3.39 -6.71 -8.37
CA TYR B 23 2.60 -6.17 -9.47
C TYR B 23 2.09 -7.28 -10.37
N ASP B 24 1.94 -8.47 -9.80
CA ASP B 24 1.44 -9.62 -10.55
C ASP B 24 -0.05 -9.85 -10.31
N ASP B 25 -0.69 -8.91 -9.61
CA ASP B 25 -2.12 -9.03 -9.32
C ASP B 25 -2.81 -7.67 -9.44
N LYS B 26 -4.13 -7.69 -9.29
CA LYS B 26 -4.92 -6.46 -9.39
C LYS B 26 -5.33 -5.98 -8.00
N HIS B 27 -4.78 -4.84 -7.60
CA HIS B 27 -5.09 -4.26 -6.29
C HIS B 27 -5.49 -2.79 -6.42
N THR B 28 -6.38 -2.34 -5.54
CA THR B 28 -6.84 -0.96 -5.56
C THR B 28 -6.38 -0.21 -4.32
N TYR B 29 -5.77 0.95 -4.54
CA TYR B 29 -5.28 1.77 -3.44
C TYR B 29 -6.33 2.78 -3.01
N HIS B 30 -6.76 2.69 -1.75
CA HIS B 30 -7.76 3.59 -1.21
C HIS B 30 -7.17 4.96 -0.86
N ILE B 31 -7.85 6.02 -1.29
CA ILE B 31 -7.41 7.37 -1.02
C ILE B 31 -8.47 8.14 -0.24
N LYS B 32 -8.04 9.07 0.60
CA LYS B 32 -8.96 9.86 1.40
C LYS B 32 -8.96 11.33 0.97
N ILE B 33 -10.15 11.84 0.66
CA ILE B 33 -10.30 13.23 0.24
C ILE B 33 -11.27 13.96 1.16
N THR B 34 -11.09 15.27 1.31
CA THR B 34 -11.97 16.06 2.17
C THR B 34 -12.13 17.48 1.64
N ASN B 35 -13.24 18.12 2.01
CA ASN B 35 -13.52 19.48 1.58
C ASN B 35 -13.13 20.48 2.66
N ALA B 36 -11.84 20.71 2.79
CA ALA B 36 -11.32 21.65 3.79
C ALA B 36 -12.01 23.00 3.68
N GLY B 37 -12.50 23.32 2.48
CA GLY B 37 -13.16 24.59 2.26
C GLY B 37 -14.46 24.70 3.04
N GLY B 38 -15.42 25.43 2.49
CA GLY B 38 -16.70 25.60 3.15
C GLY B 38 -17.89 25.40 2.22
N ARG B 39 -17.61 25.02 0.98
CA ARG B 39 -18.67 24.79 0.00
C ARG B 39 -18.39 23.55 -0.83
N ARG B 40 -19.36 23.16 -1.65
CA ARG B 40 -19.20 21.98 -2.50
C ARG B 40 -18.19 22.24 -3.61
N ILE B 41 -17.58 21.17 -4.12
CA ILE B 41 -16.59 21.30 -5.18
C ILE B 41 -16.58 20.09 -6.10
N GLY B 42 -16.55 20.35 -7.41
CA GLY B 42 -16.51 19.27 -8.38
C GLY B 42 -15.09 18.85 -8.69
N TRP B 43 -14.73 17.64 -8.30
CA TRP B 43 -13.38 17.13 -8.53
C TRP B 43 -13.35 16.07 -9.61
N ALA B 44 -12.16 15.85 -10.16
CA ALA B 44 -11.94 14.85 -11.20
C ALA B 44 -10.50 14.39 -11.19
N ILE B 45 -10.27 13.11 -11.48
CA ILE B 45 -8.92 12.56 -11.49
C ILE B 45 -8.51 12.11 -12.88
N LYS B 46 -7.25 12.38 -13.23
CA LYS B 46 -6.72 11.99 -14.53
C LYS B 46 -5.28 11.51 -14.40
N THR B 47 -4.99 10.34 -14.96
CA THR B 47 -3.65 9.77 -14.90
C THR B 47 -2.96 9.85 -16.26
N THR B 48 -1.64 10.00 -16.23
CA THR B 48 -0.86 10.08 -17.46
C THR B 48 -1.14 8.89 -18.37
N ASN B 49 -1.50 7.77 -17.76
CA ASN B 49 -1.80 6.56 -18.52
C ASN B 49 -3.19 6.03 -18.18
N MET B 50 -4.13 6.23 -19.09
CA MET B 50 -5.50 5.78 -18.89
C MET B 50 -5.74 4.45 -19.59
N ARG B 51 -4.67 3.69 -19.80
CA ARG B 51 -4.77 2.40 -20.47
C ARG B 51 -4.59 1.26 -19.46
N ARG B 52 -3.60 1.40 -18.59
CA ARG B 52 -3.33 0.38 -17.57
C ARG B 52 -3.85 0.83 -16.21
N LEU B 53 -3.68 2.11 -15.91
CA LEU B 53 -4.13 2.66 -14.63
C LEU B 53 -5.49 3.35 -14.80
N SER B 54 -6.28 3.33 -13.73
CA SER B 54 -7.60 3.96 -13.74
C SER B 54 -8.01 4.37 -12.33
N VAL B 55 -9.17 5.01 -12.24
CA VAL B 55 -9.69 5.47 -10.95
C VAL B 55 -11.22 5.40 -10.91
N ASP B 56 -11.77 5.27 -9.71
CA ASP B 56 -13.21 5.21 -9.54
C ASP B 56 -13.60 5.51 -8.08
N PRO B 57 -14.55 6.44 -7.86
CA PRO B 57 -15.24 7.18 -8.93
C PRO B 57 -14.32 8.19 -9.61
N PRO B 58 -14.31 8.24 -10.94
CA PRO B 58 -13.46 9.17 -11.70
C PRO B 58 -13.69 10.62 -11.28
N CYS B 59 -14.96 11.01 -11.19
CA CYS B 59 -15.32 12.37 -10.80
C CYS B 59 -16.48 12.35 -9.80
N GLY B 60 -16.72 13.49 -9.16
CA GLY B 60 -17.79 13.57 -8.18
C GLY B 60 -17.90 14.95 -7.56
N VAL B 61 -18.69 15.05 -6.50
CA VAL B 61 -18.88 16.32 -5.81
C VAL B 61 -18.88 16.12 -4.29
N LEU B 62 -18.01 16.87 -3.62
CA LEU B 62 -17.89 16.78 -2.16
C LEU B 62 -18.58 17.96 -1.49
N ASP B 63 -18.90 17.81 -0.22
CA ASP B 63 -19.55 18.86 0.55
C ASP B 63 -18.60 19.44 1.60
N PRO B 64 -19.01 20.53 2.27
CA PRO B 64 -18.19 21.17 3.30
C PRO B 64 -17.88 20.23 4.47
N LYS B 65 -16.60 19.93 4.66
CA LYS B 65 -16.17 19.05 5.73
C LYS B 65 -16.61 17.61 5.48
N GLU B 66 -16.75 17.26 4.21
CA GLU B 66 -17.16 15.91 3.83
C GLU B 66 -15.96 15.10 3.33
N LYS B 67 -15.98 13.80 3.56
CA LYS B 67 -14.88 12.94 3.13
C LYS B 67 -15.39 11.82 2.22
N VAL B 68 -14.66 11.56 1.14
CA VAL B 68 -15.03 10.52 0.20
C VAL B 68 -13.89 9.54 -0.02
N LEU B 69 -14.23 8.32 -0.42
CA LEU B 69 -13.23 7.29 -0.67
C LEU B 69 -13.00 7.08 -2.16
N MET B 70 -11.74 6.87 -2.53
CA MET B 70 -11.38 6.66 -3.93
C MET B 70 -10.65 5.34 -4.11
N ALA B 71 -10.70 4.79 -5.32
CA ALA B 71 -10.04 3.53 -5.63
C ALA B 71 -9.14 3.66 -6.86
N VAL B 72 -7.85 3.37 -6.67
CA VAL B 72 -6.90 3.46 -7.76
C VAL B 72 -6.68 2.09 -8.41
N SER B 73 -7.33 1.87 -9.54
CA SER B 73 -7.22 0.61 -10.26
C SER B 73 -5.80 0.40 -10.79
N CYS B 74 -5.14 -0.65 -10.31
CA CYS B 74 -3.78 -0.95 -10.74
C CYS B 74 -3.69 -2.36 -11.32
N ASP B 75 -3.37 -2.45 -12.60
CA ASP B 75 -3.26 -3.74 -13.27
C ASP B 75 -1.81 -4.21 -13.31
N THR B 76 -1.62 -5.53 -13.34
CA THR B 76 -0.28 -6.11 -13.37
C THR B 76 0.54 -5.54 -14.54
N PHE B 77 1.84 -5.80 -14.52
CA PHE B 77 2.73 -5.31 -15.57
C PHE B 77 4.16 -5.81 -15.33
N ASN B 78 5.11 -5.19 -16.03
CA ASN B 78 6.52 -5.57 -15.89
C ASN B 78 7.39 -4.34 -15.66
N ALA B 79 7.73 -4.09 -14.39
CA ALA B 79 8.56 -2.96 -14.04
C ALA B 79 10.01 -3.18 -14.46
N ALA B 80 10.39 -4.46 -14.63
CA ALA B 80 11.75 -4.80 -15.03
C ALA B 80 12.19 -3.98 -16.24
N THR B 81 11.27 -3.77 -17.18
CA THR B 81 11.57 -3.00 -18.38
C THR B 81 10.54 -1.91 -18.62
N GLU B 82 10.22 -1.16 -17.57
CA GLU B 82 9.25 -0.09 -17.67
C GLU B 82 9.66 1.10 -16.80
N ASP B 83 9.25 2.30 -17.20
CA ASP B 83 9.57 3.50 -16.46
C ASP B 83 8.81 3.56 -15.14
N LEU B 84 9.42 4.17 -14.14
CA LEU B 84 8.80 4.30 -12.83
C LEU B 84 8.77 5.76 -12.37
N ASN B 85 8.83 6.67 -13.33
CA ASN B 85 8.81 8.10 -13.02
C ASN B 85 7.98 8.87 -14.05
N ASN B 86 7.00 8.19 -14.64
CA ASN B 86 6.15 8.80 -15.65
C ASN B 86 4.66 8.68 -15.27
N ASP B 87 4.38 8.21 -14.06
CA ASP B 87 3.00 8.05 -13.61
C ASP B 87 2.65 9.13 -12.57
N ARG B 88 1.60 9.88 -12.85
CA ARG B 88 1.15 10.94 -11.95
C ARG B 88 -0.38 11.02 -11.93
N ILE B 89 -0.92 11.41 -10.79
CA ILE B 89 -2.37 11.54 -10.63
C ILE B 89 -2.75 12.97 -10.29
N THR B 90 -3.36 13.65 -11.26
CA THR B 90 -3.78 15.04 -11.07
C THR B 90 -5.22 15.12 -10.58
N ILE B 91 -5.40 15.73 -9.41
CA ILE B 91 -6.74 15.88 -8.82
C ILE B 91 -7.17 17.34 -8.82
N GLU B 92 -7.99 17.71 -9.79
CA GLU B 92 -8.48 19.09 -9.90
C GLU B 92 -9.86 19.23 -9.28
N TRP B 93 -10.21 20.45 -8.90
CA TRP B 93 -11.50 20.72 -8.29
C TRP B 93 -11.83 22.21 -8.32
N THR B 94 -13.10 22.52 -8.55
CA THR B 94 -13.55 23.90 -8.60
C THR B 94 -14.94 24.04 -7.99
N ASN B 95 -15.10 25.02 -7.11
CA ASN B 95 -16.38 25.25 -6.44
C ASN B 95 -17.53 25.27 -7.43
N THR B 96 -18.69 24.79 -7.00
CA THR B 96 -19.87 24.74 -7.86
C THR B 96 -20.68 26.04 -7.72
N PRO B 97 -21.23 26.54 -8.85
CA PRO B 97 -22.03 27.76 -8.85
C PRO B 97 -23.15 27.71 -7.82
N ASP B 98 -23.68 28.88 -7.46
CA ASP B 98 -24.75 28.97 -6.48
C ASP B 98 -25.85 27.95 -6.77
N GLY B 99 -26.06 27.02 -5.83
CA GLY B 99 -27.07 26.00 -6.01
C GLY B 99 -26.97 25.31 -7.35
N ALA B 100 -25.76 24.88 -7.71
CA ALA B 100 -25.52 24.21 -8.97
C ALA B 100 -25.79 22.71 -8.87
N ALA B 101 -26.92 22.35 -8.29
CA ALA B 101 -27.30 20.95 -8.14
C ALA B 101 -26.23 20.17 -7.39
N LYS B 102 -26.59 18.98 -6.93
CA LYS B 102 -25.69 18.12 -6.20
C LYS B 102 -25.11 17.04 -7.11
N GLN B 103 -24.20 17.44 -7.98
CA GLN B 103 -23.57 16.51 -8.91
C GLN B 103 -22.40 17.18 -9.63
N PHE B 104 -21.43 16.37 -10.05
CA PHE B 104 -20.26 16.88 -10.75
C PHE B 104 -20.66 17.49 -12.10
N ARG B 105 -19.86 18.44 -12.57
CA ARG B 105 -20.14 19.10 -13.84
C ARG B 105 -18.84 19.39 -14.60
N ARG B 106 -18.93 19.40 -15.92
CA ARG B 106 -17.77 19.67 -16.77
C ARG B 106 -17.80 21.09 -17.30
N GLU B 107 -18.48 21.97 -16.57
CA GLU B 107 -18.60 23.37 -16.99
C GLU B 107 -17.87 24.29 -16.01
N TRP B 108 -17.81 23.87 -14.74
CA TRP B 108 -17.14 24.65 -13.72
C TRP B 108 -15.66 24.81 -14.03
N PHE B 109 -15.10 23.85 -14.75
CA PHE B 109 -13.69 23.88 -15.11
C PHE B 109 -13.47 24.74 -16.34
N GLN B 110 -14.37 24.62 -17.31
CA GLN B 110 -14.29 25.39 -18.54
C GLN B 110 -14.35 26.89 -18.26
N GLY B 111 -15.05 27.25 -17.18
CA GLY B 111 -15.18 28.65 -16.82
C GLY B 111 -13.87 29.25 -16.34
N ASP B 112 -13.67 30.53 -16.62
CA ASP B 112 -12.45 31.22 -16.22
C ASP B 112 -12.57 31.73 -14.79
N GLY B 113 -11.76 31.18 -13.90
CA GLY B 113 -11.78 31.60 -12.51
C GLY B 113 -12.11 30.47 -11.56
N MET B 114 -11.36 30.37 -10.47
CA MET B 114 -11.56 29.32 -9.48
C MET B 114 -11.52 27.93 -10.11
N VAL B 115 -10.39 27.25 -9.92
CA VAL B 115 -10.18 25.92 -10.45
C VAL B 115 -8.72 25.51 -10.28
N ARG B 116 -8.44 24.74 -9.23
CA ARG B 116 -7.07 24.29 -8.95
C ARG B 116 -6.82 22.90 -9.50
N ARG B 117 -5.54 22.57 -9.66
CA ARG B 117 -5.13 21.27 -10.18
C ARG B 117 -3.89 20.76 -9.46
N LYS B 118 -4.09 19.81 -8.54
CA LYS B 118 -2.97 19.24 -7.78
C LYS B 118 -2.40 18.01 -8.46
N ASN B 119 -1.24 17.58 -8.01
CA ASN B 119 -0.57 16.41 -8.58
C ASN B 119 -0.18 15.43 -7.48
N LEU B 120 -0.11 14.14 -7.84
CA LEU B 120 0.26 13.11 -6.89
C LEU B 120 1.28 12.15 -7.49
N PRO B 121 2.58 12.40 -7.28
CA PRO B 121 3.66 11.56 -7.81
C PRO B 121 3.49 10.09 -7.43
N ILE B 122 3.64 9.20 -8.40
CA ILE B 122 3.51 7.77 -8.17
C ILE B 122 4.88 7.12 -8.02
N GLU B 123 4.94 6.09 -7.16
CA GLU B 123 6.20 5.38 -6.93
C GLU B 123 5.98 3.88 -6.85
N TYR B 124 7.05 3.12 -7.08
CA TYR B 124 6.96 1.67 -7.04
C TYR B 124 7.89 1.10 -5.97
N ASN B 125 7.40 0.12 -5.22
CA ASN B 125 8.18 -0.51 -4.16
C ASN B 125 8.32 -2.00 -4.40
N LEU B 126 9.24 -2.35 -5.30
CA LEU B 126 9.49 -3.76 -5.63
C LEU B 126 9.76 -4.57 -4.38
N ALA A 1 23.17 -35.80 12.19
CA ALA A 1 22.06 -35.09 11.50
C ALA A 1 22.53 -34.50 10.18
N GLN A 2 22.62 -35.36 9.16
CA GLN A 2 23.07 -34.93 7.84
C GLN A 2 21.99 -35.18 6.80
N SER A 3 21.67 -34.15 6.01
CA SER A 3 20.66 -34.26 4.97
C SER A 3 20.79 -33.12 3.97
N VAL A 4 20.31 -31.94 4.36
CA VAL A 4 20.38 -30.76 3.50
C VAL A 4 19.78 -29.54 4.19
N PRO A 5 20.42 -28.37 4.06
CA PRO A 5 19.95 -27.13 4.67
C PRO A 5 18.76 -26.53 3.93
N PRO A 6 18.00 -25.64 4.59
CA PRO A 6 16.84 -24.99 3.98
C PRO A 6 17.22 -24.02 2.88
N GLY A 7 16.54 -24.12 1.74
CA GLY A 7 16.83 -23.23 0.62
C GLY A 7 16.59 -21.78 0.95
N ASP A 8 16.08 -21.02 -0.01
CA ASP A 8 15.82 -19.61 0.18
C ASP A 8 14.41 -19.25 -0.28
N ILE A 9 13.72 -18.44 0.51
CA ILE A 9 12.36 -18.02 0.18
C ILE A 9 12.35 -16.70 -0.56
N ASN A 10 11.33 -16.47 -1.38
CA ASN A 10 11.20 -15.24 -2.13
C ASN A 10 10.14 -14.33 -1.52
N THR A 11 10.49 -13.06 -1.36
CA THR A 11 9.56 -12.09 -0.77
C THR A 11 9.38 -10.88 -1.68
N GLN A 12 8.25 -10.21 -1.53
CA GLN A 12 7.95 -9.04 -2.34
C GLN A 12 7.27 -7.96 -1.49
N PRO A 13 7.91 -6.80 -1.27
CA PRO A 13 9.25 -6.49 -1.82
C PRO A 13 10.34 -7.40 -1.25
N SER A 14 11.46 -7.45 -1.94
CA SER A 14 12.59 -8.28 -1.53
C SER A 14 13.02 -7.94 -0.10
N GLN A 15 13.21 -6.66 0.17
CA GLN A 15 13.63 -6.23 1.50
C GLN A 15 13.50 -4.71 1.65
N LYS A 16 12.36 -4.17 1.22
CA LYS A 16 12.12 -2.74 1.30
C LYS A 16 10.64 -2.43 1.14
N ILE A 17 9.99 -2.06 2.24
CA ILE A 17 8.57 -1.73 2.23
C ILE A 17 8.30 -0.40 2.93
N VAL A 18 7.65 0.51 2.23
CA VAL A 18 7.33 1.81 2.80
C VAL A 18 5.82 2.07 2.78
N PHE A 19 5.17 1.90 3.92
CA PHE A 19 3.74 2.12 4.03
C PHE A 19 3.35 3.44 3.37
N ASN A 20 2.06 3.61 3.08
CA ASN A 20 1.59 4.83 2.45
C ASN A 20 0.51 5.51 3.28
N ALA A 21 0.79 6.75 3.70
CA ALA A 21 -0.16 7.52 4.50
C ALA A 21 -1.55 7.50 3.86
N PRO A 22 -2.59 8.00 4.55
CA PRO A 22 -2.47 8.57 5.90
C PRO A 22 -2.34 7.51 6.99
N TYR A 23 -1.91 7.94 8.16
CA TYR A 23 -1.74 7.03 9.29
C TYR A 23 -2.74 7.34 10.39
N ASP A 24 -3.98 7.64 9.99
CA ASP A 24 -5.04 7.95 10.95
C ASP A 24 -6.05 6.82 11.04
N ASP A 25 -5.77 5.70 10.38
CA ASP A 25 -6.68 4.55 10.40
C ASP A 25 -5.90 3.25 10.35
N LYS A 26 -6.59 2.17 9.97
CA LYS A 26 -5.97 0.85 9.88
C LYS A 26 -5.61 0.51 8.44
N HIS A 27 -4.31 0.44 8.16
CA HIS A 27 -3.84 0.11 6.81
C HIS A 27 -3.15 -1.25 6.80
N THR A 28 -3.69 -2.16 6.02
CA THR A 28 -3.13 -3.52 5.93
C THR A 28 -2.35 -3.71 4.63
N TYR A 29 -1.03 -3.89 4.76
CA TYR A 29 -0.17 -4.09 3.61
C TYR A 29 0.26 -5.55 3.52
N HIS A 30 -0.22 -6.25 2.49
CA HIS A 30 0.10 -7.66 2.31
C HIS A 30 1.43 -7.85 1.60
N ILE A 31 2.15 -8.90 1.98
CA ILE A 31 3.44 -9.21 1.38
C ILE A 31 3.38 -10.55 0.65
N LYS A 32 4.11 -10.66 -0.44
CA LYS A 32 4.11 -11.90 -1.23
C LYS A 32 5.28 -12.81 -0.83
N ILE A 33 4.96 -14.08 -0.57
CA ILE A 33 5.96 -15.05 -0.18
C ILE A 33 5.86 -16.31 -1.05
N THR A 34 6.97 -16.99 -1.24
CA THR A 34 6.99 -18.21 -2.05
C THR A 34 8.09 -19.16 -1.61
N ASN A 35 7.90 -20.44 -1.91
CA ASN A 35 8.87 -21.46 -1.57
C ASN A 35 9.83 -21.73 -2.72
N ALA A 36 11.02 -21.15 -2.65
CA ALA A 36 12.02 -21.32 -3.70
C ALA A 36 12.92 -22.53 -3.43
N GLY A 37 12.47 -23.43 -2.56
CA GLY A 37 13.24 -24.60 -2.24
C GLY A 37 12.69 -25.86 -2.89
N GLY A 38 12.89 -27.00 -2.23
CA GLY A 38 12.39 -28.26 -2.76
C GLY A 38 11.36 -28.90 -1.87
N ARG A 39 11.44 -28.60 -0.58
CA ARG A 39 10.49 -29.16 0.39
C ARG A 39 9.82 -28.05 1.20
N ARG A 40 8.70 -28.38 1.85
CA ARG A 40 7.98 -27.40 2.65
C ARG A 40 8.91 -26.73 3.63
N ILE A 41 8.42 -25.66 4.26
CA ILE A 41 9.23 -24.92 5.23
C ILE A 41 8.37 -24.19 6.24
N GLY A 42 8.67 -24.36 7.52
CA GLY A 42 7.92 -23.70 8.57
C GLY A 42 8.41 -22.28 8.78
N TRP A 43 7.61 -21.31 8.33
CA TRP A 43 7.99 -19.91 8.45
C TRP A 43 7.21 -19.22 9.56
N ALA A 44 7.80 -18.13 10.07
CA ALA A 44 7.19 -17.34 11.13
C ALA A 44 7.59 -15.87 10.99
N ILE A 45 6.76 -14.99 11.51
CA ILE A 45 7.03 -13.55 11.42
C ILE A 45 6.95 -12.87 12.79
N LYS A 46 7.91 -11.98 13.04
CA LYS A 46 7.97 -11.25 14.30
C LYS A 46 8.41 -9.81 14.07
N THR A 47 7.66 -8.87 14.61
CA THR A 47 7.97 -7.45 14.46
C THR A 47 8.57 -6.88 15.74
N THR A 48 9.31 -5.78 15.60
CA THR A 48 9.95 -5.14 16.74
C THR A 48 8.95 -4.95 17.88
N ASN A 49 7.68 -4.84 17.53
CA ASN A 49 6.62 -4.66 18.51
C ASN A 49 5.36 -5.41 18.11
N MET A 50 4.96 -6.37 18.95
CA MET A 50 3.77 -7.16 18.67
C MET A 50 2.52 -6.52 19.27
N ARG A 51 2.61 -5.23 19.60
CA ARG A 51 1.48 -4.51 20.17
C ARG A 51 0.91 -3.50 19.18
N ARG A 52 1.81 -2.84 18.45
CA ARG A 52 1.39 -1.84 17.47
C ARG A 52 1.30 -2.45 16.08
N LEU A 53 2.08 -3.51 15.85
CA LEU A 53 2.08 -4.18 14.55
C LEU A 53 1.60 -5.63 14.70
N SER A 54 0.98 -6.15 13.65
CA SER A 54 0.46 -7.51 13.67
C SER A 54 0.72 -8.22 12.34
N VAL A 55 1.01 -9.51 12.42
CA VAL A 55 1.29 -10.31 11.24
C VAL A 55 0.50 -11.61 11.27
N ASP A 56 -0.34 -11.83 10.26
CA ASP A 56 -1.15 -13.04 10.19
C ASP A 56 -1.12 -13.63 8.78
N PRO A 57 -0.97 -14.97 8.65
CA PRO A 57 -0.83 -15.89 9.79
C PRO A 57 0.56 -15.79 10.44
N PRO A 58 0.62 -15.68 11.77
CA PRO A 58 1.89 -15.59 12.49
C PRO A 58 2.88 -16.65 12.06
N CYS A 59 2.38 -17.87 11.83
CA CYS A 59 3.21 -18.98 11.40
C CYS A 59 2.44 -19.89 10.47
N GLY A 60 3.15 -20.75 9.74
CA GLY A 60 2.49 -21.67 8.82
C GLY A 60 3.48 -22.44 7.97
N VAL A 61 3.06 -23.60 7.50
CA VAL A 61 3.90 -24.46 6.66
C VAL A 61 3.60 -24.22 5.19
N LEU A 62 4.62 -23.84 4.42
CA LEU A 62 4.46 -23.59 3.00
C LEU A 62 4.92 -24.79 2.18
N ASP A 63 4.28 -24.98 1.03
CA ASP A 63 4.61 -26.09 0.15
C ASP A 63 5.64 -25.67 -0.90
N PRO A 64 6.23 -26.65 -1.62
CA PRO A 64 7.24 -26.37 -2.64
C PRO A 64 6.69 -25.56 -3.81
N LYS A 65 7.28 -24.40 -4.05
CA LYS A 65 6.85 -23.53 -5.14
C LYS A 65 5.46 -22.95 -4.87
N GLU A 66 5.03 -22.98 -3.61
CA GLU A 66 3.72 -22.45 -3.24
C GLU A 66 3.82 -20.96 -2.89
N LYS A 67 2.72 -20.25 -3.08
CA LYS A 67 2.67 -18.82 -2.80
C LYS A 67 1.58 -18.50 -1.78
N VAL A 68 1.78 -17.42 -1.04
CA VAL A 68 0.81 -17.00 -0.03
C VAL A 68 0.79 -15.48 0.11
N LEU A 69 -0.35 -14.94 0.53
CA LEU A 69 -0.49 -13.50 0.69
C LEU A 69 -0.64 -13.13 2.16
N MET A 70 0.48 -12.83 2.81
CA MET A 70 0.49 -12.45 4.22
C MET A 70 -0.08 -11.05 4.39
N ALA A 71 -0.54 -10.75 5.60
CA ALA A 71 -1.10 -9.43 5.89
C ALA A 71 -0.38 -8.77 7.08
N VAL A 72 0.03 -7.53 6.88
CA VAL A 72 0.73 -6.78 7.93
C VAL A 72 -0.14 -5.65 8.46
N SER A 73 -0.88 -5.93 9.53
CA SER A 73 -1.75 -4.93 10.14
C SER A 73 -0.94 -3.80 10.76
N CYS A 74 -1.28 -2.57 10.39
CA CYS A 74 -0.59 -1.39 10.92
C CYS A 74 -1.59 -0.36 11.42
N ASP A 75 -1.76 -0.30 12.74
CA ASP A 75 -2.68 0.63 13.35
C ASP A 75 -2.13 2.05 13.32
N THR A 76 -3.03 3.03 13.14
CA THR A 76 -2.63 4.43 13.10
C THR A 76 -1.72 4.79 14.27
N PHE A 77 -1.02 5.91 14.14
CA PHE A 77 -0.11 6.37 15.19
C PHE A 77 0.36 7.81 14.92
N ASN A 78 1.43 8.21 15.59
CA ASN A 78 1.98 9.55 15.42
C ASN A 78 3.32 9.50 14.71
N ALA A 79 3.40 10.14 13.54
CA ALA A 79 4.63 10.18 12.77
C ALA A 79 5.26 11.56 12.77
N ALA A 80 4.86 12.40 13.73
CA ALA A 80 5.39 13.75 13.84
C ALA A 80 6.46 13.83 14.91
N THR A 81 6.43 12.90 15.85
CA THR A 81 7.41 12.89 16.94
C THR A 81 7.82 11.45 17.28
N GLU A 82 8.18 10.69 16.26
CA GLU A 82 8.60 9.30 16.45
C GLU A 82 9.47 8.83 15.29
N ASP A 83 10.41 7.94 15.58
CA ASP A 83 11.31 7.41 14.56
C ASP A 83 10.53 6.68 13.48
N LEU A 84 10.93 6.88 12.23
CA LEU A 84 10.25 6.24 11.10
C LEU A 84 11.18 5.27 10.38
N ASN A 85 12.17 4.74 11.11
CA ASN A 85 13.12 3.81 10.52
C ASN A 85 13.55 2.78 11.56
N ASN A 86 12.66 2.51 12.52
CA ASN A 86 12.96 1.53 13.56
C ASN A 86 12.16 0.25 13.36
N ASP A 87 10.99 0.37 12.74
CA ASP A 87 10.14 -0.78 12.49
C ASP A 87 10.83 -1.78 11.56
N ARG A 88 10.80 -3.06 11.93
CA ARG A 88 11.42 -4.11 11.13
C ARG A 88 10.66 -5.41 11.26
N ILE A 89 10.63 -6.18 10.17
CA ILE A 89 9.93 -7.47 10.17
C ILE A 89 10.88 -8.60 9.81
N THR A 90 11.09 -9.51 10.76
CA THR A 90 11.98 -10.64 10.55
C THR A 90 11.19 -11.88 10.12
N ILE A 91 11.58 -12.45 8.98
CA ILE A 91 10.93 -13.65 8.46
C ILE A 91 11.89 -14.82 8.42
N GLU A 92 11.64 -15.83 9.24
CA GLU A 92 12.49 -17.01 9.29
C GLU A 92 11.78 -18.23 8.73
N TRP A 93 12.55 -19.20 8.25
CA TRP A 93 11.99 -20.42 7.68
C TRP A 93 12.99 -21.57 7.80
N THR A 94 12.53 -22.70 8.33
CA THR A 94 13.39 -23.87 8.49
C THR A 94 12.71 -25.12 7.93
N ASN A 95 13.46 -25.91 7.19
CA ASN A 95 12.94 -27.14 6.60
C ASN A 95 12.33 -28.04 7.68
N THR A 96 11.20 -28.65 7.37
CA THR A 96 10.52 -29.53 8.32
C THR A 96 11.22 -30.90 8.36
N PRO A 97 11.37 -31.47 9.57
CA PRO A 97 12.01 -32.78 9.75
C PRO A 97 11.39 -33.84 8.85
N ASP A 98 12.09 -34.96 8.71
CA ASP A 98 11.62 -36.06 7.88
C ASP A 98 10.18 -36.42 8.23
N GLY A 99 9.25 -36.03 7.36
CA GLY A 99 7.85 -36.32 7.59
C GLY A 99 7.39 -35.89 8.97
N ALA A 100 7.72 -34.65 9.33
CA ALA A 100 7.34 -34.12 10.64
C ALA A 100 5.83 -34.18 10.84
N ALA A 101 5.11 -33.24 10.25
CA ALA A 101 3.66 -33.19 10.37
C ALA A 101 3.07 -32.02 9.61
N LYS A 102 1.76 -32.07 9.40
CA LYS A 102 1.07 -31.01 8.69
C LYS A 102 0.53 -29.97 9.67
N GLN A 103 1.44 -29.21 10.25
CA GLN A 103 1.09 -28.17 11.21
C GLN A 103 2.33 -27.60 11.89
N PHE A 104 2.33 -26.30 12.12
CA PHE A 104 3.47 -25.64 12.77
C PHE A 104 3.85 -26.34 14.06
N ARG A 105 5.14 -26.50 14.29
CA ARG A 105 5.65 -27.15 15.49
C ARG A 105 6.65 -26.26 16.21
N ARG A 106 6.72 -26.40 17.53
CA ARG A 106 7.63 -25.59 18.34
C ARG A 106 8.89 -26.38 18.69
N GLU A 107 9.22 -27.36 17.86
CA GLU A 107 10.41 -28.19 18.09
C GLU A 107 11.42 -28.03 16.96
N TRP A 108 10.97 -27.49 15.83
CA TRP A 108 11.85 -27.30 14.67
C TRP A 108 12.90 -26.22 14.95
N PHE A 109 12.64 -25.37 15.94
CA PHE A 109 13.56 -24.30 16.29
C PHE A 109 14.22 -24.55 17.64
N GLN A 110 14.43 -25.82 17.96
CA GLN A 110 15.06 -26.19 19.22
C GLN A 110 16.41 -26.88 18.99
N GLY A 111 16.59 -27.44 17.80
CA GLY A 111 17.82 -28.13 17.48
C GLY A 111 18.97 -27.17 17.24
N ASP A 112 20.14 -27.72 16.93
CA ASP A 112 21.32 -26.91 16.67
C ASP A 112 21.53 -26.73 15.16
N GLY A 113 21.65 -25.48 14.74
CA GLY A 113 21.84 -25.19 13.33
C GLY A 113 20.53 -25.11 12.58
N MET A 114 20.61 -25.04 11.25
CA MET A 114 19.42 -24.95 10.42
C MET A 114 18.58 -23.75 10.79
N VAL A 115 17.66 -23.39 9.89
CA VAL A 115 16.77 -22.24 10.10
C VAL A 115 17.46 -20.94 9.71
N ARG A 116 16.97 -20.32 8.64
CA ARG A 116 17.51 -19.05 8.17
C ARG A 116 16.65 -17.89 8.63
N ARG A 117 17.28 -16.72 8.79
CA ARG A 117 16.55 -15.53 9.23
C ARG A 117 16.63 -14.43 8.19
N LYS A 118 15.52 -13.72 8.00
CA LYS A 118 15.44 -12.63 7.04
C LYS A 118 14.95 -11.36 7.72
N ASN A 119 15.17 -10.22 7.07
CA ASN A 119 14.76 -8.94 7.61
C ASN A 119 14.01 -8.12 6.55
N LEU A 120 13.11 -7.25 7.03
CA LEU A 120 12.33 -6.41 6.14
C LEU A 120 12.21 -4.99 6.70
N PRO A 121 13.09 -4.07 6.26
CA PRO A 121 13.08 -2.68 6.74
C PRO A 121 11.78 -1.97 6.38
N ILE A 122 11.14 -1.38 7.39
CA ILE A 122 9.88 -0.66 7.18
C ILE A 122 10.13 0.84 7.00
N GLU A 123 9.20 1.50 6.31
CA GLU A 123 9.30 2.93 6.07
C GLU A 123 7.93 3.59 6.07
N TYR A 124 7.91 4.90 6.20
CA TYR A 124 6.66 5.65 6.21
C TYR A 124 6.66 6.75 5.16
N ASN A 125 5.71 6.68 4.23
CA ASN A 125 5.58 7.67 3.17
C ASN A 125 4.50 8.70 3.49
N LEU A 126 4.90 9.77 4.18
CA LEU A 126 3.96 10.82 4.55
C LEU A 126 3.43 11.54 3.31
N ALA B 1 -19.69 37.72 -12.59
CA ALA B 1 -19.58 36.46 -11.81
C ALA B 1 -18.67 36.65 -10.60
N GLN B 2 -19.21 37.25 -9.54
CA GLN B 2 -18.46 37.48 -8.32
C GLN B 2 -19.11 36.78 -7.13
N SER B 3 -18.30 36.04 -6.39
CA SER B 3 -18.79 35.31 -5.22
C SER B 3 -17.63 34.88 -4.33
N VAL B 4 -16.94 33.82 -4.73
CA VAL B 4 -15.80 33.32 -3.96
C VAL B 4 -15.17 32.11 -4.65
N PRO B 5 -13.83 32.05 -4.68
CA PRO B 5 -13.09 30.94 -5.31
C PRO B 5 -13.11 29.67 -4.46
N PRO B 6 -12.85 28.51 -5.08
CA PRO B 6 -12.83 27.23 -4.37
C PRO B 6 -11.67 27.11 -3.40
N GLY B 7 -11.97 26.67 -2.17
CA GLY B 7 -10.93 26.53 -1.16
C GLY B 7 -9.87 25.53 -1.56
N ASP B 8 -9.37 24.78 -0.59
CA ASP B 8 -8.35 23.78 -0.84
C ASP B 8 -8.72 22.44 -0.23
N ILE B 9 -8.50 21.36 -0.97
CA ILE B 9 -8.81 20.02 -0.51
C ILE B 9 -7.60 19.36 0.14
N ASN B 10 -7.85 18.44 1.07
CA ASN B 10 -6.79 17.73 1.75
C ASN B 10 -6.64 16.32 1.21
N THR B 11 -5.41 15.92 0.93
CA THR B 11 -5.14 14.57 0.40
C THR B 11 -4.10 13.85 1.24
N GLN B 12 -4.15 12.52 1.20
CA GLN B 12 -3.21 11.70 1.96
C GLN B 12 -2.76 10.49 1.13
N PRO B 13 -1.47 10.41 0.75
CA PRO B 13 -0.44 11.41 1.10
C PRO B 13 -0.72 12.76 0.46
N SER B 14 -0.09 13.80 1.01
CA SER B 14 -0.25 15.16 0.51
C SER B 14 0.07 15.24 -0.98
N GLN B 15 1.23 14.71 -1.37
CA GLN B 15 1.64 14.72 -2.76
C GLN B 15 2.84 13.80 -3.00
N LYS B 16 2.76 12.59 -2.45
CA LYS B 16 3.83 11.61 -2.61
C LYS B 16 3.34 10.21 -2.27
N ILE B 17 3.18 9.39 -3.31
CA ILE B 17 2.72 8.02 -3.13
C ILE B 17 3.60 7.03 -3.88
N VAL B 18 4.12 6.04 -3.17
CA VAL B 18 4.99 5.03 -3.78
C VAL B 18 4.42 3.64 -3.58
N PHE B 19 3.80 3.09 -4.62
CA PHE B 19 3.22 1.76 -4.56
C PHE B 19 4.22 0.77 -3.95
N ASN B 20 3.72 -0.39 -3.51
CA ASN B 20 4.59 -1.38 -2.90
C ASN B 20 4.49 -2.72 -3.64
N ALA B 21 5.63 -3.17 -4.17
CA ALA B 21 5.69 -4.44 -4.88
C ALA B 21 5.03 -5.55 -4.07
N PRO B 22 4.82 -6.75 -4.66
CA PRO B 22 5.20 -7.04 -6.05
C PRO B 22 4.24 -6.45 -7.06
N TYR B 23 4.68 -6.40 -8.32
CA TYR B 23 3.86 -5.86 -9.40
C TYR B 23 3.46 -6.95 -10.38
N ASP B 24 3.12 -8.11 -9.85
CA ASP B 24 2.72 -9.25 -10.67
C ASP B 24 1.21 -9.51 -10.55
N ASP B 25 0.50 -8.63 -9.87
CA ASP B 25 -0.95 -8.80 -9.69
C ASP B 25 -1.64 -7.43 -9.66
N LYS B 26 -2.86 -7.42 -9.13
CA LYS B 26 -3.63 -6.17 -9.03
C LYS B 26 -3.56 -5.60 -7.62
N HIS B 27 -2.91 -4.44 -7.50
CA HIS B 27 -2.77 -3.78 -6.21
C HIS B 27 -3.55 -2.47 -6.20
N THR B 28 -4.52 -2.37 -5.29
CA THR B 28 -5.34 -1.18 -5.18
C THR B 28 -4.94 -0.32 -3.98
N TYR B 29 -4.42 0.87 -4.27
CA TYR B 29 -4.01 1.79 -3.23
C TYR B 29 -5.01 2.94 -3.10
N HIS B 30 -5.72 2.97 -1.97
CA HIS B 30 -6.72 4.01 -1.74
C HIS B 30 -6.09 5.29 -1.19
N ILE B 31 -6.65 6.43 -1.60
CA ILE B 31 -6.17 7.73 -1.15
C ILE B 31 -7.24 8.43 -0.33
N LYS B 32 -6.83 9.19 0.68
CA LYS B 32 -7.76 9.91 1.53
C LYS B 32 -7.98 11.35 1.05
N ILE B 33 -9.25 11.73 0.91
CA ILE B 33 -9.60 13.07 0.47
C ILE B 33 -10.60 13.71 1.43
N THR B 34 -10.58 15.03 1.51
CA THR B 34 -11.49 15.75 2.40
C THR B 34 -11.78 17.16 1.89
N ASN B 35 -12.92 17.70 2.29
CA ASN B 35 -13.32 19.04 1.89
C ASN B 35 -12.90 20.06 2.94
N ALA B 36 -11.80 20.77 2.67
CA ALA B 36 -11.29 21.77 3.59
C ALA B 36 -11.88 23.15 3.30
N GLY B 37 -12.98 23.19 2.55
CA GLY B 37 -13.60 24.45 2.21
C GLY B 37 -14.87 24.69 3.01
N GLY B 38 -15.81 25.42 2.41
CA GLY B 38 -17.06 25.70 3.08
C GLY B 38 -18.26 25.11 2.37
N ARG B 39 -18.14 24.93 1.06
CA ARG B 39 -19.21 24.35 0.26
C ARG B 39 -18.73 23.14 -0.52
N ARG B 40 -19.67 22.33 -0.99
CA ARG B 40 -19.33 21.14 -1.76
C ARG B 40 -18.39 21.48 -2.91
N ILE B 41 -17.81 20.47 -3.54
CA ILE B 41 -16.90 20.68 -4.64
C ILE B 41 -16.85 19.48 -5.58
N GLY B 42 -17.00 19.75 -6.88
CA GLY B 42 -16.96 18.69 -7.86
C GLY B 42 -15.54 18.32 -8.22
N TRP B 43 -15.07 17.17 -7.75
CA TRP B 43 -13.71 16.73 -8.01
C TRP B 43 -13.67 15.63 -9.05
N ALA B 44 -12.50 15.51 -9.70
CA ALA B 44 -12.29 14.49 -10.73
C ALA B 44 -10.83 14.06 -10.73
N ILE B 45 -10.57 12.85 -11.21
CA ILE B 45 -9.21 12.32 -11.24
C ILE B 45 -8.84 11.82 -12.63
N LYS B 46 -7.62 12.12 -13.06
CA LYS B 46 -7.14 11.69 -14.36
C LYS B 46 -5.66 11.31 -14.29
N THR B 47 -5.32 10.13 -14.80
CA THR B 47 -3.95 9.65 -14.78
C THR B 47 -3.32 9.76 -16.16
N THR B 48 -1.98 9.82 -16.19
CA THR B 48 -1.25 9.92 -17.44
C THR B 48 -1.75 8.91 -18.46
N ASN B 49 -2.27 7.78 -17.95
CA ASN B 49 -2.79 6.73 -18.81
C ASN B 49 -4.03 6.10 -18.20
N MET B 50 -5.16 6.21 -18.90
CA MET B 50 -6.42 5.65 -18.43
C MET B 50 -6.60 4.21 -18.90
N ARG B 51 -5.51 3.57 -19.33
CA ARG B 51 -5.56 2.20 -19.80
C ARG B 51 -4.87 1.26 -18.81
N ARG B 52 -3.76 1.71 -18.25
CA ARG B 52 -3.01 0.91 -17.30
C ARG B 52 -3.41 1.25 -15.86
N LEU B 53 -3.86 2.49 -15.66
CA LEU B 53 -4.27 2.95 -14.35
C LEU B 53 -5.76 3.29 -14.33
N SER B 54 -6.39 3.12 -13.17
CA SER B 54 -7.81 3.41 -13.03
C SER B 54 -8.10 4.11 -11.71
N VAL B 55 -9.06 5.03 -11.74
CA VAL B 55 -9.45 5.76 -10.54
C VAL B 55 -10.96 5.80 -10.40
N ASP B 56 -11.46 5.28 -9.27
CA ASP B 56 -12.89 5.25 -9.02
C ASP B 56 -13.21 5.68 -7.59
N PRO B 57 -14.24 6.53 -7.39
CA PRO B 57 -15.08 7.06 -8.48
C PRO B 57 -14.35 8.13 -9.29
N PRO B 58 -14.39 8.03 -10.63
CA PRO B 58 -13.74 8.99 -11.51
C PRO B 58 -14.07 10.43 -11.14
N CYS B 59 -15.33 10.66 -10.77
CA CYS B 59 -15.78 11.99 -10.38
C CYS B 59 -16.85 11.89 -9.30
N GLY B 60 -17.10 13.00 -8.61
CA GLY B 60 -18.10 13.00 -7.55
C GLY B 60 -18.14 14.30 -6.78
N VAL B 61 -19.29 14.60 -6.18
CA VAL B 61 -19.46 15.82 -5.41
C VAL B 61 -19.24 15.56 -3.92
N LEU B 62 -18.29 16.28 -3.34
CA LEU B 62 -17.97 16.11 -1.91
C LEU B 62 -18.66 17.19 -1.09
N ASP B 63 -19.00 16.84 0.16
CA ASP B 63 -19.66 17.78 1.06
C ASP B 63 -18.63 18.51 1.92
N PRO B 64 -19.06 19.57 2.63
CA PRO B 64 -18.18 20.35 3.50
C PRO B 64 -17.64 19.53 4.67
N LYS B 65 -16.32 19.44 4.76
CA LYS B 65 -15.68 18.69 5.83
C LYS B 65 -15.95 17.19 5.71
N GLU B 66 -16.35 16.76 4.51
CA GLU B 66 -16.63 15.34 4.27
C GLU B 66 -15.37 14.61 3.83
N LYS B 67 -15.32 13.31 4.10
CA LYS B 67 -14.17 12.49 3.73
C LYS B 67 -14.58 11.33 2.84
N VAL B 68 -13.66 10.86 2.01
CA VAL B 68 -13.94 9.75 1.11
C VAL B 68 -12.68 8.91 0.87
N LEU B 69 -12.87 7.64 0.57
CA LEU B 69 -11.76 6.73 0.33
C LEU B 69 -11.70 6.31 -1.13
N MET B 70 -10.94 7.05 -1.93
CA MET B 70 -10.80 6.74 -3.36
C MET B 70 -9.93 5.51 -3.55
N ALA B 71 -10.06 4.88 -4.71
CA ALA B 71 -9.28 3.68 -5.02
C ALA B 71 -8.51 3.84 -6.31
N VAL B 72 -7.21 3.55 -6.27
CA VAL B 72 -6.34 3.67 -7.43
C VAL B 72 -5.91 2.29 -7.93
N SER B 73 -6.67 1.74 -8.88
CA SER B 73 -6.35 0.43 -9.43
C SER B 73 -5.05 0.47 -10.23
N CYS B 74 -4.14 -0.45 -9.90
CA CYS B 74 -2.86 -0.52 -10.58
C CYS B 74 -2.57 -1.96 -11.03
N ASP B 75 -2.77 -2.22 -12.31
CA ASP B 75 -2.53 -3.56 -12.86
C ASP B 75 -1.05 -3.84 -13.00
N THR B 76 -0.67 -5.09 -12.78
CA THR B 76 0.73 -5.51 -12.87
C THR B 76 1.36 -5.01 -14.17
N PHE B 77 2.69 -5.01 -14.21
CA PHE B 77 3.42 -4.56 -15.39
C PHE B 77 4.91 -4.91 -15.28
N ASN B 78 5.72 -4.27 -16.11
CA ASN B 78 7.16 -4.51 -16.10
C ASN B 78 7.91 -3.30 -15.56
N ALA B 79 8.64 -3.49 -14.47
CA ALA B 79 9.40 -2.40 -13.86
C ALA B 79 10.91 -2.62 -14.03
N ALA B 80 11.28 -3.47 -14.99
CA ALA B 80 12.68 -3.75 -15.25
C ALA B 80 13.19 -2.96 -16.46
N THR B 81 12.26 -2.56 -17.32
CA THR B 81 12.62 -1.81 -18.52
C THR B 81 11.59 -0.72 -18.81
N GLU B 82 11.26 0.07 -17.79
CA GLU B 82 10.29 1.14 -17.94
C GLU B 82 10.48 2.20 -16.88
N ASP B 83 10.19 3.45 -17.23
CA ASP B 83 10.33 4.57 -16.30
C ASP B 83 9.44 4.37 -15.08
N LEU B 84 9.97 4.69 -13.90
CA LEU B 84 9.21 4.55 -12.67
C LEU B 84 8.98 5.90 -12.00
N ASN B 85 8.95 6.95 -12.81
CA ASN B 85 8.73 8.30 -12.30
C ASN B 85 7.95 9.14 -13.31
N ASN B 86 7.14 8.47 -14.13
CA ASN B 86 6.35 9.15 -15.14
C ASN B 86 4.88 9.18 -14.74
N ASP B 87 4.44 8.17 -13.99
CA ASP B 87 3.06 8.09 -13.55
C ASP B 87 2.70 9.27 -12.65
N ARG B 88 1.55 9.89 -12.93
CA ARG B 88 1.09 11.03 -12.14
C ARG B 88 -0.43 11.08 -12.09
N ILE B 89 -0.97 11.53 -10.97
CA ILE B 89 -2.41 11.63 -10.77
C ILE B 89 -2.82 13.06 -10.47
N THR B 90 -3.59 13.66 -11.38
CA THR B 90 -4.06 15.03 -11.21
C THR B 90 -5.47 15.05 -10.61
N ILE B 91 -5.61 15.76 -9.48
CA ILE B 91 -6.89 15.88 -8.81
C ILE B 91 -7.37 17.32 -8.80
N GLU B 92 -8.46 17.58 -9.52
CA GLU B 92 -9.02 18.93 -9.61
C GLU B 92 -10.36 19.01 -8.86
N TRP B 93 -10.70 20.22 -8.44
CA TRP B 93 -11.96 20.44 -7.72
C TRP B 93 -12.43 21.89 -7.88
N THR B 94 -13.68 22.06 -8.28
CA THR B 94 -14.24 23.39 -8.47
C THR B 94 -15.59 23.53 -7.75
N ASN B 95 -15.77 24.64 -7.06
CA ASN B 95 -17.01 24.89 -6.33
C ASN B 95 -18.22 24.79 -7.25
N THR B 96 -19.28 24.17 -6.77
CA THR B 96 -20.50 24.00 -7.55
C THR B 96 -21.29 25.31 -7.61
N PRO B 97 -21.85 25.65 -8.78
CA PRO B 97 -22.64 26.88 -8.95
C PRO B 97 -23.75 26.99 -7.91
N ASP B 98 -24.31 28.19 -7.78
CA ASP B 98 -25.39 28.43 -6.83
C ASP B 98 -26.49 27.38 -6.96
N GLY B 99 -26.54 26.45 -6.01
CA GLY B 99 -27.53 25.41 -6.05
C GLY B 99 -27.58 24.69 -7.38
N ALA B 100 -26.41 24.28 -7.86
CA ALA B 100 -26.31 23.58 -9.14
C ALA B 100 -27.19 22.32 -9.15
N ALA B 101 -26.69 21.26 -8.53
CA ALA B 101 -27.43 20.00 -8.47
C ALA B 101 -26.64 18.94 -7.72
N LYS B 102 -27.34 17.88 -7.34
CA LYS B 102 -26.71 16.77 -6.61
C LYS B 102 -26.24 15.69 -7.58
N GLN B 103 -25.20 16.02 -8.34
CA GLN B 103 -24.63 15.10 -9.31
C GLN B 103 -23.59 15.80 -10.18
N PHE B 104 -22.51 15.09 -10.50
CA PHE B 104 -21.44 15.65 -11.32
C PHE B 104 -22.00 16.25 -12.60
N ARG B 105 -21.48 17.42 -12.98
CA ARG B 105 -21.93 18.10 -14.19
C ARG B 105 -20.73 18.41 -15.09
N ARG B 106 -20.97 18.44 -16.39
CA ARG B 106 -19.92 18.73 -17.37
C ARG B 106 -19.97 20.19 -17.82
N GLU B 107 -20.52 21.05 -16.98
CA GLU B 107 -20.64 22.47 -17.30
C GLU B 107 -19.84 23.32 -16.32
N TRP B 108 -19.47 22.74 -15.17
CA TRP B 108 -18.71 23.46 -14.16
C TRP B 108 -17.29 23.75 -14.64
N PHE B 109 -16.84 23.01 -15.65
CA PHE B 109 -15.49 23.19 -16.18
C PHE B 109 -15.52 23.79 -17.58
N GLN B 110 -16.52 24.62 -17.84
CA GLN B 110 -16.66 25.26 -19.15
C GLN B 110 -16.52 26.77 -19.04
N GLY B 111 -16.76 27.31 -17.85
CA GLY B 111 -16.65 28.74 -17.65
C GLY B 111 -15.21 29.22 -17.61
N ASP B 112 -15.03 30.52 -17.43
CA ASP B 112 -13.69 31.12 -17.38
C ASP B 112 -13.25 31.30 -15.92
N GLY B 113 -12.08 30.76 -15.61
CA GLY B 113 -11.56 30.88 -14.25
C GLY B 113 -12.08 29.78 -13.35
N MET B 114 -11.80 29.91 -12.05
CA MET B 114 -12.26 28.92 -11.07
C MET B 114 -11.72 27.54 -11.41
N VAL B 115 -11.78 26.64 -10.44
CA VAL B 115 -11.31 25.26 -10.61
C VAL B 115 -9.80 25.18 -10.40
N ARG B 116 -9.41 24.51 -9.32
CA ARG B 116 -7.99 24.34 -9.00
C ARG B 116 -7.51 22.96 -9.42
N ARG B 117 -6.22 22.85 -9.74
CA ARG B 117 -5.64 21.58 -10.16
C ARG B 117 -4.54 21.13 -9.22
N LYS B 118 -4.51 19.83 -8.94
CA LYS B 118 -3.51 19.26 -8.05
C LYS B 118 -2.78 18.10 -8.74
N ASN B 119 -1.62 17.75 -8.20
CA ASN B 119 -0.82 16.67 -8.77
C ASN B 119 -0.39 15.68 -7.69
N LEU B 120 -0.17 14.44 -8.10
CA LEU B 120 0.24 13.39 -7.17
C LEU B 120 1.30 12.50 -7.81
N PRO B 121 2.59 12.77 -7.55
CA PRO B 121 3.70 12.00 -8.11
C PRO B 121 3.67 10.55 -7.64
N ILE B 122 3.72 9.62 -8.59
CA ILE B 122 3.69 8.19 -8.27
C ILE B 122 5.10 7.61 -8.23
N GLU B 123 5.26 6.53 -7.48
CA GLU B 123 6.56 5.88 -7.34
C GLU B 123 6.39 4.37 -7.20
N TYR B 124 7.48 3.64 -7.42
CA TYR B 124 7.45 2.19 -7.32
C TYR B 124 8.52 1.68 -6.35
N ASN B 125 8.07 0.98 -5.33
CA ASN B 125 8.99 0.43 -4.31
C ASN B 125 9.25 -1.05 -4.56
N LEU B 126 10.26 -1.35 -5.37
CA LEU B 126 10.62 -2.72 -5.68
C LEU B 126 11.11 -3.46 -4.44
N ALA A 1 26.75 -31.98 12.62
CA ALA A 1 27.05 -32.86 11.45
C ALA A 1 25.77 -33.20 10.68
N GLN A 2 24.69 -33.42 11.42
CA GLN A 2 23.41 -33.76 10.80
C GLN A 2 22.59 -32.49 10.51
N SER A 3 21.51 -32.65 9.76
CA SER A 3 20.65 -31.54 9.41
C SER A 3 21.36 -30.55 8.49
N VAL A 4 20.61 -29.93 7.59
CA VAL A 4 21.17 -28.97 6.65
C VAL A 4 20.46 -27.62 6.75
N PRO A 5 21.18 -26.53 6.48
CA PRO A 5 20.62 -25.17 6.54
C PRO A 5 19.56 -24.94 5.47
N PRO A 6 18.53 -24.13 5.79
CA PRO A 6 17.44 -23.83 4.85
C PRO A 6 17.89 -22.92 3.72
N GLY A 7 17.27 -23.07 2.55
CA GLY A 7 17.62 -22.26 1.41
C GLY A 7 17.28 -20.80 1.62
N ASP A 8 17.29 -20.03 0.53
CA ASP A 8 16.98 -18.60 0.60
C ASP A 8 15.64 -18.30 -0.08
N ILE A 9 14.65 -17.91 0.73
CA ILE A 9 13.33 -17.60 0.20
C ILE A 9 13.30 -16.20 -0.42
N ASN A 10 12.48 -16.03 -1.44
CA ASN A 10 12.36 -14.74 -2.12
C ASN A 10 11.25 -13.91 -1.51
N THR A 11 11.40 -12.59 -1.55
CA THR A 11 10.40 -11.68 -1.00
C THR A 11 10.22 -10.46 -1.90
N GLN A 12 9.03 -9.88 -1.86
CA GLN A 12 8.71 -8.72 -2.66
C GLN A 12 7.71 -7.81 -1.94
N PRO A 13 8.14 -6.63 -1.43
CA PRO A 13 9.54 -6.17 -1.52
C PRO A 13 10.52 -7.10 -0.82
N SER A 14 11.78 -7.05 -1.22
CA SER A 14 12.80 -7.89 -0.62
C SER A 14 13.81 -7.05 0.18
N GLN A 15 13.87 -5.76 -0.12
CA GLN A 15 14.79 -4.86 0.57
C GLN A 15 14.10 -4.18 1.75
N LYS A 16 12.91 -3.66 1.51
CA LYS A 16 12.14 -2.98 2.54
C LYS A 16 10.81 -2.46 2.00
N ILE A 17 10.07 -1.76 2.84
CA ILE A 17 8.77 -1.21 2.45
C ILE A 17 8.52 0.14 3.09
N VAL A 18 7.66 0.94 2.47
CA VAL A 18 7.32 2.26 2.98
C VAL A 18 5.81 2.49 2.97
N PHE A 19 5.17 2.17 4.09
CA PHE A 19 3.72 2.34 4.21
C PHE A 19 3.31 3.76 3.79
N ASN A 20 2.58 3.84 2.68
CA ASN A 20 2.12 5.13 2.16
C ASN A 20 0.91 5.63 2.93
N ALA A 21 0.93 6.92 3.25
CA ALA A 21 -0.17 7.55 3.98
C ALA A 21 -1.51 7.24 3.30
N PRO A 22 -2.65 7.54 3.97
CA PRO A 22 -2.68 8.15 5.30
C PRO A 22 -2.51 7.12 6.42
N TYR A 23 -2.20 7.61 7.61
CA TYR A 23 -2.01 6.74 8.76
C TYR A 23 -3.18 6.84 9.73
N ASP A 24 -4.34 7.20 9.18
CA ASP A 24 -5.55 7.33 9.97
C ASP A 24 -6.56 6.22 9.64
N ASP A 25 -6.14 5.25 8.81
CA ASP A 25 -7.01 4.16 8.42
C ASP A 25 -6.23 2.84 8.36
N LYS A 26 -6.81 1.79 8.93
CA LYS A 26 -6.16 0.48 8.94
C LYS A 26 -5.84 0.03 7.52
N HIS A 27 -4.55 0.06 7.18
CA HIS A 27 -4.09 -0.34 5.85
C HIS A 27 -3.19 -1.56 5.94
N THR A 28 -3.56 -2.62 5.22
CA THR A 28 -2.77 -3.84 5.21
C THR A 28 -1.89 -3.93 3.97
N TYR A 29 -0.58 -3.86 4.19
CA TYR A 29 0.37 -3.94 3.09
C TYR A 29 0.77 -5.39 2.83
N HIS A 30 0.15 -5.98 1.81
CA HIS A 30 0.42 -7.37 1.45
C HIS A 30 1.84 -7.55 0.92
N ILE A 31 2.36 -8.76 1.09
CA ILE A 31 3.71 -9.08 0.63
C ILE A 31 3.74 -10.49 0.01
N LYS A 32 4.61 -10.68 -0.96
CA LYS A 32 4.73 -11.96 -1.64
C LYS A 32 5.98 -12.72 -1.19
N ILE A 33 5.84 -14.03 -1.03
CA ILE A 33 6.95 -14.88 -0.61
C ILE A 33 7.06 -16.10 -1.50
N THR A 34 8.27 -16.66 -1.60
CA THR A 34 8.50 -17.83 -2.43
C THR A 34 9.55 -18.74 -1.81
N ASN A 35 9.49 -20.02 -2.16
CA ASN A 35 10.44 -21.00 -1.65
C ASN A 35 11.48 -21.35 -2.73
N ALA A 36 12.67 -20.79 -2.59
CA ALA A 36 13.75 -21.04 -3.54
C ALA A 36 14.64 -22.18 -3.08
N GLY A 37 14.10 -23.03 -2.19
CA GLY A 37 14.86 -24.15 -1.69
C GLY A 37 14.59 -25.43 -2.46
N GLY A 38 14.15 -26.46 -1.74
CA GLY A 38 13.87 -27.74 -2.37
C GLY A 38 12.75 -28.49 -1.68
N ARG A 39 12.76 -28.48 -0.35
CA ARG A 39 11.74 -29.17 0.43
C ARG A 39 10.88 -28.16 1.20
N ARG A 40 9.76 -28.64 1.72
CA ARG A 40 8.84 -27.79 2.49
C ARG A 40 9.59 -27.03 3.58
N ILE A 41 9.02 -25.90 4.00
CA ILE A 41 9.62 -25.09 5.04
C ILE A 41 8.56 -24.47 5.95
N GLY A 42 9.01 -23.81 7.00
CA GLY A 42 8.09 -23.15 7.93
C GLY A 42 8.49 -21.72 8.21
N TRP A 43 7.82 -20.79 7.54
CA TRP A 43 8.11 -19.37 7.70
C TRP A 43 7.25 -18.74 8.78
N ALA A 44 7.71 -17.61 9.29
CA ALA A 44 6.99 -16.86 10.34
C ALA A 44 7.33 -15.38 10.27
N ILE A 45 6.30 -14.54 10.28
CA ILE A 45 6.50 -13.09 10.20
C ILE A 45 6.39 -12.44 11.58
N LYS A 46 7.24 -11.45 11.82
CA LYS A 46 7.24 -10.72 13.08
C LYS A 46 7.52 -9.24 12.85
N THR A 47 6.71 -8.38 13.46
CA THR A 47 6.87 -6.95 13.31
C THR A 47 7.42 -6.30 14.58
N THR A 48 8.04 -5.15 14.42
CA THR A 48 8.62 -4.42 15.55
C THR A 48 7.63 -4.32 16.71
N ASN A 49 6.34 -4.32 16.38
CA ASN A 49 5.29 -4.23 17.39
C ASN A 49 4.09 -5.08 17.00
N MET A 50 3.72 -6.01 17.87
CA MET A 50 2.58 -6.89 17.62
C MET A 50 1.26 -6.20 17.96
N ARG A 51 1.34 -5.03 18.60
CA ARG A 51 0.14 -4.30 18.99
C ARG A 51 -0.31 -3.38 17.86
N ARG A 52 0.65 -2.73 17.21
CA ARG A 52 0.35 -1.82 16.10
C ARG A 52 0.22 -2.60 14.79
N LEU A 53 1.29 -3.28 14.41
CA LEU A 53 1.29 -4.07 13.18
C LEU A 53 0.91 -5.53 13.46
N SER A 54 0.03 -6.07 12.63
CA SER A 54 -0.41 -7.45 12.81
C SER A 54 -0.26 -8.24 11.51
N VAL A 55 0.71 -9.16 11.49
CA VAL A 55 0.95 -9.98 10.31
C VAL A 55 -0.20 -10.95 10.06
N ASP A 56 -0.34 -11.39 8.82
CA ASP A 56 -1.40 -12.32 8.46
C ASP A 56 -1.19 -12.85 7.03
N PRO A 57 -0.92 -14.17 6.87
CA PRO A 57 -0.81 -15.12 7.98
C PRO A 57 0.46 -14.90 8.81
N PRO A 58 0.40 -15.22 10.11
CA PRO A 58 1.56 -15.06 11.01
C PRO A 58 2.62 -16.14 10.80
N CYS A 59 2.25 -17.21 10.10
CA CYS A 59 3.17 -18.31 9.83
C CYS A 59 2.47 -19.39 9.01
N GLY A 60 3.26 -20.14 8.24
CA GLY A 60 2.70 -21.19 7.41
C GLY A 60 3.76 -22.08 6.78
N VAL A 61 3.33 -23.21 6.23
CA VAL A 61 4.24 -24.14 5.59
C VAL A 61 4.25 -23.96 4.07
N LEU A 62 5.43 -23.66 3.54
CA LEU A 62 5.58 -23.44 2.10
C LEU A 62 6.07 -24.72 1.41
N ASP A 63 5.92 -24.76 0.09
CA ASP A 63 6.35 -25.92 -0.69
C ASP A 63 7.48 -25.54 -1.65
N PRO A 64 8.10 -26.54 -2.30
CA PRO A 64 9.20 -26.31 -3.24
C PRO A 64 8.80 -25.37 -4.38
N LYS A 65 9.37 -24.17 -4.38
CA LYS A 65 9.08 -23.19 -5.42
C LYS A 65 7.60 -22.78 -5.38
N GLU A 66 7.07 -22.62 -4.17
CA GLU A 66 5.68 -22.22 -4.00
C GLU A 66 5.58 -20.78 -3.54
N LYS A 67 4.45 -20.15 -3.84
CA LYS A 67 4.22 -18.76 -3.46
C LYS A 67 3.11 -18.65 -2.42
N VAL A 68 3.25 -17.68 -1.52
CA VAL A 68 2.26 -17.46 -0.47
C VAL A 68 2.00 -15.98 -0.27
N LEU A 69 0.75 -15.63 0.00
CA LEU A 69 0.37 -14.24 0.22
C LEU A 69 0.59 -13.82 1.67
N MET A 70 0.84 -12.53 1.87
CA MET A 70 1.07 -12.00 3.20
C MET A 70 0.28 -10.71 3.41
N ALA A 71 0.10 -10.34 4.68
CA ALA A 71 -0.66 -9.14 5.01
C ALA A 71 -0.10 -8.48 6.28
N VAL A 72 0.38 -7.25 6.13
CA VAL A 72 0.94 -6.51 7.25
C VAL A 72 0.00 -5.38 7.68
N SER A 73 -0.95 -5.70 8.54
CA SER A 73 -1.91 -4.72 9.03
C SER A 73 -1.22 -3.60 9.79
N CYS A 74 -1.75 -2.39 9.66
CA CYS A 74 -1.18 -1.23 10.35
C CYS A 74 -2.27 -0.38 10.97
N ASP A 75 -2.42 -0.49 12.29
CA ASP A 75 -3.44 0.28 13.00
C ASP A 75 -3.28 1.76 12.76
N THR A 76 -4.39 2.49 12.81
CA THR A 76 -4.38 3.93 12.60
C THR A 76 -3.65 4.64 13.74
N PHE A 77 -2.50 5.23 13.42
CA PHE A 77 -1.70 5.95 14.41
C PHE A 77 -1.45 7.38 13.97
N ASN A 78 -0.77 8.14 14.82
CA ASN A 78 -0.46 9.53 14.52
C ASN A 78 1.04 9.77 14.49
N ALA A 79 1.65 9.60 13.32
CA ALA A 79 3.08 9.80 13.16
C ALA A 79 3.51 11.18 13.64
N ALA A 80 2.58 12.13 13.58
CA ALA A 80 2.85 13.49 14.00
C ALA A 80 3.47 13.53 15.39
N THR A 81 2.86 12.81 16.32
CA THR A 81 3.35 12.75 17.69
C THR A 81 3.56 11.31 18.14
N GLU A 82 4.29 10.55 17.33
CA GLU A 82 4.56 9.15 17.63
C GLU A 82 6.02 8.80 17.34
N ASP A 83 6.50 7.71 17.90
CA ASP A 83 7.87 7.26 17.71
C ASP A 83 8.03 6.55 16.37
N LEU A 84 9.03 6.96 15.60
CA LEU A 84 9.29 6.36 14.30
C LEU A 84 10.73 5.88 14.19
N ASN A 85 11.15 5.07 15.17
CA ASN A 85 12.51 4.54 15.19
C ASN A 85 12.51 3.03 14.98
N ASN A 86 11.37 2.39 15.29
CA ASN A 86 11.26 0.94 15.12
C ASN A 86 11.33 0.55 13.65
N ASP A 87 10.17 0.49 12.98
CA ASP A 87 10.12 0.15 11.56
C ASP A 87 11.07 -1.00 11.24
N ARG A 88 10.61 -2.24 11.44
CA ARG A 88 11.43 -3.40 11.16
C ARG A 88 10.61 -4.69 11.17
N ILE A 89 10.86 -5.53 10.18
CA ILE A 89 10.17 -6.80 10.06
C ILE A 89 11.18 -7.94 10.08
N THR A 90 10.71 -9.16 10.32
CA THR A 90 11.60 -10.31 10.37
C THR A 90 10.91 -11.58 9.91
N ILE A 91 11.37 -12.13 8.79
CA ILE A 91 10.80 -13.35 8.24
C ILE A 91 11.77 -14.52 8.38
N GLU A 92 11.57 -15.34 9.40
CA GLU A 92 12.43 -16.49 9.65
C GLU A 92 11.76 -17.78 9.20
N TRP A 93 12.52 -18.66 8.55
CA TRP A 93 11.98 -19.93 8.09
C TRP A 93 12.98 -21.07 8.31
N THR A 94 12.43 -22.27 8.52
CA THR A 94 13.27 -23.45 8.75
C THR A 94 12.59 -24.70 8.17
N ASN A 95 13.37 -25.49 7.44
CA ASN A 95 12.85 -26.71 6.84
C ASN A 95 12.19 -27.60 7.88
N THR A 96 11.17 -28.33 7.46
CA THR A 96 10.44 -29.23 8.35
C THR A 96 10.94 -30.66 8.20
N PRO A 97 11.02 -31.42 9.32
CA PRO A 97 11.48 -32.81 9.29
C PRO A 97 10.72 -33.64 8.28
N ASP A 98 11.29 -34.77 7.90
CA ASP A 98 10.67 -35.66 6.92
C ASP A 98 9.20 -35.90 7.24
N GLY A 99 8.32 -35.46 6.35
CA GLY A 99 6.90 -35.63 6.57
C GLY A 99 6.46 -35.19 7.95
N ALA A 100 6.87 -33.98 8.34
CA ALA A 100 6.52 -33.45 9.66
C ALA A 100 5.16 -32.77 9.65
N ALA A 101 4.11 -33.56 9.37
CA ALA A 101 2.75 -33.03 9.34
C ALA A 101 2.63 -31.85 8.38
N LYS A 102 1.38 -31.52 8.06
CA LYS A 102 1.10 -30.41 7.15
C LYS A 102 0.59 -29.21 7.92
N GLN A 103 1.50 -28.55 8.63
CA GLN A 103 1.17 -27.37 9.42
C GLN A 103 2.39 -26.84 10.15
N PHE A 104 2.43 -25.53 10.33
CA PHE A 104 3.55 -24.88 11.02
C PHE A 104 3.62 -25.32 12.48
N ARG A 105 4.83 -25.33 13.03
CA ARG A 105 5.04 -25.73 14.42
C ARG A 105 6.10 -24.84 15.08
N ARG A 106 5.93 -24.59 16.37
CA ARG A 106 6.87 -23.75 17.11
C ARG A 106 8.09 -24.56 17.56
N GLU A 107 7.92 -25.88 17.66
CA GLU A 107 9.00 -26.76 18.08
C GLU A 107 10.11 -26.82 17.02
N TRP A 108 9.74 -26.49 15.78
CA TRP A 108 10.70 -26.52 14.67
C TRP A 108 11.82 -25.51 14.89
N PHE A 109 11.50 -24.42 15.59
CA PHE A 109 12.49 -23.38 15.86
C PHE A 109 13.28 -23.70 17.11
N GLN A 110 12.69 -24.48 18.01
CA GLN A 110 13.35 -24.88 19.25
C GLN A 110 13.71 -26.36 19.24
N GLY A 111 14.49 -26.76 18.24
CA GLY A 111 14.88 -28.16 18.14
C GLY A 111 16.08 -28.35 17.23
N ASP A 112 16.04 -29.39 16.41
CA ASP A 112 17.13 -29.68 15.48
C ASP A 112 16.90 -29.01 14.14
N GLY A 113 17.99 -28.59 13.49
CA GLY A 113 17.89 -27.94 12.20
C GLY A 113 18.15 -26.45 12.30
N MET A 114 19.01 -25.94 11.42
CA MET A 114 19.33 -24.52 11.40
C MET A 114 18.14 -23.69 10.97
N VAL A 115 18.09 -22.45 11.44
CA VAL A 115 17.00 -21.54 11.09
C VAL A 115 17.53 -20.21 10.57
N ARG A 116 17.03 -19.79 9.41
CA ARG A 116 17.45 -18.54 8.80
C ARG A 116 16.47 -17.43 9.14
N ARG A 117 16.96 -16.19 9.16
CA ARG A 117 16.12 -15.04 9.47
C ARG A 117 16.51 -13.81 8.68
N LYS A 118 15.54 -13.18 8.04
CA LYS A 118 15.77 -11.98 7.26
C LYS A 118 15.04 -10.80 7.88
N ASN A 119 15.43 -9.59 7.51
CA ASN A 119 14.80 -8.38 8.05
C ASN A 119 14.42 -7.40 6.94
N LEU A 120 13.35 -6.64 7.17
CA LEU A 120 12.89 -5.66 6.21
C LEU A 120 12.36 -4.41 6.92
N PRO A 121 13.19 -3.36 7.01
CA PRO A 121 12.81 -2.10 7.68
C PRO A 121 11.56 -1.46 7.08
N ILE A 122 10.81 -0.73 7.90
CA ILE A 122 9.60 -0.07 7.46
C ILE A 122 9.85 1.42 7.21
N GLU A 123 8.99 2.03 6.40
CA GLU A 123 9.12 3.45 6.09
C GLU A 123 7.75 4.13 6.04
N TYR A 124 7.73 5.43 6.32
CA TYR A 124 6.49 6.19 6.31
C TYR A 124 6.53 7.30 5.27
N ASN A 125 5.69 7.19 4.25
CA ASN A 125 5.63 8.19 3.19
C ASN A 125 4.41 9.08 3.37
N LEU A 126 4.54 10.09 4.22
CA LEU A 126 3.44 11.01 4.49
C LEU A 126 3.13 11.86 3.25
N ALA B 1 -14.49 38.80 -13.29
CA ALA B 1 -14.93 39.59 -12.11
C ALA B 1 -15.79 38.74 -11.17
N GLN B 2 -16.63 37.89 -11.76
CA GLN B 2 -17.52 37.03 -10.99
C GLN B 2 -16.86 35.69 -10.70
N SER B 3 -17.48 34.91 -9.82
CA SER B 3 -16.95 33.60 -9.47
C SER B 3 -15.64 33.73 -8.69
N VAL B 4 -15.40 32.80 -7.78
CA VAL B 4 -14.18 32.81 -6.97
C VAL B 4 -13.43 31.48 -7.09
N PRO B 5 -12.09 31.53 -6.98
CA PRO B 5 -11.25 30.32 -7.08
C PRO B 5 -11.50 29.36 -5.91
N PRO B 6 -11.39 28.04 -6.17
CA PRO B 6 -11.60 27.02 -5.15
C PRO B 6 -10.46 26.98 -4.13
N GLY B 7 -10.78 26.60 -2.90
CA GLY B 7 -9.78 26.51 -1.86
C GLY B 7 -8.75 25.44 -2.14
N ASP B 8 -7.97 25.08 -1.12
CA ASP B 8 -6.93 24.06 -1.25
C ASP B 8 -7.31 22.81 -0.45
N ILE B 9 -7.60 21.73 -1.17
CA ILE B 9 -7.97 20.47 -0.53
C ILE B 9 -6.74 19.74 -0.01
N ASN B 10 -6.90 19.02 1.09
CA ASN B 10 -5.80 18.26 1.69
C ASN B 10 -5.77 16.84 1.14
N THR B 11 -4.56 16.27 1.06
CA THR B 11 -4.39 14.90 0.56
C THR B 11 -3.35 14.15 1.39
N GLN B 12 -3.50 12.83 1.44
CA GLN B 12 -2.58 11.98 2.19
C GLN B 12 -2.44 10.61 1.52
N PRO B 13 -1.29 10.32 0.88
CA PRO B 13 -0.15 11.25 0.79
C PRO B 13 -0.51 12.53 0.04
N SER B 14 0.25 13.59 0.28
CA SER B 14 0.01 14.88 -0.36
C SER B 14 1.15 15.23 -1.32
N GLN B 15 2.30 14.60 -1.13
CA GLN B 15 3.47 14.85 -1.98
C GLN B 15 3.55 13.84 -3.12
N LYS B 16 3.36 12.57 -2.77
CA LYS B 16 3.42 11.50 -3.76
C LYS B 16 3.21 10.15 -3.12
N ILE B 17 3.31 9.08 -3.92
CA ILE B 17 3.13 7.72 -3.42
C ILE B 17 4.06 6.75 -4.13
N VAL B 18 4.36 5.63 -3.48
CA VAL B 18 5.23 4.61 -4.04
C VAL B 18 4.63 3.22 -3.89
N PHE B 19 3.89 2.78 -4.90
CA PHE B 19 3.25 1.46 -4.87
C PHE B 19 4.27 0.38 -4.50
N ASN B 20 4.09 -0.21 -3.33
CA ASN B 20 5.00 -1.26 -2.85
C ASN B 20 4.70 -2.59 -3.52
N ALA B 21 5.75 -3.29 -3.93
CA ALA B 21 5.61 -4.59 -4.57
C ALA B 21 4.71 -5.51 -3.74
N PRO B 22 4.29 -6.67 -4.29
CA PRO B 22 4.62 -7.10 -5.66
C PRO B 22 3.72 -6.47 -6.70
N TYR B 23 4.14 -6.53 -7.96
CA TYR B 23 3.37 -5.97 -9.06
C TYR B 23 2.73 -7.08 -9.89
N ASP B 24 2.48 -8.21 -9.24
CA ASP B 24 1.85 -9.34 -9.90
C ASP B 24 0.44 -9.57 -9.38
N ASP B 25 -0.06 -8.66 -8.53
CA ASP B 25 -1.40 -8.78 -7.98
C ASP B 25 -2.08 -7.41 -7.90
N LYS B 26 -3.34 -7.37 -8.33
CA LYS B 26 -4.10 -6.13 -8.32
C LYS B 26 -4.13 -5.53 -6.91
N HIS B 27 -3.39 -4.45 -6.72
CA HIS B 27 -3.32 -3.78 -5.43
C HIS B 27 -3.89 -2.36 -5.52
N THR B 28 -4.88 -2.06 -4.69
CA THR B 28 -5.50 -0.75 -4.69
C THR B 28 -4.96 0.11 -3.55
N TYR B 29 -4.23 1.17 -3.92
CA TYR B 29 -3.66 2.08 -2.93
C TYR B 29 -4.64 3.20 -2.60
N HIS B 30 -5.34 3.05 -1.48
CA HIS B 30 -6.33 4.04 -1.06
C HIS B 30 -5.66 5.37 -0.69
N ILE B 31 -6.42 6.45 -0.82
CA ILE B 31 -5.94 7.78 -0.49
C ILE B 31 -7.01 8.59 0.21
N LYS B 32 -6.60 9.49 1.10
CA LYS B 32 -7.54 10.31 1.85
C LYS B 32 -7.58 11.74 1.32
N ILE B 33 -8.77 12.32 1.27
CA ILE B 33 -8.95 13.68 0.79
C ILE B 33 -9.81 14.49 1.76
N THR B 34 -9.63 15.80 1.76
CA THR B 34 -10.39 16.68 2.64
C THR B 34 -10.68 18.01 1.98
N ASN B 35 -11.75 18.68 2.43
CA ASN B 35 -12.13 19.97 1.89
C ASN B 35 -11.76 21.09 2.86
N ALA B 36 -10.67 21.79 2.55
CA ALA B 36 -10.19 22.88 3.38
C ALA B 36 -10.75 24.22 2.91
N GLY B 37 -11.84 24.17 2.16
CA GLY B 37 -12.44 25.39 1.65
C GLY B 37 -13.57 25.89 2.53
N GLY B 38 -14.75 26.03 1.95
CA GLY B 38 -15.90 26.50 2.71
C GLY B 38 -17.21 25.92 2.19
N ARG B 39 -17.35 25.86 0.88
CA ARG B 39 -18.57 25.32 0.27
C ARG B 39 -18.27 24.02 -0.48
N ARG B 40 -19.33 23.30 -0.84
CA ARG B 40 -19.18 22.03 -1.54
C ARG B 40 -18.29 22.19 -2.77
N ILE B 41 -17.69 21.08 -3.21
CA ILE B 41 -16.81 21.10 -4.37
C ILE B 41 -16.95 19.81 -5.19
N GLY B 42 -16.28 19.78 -6.34
CA GLY B 42 -16.34 18.61 -7.19
C GLY B 42 -14.96 18.15 -7.62
N TRP B 43 -14.44 17.13 -6.94
CA TRP B 43 -13.12 16.61 -7.25
C TRP B 43 -13.17 15.47 -8.27
N ALA B 44 -12.03 15.23 -8.91
CA ALA B 44 -11.91 14.18 -9.91
C ALA B 44 -10.48 13.67 -9.99
N ILE B 45 -10.32 12.36 -9.95
CA ILE B 45 -8.99 11.75 -10.00
C ILE B 45 -8.66 11.22 -11.39
N LYS B 46 -7.41 11.40 -11.80
CA LYS B 46 -6.95 10.94 -13.11
C LYS B 46 -5.53 10.40 -13.02
N THR B 47 -5.31 9.22 -13.60
CA THR B 47 -4.00 8.59 -13.56
C THR B 47 -3.33 8.64 -14.94
N THR B 48 -2.00 8.55 -14.93
CA THR B 48 -1.23 8.59 -16.17
C THR B 48 -1.81 7.63 -17.21
N ASN B 49 -2.44 6.57 -16.74
CA ASN B 49 -3.04 5.58 -17.63
C ASN B 49 -4.34 5.03 -17.04
N MET B 50 -5.42 5.18 -17.79
CA MET B 50 -6.73 4.70 -17.35
C MET B 50 -6.89 3.20 -17.61
N ARG B 51 -5.95 2.61 -18.33
CA ARG B 51 -6.00 1.18 -18.63
C ARG B 51 -5.34 0.37 -17.52
N ARG B 52 -4.21 0.87 -17.03
CA ARG B 52 -3.48 0.20 -15.98
C ARG B 52 -4.04 0.57 -14.61
N LEU B 53 -4.00 1.86 -14.30
CA LEU B 53 -4.51 2.36 -13.02
C LEU B 53 -5.96 2.81 -13.15
N SER B 54 -6.79 2.40 -12.19
CA SER B 54 -8.21 2.76 -12.22
C SER B 54 -8.63 3.37 -10.89
N VAL B 55 -8.89 4.68 -10.90
CA VAL B 55 -9.31 5.40 -9.71
C VAL B 55 -10.70 4.96 -9.28
N ASP B 56 -11.00 5.15 -8.00
CA ASP B 56 -12.29 4.77 -7.45
C ASP B 56 -12.46 5.31 -6.02
N PRO B 57 -13.40 6.26 -5.80
CA PRO B 57 -14.28 6.80 -6.84
C PRO B 57 -13.53 7.70 -7.81
N PRO B 58 -13.99 7.76 -9.08
CA PRO B 58 -13.36 8.59 -10.10
C PRO B 58 -13.67 10.08 -9.94
N CYS B 59 -14.68 10.37 -9.13
CA CYS B 59 -15.09 11.76 -8.87
C CYS B 59 -16.27 11.79 -7.91
N GLY B 60 -16.39 12.90 -7.18
CA GLY B 60 -17.47 13.03 -6.22
C GLY B 60 -17.59 14.44 -5.65
N VAL B 61 -18.69 14.71 -4.97
CA VAL B 61 -18.92 16.02 -4.37
C VAL B 61 -18.57 16.02 -2.89
N LEU B 62 -17.64 16.88 -2.51
CA LEU B 62 -17.21 16.97 -1.11
C LEU B 62 -17.92 18.11 -0.40
N ASP B 63 -17.89 18.08 0.93
CA ASP B 63 -18.54 19.10 1.74
C ASP B 63 -17.51 19.90 2.53
N PRO B 64 -17.95 21.00 3.17
CA PRO B 64 -17.05 21.86 3.97
C PRO B 64 -16.35 21.08 5.08
N LYS B 65 -15.03 20.92 4.93
CA LYS B 65 -14.24 20.20 5.92
C LYS B 65 -14.67 18.74 6.02
N GLU B 66 -14.97 18.14 4.87
CA GLU B 66 -15.40 16.75 4.83
C GLU B 66 -14.28 15.85 4.28
N LYS B 67 -14.31 14.58 4.66
CA LYS B 67 -13.31 13.63 4.20
C LYS B 67 -13.93 12.58 3.28
N VAL B 68 -13.14 12.12 2.32
CA VAL B 68 -13.61 11.11 1.37
C VAL B 68 -12.53 10.09 1.09
N LEU B 69 -12.92 8.83 0.93
CA LEU B 69 -11.98 7.76 0.67
C LEU B 69 -11.69 7.64 -0.82
N MET B 70 -10.50 7.15 -1.15
CA MET B 70 -10.08 6.98 -2.54
C MET B 70 -9.46 5.61 -2.75
N ALA B 71 -9.39 5.19 -4.01
CA ALA B 71 -8.81 3.89 -4.35
C ALA B 71 -8.12 3.94 -5.70
N VAL B 72 -6.81 3.69 -5.70
CA VAL B 72 -6.03 3.70 -6.93
C VAL B 72 -5.63 2.28 -7.33
N SER B 73 -6.50 1.61 -8.06
CA SER B 73 -6.25 0.24 -8.50
C SER B 73 -5.02 0.18 -9.41
N CYS B 74 -4.27 -0.91 -9.32
CA CYS B 74 -3.08 -1.09 -10.14
C CYS B 74 -3.02 -2.51 -10.70
N ASP B 75 -3.35 -2.65 -11.98
CA ASP B 75 -3.33 -3.95 -12.63
C ASP B 75 -1.96 -4.60 -12.52
N THR B 76 -1.94 -5.93 -12.50
CA THR B 76 -0.69 -6.68 -12.39
C THR B 76 0.15 -6.51 -13.64
N PHE B 77 1.29 -5.83 -13.51
CA PHE B 77 2.19 -5.61 -14.63
C PHE B 77 3.58 -6.14 -14.33
N ASN B 78 4.48 -6.02 -15.29
CA ASN B 78 5.86 -6.49 -15.13
C ASN B 78 6.84 -5.34 -15.29
N ALA B 79 7.15 -4.68 -14.18
CA ALA B 79 8.09 -3.57 -14.20
C ALA B 79 9.43 -3.98 -14.82
N ALA B 80 9.74 -5.27 -14.72
CA ALA B 80 10.99 -5.80 -15.28
C ALA B 80 11.17 -5.36 -16.72
N THR B 81 10.13 -5.54 -17.53
CA THR B 81 10.18 -5.18 -18.94
C THR B 81 9.03 -4.25 -19.30
N GLU B 82 8.86 -3.19 -18.51
CA GLU B 82 7.79 -2.22 -18.76
C GLU B 82 8.31 -0.79 -18.60
N ASP B 83 7.56 0.16 -19.14
CA ASP B 83 7.95 1.58 -19.07
C ASP B 83 7.59 2.16 -17.70
N LEU B 84 8.55 2.82 -17.08
CA LEU B 84 8.35 3.43 -15.77
C LEU B 84 8.71 4.92 -15.80
N ASN B 85 8.14 5.64 -16.76
CA ASN B 85 8.40 7.07 -16.89
C ASN B 85 7.16 7.90 -16.57
N ASN B 86 5.99 7.28 -16.70
CA ASN B 86 4.73 7.95 -16.42
C ASN B 86 4.62 8.31 -14.94
N ASP B 87 4.04 7.40 -14.15
CA ASP B 87 3.89 7.63 -12.71
C ASP B 87 3.46 9.05 -12.40
N ARG B 88 2.16 9.32 -12.47
CA ARG B 88 1.65 10.66 -12.20
C ARG B 88 0.13 10.65 -12.03
N ILE B 89 -0.33 11.36 -11.00
CA ILE B 89 -1.75 11.47 -10.72
C ILE B 89 -2.18 12.93 -10.77
N THR B 90 -3.48 13.18 -10.87
CA THR B 90 -3.98 14.55 -10.94
C THR B 90 -5.36 14.65 -10.31
N ILE B 91 -5.44 15.41 -9.21
CA ILE B 91 -6.70 15.61 -8.51
C ILE B 91 -7.19 17.05 -8.68
N GLU B 92 -8.10 17.26 -9.61
CA GLU B 92 -8.65 18.60 -9.87
C GLU B 92 -10.04 18.74 -9.26
N TRP B 93 -10.30 19.89 -8.63
CA TRP B 93 -11.59 20.14 -8.02
C TRP B 93 -12.06 21.57 -8.27
N THR B 94 -13.37 21.76 -8.33
CA THR B 94 -13.96 23.07 -8.56
C THR B 94 -15.28 23.21 -7.84
N ASN B 95 -15.46 24.33 -7.14
CA ASN B 95 -16.68 24.59 -6.39
C ASN B 95 -17.91 24.45 -7.28
N THR B 96 -19.02 24.00 -6.69
CA THR B 96 -20.25 23.82 -7.44
C THR B 96 -21.18 25.02 -7.25
N PRO B 97 -21.90 25.42 -8.30
CA PRO B 97 -22.83 26.55 -8.23
C PRO B 97 -23.81 26.42 -7.07
N ASP B 98 -24.41 27.54 -6.67
CA ASP B 98 -25.38 27.54 -5.57
C ASP B 98 -26.39 26.41 -5.72
N GLY B 99 -26.37 25.49 -4.77
CA GLY B 99 -27.30 24.36 -4.81
C GLY B 99 -27.33 23.69 -6.17
N ALA B 100 -26.15 23.35 -6.68
CA ALA B 100 -26.04 22.71 -7.98
C ALA B 100 -26.18 21.19 -7.88
N ALA B 101 -27.35 20.74 -7.43
CA ALA B 101 -27.63 19.32 -7.28
C ALA B 101 -26.59 18.64 -6.41
N LYS B 102 -26.92 17.43 -5.96
CA LYS B 102 -26.03 16.66 -5.11
C LYS B 102 -25.38 15.53 -5.91
N GLN B 103 -24.43 15.90 -6.76
CA GLN B 103 -23.71 14.95 -7.59
C GLN B 103 -22.71 15.65 -8.49
N PHE B 104 -21.61 14.98 -8.78
CA PHE B 104 -20.56 15.54 -9.63
C PHE B 104 -21.06 15.75 -11.05
N ARG B 105 -20.51 16.75 -11.73
CA ARG B 105 -20.89 17.05 -13.11
C ARG B 105 -19.67 17.44 -13.94
N ARG B 106 -19.71 17.09 -15.22
CA ARG B 106 -18.60 17.39 -16.12
C ARG B 106 -18.69 18.82 -16.63
N GLU B 107 -19.89 19.38 -16.63
CA GLU B 107 -20.10 20.75 -17.09
C GLU B 107 -19.45 21.76 -16.16
N TRP B 108 -19.23 21.35 -14.92
CA TRP B 108 -18.61 22.23 -13.92
C TRP B 108 -17.19 22.62 -14.34
N PHE B 109 -16.52 21.73 -15.07
CA PHE B 109 -15.17 21.98 -15.53
C PHE B 109 -15.16 22.77 -16.84
N GLN B 110 -16.25 22.63 -17.61
CA GLN B 110 -16.37 23.33 -18.88
C GLN B 110 -17.43 24.42 -18.80
N GLY B 111 -17.25 25.36 -17.88
CA GLY B 111 -18.20 26.44 -17.71
C GLY B 111 -17.61 27.60 -16.94
N ASP B 112 -18.41 28.17 -16.04
CA ASP B 112 -17.97 29.30 -15.22
C ASP B 112 -17.36 28.82 -13.91
N GLY B 113 -16.36 29.55 -13.43
CA GLY B 113 -15.71 29.18 -12.19
C GLY B 113 -14.33 28.59 -12.41
N MET B 114 -13.35 29.10 -11.67
CA MET B 114 -11.97 28.62 -11.79
C MET B 114 -11.86 27.18 -11.29
N VAL B 115 -10.89 26.45 -11.83
CA VAL B 115 -10.66 25.07 -11.44
C VAL B 115 -9.20 24.83 -11.08
N ARG B 116 -8.98 24.25 -9.90
CA ARG B 116 -7.62 23.97 -9.44
C ARG B 116 -7.25 22.52 -9.74
N ARG B 117 -5.95 22.27 -9.91
CA ARG B 117 -5.47 20.92 -10.21
C ARG B 117 -4.12 20.65 -9.56
N LYS B 118 -4.04 19.51 -8.87
CA LYS B 118 -2.81 19.11 -8.20
C LYS B 118 -2.28 17.83 -8.82
N ASN B 119 -1.01 17.53 -8.57
CA ASN B 119 -0.39 16.33 -9.12
C ASN B 119 0.37 15.55 -8.06
N LEU B 120 0.42 14.23 -8.23
CA LEU B 120 1.12 13.36 -7.29
C LEU B 120 1.80 12.21 -8.03
N PRO B 121 3.12 12.34 -8.29
CA PRO B 121 3.90 11.30 -9.00
C PRO B 121 3.84 9.95 -8.30
N ILE B 122 3.96 8.88 -9.10
CA ILE B 122 3.93 7.52 -8.56
C ILE B 122 5.35 6.95 -8.46
N GLU B 123 5.50 5.95 -7.60
CA GLU B 123 6.81 5.31 -7.41
C GLU B 123 6.65 3.80 -7.27
N TYR B 124 7.71 3.07 -7.62
CA TYR B 124 7.69 1.61 -7.53
C TYR B 124 8.78 1.11 -6.59
N ASN B 125 8.37 0.53 -5.47
CA ASN B 125 9.30 -0.01 -4.49
C ASN B 125 9.38 -1.52 -4.58
N LEU B 126 10.19 -2.01 -5.53
CA LEU B 126 10.35 -3.45 -5.73
C LEU B 126 11.06 -4.08 -4.53
N ALA A 1 27.28 -35.08 5.70
CA ALA A 1 26.16 -35.62 4.90
C ALA A 1 25.13 -34.54 4.60
N GLN A 2 24.29 -34.24 5.59
CA GLN A 2 23.26 -33.22 5.43
C GLN A 2 22.18 -33.67 4.46
N SER A 3 20.94 -33.68 4.91
CA SER A 3 19.81 -34.09 4.06
C SER A 3 19.56 -33.06 2.97
N VAL A 4 19.35 -31.82 3.37
CA VAL A 4 19.10 -30.74 2.43
C VAL A 4 18.87 -29.42 3.15
N PRO A 5 19.44 -28.31 2.62
CA PRO A 5 19.30 -26.98 3.22
C PRO A 5 17.94 -26.35 2.93
N PRO A 6 17.59 -25.27 3.64
CA PRO A 6 16.32 -24.57 3.45
C PRO A 6 16.27 -23.81 2.13
N GLY A 7 15.46 -24.30 1.21
CA GLY A 7 15.34 -23.64 -0.09
C GLY A 7 14.80 -22.23 0.03
N ASP A 8 15.42 -21.31 -0.71
CA ASP A 8 15.01 -19.91 -0.69
C ASP A 8 13.50 -19.78 -0.88
N ILE A 9 12.93 -18.70 -0.34
CA ILE A 9 11.49 -18.46 -0.45
C ILE A 9 11.21 -17.17 -1.21
N ASN A 10 10.10 -17.15 -1.95
CA ASN A 10 9.73 -15.97 -2.72
C ASN A 10 8.98 -14.98 -1.83
N THR A 11 9.25 -13.69 -2.03
CA THR A 11 8.61 -12.65 -1.24
C THR A 11 8.08 -11.53 -2.14
N GLN A 12 6.89 -11.03 -1.83
CA GLN A 12 6.28 -9.96 -2.60
C GLN A 12 5.64 -8.92 -1.67
N PRO A 13 6.21 -7.70 -1.58
CA PRO A 13 7.41 -7.29 -2.32
C PRO A 13 8.63 -8.13 -1.95
N SER A 14 9.68 -8.00 -2.75
CA SER A 14 10.93 -8.73 -2.53
C SER A 14 11.32 -8.74 -1.06
N GLN A 15 11.70 -7.57 -0.54
CA GLN A 15 12.10 -7.45 0.85
C GLN A 15 12.10 -5.98 1.30
N LYS A 16 11.06 -5.25 0.91
CA LYS A 16 10.94 -3.84 1.27
C LYS A 16 9.50 -3.37 1.15
N ILE A 17 8.98 -2.83 2.26
CA ILE A 17 7.61 -2.33 2.29
C ILE A 17 7.56 -0.95 2.91
N VAL A 18 6.57 -0.15 2.50
CA VAL A 18 6.42 1.20 3.01
C VAL A 18 4.96 1.54 3.30
N PHE A 19 4.58 1.45 4.56
CA PHE A 19 3.20 1.76 4.97
C PHE A 19 2.79 3.13 4.46
N ASN A 20 1.83 3.17 3.54
CA ASN A 20 1.35 4.42 2.96
C ASN A 20 0.33 5.09 3.89
N ALA A 21 0.53 6.39 4.11
CA ALA A 21 -0.38 7.16 4.97
C ALA A 21 -1.85 6.91 4.57
N PRO A 22 -2.81 7.39 5.38
CA PRO A 22 -2.55 8.13 6.62
C PRO A 22 -2.11 7.23 7.77
N TYR A 23 -1.62 7.85 8.83
CA TYR A 23 -1.18 7.11 10.01
C TYR A 23 -2.02 7.44 11.23
N ASP A 24 -3.30 7.73 10.98
CA ASP A 24 -4.23 8.05 12.06
C ASP A 24 -5.16 6.87 12.36
N ASP A 25 -4.91 5.72 11.73
CA ASP A 25 -5.73 4.55 11.94
C ASP A 25 -4.91 3.27 11.77
N LYS A 26 -5.57 2.12 11.92
CA LYS A 26 -4.90 0.84 11.77
C LYS A 26 -5.07 0.28 10.36
N HIS A 27 -4.00 0.30 9.59
CA HIS A 27 -4.04 -0.20 8.22
C HIS A 27 -3.21 -1.49 8.10
N THR A 28 -3.80 -2.49 7.45
CA THR A 28 -3.13 -3.77 7.26
C THR A 28 -2.68 -3.95 5.81
N TYR A 29 -1.45 -4.43 5.63
CA TYR A 29 -0.90 -4.65 4.30
C TYR A 29 -0.60 -6.13 4.08
N HIS A 30 -1.23 -6.70 3.05
CA HIS A 30 -1.04 -8.11 2.75
C HIS A 30 0.35 -8.38 2.18
N ILE A 31 0.85 -9.59 2.42
CA ILE A 31 2.17 -10.00 1.94
C ILE A 31 2.11 -11.37 1.29
N LYS A 32 3.03 -11.64 0.37
CA LYS A 32 3.07 -12.93 -0.33
C LYS A 32 4.36 -13.68 -0.03
N ILE A 33 4.23 -14.97 0.25
CA ILE A 33 5.38 -15.82 0.54
C ILE A 33 5.16 -17.23 0.01
N THR A 34 6.06 -17.67 -0.87
CA THR A 34 5.95 -19.00 -1.46
C THR A 34 7.16 -19.86 -1.10
N ASN A 35 6.96 -21.17 -1.09
CA ASN A 35 8.03 -22.10 -0.76
C ASN A 35 8.72 -22.62 -2.02
N ALA A 36 9.63 -21.81 -2.55
CA ALA A 36 10.37 -22.17 -3.76
C ALA A 36 11.23 -23.42 -3.53
N GLY A 37 11.45 -23.77 -2.26
CA GLY A 37 12.26 -24.93 -1.95
C GLY A 37 11.69 -26.22 -2.55
N GLY A 38 12.01 -27.34 -1.93
CA GLY A 38 11.52 -28.62 -2.42
C GLY A 38 10.61 -29.32 -1.44
N ARG A 39 10.68 -28.91 -0.17
CA ARG A 39 9.85 -29.51 0.87
C ARG A 39 9.19 -28.44 1.74
N ARG A 40 8.21 -28.85 2.53
CA ARG A 40 7.51 -27.91 3.41
C ARG A 40 8.50 -27.07 4.22
N ILE A 41 8.00 -25.98 4.80
CA ILE A 41 8.85 -25.09 5.59
C ILE A 41 8.04 -24.29 6.59
N GLY A 42 8.52 -24.26 7.84
CA GLY A 42 7.84 -23.50 8.87
C GLY A 42 8.42 -22.11 9.01
N TRP A 43 7.67 -21.10 8.60
CA TRP A 43 8.13 -19.73 8.67
C TRP A 43 7.58 -18.98 9.88
N ALA A 44 8.27 -17.92 10.26
CA ALA A 44 7.86 -17.10 11.39
C ALA A 44 8.15 -15.62 11.12
N ILE A 45 7.40 -14.74 11.78
CA ILE A 45 7.58 -13.31 11.59
C ILE A 45 8.02 -12.62 12.87
N LYS A 46 9.05 -11.78 12.75
CA LYS A 46 9.58 -11.05 13.90
C LYS A 46 9.53 -9.55 13.65
N THR A 47 9.39 -8.78 14.74
CA THR A 47 9.32 -7.33 14.64
C THR A 47 10.03 -6.67 15.81
N THR A 48 10.52 -5.44 15.59
CA THR A 48 11.23 -4.71 16.62
C THR A 48 10.33 -4.48 17.84
N ASN A 49 9.07 -4.14 17.58
CA ASN A 49 8.11 -3.88 18.65
C ASN A 49 6.81 -4.62 18.40
N MET A 50 6.50 -5.57 19.27
CA MET A 50 5.27 -6.36 19.15
C MET A 50 4.15 -5.75 19.97
N ARG A 51 4.27 -4.46 20.29
CA ARG A 51 3.25 -3.77 21.07
C ARG A 51 2.30 -3.00 20.16
N ARG A 52 2.84 -2.52 19.04
CA ARG A 52 2.04 -1.76 18.08
C ARG A 52 1.89 -2.53 16.77
N LEU A 53 2.76 -3.50 16.54
CA LEU A 53 2.72 -4.30 15.32
C LEU A 53 2.24 -5.71 15.61
N SER A 54 1.29 -6.19 14.82
CA SER A 54 0.75 -7.54 14.99
C SER A 54 0.48 -8.20 13.65
N VAL A 55 1.30 -9.18 13.30
CA VAL A 55 1.16 -9.90 12.04
C VAL A 55 0.48 -11.25 12.26
N ASP A 56 -0.59 -11.50 11.51
CA ASP A 56 -1.33 -12.75 11.62
C ASP A 56 -1.56 -13.36 10.24
N PRO A 57 -1.26 -14.67 10.07
CA PRO A 57 -0.73 -15.54 11.13
C PRO A 57 0.74 -15.22 11.43
N PRO A 58 1.14 -15.29 12.72
CA PRO A 58 2.51 -15.02 13.13
C PRO A 58 3.49 -16.05 12.58
N CYS A 59 3.02 -17.29 12.43
CA CYS A 59 3.84 -18.37 11.91
C CYS A 59 3.00 -19.33 11.07
N GLY A 60 3.62 -20.38 10.57
CA GLY A 60 2.91 -21.35 9.77
C GLY A 60 3.84 -22.27 8.99
N VAL A 61 3.26 -23.06 8.09
CA VAL A 61 4.04 -23.98 7.27
C VAL A 61 3.38 -24.18 5.90
N LEU A 62 4.16 -24.02 4.84
CA LEU A 62 3.64 -24.18 3.49
C LEU A 62 4.46 -25.21 2.71
N ASP A 63 3.82 -25.84 1.72
CA ASP A 63 4.48 -26.84 0.90
C ASP A 63 5.12 -26.20 -0.33
N PRO A 64 5.97 -26.94 -1.06
CA PRO A 64 6.65 -26.43 -2.24
C PRO A 64 5.66 -26.03 -3.34
N LYS A 65 5.88 -24.86 -3.92
CA LYS A 65 5.02 -24.36 -5.00
C LYS A 65 3.71 -23.79 -4.45
N GLU A 66 3.63 -23.60 -3.14
CA GLU A 66 2.42 -23.06 -2.53
C GLU A 66 2.67 -21.62 -2.05
N LYS A 67 1.65 -20.78 -2.18
CA LYS A 67 1.76 -19.38 -1.77
C LYS A 67 1.14 -19.17 -0.40
N VAL A 68 1.50 -18.06 0.24
CA VAL A 68 0.99 -17.73 1.56
C VAL A 68 0.60 -16.26 1.64
N LEU A 69 -0.50 -15.98 2.34
CA LEU A 69 -0.99 -14.62 2.49
C LEU A 69 -0.98 -14.20 3.96
N MET A 70 -0.21 -13.15 4.26
CA MET A 70 -0.10 -12.64 5.63
C MET A 70 -0.73 -11.26 5.74
N ALA A 71 -1.10 -10.88 6.95
CA ALA A 71 -1.71 -9.58 7.20
C ALA A 71 -0.97 -8.82 8.30
N VAL A 72 -0.15 -7.86 7.89
CA VAL A 72 0.61 -7.06 8.84
C VAL A 72 -0.19 -5.84 9.29
N SER A 73 -0.63 -5.86 10.55
CA SER A 73 -1.42 -4.77 11.10
C SER A 73 -0.52 -3.72 11.76
N CYS A 74 -0.73 -2.47 11.40
CA CYS A 74 0.05 -1.36 11.96
C CYS A 74 -0.84 -0.44 12.79
N ASP A 75 -0.25 0.20 13.80
CA ASP A 75 -0.99 1.11 14.66
C ASP A 75 -0.59 2.56 14.40
N THR A 76 -1.50 3.48 14.70
CA THR A 76 -1.25 4.90 14.51
C THR A 76 -0.03 5.34 15.31
N PHE A 77 0.54 6.49 14.94
CA PHE A 77 1.71 7.02 15.62
C PHE A 77 2.07 8.41 15.10
N ASN A 78 3.27 8.87 15.43
CA ASN A 78 3.74 10.18 14.99
C ASN A 78 5.02 10.06 14.19
N ALA A 79 4.89 9.76 12.90
CA ALA A 79 6.04 9.62 12.02
C ALA A 79 6.88 10.89 12.01
N ALA A 80 6.27 12.00 12.37
CA ALA A 80 6.97 13.28 12.40
C ALA A 80 8.29 13.18 13.16
N THR A 81 8.27 12.48 14.29
CA THR A 81 9.48 12.31 15.10
C THR A 81 9.54 10.91 15.69
N GLU A 82 9.22 9.90 14.88
CA GLU A 82 9.25 8.52 15.33
C GLU A 82 10.19 7.67 14.47
N ASP A 83 10.92 8.30 13.55
CA ASP A 83 11.84 7.59 12.69
C ASP A 83 11.09 6.63 11.76
N LEU A 84 11.53 6.55 10.51
CA LEU A 84 10.91 5.66 9.54
C LEU A 84 11.87 4.58 9.09
N ASN A 85 12.85 4.26 9.94
CA ASN A 85 13.83 3.24 9.64
C ASN A 85 14.18 2.43 10.88
N ASN A 86 13.23 2.34 11.81
CA ASN A 86 13.44 1.61 13.05
C ASN A 86 12.66 0.31 13.05
N ASP A 87 11.54 0.30 12.35
CA ASP A 87 10.68 -0.88 12.27
C ASP A 87 11.15 -1.80 11.14
N ARG A 88 11.37 -3.07 11.47
CA ARG A 88 11.82 -4.05 10.48
C ARG A 88 11.24 -5.43 10.77
N ILE A 89 10.84 -6.13 9.72
CA ILE A 89 10.27 -7.47 9.86
C ILE A 89 11.26 -8.52 9.35
N THR A 90 11.62 -9.45 10.22
CA THR A 90 12.57 -10.50 9.86
C THR A 90 11.89 -11.86 9.77
N ILE A 91 11.92 -12.45 8.58
CA ILE A 91 11.32 -13.76 8.35
C ILE A 91 12.27 -14.88 8.79
N GLU A 92 11.69 -16.02 9.15
CA GLU A 92 12.48 -17.16 9.58
C GLU A 92 11.80 -18.48 9.22
N TRP A 93 12.28 -19.12 8.16
CA TRP A 93 11.71 -20.38 7.72
C TRP A 93 12.78 -21.48 7.69
N THR A 94 12.41 -22.67 8.16
CA THR A 94 13.32 -23.80 8.18
C THR A 94 12.66 -25.06 7.66
N ASN A 95 13.45 -25.94 7.04
CA ASN A 95 12.93 -27.19 6.50
C ASN A 95 12.31 -28.05 7.59
N THR A 96 11.23 -28.75 7.25
CA THR A 96 10.54 -29.61 8.19
C THR A 96 11.19 -30.99 8.25
N PRO A 97 11.11 -31.67 9.41
CA PRO A 97 11.68 -33.01 9.58
C PRO A 97 10.96 -34.05 8.74
N ASP A 98 11.60 -35.20 8.57
CA ASP A 98 11.01 -36.29 7.78
C ASP A 98 9.55 -36.54 8.17
N GLY A 99 8.66 -36.32 7.22
CA GLY A 99 7.25 -36.53 7.47
C GLY A 99 6.76 -35.80 8.71
N ALA A 100 7.13 -34.53 8.83
CA ALA A 100 6.72 -33.73 9.98
C ALA A 100 5.21 -33.53 9.99
N ALA A 101 4.65 -33.37 11.18
CA ALA A 101 3.22 -33.16 11.33
C ALA A 101 2.75 -31.94 10.56
N LYS A 102 1.44 -31.84 10.37
CA LYS A 102 0.85 -30.72 9.65
C LYS A 102 0.52 -29.59 10.61
N GLN A 103 1.56 -28.93 11.10
CA GLN A 103 1.40 -27.82 12.03
C GLN A 103 2.75 -27.21 12.40
N PHE A 104 2.79 -25.89 12.50
CA PHE A 104 4.02 -25.19 12.86
C PHE A 104 4.54 -25.64 14.21
N ARG A 105 5.76 -26.18 14.23
CA ARG A 105 6.37 -26.65 15.48
C ARG A 105 7.38 -25.65 16.00
N ARG A 106 7.62 -25.70 17.31
CA ARG A 106 8.57 -24.79 17.95
C ARG A 106 9.96 -25.42 18.03
N GLU A 107 10.00 -26.75 18.08
CA GLU A 107 11.26 -27.47 18.16
C GLU A 107 12.10 -27.27 16.90
N TRP A 108 11.47 -26.82 15.82
CA TRP A 108 12.17 -26.60 14.56
C TRP A 108 13.23 -25.50 14.71
N PHE A 109 13.14 -24.72 15.77
CA PHE A 109 14.10 -23.64 16.01
C PHE A 109 14.74 -23.77 17.38
N GLN A 110 15.25 -24.96 17.70
CA GLN A 110 15.89 -25.21 18.98
C GLN A 110 17.22 -25.93 18.80
N GLY A 111 17.82 -25.78 17.63
CA GLY A 111 19.09 -26.42 17.34
C GLY A 111 20.10 -25.46 16.74
N ASP A 112 21.23 -26.01 16.29
CA ASP A 112 22.28 -25.20 15.68
C ASP A 112 22.29 -25.38 14.17
N GLY A 113 22.63 -24.32 13.45
CA GLY A 113 22.66 -24.38 12.01
C GLY A 113 21.28 -24.50 11.40
N MET A 114 21.22 -24.55 10.07
CA MET A 114 19.94 -24.66 9.38
C MET A 114 19.04 -23.48 9.71
N VAL A 115 18.01 -23.28 8.89
CA VAL A 115 17.06 -22.19 9.09
C VAL A 115 17.60 -20.87 8.53
N ARG A 116 16.90 -20.33 7.54
CA ARG A 116 17.31 -19.07 6.92
C ARG A 116 16.44 -17.93 7.40
N ARG A 117 17.04 -16.73 7.48
CA ARG A 117 16.31 -15.55 7.94
C ARG A 117 16.57 -14.36 7.02
N LYS A 118 15.50 -13.60 6.74
CA LYS A 118 15.61 -12.43 5.88
C LYS A 118 15.07 -11.20 6.60
N ASN A 119 15.34 -10.03 6.04
CA ASN A 119 14.89 -8.78 6.62
C ASN A 119 14.03 -7.99 5.64
N LEU A 120 13.12 -7.18 6.17
CA LEU A 120 12.23 -6.38 5.34
C LEU A 120 12.02 -5.00 5.96
N PRO A 121 12.90 -4.03 5.63
CA PRO A 121 12.81 -2.67 6.16
C PRO A 121 11.42 -2.06 5.97
N ILE A 122 10.98 -1.30 6.97
CA ILE A 122 9.68 -0.65 6.92
C ILE A 122 9.82 0.85 6.71
N GLU A 123 8.98 1.42 5.87
CA GLU A 123 9.03 2.85 5.58
C GLU A 123 7.65 3.48 5.68
N TYR A 124 7.62 4.80 5.86
CA TYR A 124 6.36 5.53 5.98
C TYR A 124 6.27 6.63 4.93
N ASN A 125 5.34 6.47 3.99
CA ASN A 125 5.16 7.46 2.92
C ASN A 125 4.05 8.43 3.29
N LEU A 126 4.43 9.54 3.94
CA LEU A 126 3.47 10.56 4.35
C LEU A 126 2.96 11.33 3.14
N ALA B 1 -16.19 41.27 -6.78
CA ALA B 1 -17.12 40.67 -5.80
C ALA B 1 -16.70 39.25 -5.44
N GLN B 2 -17.00 38.31 -6.33
CA GLN B 2 -16.65 36.91 -6.11
C GLN B 2 -17.47 36.31 -4.97
N SER B 3 -18.18 35.22 -5.26
CA SER B 3 -19.01 34.57 -4.26
C SER B 3 -18.13 33.89 -3.21
N VAL B 4 -17.23 33.02 -3.66
CA VAL B 4 -16.33 32.30 -2.76
C VAL B 4 -15.41 31.36 -3.54
N PRO B 5 -14.12 31.30 -3.17
CA PRO B 5 -13.15 30.43 -3.84
C PRO B 5 -13.29 28.98 -3.40
N PRO B 6 -12.63 28.05 -4.14
CA PRO B 6 -12.68 26.62 -3.84
C PRO B 6 -11.89 26.27 -2.58
N GLY B 7 -12.60 25.92 -1.52
CA GLY B 7 -11.95 25.57 -0.27
C GLY B 7 -11.04 24.36 -0.41
N ASP B 8 -9.85 24.45 0.17
CA ASP B 8 -8.89 23.36 0.11
C ASP B 8 -9.53 22.03 0.49
N ILE B 9 -8.99 20.94 -0.04
CA ILE B 9 -9.51 19.61 0.25
C ILE B 9 -8.46 18.75 0.94
N ASN B 10 -8.92 17.85 1.81
CA ASN B 10 -8.03 16.97 2.55
C ASN B 10 -7.68 15.75 1.70
N THR B 11 -6.43 15.31 1.77
CA THR B 11 -5.98 14.15 1.01
C THR B 11 -5.18 13.19 1.90
N GLN B 12 -5.42 11.90 1.70
CA GLN B 12 -4.73 10.87 2.48
C GLN B 12 -4.31 9.71 1.57
N PRO B 13 -3.00 9.54 1.31
CA PRO B 13 -1.93 10.40 1.86
C PRO B 13 -2.05 11.85 1.38
N SER B 14 -1.29 12.73 2.03
CA SER B 14 -1.30 14.14 1.70
C SER B 14 -1.29 14.38 0.19
N GLN B 15 -0.18 14.03 -0.44
CA GLN B 15 -0.04 14.19 -1.89
C GLN B 15 1.13 13.40 -2.42
N LYS B 16 1.27 12.16 -1.96
CA LYS B 16 2.35 11.28 -2.39
C LYS B 16 2.03 9.82 -2.12
N ILE B 17 2.06 9.01 -3.18
CA ILE B 17 1.77 7.60 -3.07
C ILE B 17 2.84 6.76 -3.77
N VAL B 18 3.06 5.55 -3.29
CA VAL B 18 4.05 4.66 -3.87
C VAL B 18 3.54 3.22 -3.98
N PHE B 19 3.11 2.85 -5.17
CA PHE B 19 2.61 1.49 -5.41
C PHE B 19 3.63 0.45 -4.95
N ASN B 20 3.27 -0.29 -3.92
CA ASN B 20 4.16 -1.32 -3.38
C ASN B 20 4.09 -2.61 -4.19
N ALA B 21 5.25 -3.15 -4.53
CA ALA B 21 5.33 -4.39 -5.31
C ALA B 21 4.41 -5.46 -4.71
N PRO B 22 4.21 -6.60 -5.41
CA PRO B 22 4.81 -6.86 -6.73
C PRO B 22 4.12 -6.10 -7.86
N TYR B 23 4.77 -6.10 -9.02
CA TYR B 23 4.23 -5.41 -10.19
C TYR B 23 3.91 -6.40 -11.30
N ASP B 24 3.52 -7.61 -10.91
CA ASP B 24 3.17 -8.66 -11.87
C ASP B 24 1.67 -8.84 -11.97
N ASP B 25 0.90 -7.97 -11.29
CA ASP B 25 -0.55 -8.05 -11.32
C ASP B 25 -1.18 -6.67 -11.17
N LYS B 26 -2.51 -6.64 -11.15
CA LYS B 26 -3.24 -5.38 -11.01
C LYS B 26 -3.62 -5.13 -9.55
N HIS B 27 -2.94 -4.17 -8.93
CA HIS B 27 -3.21 -3.83 -7.53
C HIS B 27 -3.86 -2.45 -7.42
N THR B 28 -4.93 -2.36 -6.64
CA THR B 28 -5.64 -1.10 -6.46
C THR B 28 -5.37 -0.52 -5.07
N TYR B 29 -5.11 0.78 -5.03
CA TYR B 29 -4.84 1.46 -3.77
C TYR B 29 -5.92 2.51 -3.49
N HIS B 30 -6.60 2.37 -2.35
CA HIS B 30 -7.65 3.30 -1.97
C HIS B 30 -7.08 4.67 -1.58
N ILE B 31 -7.88 5.71 -1.80
CA ILE B 31 -7.48 7.07 -1.47
C ILE B 31 -8.60 7.79 -0.73
N LYS B 32 -8.22 8.79 0.08
CA LYS B 32 -9.20 9.54 0.85
C LYS B 32 -9.20 11.02 0.44
N ILE B 33 -10.40 11.57 0.27
CA ILE B 33 -10.57 12.97 -0.11
C ILE B 33 -11.80 13.57 0.54
N THR B 34 -11.60 14.63 1.33
CA THR B 34 -12.70 15.29 2.01
C THR B 34 -12.85 16.73 1.55
N ASN B 35 -14.06 17.25 1.66
CA ASN B 35 -14.34 18.63 1.26
C ASN B 35 -14.25 19.57 2.45
N ALA B 36 -13.03 19.97 2.79
CA ALA B 36 -12.81 20.87 3.91
C ALA B 36 -13.44 22.24 3.67
N GLY B 37 -13.79 22.52 2.41
CA GLY B 37 -14.40 23.79 2.07
C GLY B 37 -15.69 24.04 2.83
N GLY B 38 -16.56 24.85 2.25
CA GLY B 38 -17.83 25.16 2.89
C GLY B 38 -19.02 24.67 2.08
N ARG B 39 -18.81 24.42 0.79
CA ARG B 39 -19.87 23.96 -0.08
C ARG B 39 -19.42 22.78 -0.92
N ARG B 40 -20.37 22.11 -1.56
CA ARG B 40 -20.06 20.95 -2.40
C ARG B 40 -18.94 21.27 -3.38
N ILE B 41 -18.35 20.24 -3.96
CA ILE B 41 -17.26 20.42 -4.92
C ILE B 41 -17.12 19.23 -5.86
N GLY B 42 -17.02 19.52 -7.15
CA GLY B 42 -16.86 18.47 -8.14
C GLY B 42 -15.40 18.22 -8.45
N TRP B 43 -14.88 17.08 -8.02
CA TRP B 43 -13.48 16.74 -8.23
C TRP B 43 -13.31 15.80 -9.42
N ALA B 44 -12.09 15.77 -9.95
CA ALA B 44 -11.75 14.91 -11.08
C ALA B 44 -10.33 14.40 -10.94
N ILE B 45 -10.04 13.25 -11.57
CA ILE B 45 -8.72 12.66 -11.49
C ILE B 45 -8.07 12.58 -12.87
N LYS B 46 -6.81 13.01 -12.95
CA LYS B 46 -6.07 12.98 -14.20
C LYS B 46 -4.79 12.16 -14.06
N THR B 47 -4.36 11.55 -15.16
CA THR B 47 -3.15 10.74 -15.15
C THR B 47 -2.37 10.90 -16.46
N THR B 48 -1.07 10.68 -16.39
CA THR B 48 -0.20 10.80 -17.56
C THR B 48 -0.63 9.84 -18.65
N ASN B 49 -0.95 8.62 -18.26
CA ASN B 49 -1.37 7.58 -19.21
C ASN B 49 -2.64 6.89 -18.73
N MET B 50 -3.72 7.07 -19.48
CA MET B 50 -5.00 6.45 -19.14
C MET B 50 -5.18 5.12 -19.84
N ARG B 51 -4.07 4.52 -20.28
CA ARG B 51 -4.11 3.24 -20.96
C ARG B 51 -3.82 2.09 -19.99
N ARG B 52 -3.00 2.37 -18.98
CA ARG B 52 -2.65 1.37 -17.98
C ARG B 52 -3.21 1.75 -16.61
N LEU B 53 -3.55 3.03 -16.43
CA LEU B 53 -4.09 3.50 -15.16
C LEU B 53 -5.58 3.82 -15.29
N SER B 54 -6.36 3.33 -14.34
CA SER B 54 -7.81 3.57 -14.35
C SER B 54 -8.34 3.79 -12.95
N VAL B 55 -8.69 5.04 -12.64
CA VAL B 55 -9.22 5.39 -11.34
C VAL B 55 -10.73 5.51 -11.37
N ASP B 56 -11.40 4.80 -10.47
CA ASP B 56 -12.85 4.83 -10.39
C ASP B 56 -13.33 5.06 -8.95
N PRO B 57 -14.26 6.02 -8.74
CA PRO B 57 -14.84 6.85 -9.79
C PRO B 57 -13.86 7.90 -10.30
N PRO B 58 -13.88 8.18 -11.62
CA PRO B 58 -12.99 9.16 -12.23
C PRO B 58 -13.28 10.58 -11.75
N CYS B 59 -14.55 10.85 -11.44
CA CYS B 59 -14.98 12.15 -10.97
C CYS B 59 -16.11 12.01 -9.96
N GLY B 60 -16.63 13.13 -9.48
CA GLY B 60 -17.71 13.10 -8.53
C GLY B 60 -17.90 14.42 -7.81
N VAL B 61 -18.75 14.43 -6.79
CA VAL B 61 -19.02 15.63 -6.01
C VAL B 61 -19.35 15.29 -4.57
N LEU B 62 -18.68 15.95 -3.64
CA LEU B 62 -18.92 15.70 -2.22
C LEU B 62 -19.26 16.99 -1.48
N ASP B 63 -19.99 16.85 -0.39
CA ASP B 63 -20.39 18.01 0.41
C ASP B 63 -19.35 18.30 1.50
N PRO B 64 -19.46 19.48 2.15
CA PRO B 64 -18.52 19.87 3.21
C PRO B 64 -18.56 18.91 4.40
N LYS B 65 -17.37 18.51 4.86
CA LYS B 65 -17.26 17.60 6.00
C LYS B 65 -17.53 16.15 5.60
N GLU B 66 -17.58 15.89 4.30
CA GLU B 66 -17.83 14.53 3.82
C GLU B 66 -16.55 13.94 3.21
N LYS B 67 -16.34 12.65 3.42
CA LYS B 67 -15.15 11.97 2.90
C LYS B 67 -15.48 11.22 1.61
N VAL B 68 -14.43 10.90 0.86
CA VAL B 68 -14.58 10.19 -0.41
C VAL B 68 -13.56 9.07 -0.53
N LEU B 69 -13.98 7.95 -1.11
CA LEU B 69 -13.09 6.80 -1.29
C LEU B 69 -12.92 6.47 -2.76
N MET B 70 -11.68 6.55 -3.24
CA MET B 70 -11.37 6.27 -4.64
C MET B 70 -10.53 5.00 -4.75
N ALA B 71 -10.57 4.39 -5.93
CA ALA B 71 -9.81 3.17 -6.19
C ALA B 71 -8.93 3.30 -7.42
N VAL B 72 -7.64 3.53 -7.20
CA VAL B 72 -6.68 3.67 -8.29
C VAL B 72 -6.13 2.31 -8.72
N SER B 73 -6.54 1.86 -9.90
CA SER B 73 -6.09 0.57 -10.42
C SER B 73 -4.82 0.73 -11.26
N CYS B 74 -3.82 -0.09 -10.97
CA CYS B 74 -2.56 -0.05 -11.70
C CYS B 74 -2.34 -1.36 -12.46
N ASP B 75 -1.62 -1.27 -13.58
CA ASP B 75 -1.35 -2.45 -14.39
C ASP B 75 0.11 -2.86 -14.29
N THR B 76 0.38 -4.14 -14.54
CA THR B 76 1.74 -4.66 -14.48
C THR B 76 2.65 -3.92 -15.47
N PHE B 77 3.95 -4.01 -15.24
CA PHE B 77 4.92 -3.36 -16.11
C PHE B 77 6.35 -3.75 -15.74
N ASN B 78 7.31 -3.00 -16.26
CA ASN B 78 8.72 -3.27 -15.98
C ASN B 78 9.40 -2.05 -15.34
N ALA B 79 9.23 -1.91 -14.04
CA ALA B 79 9.82 -0.80 -13.31
C ALA B 79 11.33 -0.75 -13.50
N ALA B 80 11.92 -1.89 -13.85
CA ALA B 80 13.36 -1.98 -14.06
C ALA B 80 13.86 -0.87 -14.97
N THR B 81 13.11 -0.60 -16.04
CA THR B 81 13.48 0.44 -16.99
C THR B 81 12.26 1.19 -17.49
N GLU B 82 11.35 1.52 -16.58
CA GLU B 82 10.13 2.25 -16.93
C GLU B 82 10.01 3.55 -16.14
N ASP B 83 11.04 3.90 -15.37
CA ASP B 83 11.02 5.13 -14.59
C ASP B 83 9.94 5.07 -13.52
N LEU B 84 10.26 5.58 -12.33
CA LEU B 84 9.32 5.59 -11.22
C LEU B 84 8.94 7.02 -10.83
N ASN B 85 9.09 7.94 -11.78
CA ASN B 85 8.76 9.34 -11.54
C ASN B 85 8.11 9.97 -12.76
N ASN B 86 7.43 9.14 -13.54
CA ASN B 86 6.75 9.62 -14.75
C ASN B 86 5.23 9.64 -14.56
N ASP B 87 4.74 8.74 -13.71
CA ASP B 87 3.31 8.66 -13.44
C ASP B 87 2.91 9.62 -12.32
N ARG B 88 1.92 10.46 -12.59
CA ARG B 88 1.45 11.42 -11.60
C ARG B 88 -0.05 11.65 -11.72
N ILE B 89 -0.73 11.75 -10.57
CA ILE B 89 -2.16 11.98 -10.55
C ILE B 89 -2.48 13.41 -10.11
N THR B 90 -3.18 14.15 -10.95
CA THR B 90 -3.54 15.53 -10.64
C THR B 90 -5.03 15.68 -10.36
N ILE B 91 -5.36 16.11 -9.15
CA ILE B 91 -6.75 16.31 -8.76
C ILE B 91 -7.27 17.66 -9.25
N GLU B 92 -8.57 17.76 -9.44
CA GLU B 92 -9.18 19.00 -9.90
C GLU B 92 -10.60 19.14 -9.36
N TRP B 93 -10.76 19.97 -8.33
CA TRP B 93 -12.07 20.19 -7.72
C TRP B 93 -12.45 21.67 -7.77
N THR B 94 -13.70 21.95 -8.10
CA THR B 94 -14.18 23.33 -8.17
C THR B 94 -15.53 23.47 -7.47
N ASN B 95 -15.78 24.65 -6.90
CA ASN B 95 -17.03 24.91 -6.21
C ASN B 95 -18.23 24.76 -7.15
N THR B 96 -19.33 24.24 -6.62
CA THR B 96 -20.54 24.05 -7.41
C THR B 96 -21.38 25.31 -7.45
N PRO B 97 -22.15 25.52 -8.54
CA PRO B 97 -23.01 26.69 -8.70
C PRO B 97 -24.15 26.70 -7.70
N ASP B 98 -24.77 27.86 -7.53
CA ASP B 98 -25.89 28.00 -6.60
C ASP B 98 -26.90 26.87 -6.77
N GLY B 99 -27.07 26.07 -5.73
CA GLY B 99 -28.01 24.96 -5.78
C GLY B 99 -27.81 24.07 -6.99
N ALA B 100 -26.55 23.71 -7.25
CA ALA B 100 -26.23 22.85 -8.39
C ALA B 100 -26.84 21.47 -8.21
N ALA B 101 -27.16 20.82 -9.33
CA ALA B 101 -27.75 19.48 -9.29
C ALA B 101 -26.85 18.50 -8.56
N LYS B 102 -27.42 17.36 -8.21
CA LYS B 102 -26.68 16.33 -7.49
C LYS B 102 -26.02 15.37 -8.47
N GLN B 103 -24.98 15.87 -9.14
CA GLN B 103 -24.25 15.08 -10.12
C GLN B 103 -23.08 15.87 -10.70
N PHE B 104 -21.96 15.19 -10.90
CA PHE B 104 -20.77 15.84 -11.46
C PHE B 104 -21.06 16.42 -12.84
N ARG B 105 -20.90 17.72 -12.99
CA ARG B 105 -21.13 18.39 -14.26
C ARG B 105 -19.82 18.68 -14.99
N ARG B 106 -19.91 18.81 -16.31
CA ARG B 106 -18.74 19.08 -17.13
C ARG B 106 -18.57 20.58 -17.35
N GLU B 107 -19.67 21.31 -17.30
CA GLU B 107 -19.64 22.76 -17.50
C GLU B 107 -18.87 23.46 -16.39
N TRP B 108 -18.69 22.77 -15.26
CA TRP B 108 -17.97 23.34 -14.12
C TRP B 108 -16.51 23.65 -14.48
N PHE B 109 -16.03 23.08 -15.59
CA PHE B 109 -14.66 23.30 -16.02
C PHE B 109 -14.62 23.81 -17.46
N GLN B 110 -15.40 24.84 -17.75
CA GLN B 110 -15.44 25.41 -19.09
C GLN B 110 -15.34 26.93 -19.04
N GLY B 111 -14.74 27.45 -17.96
CA GLY B 111 -14.60 28.88 -17.81
C GLY B 111 -13.19 29.28 -17.41
N ASP B 112 -13.01 30.55 -17.08
CA ASP B 112 -11.71 31.06 -16.67
C ASP B 112 -11.66 31.27 -15.16
N GLY B 113 -10.49 31.05 -14.57
CA GLY B 113 -10.34 31.24 -13.15
C GLY B 113 -11.07 30.17 -12.35
N MET B 114 -10.97 30.24 -11.03
CA MET B 114 -11.64 29.28 -10.16
C MET B 114 -11.16 27.87 -10.45
N VAL B 115 -11.41 26.96 -9.52
CA VAL B 115 -11.01 25.55 -9.66
C VAL B 115 -9.54 25.36 -9.28
N ARG B 116 -9.32 24.57 -8.24
CA ARG B 116 -7.96 24.29 -7.77
C ARG B 116 -7.50 22.91 -8.21
N ARG B 117 -6.20 22.78 -8.46
CA ARG B 117 -5.64 21.50 -8.89
C ARG B 117 -4.37 21.16 -8.10
N LYS B 118 -4.24 19.88 -7.74
CA LYS B 118 -3.08 19.41 -6.98
C LYS B 118 -2.42 18.25 -7.70
N ASN B 119 -1.21 17.92 -7.26
CA ASN B 119 -0.46 16.82 -7.87
C ASN B 119 -0.12 15.76 -6.84
N LEU B 120 0.03 14.52 -7.30
CA LEU B 120 0.35 13.40 -6.43
C LEU B 120 1.33 12.45 -7.10
N PRO B 121 2.65 12.70 -6.95
CA PRO B 121 3.68 11.87 -7.56
C PRO B 121 3.52 10.38 -7.23
N ILE B 122 3.78 9.54 -8.21
CA ILE B 122 3.67 8.09 -8.03
C ILE B 122 5.05 7.44 -7.95
N GLU B 123 5.20 6.49 -7.04
CA GLU B 123 6.47 5.80 -6.86
C GLU B 123 6.28 4.29 -6.82
N TYR B 124 7.35 3.56 -7.09
CA TYR B 124 7.31 2.09 -7.09
C TYR B 124 8.32 1.52 -6.11
N ASN B 125 7.83 0.89 -5.05
CA ASN B 125 8.71 0.29 -4.04
C ASN B 125 8.92 -1.19 -4.33
N LEU B 126 9.96 -1.50 -5.10
CA LEU B 126 10.27 -2.88 -5.44
C LEU B 126 10.81 -3.64 -4.23
N ALA A 1 33.19 -32.47 4.37
CA ALA A 1 32.30 -31.39 4.87
C ALA A 1 30.85 -31.63 4.46
N GLN A 2 30.55 -31.35 3.21
CA GLN A 2 29.20 -31.53 2.68
C GLN A 2 28.21 -30.60 3.37
N SER A 3 28.13 -29.37 2.87
CA SER A 3 27.21 -28.38 3.43
C SER A 3 26.79 -27.36 2.38
N VAL A 4 25.52 -26.97 2.42
CA VAL A 4 24.99 -26.01 1.46
C VAL A 4 24.13 -24.97 2.16
N PRO A 5 24.55 -23.68 2.15
CA PRO A 5 23.79 -22.60 2.79
C PRO A 5 22.32 -22.56 2.33
N PRO A 6 21.45 -21.91 3.12
CA PRO A 6 20.03 -21.81 2.80
C PRO A 6 19.77 -20.85 1.63
N GLY A 7 19.12 -21.36 0.60
CA GLY A 7 18.82 -20.53 -0.56
C GLY A 7 17.92 -19.36 -0.22
N ASP A 8 18.22 -18.20 -0.79
CA ASP A 8 17.44 -16.99 -0.54
C ASP A 8 15.98 -17.20 -0.96
N ILE A 9 15.06 -16.86 -0.05
CA ILE A 9 13.63 -17.01 -0.33
C ILE A 9 13.05 -15.72 -0.90
N ASN A 10 12.50 -15.82 -2.10
CA ASN A 10 11.89 -14.66 -2.75
C ASN A 10 10.80 -14.05 -1.88
N THR A 11 10.65 -12.74 -1.95
CA THR A 11 9.65 -12.04 -1.16
C THR A 11 8.94 -10.97 -1.98
N GLN A 12 7.70 -10.66 -1.59
CA GLN A 12 6.91 -9.66 -2.29
C GLN A 12 6.03 -8.89 -1.30
N PRO A 13 6.34 -7.60 -1.03
CA PRO A 13 7.47 -6.88 -1.63
C PRO A 13 8.81 -7.51 -1.28
N SER A 14 9.85 -7.12 -2.02
CA SER A 14 11.21 -7.65 -1.81
C SER A 14 11.56 -7.66 -0.32
N GLN A 15 11.53 -6.49 0.31
CA GLN A 15 11.86 -6.38 1.72
C GLN A 15 11.55 -4.99 2.26
N LYS A 16 10.37 -4.47 1.90
CA LYS A 16 9.96 -3.15 2.35
C LYS A 16 8.57 -2.80 1.84
N ILE A 17 7.72 -2.31 2.74
CA ILE A 17 6.35 -1.93 2.38
C ILE A 17 6.01 -0.55 2.94
N VAL A 18 5.08 0.14 2.29
CA VAL A 18 4.69 1.47 2.73
C VAL A 18 3.20 1.53 3.06
N PHE A 19 2.86 1.30 4.33
CA PHE A 19 1.48 1.34 4.77
C PHE A 19 0.87 2.71 4.44
N ASN A 20 0.19 2.79 3.31
CA ASN A 20 -0.43 4.03 2.87
C ASN A 20 -1.65 4.37 3.72
N ALA A 21 -1.79 5.66 4.05
CA ALA A 21 -2.92 6.13 4.85
C ALA A 21 -4.18 6.22 4.00
N PRO A 22 -5.35 6.55 4.60
CA PRO A 22 -5.47 6.84 6.05
C PRO A 22 -5.21 5.61 6.92
N TYR A 23 -5.01 5.86 8.20
CA TYR A 23 -4.75 4.79 9.16
C TYR A 23 -5.94 4.58 10.08
N ASP A 24 -7.14 4.58 9.49
CA ASP A 24 -8.36 4.38 10.25
C ASP A 24 -9.16 3.20 9.71
N ASP A 25 -8.59 2.45 8.78
CA ASP A 25 -9.26 1.29 8.20
C ASP A 25 -8.33 0.08 8.15
N LYS A 26 -8.89 -1.09 8.41
CA LYS A 26 -8.12 -2.32 8.39
C LYS A 26 -7.60 -2.63 6.98
N HIS A 27 -6.28 -2.61 6.83
CA HIS A 27 -5.65 -2.89 5.54
C HIS A 27 -4.81 -4.15 5.61
N THR A 28 -5.34 -5.24 5.06
CA THR A 28 -4.63 -6.52 5.06
C THR A 28 -3.66 -6.61 3.90
N TYR A 29 -2.38 -6.42 4.17
CA TYR A 29 -1.35 -6.49 3.15
C TYR A 29 -0.83 -7.91 3.00
N HIS A 30 -1.01 -8.50 1.82
CA HIS A 30 -0.57 -9.86 1.56
C HIS A 30 0.87 -9.87 1.03
N ILE A 31 1.67 -10.79 1.56
CA ILE A 31 3.06 -10.92 1.14
C ILE A 31 3.32 -12.32 0.58
N LYS A 32 3.98 -12.38 -0.57
CA LYS A 32 4.29 -13.65 -1.20
C LYS A 32 5.71 -14.11 -0.89
N ILE A 33 5.86 -15.40 -0.64
CA ILE A 33 7.17 -15.97 -0.33
C ILE A 33 7.41 -17.25 -1.14
N THR A 34 8.66 -17.49 -1.52
CA THR A 34 9.00 -18.67 -2.30
C THR A 34 10.42 -19.14 -2.00
N ASN A 35 10.67 -20.42 -2.25
CA ASN A 35 11.98 -21.00 -2.02
C ASN A 35 12.78 -21.06 -3.32
N ALA A 36 13.83 -20.24 -3.40
CA ALA A 36 14.68 -20.20 -4.58
C ALA A 36 15.85 -21.17 -4.47
N GLY A 37 15.72 -22.14 -3.57
CA GLY A 37 16.78 -23.12 -3.39
C GLY A 37 16.42 -24.48 -3.93
N GLY A 38 16.80 -25.54 -3.21
CA GLY A 38 16.50 -26.88 -3.64
C GLY A 38 16.38 -27.85 -2.49
N ARG A 39 15.54 -27.51 -1.51
CA ARG A 39 15.34 -28.36 -0.34
C ARG A 39 14.26 -27.80 0.57
N ARG A 40 13.95 -28.51 1.64
CA ARG A 40 12.93 -28.08 2.58
C ARG A 40 13.47 -27.00 3.52
N ILE A 41 12.58 -26.13 3.98
CA ILE A 41 12.97 -25.05 4.88
C ILE A 41 11.87 -24.73 5.88
N GLY A 42 12.23 -23.95 6.89
CA GLY A 42 11.27 -23.55 7.92
C GLY A 42 11.32 -22.07 8.19
N TRP A 43 10.32 -21.35 7.72
CA TRP A 43 10.27 -19.89 7.91
C TRP A 43 9.27 -19.50 8.98
N ALA A 44 9.43 -18.28 9.49
CA ALA A 44 8.56 -17.75 10.52
C ALA A 44 8.61 -16.22 10.54
N ILE A 45 7.47 -15.59 10.79
CA ILE A 45 7.40 -14.13 10.82
C ILE A 45 7.44 -13.60 12.25
N LYS A 46 7.91 -12.36 12.39
CA LYS A 46 7.99 -11.71 13.70
C LYS A 46 7.82 -10.20 13.57
N THR A 47 6.97 -9.64 14.41
CA THR A 47 6.71 -8.20 14.38
C THR A 47 7.04 -7.56 15.72
N THR A 48 7.45 -6.29 15.68
CA THR A 48 7.79 -5.57 16.89
C THR A 48 6.60 -5.51 17.84
N ASN A 49 5.40 -5.47 17.27
CA ASN A 49 4.17 -5.42 18.06
C ASN A 49 3.20 -6.51 17.63
N MET A 50 3.02 -7.51 18.48
CA MET A 50 2.11 -8.61 18.17
C MET A 50 0.75 -8.39 18.82
N ARG A 51 0.42 -7.12 19.07
CA ARG A 51 -0.86 -6.78 19.69
C ARG A 51 -1.77 -6.07 18.69
N ARG A 52 -1.26 -4.98 18.12
CA ARG A 52 -2.02 -4.21 17.14
C ARG A 52 -1.89 -4.81 15.74
N LEU A 53 -0.77 -5.47 15.50
CA LEU A 53 -0.52 -6.09 14.20
C LEU A 53 -0.94 -7.55 14.20
N SER A 54 -1.21 -8.09 13.02
CA SER A 54 -1.62 -9.48 12.88
C SER A 54 -1.08 -10.08 11.58
N VAL A 55 -0.67 -11.34 11.64
CA VAL A 55 -0.14 -12.03 10.47
C VAL A 55 -0.63 -13.46 10.42
N ASP A 56 -0.54 -14.05 9.23
CA ASP A 56 -0.98 -15.42 9.02
C ASP A 56 -0.68 -15.87 7.58
N PRO A 57 -0.05 -17.05 7.40
CA PRO A 57 0.36 -17.95 8.50
C PRO A 57 1.59 -17.41 9.24
N PRO A 58 1.68 -17.70 10.55
CA PRO A 58 2.81 -17.25 11.37
C PRO A 58 4.10 -18.02 11.10
N CYS A 59 3.98 -19.12 10.37
CA CYS A 59 5.14 -19.94 10.04
C CYS A 59 4.74 -21.17 9.25
N GLY A 60 5.73 -21.91 8.76
CA GLY A 60 5.45 -23.11 7.98
C GLY A 60 6.69 -23.67 7.33
N VAL A 61 6.55 -24.83 6.69
CA VAL A 61 7.66 -25.49 6.02
C VAL A 61 7.53 -25.38 4.50
N LEU A 62 8.47 -24.65 3.89
CA LEU A 62 8.45 -24.47 2.44
C LEU A 62 9.20 -25.59 1.74
N ASP A 63 9.07 -25.65 0.41
CA ASP A 63 9.74 -26.68 -0.38
C ASP A 63 10.50 -26.05 -1.54
N PRO A 64 11.24 -26.87 -2.32
CA PRO A 64 12.01 -26.39 -3.47
C PRO A 64 11.13 -25.75 -4.53
N LYS A 65 11.32 -24.45 -4.73
CA LYS A 65 10.54 -23.71 -5.73
C LYS A 65 9.06 -23.70 -5.37
N GLU A 66 8.77 -23.70 -4.07
CA GLU A 66 7.39 -23.68 -3.60
C GLU A 66 6.95 -22.27 -3.23
N LYS A 67 5.67 -21.99 -3.43
CA LYS A 67 5.13 -20.67 -3.11
C LYS A 67 4.14 -20.74 -1.96
N VAL A 68 3.95 -19.62 -1.28
CA VAL A 68 3.04 -19.54 -0.14
C VAL A 68 2.44 -18.14 -0.02
N LEU A 69 1.18 -18.08 0.40
CA LEU A 69 0.50 -16.80 0.57
C LEU A 69 0.57 -16.32 2.02
N MET A 70 0.84 -15.04 2.19
CA MET A 70 0.94 -14.45 3.52
C MET A 70 0.01 -13.25 3.66
N ALA A 71 -0.33 -12.91 4.90
CA ALA A 71 -1.21 -11.78 5.17
C ALA A 71 -0.76 -11.01 6.42
N VAL A 72 -0.98 -9.71 6.41
CA VAL A 72 -0.62 -8.85 7.53
C VAL A 72 -1.66 -7.77 7.76
N SER A 73 -2.64 -8.07 8.61
CA SER A 73 -3.71 -7.12 8.91
C SER A 73 -3.27 -6.13 9.97
N CYS A 74 -3.84 -4.93 9.93
CA CYS A 74 -3.52 -3.89 10.90
C CYS A 74 -4.78 -3.20 11.40
N ASP A 75 -5.04 -3.34 12.70
CA ASP A 75 -6.22 -2.73 13.31
C ASP A 75 -6.16 -1.21 13.23
N THR A 76 -7.30 -0.58 13.00
CA THR A 76 -7.37 0.87 12.90
C THR A 76 -6.82 1.54 14.16
N PHE A 77 -5.90 2.47 13.97
CA PHE A 77 -5.28 3.18 15.09
C PHE A 77 -5.24 4.68 14.83
N ASN A 78 -4.51 5.40 15.67
CA ASN A 78 -4.39 6.85 15.53
C ASN A 78 -2.93 7.25 15.36
N ALA A 79 -2.62 7.89 14.23
CA ALA A 79 -1.27 8.34 13.94
C ALA A 79 -1.08 9.81 14.27
N ALA A 80 -1.98 10.36 15.10
CA ALA A 80 -1.91 11.76 15.48
C ALA A 80 -1.08 11.93 16.75
N THR A 81 -1.00 10.87 17.55
CA THR A 81 -0.25 10.92 18.80
C THR A 81 0.46 9.60 19.06
N GLU A 82 1.03 9.02 18.00
CA GLU A 82 1.74 7.76 18.13
C GLU A 82 3.03 7.77 17.31
N ASP A 83 3.96 6.87 17.65
CA ASP A 83 5.23 6.79 16.95
C ASP A 83 5.13 5.83 15.77
N LEU A 84 5.66 6.27 14.62
CA LEU A 84 5.64 5.45 13.42
C LEU A 84 7.04 5.23 12.88
N ASN A 85 7.92 4.69 13.71
CA ASN A 85 9.30 4.43 13.33
C ASN A 85 9.86 3.24 14.09
N ASN A 86 8.98 2.34 14.52
CA ASN A 86 9.39 1.16 15.27
C ASN A 86 8.69 -0.10 14.75
N ASP A 87 7.94 0.03 13.66
CA ASP A 87 7.23 -1.11 13.09
C ASP A 87 8.06 -1.78 12.00
N ARG A 88 8.58 -2.96 12.30
CA ARG A 88 9.39 -3.70 11.34
C ARG A 88 9.15 -5.20 11.45
N ILE A 89 9.02 -5.86 10.31
CA ILE A 89 8.78 -7.30 10.27
C ILE A 89 10.09 -8.06 10.11
N THR A 90 10.06 -9.36 10.39
CA THR A 90 11.25 -10.20 10.28
C THR A 90 10.90 -11.60 9.79
N ILE A 91 11.52 -12.02 8.69
CA ILE A 91 11.27 -13.34 8.14
C ILE A 91 12.53 -14.20 8.20
N GLU A 92 12.60 -15.05 9.21
CA GLU A 92 13.76 -15.94 9.39
C GLU A 92 13.43 -17.35 8.92
N TRP A 93 14.35 -17.97 8.20
CA TRP A 93 14.15 -19.33 7.71
C TRP A 93 15.46 -20.11 7.69
N THR A 94 15.38 -21.40 8.00
CA THR A 94 16.56 -22.26 8.02
C THR A 94 16.23 -23.64 7.46
N ASN A 95 17.19 -24.23 6.75
CA ASN A 95 17.00 -25.54 6.16
C ASN A 95 16.74 -26.59 7.25
N THR A 96 15.61 -27.28 7.14
CA THR A 96 15.26 -28.31 8.11
C THR A 96 16.37 -29.33 8.28
N PRO A 97 16.57 -29.84 9.50
CA PRO A 97 17.61 -30.83 9.78
C PRO A 97 17.37 -32.16 9.06
N ASP A 98 18.43 -32.95 8.93
CA ASP A 98 18.33 -34.24 8.26
C ASP A 98 17.15 -35.05 8.81
N GLY A 99 16.21 -35.39 7.92
CA GLY A 99 15.06 -36.16 8.33
C GLY A 99 14.25 -35.47 9.42
N ALA A 100 14.06 -34.16 9.28
CA ALA A 100 13.30 -33.39 10.26
C ALA A 100 11.81 -33.71 10.17
N ALA A 101 11.16 -33.81 11.32
CA ALA A 101 9.73 -34.11 11.36
C ALA A 101 8.94 -33.16 10.47
N LYS A 102 7.70 -33.55 10.20
CA LYS A 102 6.82 -32.74 9.36
C LYS A 102 6.04 -31.75 10.21
N GLN A 103 6.73 -30.76 10.74
CA GLN A 103 6.12 -29.74 11.58
C GLN A 103 7.15 -28.70 12.01
N PHE A 104 6.80 -27.42 11.84
CA PHE A 104 7.68 -26.33 12.20
C PHE A 104 8.21 -26.50 13.62
N ARG A 105 9.40 -25.96 13.87
CA ARG A 105 10.01 -26.04 15.20
C ARG A 105 10.62 -24.71 15.60
N ARG A 106 10.69 -24.47 16.91
CA ARG A 106 11.24 -23.22 17.43
C ARG A 106 12.74 -23.37 17.72
N GLU A 107 13.18 -24.61 17.93
CA GLU A 107 14.58 -24.88 18.21
C GLU A 107 15.46 -24.59 17.01
N TRP A 108 14.85 -24.52 15.83
CA TRP A 108 15.59 -24.24 14.60
C TRP A 108 16.28 -22.88 14.67
N PHE A 109 15.87 -22.04 15.62
CA PHE A 109 16.46 -20.72 15.78
C PHE A 109 16.94 -20.50 17.22
N GLN A 110 17.53 -21.54 17.79
CA GLN A 110 18.03 -21.47 19.16
C GLN A 110 19.55 -21.61 19.19
N GLY A 111 20.20 -21.19 18.11
CA GLY A 111 21.64 -21.27 18.03
C GLY A 111 22.16 -21.06 16.61
N ASP A 112 23.48 -21.13 16.46
CA ASP A 112 24.10 -20.96 15.15
C ASP A 112 24.00 -22.23 14.32
N GLY A 113 24.07 -22.08 13.01
CA GLY A 113 23.99 -23.22 12.11
C GLY A 113 22.94 -23.04 11.04
N MET A 114 23.29 -22.32 9.98
CA MET A 114 22.38 -22.08 8.87
C MET A 114 21.07 -21.47 9.37
N VAL A 115 20.88 -20.18 9.10
CA VAL A 115 19.68 -19.47 9.51
C VAL A 115 19.74 -17.99 9.15
N ARG A 116 18.86 -17.56 8.27
CA ARG A 116 18.83 -16.17 7.83
C ARG A 116 17.69 -15.42 8.52
N ARG A 117 17.85 -14.10 8.64
CA ARG A 117 16.85 -13.26 9.29
C ARG A 117 16.68 -11.94 8.54
N LYS A 118 15.67 -11.88 7.68
CA LYS A 118 15.40 -10.68 6.90
C LYS A 118 14.51 -9.73 7.68
N ASN A 119 14.48 -8.47 7.24
CA ASN A 119 13.67 -7.45 7.89
C ASN A 119 13.03 -6.52 6.86
N LEU A 120 11.71 -6.38 6.94
CA LEU A 120 10.97 -5.51 6.03
C LEU A 120 10.43 -4.29 6.75
N PRO A 121 11.10 -3.13 6.61
CA PRO A 121 10.68 -1.89 7.27
C PRO A 121 9.24 -1.50 6.91
N ILE A 122 8.53 -0.93 7.88
CA ILE A 122 7.15 -0.51 7.67
C ILE A 122 7.02 1.00 7.66
N GLU A 123 7.08 1.59 6.47
CA GLU A 123 6.96 3.04 6.32
C GLU A 123 5.50 3.47 6.33
N TYR A 124 5.23 4.61 6.97
CA TYR A 124 3.87 5.12 7.05
C TYR A 124 3.69 6.30 6.10
N ASN A 125 3.00 6.05 4.98
CA ASN A 125 2.75 7.09 3.99
C ASN A 125 1.60 7.99 4.43
N LEU A 126 1.92 8.97 5.27
CA LEU A 126 0.92 9.90 5.77
C LEU A 126 0.54 10.92 4.70
N ALA B 1 -10.68 44.97 -6.52
CA ALA B 1 -10.28 43.61 -6.98
C ALA B 1 -11.19 42.55 -6.36
N GLN B 2 -10.96 42.24 -5.09
CA GLN B 2 -11.76 41.24 -4.40
C GLN B 2 -11.57 39.86 -5.01
N SER B 3 -10.52 39.17 -4.57
CA SER B 3 -10.22 37.83 -5.08
C SER B 3 -9.47 37.02 -4.04
N VAL B 4 -9.80 35.73 -3.93
CA VAL B 4 -9.15 34.85 -2.97
C VAL B 4 -8.80 33.51 -3.61
N PRO B 5 -7.50 33.19 -3.73
CA PRO B 5 -7.06 31.92 -4.34
C PRO B 5 -7.74 30.71 -3.70
N PRO B 6 -7.73 29.56 -4.40
CA PRO B 6 -8.35 28.33 -3.90
C PRO B 6 -7.53 27.69 -2.78
N GLY B 7 -8.18 27.49 -1.63
CA GLY B 7 -7.49 26.89 -0.50
C GLY B 7 -7.02 25.48 -0.79
N ASP B 8 -5.81 25.17 -0.35
CA ASP B 8 -5.23 23.84 -0.57
C ASP B 8 -6.12 22.76 0.04
N ILE B 9 -6.41 21.73 -0.74
CA ILE B 9 -7.25 20.63 -0.27
C ILE B 9 -6.40 19.49 0.28
N ASN B 10 -6.62 19.17 1.56
CA ASN B 10 -5.88 18.10 2.21
C ASN B 10 -6.04 16.79 1.45
N THR B 11 -5.00 15.96 1.45
CA THR B 11 -5.03 14.69 0.75
C THR B 11 -4.40 13.58 1.59
N GLN B 12 -4.84 12.34 1.36
CA GLN B 12 -4.32 11.20 2.09
C GLN B 12 -4.25 9.97 1.17
N PRO B 13 -3.02 9.53 0.78
CA PRO B 13 -1.75 10.15 1.19
C PRO B 13 -1.63 11.59 0.70
N SER B 14 -0.68 12.31 1.28
CA SER B 14 -0.44 13.71 0.92
C SER B 14 -0.44 13.90 -0.59
N GLN B 15 0.45 13.21 -1.28
CA GLN B 15 0.54 13.32 -2.74
C GLN B 15 1.49 12.27 -3.31
N LYS B 16 1.36 11.03 -2.83
CA LYS B 16 2.21 9.95 -3.31
C LYS B 16 1.84 8.63 -2.64
N ILE B 17 1.70 7.58 -3.45
CA ILE B 17 1.35 6.26 -2.94
C ILE B 17 2.26 5.20 -3.53
N VAL B 18 2.44 4.10 -2.81
CA VAL B 18 3.30 3.01 -3.28
C VAL B 18 2.54 1.71 -3.42
N PHE B 19 2.02 1.45 -4.61
CA PHE B 19 1.27 0.22 -4.87
C PHE B 19 2.15 -1.00 -4.56
N ASN B 20 2.00 -1.53 -3.35
CA ASN B 20 2.78 -2.69 -2.91
C ASN B 20 2.33 -3.96 -3.61
N ALA B 21 3.30 -4.78 -4.00
CA ALA B 21 3.02 -6.05 -4.68
C ALA B 21 2.53 -7.09 -3.68
N PRO B 22 2.13 -8.29 -4.14
CA PRO B 22 2.14 -8.66 -5.57
C PRO B 22 1.14 -7.86 -6.39
N TYR B 23 1.29 -7.92 -7.71
CA TYR B 23 0.40 -7.21 -8.61
C TYR B 23 -0.52 -8.17 -9.35
N ASP B 24 -1.06 -9.13 -8.62
CA ASP B 24 -1.96 -10.12 -9.20
C ASP B 24 -3.32 -10.13 -8.48
N ASP B 25 -3.53 -9.16 -7.58
CA ASP B 25 -4.79 -9.08 -6.85
C ASP B 25 -5.32 -7.64 -6.85
N LYS B 26 -6.64 -7.51 -6.96
CA LYS B 26 -7.27 -6.20 -6.97
C LYS B 26 -7.09 -5.49 -5.63
N HIS B 27 -6.36 -4.37 -5.65
CA HIS B 27 -6.11 -3.60 -4.44
C HIS B 27 -6.75 -2.23 -4.53
N THR B 28 -7.88 -2.05 -3.86
CA THR B 28 -8.59 -0.78 -3.88
C THR B 28 -8.01 0.19 -2.83
N TYR B 29 -7.22 1.14 -3.30
CA TYR B 29 -6.61 2.13 -2.40
C TYR B 29 -7.52 3.34 -2.24
N HIS B 30 -7.97 3.58 -1.01
CA HIS B 30 -8.85 4.70 -0.73
C HIS B 30 -8.06 5.96 -0.38
N ILE B 31 -8.46 7.09 -0.96
CA ILE B 31 -7.81 8.36 -0.72
C ILE B 31 -8.78 9.37 -0.11
N LYS B 32 -8.35 10.05 0.93
CA LYS B 32 -9.19 11.03 1.61
C LYS B 32 -8.87 12.45 1.14
N ILE B 33 -9.91 13.25 0.95
CA ILE B 33 -9.75 14.63 0.51
C ILE B 33 -10.60 15.57 1.36
N THR B 34 -10.11 16.78 1.59
CA THR B 34 -10.84 17.76 2.39
C THR B 34 -10.53 19.18 1.94
N ASN B 35 -11.45 20.09 2.23
CA ASN B 35 -11.28 21.50 1.87
C ASN B 35 -10.75 22.30 3.04
N ALA B 36 -9.51 22.76 2.94
CA ALA B 36 -8.88 23.54 3.99
C ALA B 36 -9.10 25.03 3.79
N GLY B 37 -10.10 25.37 2.98
CA GLY B 37 -10.39 26.77 2.73
C GLY B 37 -11.67 27.23 3.40
N GLY B 38 -12.45 28.05 2.69
CA GLY B 38 -13.70 28.55 3.24
C GLY B 38 -14.71 28.88 2.17
N ARG B 39 -14.98 27.92 1.30
CA ARG B 39 -15.95 28.11 0.22
C ARG B 39 -16.15 26.82 -0.57
N ARG B 40 -17.04 26.86 -1.54
CA ARG B 40 -17.33 25.70 -2.38
C ARG B 40 -16.24 25.51 -3.43
N ILE B 41 -16.03 24.26 -3.84
CA ILE B 41 -15.02 23.94 -4.84
C ILE B 41 -15.44 22.76 -5.71
N GLY B 42 -14.73 22.57 -6.81
CA GLY B 42 -15.02 21.47 -7.71
C GLY B 42 -13.77 20.71 -8.10
N TRP B 43 -13.62 19.51 -7.54
CA TRP B 43 -12.44 18.69 -7.80
C TRP B 43 -12.77 17.54 -8.76
N ALA B 44 -11.72 17.00 -9.36
CA ALA B 44 -11.85 15.89 -10.31
C ALA B 44 -10.53 15.13 -10.42
N ILE B 45 -10.63 13.82 -10.55
CA ILE B 45 -9.43 12.97 -10.66
C ILE B 45 -9.14 12.61 -12.12
N LYS B 46 -7.87 12.33 -12.40
CA LYS B 46 -7.44 11.96 -13.74
C LYS B 46 -6.24 11.02 -13.68
N THR B 47 -6.30 9.93 -14.43
CA THR B 47 -5.22 8.95 -14.46
C THR B 47 -4.67 8.78 -15.87
N THR B 48 -3.39 8.47 -15.97
CA THR B 48 -2.74 8.27 -17.26
C THR B 48 -3.43 7.17 -18.05
N ASN B 49 -3.96 6.18 -17.33
CA ASN B 49 -4.65 5.06 -17.96
C ASN B 49 -6.02 4.84 -17.32
N MET B 50 -7.06 5.16 -18.08
CA MET B 50 -8.44 5.00 -17.59
C MET B 50 -9.04 3.68 -18.06
N ARG B 51 -8.17 2.71 -18.35
CA ARG B 51 -8.62 1.40 -18.82
C ARG B 51 -8.38 0.34 -17.76
N ARG B 52 -7.12 0.23 -17.32
CA ARG B 52 -6.75 -0.75 -16.31
C ARG B 52 -7.01 -0.21 -14.90
N LEU B 53 -6.95 1.11 -14.76
CA LEU B 53 -7.19 1.75 -13.47
C LEU B 53 -8.65 2.18 -13.33
N SER B 54 -9.10 2.32 -12.09
CA SER B 54 -10.46 2.73 -11.81
C SER B 54 -10.54 3.60 -10.56
N VAL B 55 -11.39 4.62 -10.61
CA VAL B 55 -11.55 5.52 -9.47
C VAL B 55 -13.02 5.88 -9.26
N ASP B 56 -13.32 6.35 -8.07
CA ASP B 56 -14.68 6.74 -7.71
C ASP B 56 -14.72 7.34 -6.31
N PRO B 57 -15.38 8.51 -6.12
CA PRO B 57 -16.05 9.25 -7.21
C PRO B 57 -15.05 9.94 -8.14
N PRO B 58 -15.40 10.07 -9.43
CA PRO B 58 -14.53 10.71 -10.43
C PRO B 58 -14.47 12.23 -10.27
N CYS B 59 -15.38 12.79 -9.47
CA CYS B 59 -15.42 14.22 -9.24
C CYS B 59 -16.58 14.60 -8.32
N GLY B 60 -16.63 15.87 -7.92
CA GLY B 60 -17.69 16.32 -7.04
C GLY B 60 -17.44 17.73 -6.53
N VAL B 61 -18.42 18.28 -5.80
CA VAL B 61 -18.30 19.61 -5.25
C VAL B 61 -18.09 19.57 -3.74
N LEU B 62 -16.92 20.01 -3.30
CA LEU B 62 -16.60 20.02 -1.88
C LEU B 62 -17.06 21.30 -1.21
N ASP B 63 -17.02 21.33 0.12
CA ASP B 63 -17.43 22.50 0.88
C ASP B 63 -16.37 22.90 1.90
N PRO B 64 -16.59 24.01 2.62
CA PRO B 64 -15.65 24.50 3.62
C PRO B 64 -15.42 23.50 4.76
N LYS B 65 -14.21 22.97 4.85
CA LYS B 65 -13.86 22.01 5.88
C LYS B 65 -14.67 20.72 5.73
N GLU B 66 -14.99 20.37 4.48
CA GLU B 66 -15.75 19.17 4.20
C GLU B 66 -14.83 18.02 3.80
N LYS B 67 -15.23 16.80 4.14
CA LYS B 67 -14.44 15.62 3.82
C LYS B 67 -15.16 14.73 2.81
N VAL B 68 -14.38 13.93 2.10
CA VAL B 68 -14.94 13.02 1.09
C VAL B 68 -14.09 11.77 0.95
N LEU B 69 -14.75 10.64 0.70
CA LEU B 69 -14.04 9.37 0.54
C LEU B 69 -13.78 9.07 -0.93
N MET B 70 -12.58 8.59 -1.22
CA MET B 70 -12.18 8.26 -2.59
C MET B 70 -11.67 6.83 -2.67
N ALA B 71 -11.71 6.27 -3.88
CA ALA B 71 -11.25 4.91 -4.10
C ALA B 71 -10.53 4.77 -5.44
N VAL B 72 -9.53 3.90 -5.47
CA VAL B 72 -8.76 3.66 -6.69
C VAL B 72 -8.42 2.19 -6.85
N SER B 73 -9.29 1.45 -7.54
CA SER B 73 -9.08 0.03 -7.76
C SER B 73 -8.15 -0.22 -8.94
N CYS B 74 -7.43 -1.34 -8.89
CA CYS B 74 -6.50 -1.69 -9.96
C CYS B 74 -6.64 -3.16 -10.34
N ASP B 75 -7.04 -3.42 -11.57
CA ASP B 75 -7.22 -4.77 -12.07
C ASP B 75 -5.89 -5.52 -12.08
N THR B 76 -5.94 -6.81 -11.75
CA THR B 76 -4.73 -7.63 -11.73
C THR B 76 -4.04 -7.62 -13.08
N PHE B 77 -2.74 -7.32 -13.08
CA PHE B 77 -1.96 -7.26 -14.31
C PHE B 77 -0.64 -8.01 -14.15
N ASN B 78 0.25 -7.84 -15.13
CA ASN B 78 1.55 -8.50 -15.10
C ASN B 78 2.67 -7.47 -15.14
N ALA B 79 3.50 -7.47 -14.09
CA ALA B 79 4.63 -6.53 -14.02
C ALA B 79 5.93 -7.19 -14.46
N ALA B 80 5.82 -8.30 -15.19
CA ALA B 80 6.99 -9.02 -15.68
C ALA B 80 7.42 -8.52 -17.05
N THR B 81 6.47 -7.94 -17.79
CA THR B 81 6.75 -7.43 -19.12
C THR B 81 5.97 -6.15 -19.39
N GLU B 82 5.91 -5.27 -18.39
CA GLU B 82 5.20 -4.01 -18.52
C GLU B 82 5.98 -2.87 -17.89
N ASP B 83 5.67 -1.65 -18.29
CA ASP B 83 6.34 -0.47 -17.76
C ASP B 83 5.63 0.05 -16.51
N LEU B 84 6.41 0.36 -15.48
CA LEU B 84 5.85 0.86 -14.22
C LEU B 84 6.48 2.21 -13.87
N ASN B 85 6.36 3.16 -14.78
CA ASN B 85 6.91 4.50 -14.55
C ASN B 85 6.11 5.55 -15.30
N ASN B 86 4.84 5.25 -15.57
CA ASN B 86 3.96 6.17 -16.28
C ASN B 86 2.60 6.29 -15.60
N ASP B 87 2.45 5.68 -14.44
CA ASP B 87 1.19 5.72 -13.70
C ASP B 87 1.19 6.86 -12.69
N ARG B 88 0.43 7.91 -12.98
CA ARG B 88 0.34 9.06 -12.09
C ARG B 88 -1.07 9.65 -12.08
N ILE B 89 -1.54 9.98 -10.89
CA ILE B 89 -2.88 10.55 -10.73
C ILE B 89 -2.83 12.07 -10.69
N THR B 90 -3.98 12.71 -10.88
CA THR B 90 -4.04 14.17 -10.88
C THR B 90 -5.36 14.65 -10.27
N ILE B 91 -5.25 15.48 -9.24
CA ILE B 91 -6.42 16.02 -8.57
C ILE B 91 -6.51 17.53 -8.74
N GLU B 92 -7.30 17.97 -9.71
CA GLU B 92 -7.47 19.41 -9.97
C GLU B 92 -8.78 19.92 -9.38
N TRP B 93 -8.73 21.08 -8.75
CA TRP B 93 -9.92 21.68 -8.15
C TRP B 93 -9.90 23.19 -8.26
N THR B 94 -11.07 23.79 -8.48
CA THR B 94 -11.19 25.24 -8.59
C THR B 94 -12.45 25.74 -7.91
N ASN B 95 -12.36 26.92 -7.29
CA ASN B 95 -13.50 27.50 -6.60
C ASN B 95 -14.64 27.76 -7.58
N THR B 96 -15.81 27.17 -7.29
CA THR B 96 -16.98 27.35 -8.14
C THR B 96 -17.27 28.82 -8.38
N PRO B 97 -17.77 29.16 -9.59
CA PRO B 97 -18.08 30.55 -9.94
C PRO B 97 -19.24 31.11 -9.12
N ASP B 98 -19.34 32.43 -9.08
CA ASP B 98 -20.40 33.09 -8.32
C ASP B 98 -21.77 32.49 -8.66
N GLY B 99 -22.43 31.94 -7.64
CA GLY B 99 -23.74 31.34 -7.85
C GLY B 99 -23.71 30.21 -8.85
N ALA B 100 -22.68 29.37 -8.77
CA ALA B 100 -22.56 28.24 -9.68
C ALA B 100 -23.58 27.16 -9.38
N ALA B 101 -24.15 26.57 -10.42
CA ALA B 101 -25.16 25.52 -10.26
C ALA B 101 -24.66 24.42 -9.35
N LYS B 102 -25.60 23.60 -8.88
CA LYS B 102 -25.27 22.50 -8.00
C LYS B 102 -24.96 21.24 -8.79
N GLN B 103 -23.81 21.27 -9.47
CA GLN B 103 -23.37 20.14 -10.29
C GLN B 103 -22.00 20.42 -10.89
N PHE B 104 -21.10 19.45 -10.77
CA PHE B 104 -19.75 19.59 -11.32
C PHE B 104 -19.80 20.01 -12.78
N ARG B 105 -18.75 20.71 -13.22
CA ARG B 105 -18.67 21.17 -14.60
C ARG B 105 -17.28 20.94 -15.17
N ARG B 106 -17.19 20.77 -16.48
CA ARG B 106 -15.92 20.53 -17.14
C ARG B 106 -15.30 21.85 -17.61
N GLU B 107 -16.14 22.86 -17.81
CA GLU B 107 -15.67 24.16 -18.26
C GLU B 107 -14.81 24.85 -17.20
N TRP B 108 -14.93 24.39 -15.95
CA TRP B 108 -14.16 24.96 -14.86
C TRP B 108 -12.66 24.82 -15.10
N PHE B 109 -12.28 23.94 -16.04
CA PHE B 109 -10.88 23.73 -16.35
C PHE B 109 -10.62 23.91 -17.84
N GLN B 110 -11.26 24.91 -18.44
CA GLN B 110 -11.11 25.18 -19.86
C GLN B 110 -10.43 26.53 -20.08
N GLY B 111 -9.61 26.94 -19.11
CA GLY B 111 -8.92 28.21 -19.22
C GLY B 111 -8.30 28.65 -17.91
N ASP B 112 -7.66 29.81 -17.91
CA ASP B 112 -7.02 30.35 -16.72
C ASP B 112 -8.05 31.01 -15.80
N GLY B 113 -7.72 31.08 -14.52
CA GLY B 113 -8.61 31.70 -13.56
C GLY B 113 -8.88 30.80 -12.37
N MET B 114 -7.95 30.79 -11.42
CA MET B 114 -8.10 29.97 -10.21
C MET B 114 -8.32 28.51 -10.57
N VAL B 115 -7.30 27.68 -10.36
CA VAL B 115 -7.38 26.27 -10.65
C VAL B 115 -6.05 25.56 -10.40
N ARG B 116 -6.04 24.65 -9.43
CA ARG B 116 -4.83 23.92 -9.09
C ARG B 116 -4.88 22.51 -9.67
N ARG B 117 -3.70 21.94 -9.89
CA ARG B 117 -3.59 20.59 -10.45
C ARG B 117 -2.47 19.81 -9.77
N LYS B 118 -2.84 19.00 -8.78
CA LYS B 118 -1.87 18.19 -8.05
C LYS B 118 -1.62 16.87 -8.76
N ASN B 119 -0.53 16.21 -8.41
CA ASN B 119 -0.17 14.93 -9.01
C ASN B 119 0.40 13.97 -7.97
N LEU B 120 -0.17 12.78 -7.89
CA LEU B 120 0.28 11.78 -6.93
C LEU B 120 0.95 10.60 -7.65
N PRO B 121 2.29 10.56 -7.68
CA PRO B 121 3.05 9.50 -8.34
C PRO B 121 2.66 8.11 -7.83
N ILE B 122 2.66 7.13 -8.73
CA ILE B 122 2.31 5.77 -8.37
C ILE B 122 3.52 4.84 -8.44
N GLU B 123 4.20 4.67 -7.31
CA GLU B 123 5.37 3.82 -7.24
C GLU B 123 4.98 2.35 -7.07
N TYR B 124 5.71 1.48 -7.74
CA TYR B 124 5.44 0.04 -7.67
C TYR B 124 6.46 -0.67 -6.78
N ASN B 125 6.02 -1.02 -5.58
CA ASN B 125 6.88 -1.71 -4.62
C ASN B 125 7.00 -3.19 -4.96
N LEU B 126 7.88 -3.51 -5.90
CA LEU B 126 8.08 -4.89 -6.32
C LEU B 126 8.88 -5.66 -5.28
N ALA A 1 31.29 -32.09 -0.28
CA ALA A 1 30.82 -30.82 0.35
C ALA A 1 30.15 -29.91 -0.67
N GLN A 2 28.99 -30.33 -1.17
CA GLN A 2 28.26 -29.54 -2.15
C GLN A 2 26.89 -29.15 -1.62
N SER A 3 26.86 -28.12 -0.78
CA SER A 3 25.61 -27.63 -0.20
C SER A 3 25.15 -26.36 -0.90
N VAL A 4 23.95 -25.90 -0.55
CA VAL A 4 23.39 -24.70 -1.15
C VAL A 4 22.71 -23.82 -0.09
N PRO A 5 23.03 -22.52 -0.04
CA PRO A 5 22.44 -21.60 0.94
C PRO A 5 20.92 -21.56 0.83
N PRO A 6 20.26 -20.87 1.78
CA PRO A 6 18.79 -20.76 1.79
C PRO A 6 18.25 -20.24 0.47
N GLY A 7 17.41 -21.04 -0.17
CA GLY A 7 16.82 -20.65 -1.44
C GLY A 7 15.93 -19.44 -1.30
N ASP A 8 16.12 -18.45 -2.16
CA ASP A 8 15.32 -17.23 -2.13
C ASP A 8 13.83 -17.55 -2.04
N ILE A 9 13.23 -17.21 -0.90
CA ILE A 9 11.81 -17.46 -0.69
C ILE A 9 10.96 -16.34 -1.27
N ASN A 10 10.02 -16.70 -2.15
CA ASN A 10 9.14 -15.72 -2.76
C ASN A 10 8.19 -15.10 -1.74
N THR A 11 8.01 -13.79 -1.84
CA THR A 11 7.13 -13.08 -0.91
C THR A 11 6.25 -12.09 -1.66
N GLN A 12 5.09 -11.78 -1.09
CA GLN A 12 4.15 -10.84 -1.70
C GLN A 12 3.43 -10.03 -0.64
N PRO A 13 3.83 -8.75 -0.41
CA PRO A 13 4.93 -8.11 -1.14
C PRO A 13 6.25 -8.84 -0.96
N SER A 14 7.18 -8.64 -1.90
CA SER A 14 8.48 -9.29 -1.85
C SER A 14 9.59 -8.29 -1.53
N GLN A 15 9.28 -6.99 -1.59
CA GLN A 15 10.26 -5.95 -1.33
C GLN A 15 9.87 -5.12 -0.12
N LYS A 16 8.73 -4.45 -0.22
CA LYS A 16 8.24 -3.61 0.88
C LYS A 16 6.71 -3.68 0.97
N ILE A 17 6.17 -3.03 2.00
CA ILE A 17 4.73 -3.00 2.22
C ILE A 17 4.32 -1.68 2.86
N VAL A 18 3.40 -0.97 2.21
CA VAL A 18 2.91 0.31 2.72
C VAL A 18 1.45 0.24 3.12
N PHE A 19 1.18 0.47 4.41
CA PHE A 19 -0.18 0.43 4.92
C PHE A 19 -0.92 1.71 4.55
N ASN A 20 -1.68 1.65 3.45
CA ASN A 20 -2.43 2.81 2.98
C ASN A 20 -3.60 3.13 3.90
N ALA A 21 -3.72 4.41 4.26
CA ALA A 21 -4.79 4.88 5.13
C ALA A 21 -6.15 4.56 4.52
N PRO A 22 -7.25 4.73 5.30
CA PRO A 22 -7.22 5.20 6.68
C PRO A 22 -7.07 4.06 7.69
N TYR A 23 -6.64 4.41 8.89
CA TYR A 23 -6.46 3.42 9.95
C TYR A 23 -7.66 3.39 10.89
N ASP A 24 -8.85 3.38 10.31
CA ASP A 24 -10.09 3.35 11.08
C ASP A 24 -11.05 2.30 10.55
N ASP A 25 -10.58 1.46 9.62
CA ASP A 25 -11.42 0.41 9.05
C ASP A 25 -10.80 -0.98 9.21
N LYS A 26 -9.57 -1.03 9.72
CA LYS A 26 -8.89 -2.31 9.91
C LYS A 26 -8.65 -3.00 8.57
N HIS A 27 -7.44 -3.50 8.38
CA HIS A 27 -7.09 -4.18 7.13
C HIS A 27 -5.98 -5.21 7.37
N THR A 28 -6.36 -6.48 7.45
CA THR A 28 -5.40 -7.55 7.65
C THR A 28 -4.63 -7.84 6.37
N TYR A 29 -3.39 -7.35 6.31
CA TYR A 29 -2.55 -7.55 5.14
C TYR A 29 -2.03 -8.98 5.06
N HIS A 30 -2.44 -9.70 4.02
CA HIS A 30 -2.03 -11.09 3.84
C HIS A 30 -0.81 -11.18 2.94
N ILE A 31 0.27 -11.75 3.47
CA ILE A 31 1.51 -11.89 2.72
C ILE A 31 1.69 -13.33 2.25
N LYS A 32 1.91 -13.51 0.95
CA LYS A 32 2.11 -14.84 0.37
C LYS A 32 3.59 -15.20 0.33
N ILE A 33 3.93 -16.34 0.93
CA ILE A 33 5.31 -16.80 0.96
C ILE A 33 5.44 -18.15 0.27
N THR A 34 6.65 -18.47 -0.17
CA THR A 34 6.91 -19.74 -0.85
C THR A 34 8.40 -20.07 -0.86
N ASN A 35 8.70 -21.35 -0.91
CA ASN A 35 10.09 -21.81 -0.93
C ASN A 35 10.55 -22.05 -2.37
N ALA A 36 11.43 -21.18 -2.86
CA ALA A 36 11.94 -21.29 -4.21
C ALA A 36 13.26 -22.07 -4.24
N GLY A 37 13.48 -22.88 -3.21
CA GLY A 37 14.70 -23.67 -3.12
C GLY A 37 14.48 -25.11 -3.53
N GLY A 38 15.23 -26.02 -2.90
CA GLY A 38 15.11 -27.43 -3.23
C GLY A 38 14.67 -28.26 -2.04
N ARG A 39 14.94 -27.77 -0.83
CA ARG A 39 14.58 -28.49 0.38
C ARG A 39 13.71 -27.61 1.28
N ARG A 40 13.09 -28.23 2.29
CA ARG A 40 12.24 -27.50 3.22
C ARG A 40 13.01 -26.38 3.91
N ILE A 41 12.29 -25.42 4.48
CA ILE A 41 12.92 -24.30 5.16
C ILE A 41 12.07 -23.77 6.30
N GLY A 42 12.73 -23.46 7.42
CA GLY A 42 12.02 -22.93 8.58
C GLY A 42 12.16 -21.42 8.67
N TRP A 43 11.06 -20.72 8.44
CA TRP A 43 11.06 -19.26 8.48
C TRP A 43 10.41 -18.72 9.76
N ALA A 44 10.76 -17.49 10.09
CA ALA A 44 10.22 -16.82 11.28
C ALA A 44 10.06 -15.34 11.03
N ILE A 45 9.06 -14.73 11.67
CA ILE A 45 8.81 -13.30 11.51
C ILE A 45 8.87 -12.56 12.84
N LYS A 46 9.26 -11.29 12.78
CA LYS A 46 9.37 -10.45 13.97
C LYS A 46 9.13 -8.99 13.62
N THR A 47 8.35 -8.30 14.45
CA THR A 47 8.04 -6.90 14.21
C THR A 47 8.46 -6.04 15.42
N THR A 48 8.73 -4.77 15.15
CA THR A 48 9.14 -3.85 16.20
C THR A 48 8.05 -3.68 17.25
N ASN A 49 6.80 -3.77 16.80
CA ASN A 49 5.65 -3.63 17.70
C ASN A 49 4.76 -4.87 17.65
N MET A 50 4.80 -5.65 18.72
CA MET A 50 3.99 -6.86 18.80
C MET A 50 2.78 -6.65 19.70
N ARG A 51 2.34 -5.40 19.81
CA ARG A 51 1.19 -5.05 20.63
C ARG A 51 -0.03 -4.75 19.76
N ARG A 52 0.21 -4.09 18.62
CA ARG A 52 -0.86 -3.75 17.70
C ARG A 52 -0.80 -4.62 16.45
N LEU A 53 0.42 -5.01 16.07
CA LEU A 53 0.62 -5.84 14.89
C LEU A 53 0.83 -7.29 15.29
N SER A 54 -0.07 -8.16 14.85
CA SER A 54 0.02 -9.58 15.18
C SER A 54 0.09 -10.44 13.91
N VAL A 55 1.28 -10.97 13.64
CA VAL A 55 1.48 -11.81 12.47
C VAL A 55 1.09 -13.26 12.76
N ASP A 56 0.72 -13.99 11.72
CA ASP A 56 0.33 -15.39 11.88
C ASP A 56 0.10 -16.05 10.51
N PRO A 57 0.72 -17.23 10.27
CA PRO A 57 1.57 -17.93 11.25
C PRO A 57 2.92 -17.21 11.42
N PRO A 58 3.34 -16.98 12.68
CA PRO A 58 4.62 -16.30 12.96
C PRO A 58 5.80 -17.04 12.35
N CYS A 59 5.86 -18.34 12.57
CA CYS A 59 6.94 -19.17 12.05
C CYS A 59 6.39 -20.46 11.45
N GLY A 60 7.28 -21.31 10.96
CA GLY A 60 6.85 -22.57 10.37
C GLY A 60 7.87 -23.13 9.39
N VAL A 61 7.45 -24.14 8.63
CA VAL A 61 8.32 -24.77 7.64
C VAL A 61 7.53 -25.21 6.42
N LEU A 62 8.14 -25.06 5.24
CA LEU A 62 7.48 -25.44 4.00
C LEU A 62 8.42 -26.25 3.11
N ASP A 63 7.89 -27.32 2.52
CA ASP A 63 8.67 -28.17 1.64
C ASP A 63 9.13 -27.42 0.39
N PRO A 64 9.86 -28.09 -0.52
CA PRO A 64 10.35 -27.46 -1.75
C PRO A 64 9.22 -26.98 -2.65
N LYS A 65 9.15 -25.67 -2.86
CA LYS A 65 8.13 -25.07 -3.71
C LYS A 65 6.76 -25.11 -3.03
N GLU A 66 6.75 -25.04 -1.70
CA GLU A 66 5.51 -25.05 -0.94
C GLU A 66 5.01 -23.62 -0.72
N LYS A 67 3.70 -23.48 -0.56
CA LYS A 67 3.10 -22.16 -0.35
C LYS A 67 2.45 -22.07 1.03
N VAL A 68 2.57 -20.90 1.65
CA VAL A 68 2.01 -20.66 2.97
C VAL A 68 1.44 -19.24 3.07
N LEU A 69 0.20 -19.15 3.54
CA LEU A 69 -0.45 -17.85 3.67
C LEU A 69 -0.09 -17.18 5.00
N MET A 70 0.11 -15.87 4.97
CA MET A 70 0.45 -15.10 6.15
C MET A 70 -0.50 -13.93 6.33
N ALA A 71 -0.60 -13.43 7.56
CA ALA A 71 -1.47 -12.31 7.86
C ALA A 71 -0.82 -11.33 8.84
N VAL A 72 -1.20 -10.07 8.73
CA VAL A 72 -0.66 -9.03 9.61
C VAL A 72 -1.76 -8.18 10.22
N SER A 73 -2.33 -8.67 11.31
CA SER A 73 -3.42 -7.96 11.99
C SER A 73 -2.99 -6.55 12.39
N CYS A 74 -3.84 -5.57 12.11
CA CYS A 74 -3.55 -4.18 12.45
C CYS A 74 -4.81 -3.47 12.93
N ASP A 75 -5.06 -3.54 14.23
CA ASP A 75 -6.23 -2.92 14.82
C ASP A 75 -6.33 -1.44 14.41
N THR A 76 -7.55 -0.92 14.39
CA THR A 76 -7.78 0.47 14.02
C THR A 76 -7.18 1.41 15.06
N PHE A 77 -6.22 2.22 14.63
CA PHE A 77 -5.57 3.17 15.53
C PHE A 77 -5.37 4.52 14.85
N ASN A 78 -4.51 5.35 15.43
CA ASN A 78 -4.22 6.67 14.88
C ASN A 78 -2.72 6.94 14.89
N ALA A 79 -2.21 7.55 13.82
CA ALA A 79 -0.80 7.86 13.72
C ALA A 79 -0.51 9.29 14.19
N ALA A 80 -1.44 9.86 14.95
CA ALA A 80 -1.28 11.21 15.46
C ALA A 80 -0.73 11.20 16.88
N THR A 81 -1.00 10.11 17.60
CA THR A 81 -0.54 9.99 18.98
C THR A 81 -0.29 8.52 19.33
N GLU A 82 0.42 7.82 18.45
CA GLU A 82 0.73 6.41 18.68
C GLU A 82 2.17 6.09 18.29
N ASP A 83 2.65 4.94 18.72
CA ASP A 83 4.02 4.52 18.42
C ASP A 83 4.31 4.64 16.92
N LEU A 84 5.39 5.33 16.59
CA LEU A 84 5.78 5.52 15.19
C LEU A 84 7.28 5.70 15.07
N ASN A 85 7.99 4.58 15.00
CA ASN A 85 9.45 4.60 14.87
C ASN A 85 9.87 3.78 13.65
N ASN A 86 8.96 3.66 12.69
CA ASN A 86 9.21 2.91 11.47
C ASN A 86 9.20 1.42 11.75
N ASP A 87 8.04 0.82 11.55
CA ASP A 87 7.86 -0.61 11.77
C ASP A 87 8.60 -1.42 10.71
N ARG A 88 9.10 -2.59 11.09
CA ARG A 88 9.83 -3.46 10.17
C ARG A 88 9.50 -4.92 10.43
N ILE A 89 9.29 -5.68 9.35
CA ILE A 89 8.98 -7.10 9.47
C ILE A 89 10.14 -7.95 8.97
N THR A 90 10.99 -8.37 9.90
CA THR A 90 12.15 -9.21 9.57
C THR A 90 11.73 -10.66 9.35
N ILE A 91 12.34 -11.29 8.34
CA ILE A 91 12.03 -12.67 8.02
C ILE A 91 13.32 -13.48 7.83
N GLU A 92 13.58 -14.40 8.75
CA GLU A 92 14.77 -15.23 8.68
C GLU A 92 14.41 -16.70 8.50
N TRP A 93 14.94 -17.31 7.45
CA TRP A 93 14.66 -18.72 7.18
C TRP A 93 15.95 -19.48 6.85
N THR A 94 16.04 -20.71 7.32
CA THR A 94 17.23 -21.53 7.08
C THR A 94 16.84 -22.98 6.81
N ASN A 95 17.59 -23.64 5.94
CA ASN A 95 17.33 -25.04 5.59
C ASN A 95 17.44 -25.93 6.83
N THR A 96 16.44 -26.77 7.03
CA THR A 96 16.44 -27.68 8.18
C THR A 96 17.44 -28.82 7.99
N PRO A 97 18.12 -29.24 9.06
CA PRO A 97 19.11 -30.32 9.00
C PRO A 97 18.55 -31.57 8.31
N ASP A 98 19.44 -32.45 7.90
CA ASP A 98 19.04 -33.69 7.23
C ASP A 98 17.93 -34.39 8.01
N GLY A 99 16.78 -34.55 7.37
CA GLY A 99 15.66 -35.20 8.03
C GLY A 99 15.32 -34.57 9.36
N ALA A 100 15.27 -33.25 9.39
CA ALA A 100 14.97 -32.52 10.61
C ALA A 100 13.54 -32.80 11.09
N ALA A 101 13.24 -32.40 12.31
CA ALA A 101 11.92 -32.61 12.88
C ALA A 101 10.88 -31.72 12.23
N LYS A 102 9.61 -32.06 12.43
CA LYS A 102 8.51 -31.30 11.86
C LYS A 102 8.10 -30.18 12.81
N GLN A 103 8.97 -29.19 12.93
CA GLN A 103 8.72 -28.05 13.80
C GLN A 103 9.88 -27.07 13.78
N PHE A 104 9.58 -25.78 13.92
CA PHE A 104 10.60 -24.76 13.92
C PHE A 104 11.46 -24.83 15.19
N ARG A 105 12.74 -25.11 15.01
CA ARG A 105 13.66 -25.20 16.14
C ARG A 105 14.49 -23.94 16.28
N ARG A 106 14.96 -23.68 17.50
CA ARG A 106 15.77 -22.49 17.76
C ARG A 106 17.24 -22.74 17.42
N GLU A 107 17.64 -24.01 17.48
CA GLU A 107 19.02 -24.38 17.18
C GLU A 107 19.36 -24.11 15.71
N TRP A 108 18.32 -24.06 14.87
CA TRP A 108 18.51 -23.81 13.44
C TRP A 108 19.20 -22.46 13.21
N PHE A 109 19.19 -21.60 14.21
CA PHE A 109 19.83 -20.29 14.10
C PHE A 109 20.84 -20.09 15.21
N GLN A 110 21.57 -21.14 15.56
CA GLN A 110 22.58 -21.08 16.61
C GLN A 110 23.97 -21.36 16.05
N GLY A 111 24.21 -20.92 14.83
CA GLY A 111 25.51 -21.15 14.20
C GLY A 111 25.95 -19.98 13.34
N ASP A 112 27.16 -20.05 12.83
CA ASP A 112 27.71 -19.00 11.97
C ASP A 112 27.55 -19.36 10.51
N GLY A 113 27.21 -18.37 9.69
CA GLY A 113 27.03 -18.60 8.28
C GLY A 113 25.67 -19.21 7.96
N MET A 114 25.35 -19.32 6.68
CA MET A 114 24.07 -19.88 6.26
C MET A 114 22.91 -19.09 6.84
N VAL A 115 21.72 -19.30 6.28
CA VAL A 115 20.51 -18.62 6.73
C VAL A 115 20.40 -17.23 6.11
N ARG A 116 19.24 -16.94 5.53
CA ARG A 116 19.00 -15.64 4.90
C ARG A 116 18.07 -14.79 5.75
N ARG A 117 18.31 -13.48 5.77
CA ARG A 117 17.48 -12.57 6.55
C ARG A 117 17.10 -11.34 5.73
N LYS A 118 15.86 -11.32 5.26
CA LYS A 118 15.36 -10.19 4.47
C LYS A 118 14.34 -9.39 5.26
N ASN A 119 14.51 -8.07 5.28
CA ASN A 119 13.61 -7.19 6.00
C ASN A 119 12.59 -6.54 5.07
N LEU A 120 11.37 -6.38 5.56
CA LEU A 120 10.31 -5.76 4.78
C LEU A 120 9.86 -4.46 5.42
N PRO A 121 10.41 -3.32 4.97
CA PRO A 121 10.07 -2.00 5.52
C PRO A 121 8.56 -1.73 5.51
N ILE A 122 8.07 -1.13 6.59
CA ILE A 122 6.65 -0.81 6.70
C ILE A 122 6.44 0.69 6.73
N GLU A 123 5.83 1.22 5.67
CA GLU A 123 5.57 2.65 5.57
C GLU A 123 4.07 2.94 5.63
N TYR A 124 3.68 3.85 6.53
CA TYR A 124 2.28 4.23 6.68
C TYR A 124 1.92 5.38 5.76
N ASN A 125 1.17 5.09 4.71
CA ASN A 125 0.75 6.11 3.75
C ASN A 125 -0.45 6.88 4.26
N LEU A 126 -0.22 7.78 5.20
CA LEU A 126 -1.29 8.58 5.79
C LEU A 126 -2.01 9.38 4.70
N ALA B 1 -10.76 43.49 -1.45
CA ALA B 1 -10.01 42.38 -2.11
C ALA B 1 -9.47 41.41 -1.08
N GLN B 2 -10.36 40.69 -0.40
CA GLN B 2 -9.96 39.72 0.61
C GLN B 2 -10.41 38.31 0.23
N SER B 3 -9.65 37.69 -0.67
CA SER B 3 -9.97 36.34 -1.11
C SER B 3 -9.05 35.30 -0.46
N VAL B 4 -9.33 34.03 -0.68
CA VAL B 4 -8.52 32.96 -0.10
C VAL B 4 -8.28 31.84 -1.12
N PRO B 5 -7.01 31.43 -1.31
CA PRO B 5 -6.66 30.37 -2.26
C PRO B 5 -7.41 29.07 -1.97
N PRO B 6 -7.30 28.07 -2.87
CA PRO B 6 -7.97 26.78 -2.71
C PRO B 6 -7.64 26.13 -1.36
N GLY B 7 -8.68 25.91 -0.56
CA GLY B 7 -8.49 25.28 0.74
C GLY B 7 -7.96 23.87 0.63
N ASP B 8 -6.90 23.57 1.40
CA ASP B 8 -6.29 22.25 1.37
C ASP B 8 -7.36 21.16 1.49
N ILE B 9 -7.52 20.38 0.42
CA ILE B 9 -8.50 19.30 0.40
C ILE B 9 -7.93 18.03 1.01
N ASN B 10 -8.60 17.50 2.02
CA ASN B 10 -8.16 16.28 2.69
C ASN B 10 -8.26 15.08 1.74
N THR B 11 -7.24 14.23 1.77
CA THR B 11 -7.21 13.04 0.92
C THR B 11 -6.73 11.82 1.70
N GLN B 12 -7.16 10.65 1.26
CA GLN B 12 -6.78 9.40 1.92
C GLN B 12 -6.59 8.27 0.90
N PRO B 13 -5.34 7.93 0.54
CA PRO B 13 -4.13 8.57 1.08
C PRO B 13 -4.09 10.06 0.79
N SER B 14 -3.32 10.79 1.58
CA SER B 14 -3.19 12.23 1.41
C SER B 14 -1.81 12.62 0.90
N GLN B 15 -0.87 11.68 0.90
CA GLN B 15 0.48 11.94 0.43
C GLN B 15 0.83 11.07 -0.77
N LYS B 16 0.82 9.76 -0.57
CA LYS B 16 1.13 8.82 -1.64
C LYS B 16 0.28 7.57 -1.55
N ILE B 17 0.42 6.70 -2.54
CA ILE B 17 -0.34 5.44 -2.57
C ILE B 17 0.47 4.34 -3.25
N VAL B 18 0.67 3.23 -2.54
CA VAL B 18 1.45 2.12 -3.06
C VAL B 18 0.56 0.88 -3.27
N PHE B 19 0.46 0.45 -4.53
CA PHE B 19 -0.34 -0.72 -4.87
C PHE B 19 0.40 -2.00 -4.49
N ASN B 20 0.09 -2.53 -3.31
CA ASN B 20 0.74 -3.74 -2.82
C ASN B 20 0.29 -4.97 -3.62
N ALA B 21 1.26 -5.77 -4.04
CA ALA B 21 1.00 -6.98 -4.80
C ALA B 21 0.09 -7.93 -4.00
N PRO B 22 -0.44 -9.00 -4.63
CA PRO B 22 -0.20 -9.33 -6.04
C PRO B 22 -1.21 -8.66 -6.98
N TYR B 23 -0.84 -8.56 -8.25
CA TYR B 23 -1.72 -7.96 -9.25
C TYR B 23 -2.48 -9.02 -10.03
N ASP B 24 -3.04 -9.99 -9.30
CA ASP B 24 -3.80 -11.06 -9.91
C ASP B 24 -5.13 -11.28 -9.19
N ASP B 25 -5.48 -10.37 -8.28
CA ASP B 25 -6.73 -10.49 -7.53
C ASP B 25 -7.60 -9.23 -7.67
N LYS B 26 -7.07 -8.20 -8.33
CA LYS B 26 -7.81 -6.97 -8.52
C LYS B 26 -8.10 -6.31 -7.17
N HIS B 27 -7.87 -5.00 -7.10
CA HIS B 27 -8.11 -4.26 -5.87
C HIS B 27 -8.42 -2.79 -6.16
N THR B 28 -9.71 -2.44 -6.10
CA THR B 28 -10.14 -1.08 -6.36
C THR B 28 -9.81 -0.18 -5.16
N TYR B 29 -8.76 0.61 -5.29
CA TYR B 29 -8.34 1.51 -4.23
C TYR B 29 -9.28 2.71 -4.12
N HIS B 30 -9.96 2.81 -2.99
CA HIS B 30 -10.90 3.91 -2.76
C HIS B 30 -10.22 5.05 -2.02
N ILE B 31 -10.20 6.23 -2.65
CA ILE B 31 -9.59 7.41 -2.04
C ILE B 31 -10.65 8.37 -1.50
N LYS B 32 -10.52 8.73 -0.24
CA LYS B 32 -11.47 9.64 0.40
C LYS B 32 -11.00 11.10 0.28
N ILE B 33 -11.86 11.94 -0.27
CA ILE B 33 -11.53 13.35 -0.45
C ILE B 33 -12.52 14.23 0.31
N THR B 34 -12.11 15.45 0.61
CA THR B 34 -12.96 16.39 1.34
C THR B 34 -12.47 17.82 1.18
N ASN B 35 -13.38 18.77 1.29
CA ASN B 35 -13.04 20.18 1.17
C ASN B 35 -12.83 20.80 2.55
N ALA B 36 -11.57 21.11 2.85
CA ALA B 36 -11.23 21.71 4.14
C ALA B 36 -11.21 23.23 4.05
N GLY B 37 -11.90 23.77 3.05
CA GLY B 37 -11.93 25.21 2.88
C GLY B 37 -13.21 25.83 3.41
N GLY B 38 -13.67 26.89 2.76
CA GLY B 38 -14.88 27.56 3.19
C GLY B 38 -15.96 27.55 2.12
N ARG B 39 -15.56 27.44 0.87
CA ARG B 39 -16.50 27.42 -0.25
C ARG B 39 -16.33 26.16 -1.09
N ARG B 40 -17.30 25.90 -1.96
CA ARG B 40 -17.24 24.72 -2.82
C ARG B 40 -15.98 24.74 -3.67
N ILE B 41 -15.62 23.58 -4.22
CA ILE B 41 -14.43 23.47 -5.05
C ILE B 41 -14.57 22.39 -6.11
N GLY B 42 -14.10 22.69 -7.32
CA GLY B 42 -14.17 21.74 -8.41
C GLY B 42 -12.84 21.04 -8.62
N TRP B 43 -12.79 19.76 -8.31
CA TRP B 43 -11.56 18.98 -8.44
C TRP B 43 -11.60 18.06 -9.66
N ALA B 44 -10.43 17.67 -10.13
CA ALA B 44 -10.30 16.79 -11.29
C ALA B 44 -9.09 15.87 -11.12
N ILE B 45 -9.18 14.66 -11.67
CA ILE B 45 -8.09 13.70 -11.58
C ILE B 45 -7.59 13.27 -12.94
N LYS B 46 -6.31 12.92 -13.02
CA LYS B 46 -5.70 12.48 -14.27
C LYS B 46 -4.53 11.53 -13.99
N THR B 47 -4.46 10.45 -14.77
CA THR B 47 -3.41 9.46 -14.59
C THR B 47 -2.62 9.27 -15.89
N THR B 48 -1.38 8.85 -15.76
CA THR B 48 -0.51 8.63 -16.91
C THR B 48 -1.08 7.54 -17.81
N ASN B 49 -1.74 6.56 -17.22
CA ASN B 49 -2.33 5.45 -17.97
C ASN B 49 -3.84 5.37 -17.73
N MET B 50 -4.61 5.74 -18.73
CA MET B 50 -6.07 5.70 -18.63
C MET B 50 -6.63 4.49 -19.37
N ARG B 51 -5.81 3.45 -19.51
CA ARG B 51 -6.23 2.23 -20.21
C ARG B 51 -6.50 1.12 -19.21
N ARG B 52 -5.68 1.05 -18.16
CA ARG B 52 -5.82 0.03 -17.14
C ARG B 52 -6.37 0.64 -15.85
N LEU B 53 -6.01 1.90 -15.59
CA LEU B 53 -6.47 2.59 -14.40
C LEU B 53 -7.64 3.51 -14.73
N SER B 54 -8.78 3.24 -14.11
CA SER B 54 -9.98 4.05 -14.34
C SER B 54 -10.51 4.65 -13.05
N VAL B 55 -10.31 5.95 -12.88
CA VAL B 55 -10.76 6.66 -11.69
C VAL B 55 -12.22 7.07 -11.84
N ASP B 56 -12.90 7.22 -10.71
CA ASP B 56 -14.30 7.62 -10.72
C ASP B 56 -14.82 7.89 -9.29
N PRO B 57 -15.47 9.04 -9.05
CA PRO B 57 -15.72 10.07 -10.08
C PRO B 57 -14.45 10.81 -10.47
N PRO B 58 -14.18 10.96 -11.78
CA PRO B 58 -12.99 11.65 -12.28
C PRO B 58 -12.92 13.09 -11.77
N CYS B 59 -14.02 13.81 -11.91
CA CYS B 59 -14.08 15.20 -11.45
C CYS B 59 -15.38 15.46 -10.71
N GLY B 60 -15.58 16.70 -10.28
CA GLY B 60 -16.79 17.05 -9.56
C GLY B 60 -16.60 18.28 -8.68
N VAL B 61 -17.58 18.51 -7.81
CA VAL B 61 -17.53 19.65 -6.89
C VAL B 61 -18.17 19.30 -5.55
N LEU B 62 -17.58 19.83 -4.47
CA LEU B 62 -18.08 19.56 -3.13
C LEU B 62 -18.16 20.85 -2.32
N ASP B 63 -19.27 21.00 -1.59
CA ASP B 63 -19.47 22.18 -0.76
C ASP B 63 -18.44 22.25 0.36
N PRO B 64 -18.51 23.29 1.22
CA PRO B 64 -17.58 23.47 2.33
C PRO B 64 -17.65 22.32 3.33
N LYS B 65 -16.54 21.59 3.46
CA LYS B 65 -16.48 20.46 4.39
C LYS B 65 -17.29 19.27 3.89
N GLU B 66 -17.41 19.14 2.57
CA GLU B 66 -18.16 18.03 1.98
C GLU B 66 -17.24 16.84 1.73
N LYS B 67 -17.82 15.65 1.72
CA LYS B 67 -17.06 14.43 1.49
C LYS B 67 -17.48 13.73 0.20
N VAL B 68 -16.50 13.17 -0.50
CA VAL B 68 -16.77 12.47 -1.76
C VAL B 68 -15.88 11.24 -1.88
N LEU B 69 -16.50 10.10 -2.19
CA LEU B 69 -15.76 8.85 -2.34
C LEU B 69 -15.18 8.71 -3.74
N MET B 70 -13.96 8.18 -3.82
CA MET B 70 -13.29 7.98 -5.10
C MET B 70 -12.82 6.54 -5.24
N ALA B 71 -12.60 6.11 -6.47
CA ALA B 71 -12.14 4.75 -6.73
C ALA B 71 -11.10 4.72 -7.84
N VAL B 72 -10.20 3.73 -7.79
CA VAL B 72 -9.16 3.58 -8.79
C VAL B 72 -9.11 2.15 -9.31
N SER B 73 -9.95 1.85 -10.30
CA SER B 73 -9.99 0.51 -10.88
C SER B 73 -8.63 0.10 -11.42
N CYS B 74 -8.21 -1.12 -11.11
CA CYS B 74 -6.93 -1.64 -11.57
C CYS B 74 -7.04 -3.12 -11.94
N ASP B 75 -7.41 -3.38 -13.18
CA ASP B 75 -7.56 -4.76 -13.66
C ASP B 75 -6.31 -5.58 -13.35
N THR B 76 -6.51 -6.88 -13.20
CA THR B 76 -5.40 -7.79 -12.90
C THR B 76 -4.43 -7.86 -14.08
N PHE B 77 -3.19 -7.45 -13.84
CA PHE B 77 -2.16 -7.48 -14.88
C PHE B 77 -0.84 -7.97 -14.32
N ASN B 78 0.24 -7.72 -15.06
CA ASN B 78 1.57 -8.14 -14.64
C ASN B 78 2.58 -7.03 -14.87
N ALA B 79 3.49 -6.84 -13.91
CA ALA B 79 4.51 -5.81 -14.00
C ALA B 79 5.80 -6.36 -14.60
N ALA B 80 5.71 -7.51 -15.28
CA ALA B 80 6.88 -8.12 -15.90
C ALA B 80 6.96 -7.75 -17.37
N THR B 81 5.82 -7.46 -17.98
CA THR B 81 5.78 -7.09 -19.39
C THR B 81 4.63 -6.13 -19.67
N GLU B 82 4.52 -5.09 -18.85
CA GLU B 82 3.46 -4.10 -19.00
C GLU B 82 3.99 -2.68 -18.79
N ASP B 83 3.21 -1.69 -19.18
CA ASP B 83 3.61 -0.29 -19.03
C ASP B 83 4.05 -0.01 -17.60
N LEU B 84 5.24 0.56 -17.46
CA LEU B 84 5.78 0.88 -16.14
C LEU B 84 6.72 2.08 -16.21
N ASN B 85 6.15 3.27 -16.16
CA ASN B 85 6.94 4.49 -16.21
C ASN B 85 6.63 5.37 -15.01
N ASN B 86 6.18 4.73 -13.93
CA ASN B 86 5.83 5.43 -12.71
C ASN B 86 4.52 6.19 -12.87
N ASP B 87 3.43 5.55 -12.49
CA ASP B 87 2.10 6.15 -12.59
C ASP B 87 1.94 7.27 -11.57
N ARG B 88 1.16 8.29 -11.94
CA ARG B 88 0.93 9.42 -11.06
C ARG B 88 -0.51 9.91 -11.16
N ILE B 89 -1.12 10.21 -10.03
CA ILE B 89 -2.49 10.70 -9.99
C ILE B 89 -2.55 12.16 -9.60
N THR B 90 -2.59 13.04 -10.59
CA THR B 90 -2.64 14.48 -10.35
C THR B 90 -4.06 14.91 -9.98
N ILE B 91 -4.15 15.83 -9.02
CA ILE B 91 -5.44 16.34 -8.57
C ILE B 91 -5.43 17.86 -8.48
N GLU B 92 -6.17 18.50 -9.36
CA GLU B 92 -6.25 19.96 -9.40
C GLU B 92 -7.66 20.44 -9.07
N TRP B 93 -7.77 21.29 -8.06
CA TRP B 93 -9.07 21.83 -7.65
C TRP B 93 -9.00 23.35 -7.44
N THR B 94 -10.05 24.05 -7.83
CA THR B 94 -10.10 25.50 -7.69
C THR B 94 -11.49 25.96 -7.28
N ASN B 95 -11.54 27.01 -6.46
CA ASN B 95 -12.81 27.55 -5.99
C ASN B 95 -13.66 28.03 -7.16
N THR B 96 -14.92 27.62 -7.18
CA THR B 96 -15.84 28.01 -8.25
C THR B 96 -16.25 29.48 -8.10
N PRO B 97 -16.38 30.19 -9.23
CA PRO B 97 -16.78 31.61 -9.21
C PRO B 97 -18.04 31.85 -8.39
N ASP B 98 -18.26 33.10 -8.01
CA ASP B 98 -19.43 33.47 -7.22
C ASP B 98 -20.70 32.86 -7.81
N GLY B 99 -21.35 32.00 -7.02
CA GLY B 99 -22.57 31.36 -7.48
C GLY B 99 -22.38 30.65 -8.81
N ALA B 100 -21.29 29.90 -8.91
CA ALA B 100 -20.99 29.16 -10.14
C ALA B 100 -22.04 28.08 -10.41
N ALA B 101 -22.00 27.53 -11.61
CA ALA B 101 -22.95 26.49 -11.99
C ALA B 101 -22.66 25.18 -11.27
N LYS B 102 -23.63 24.28 -11.28
CA LYS B 102 -23.47 22.99 -10.64
C LYS B 102 -22.87 21.97 -11.60
N GLN B 103 -21.60 22.17 -11.91
CA GLN B 103 -20.87 21.29 -12.81
C GLN B 103 -19.43 21.76 -13.00
N PHE B 104 -18.53 20.81 -13.20
CA PHE B 104 -17.12 21.13 -13.38
C PHE B 104 -16.89 21.80 -14.74
N ARG B 105 -16.44 23.04 -14.72
CA ARG B 105 -16.18 23.80 -15.94
C ARG B 105 -14.69 23.81 -16.28
N ARG B 106 -14.39 23.98 -17.55
CA ARG B 106 -13.00 24.01 -18.01
C ARG B 106 -12.41 25.41 -17.83
N GLU B 107 -13.27 26.42 -17.86
CA GLU B 107 -12.83 27.80 -17.71
C GLU B 107 -12.25 28.05 -16.31
N TRP B 108 -12.63 27.21 -15.36
CA TRP B 108 -12.14 27.34 -13.99
C TRP B 108 -10.62 27.22 -13.93
N PHE B 109 -10.02 26.69 -14.99
CA PHE B 109 -8.57 26.53 -15.05
C PHE B 109 -8.00 27.20 -16.29
N GLN B 110 -8.57 28.36 -16.64
CA GLN B 110 -8.12 29.10 -17.82
C GLN B 110 -7.57 30.47 -17.42
N GLY B 111 -6.91 30.53 -16.27
CA GLY B 111 -6.35 31.78 -15.81
C GLY B 111 -5.03 31.59 -15.09
N ASP B 112 -4.39 32.71 -14.72
CA ASP B 112 -3.11 32.66 -14.03
C ASP B 112 -3.31 32.82 -12.52
N GLY B 113 -2.55 32.06 -11.75
CA GLY B 113 -2.67 32.12 -10.30
C GLY B 113 -3.85 31.33 -9.79
N MET B 114 -3.94 31.20 -8.46
CA MET B 114 -5.03 30.46 -7.85
C MET B 114 -5.04 29.01 -8.33
N VAL B 115 -5.77 28.17 -7.61
CA VAL B 115 -5.88 26.75 -7.95
C VAL B 115 -4.69 25.95 -7.42
N ARG B 116 -4.96 24.87 -6.72
CA ARG B 116 -3.92 24.03 -6.15
C ARG B 116 -3.80 22.72 -6.94
N ARG B 117 -2.58 22.23 -7.08
CA ARG B 117 -2.33 20.99 -7.80
C ARG B 117 -1.39 20.07 -7.03
N LYS B 118 -1.95 19.04 -6.42
CA LYS B 118 -1.16 18.08 -5.65
C LYS B 118 -1.11 16.74 -6.36
N ASN B 119 0.09 16.18 -6.49
CA ASN B 119 0.27 14.90 -7.15
C ASN B 119 0.41 13.76 -6.14
N LEU B 120 -0.16 12.61 -6.49
CA LEU B 120 -0.10 11.44 -5.62
C LEU B 120 0.69 10.31 -6.29
N PRO B 121 2.00 10.22 -5.99
CA PRO B 121 2.86 9.19 -6.59
C PRO B 121 2.31 7.78 -6.41
N ILE B 122 2.42 6.96 -7.45
CA ILE B 122 1.93 5.59 -7.41
C ILE B 122 3.10 4.60 -7.51
N GLU B 123 3.36 3.89 -6.42
CA GLU B 123 4.44 2.91 -6.39
C GLU B 123 3.90 1.49 -6.27
N TYR B 124 4.36 0.62 -7.18
CA TYR B 124 3.92 -0.78 -7.18
C TYR B 124 4.83 -1.63 -6.30
N ASN B 125 4.32 -2.03 -5.14
CA ASN B 125 5.09 -2.86 -4.22
C ASN B 125 5.04 -4.32 -4.62
N LEU B 126 5.81 -4.67 -5.64
CA LEU B 126 5.86 -6.05 -6.14
C LEU B 126 6.30 -7.01 -5.03
N ALA A 1 30.39 -35.11 7.64
CA ALA A 1 29.87 -33.72 7.72
C ALA A 1 28.46 -33.69 8.31
N GLN A 2 27.94 -32.49 8.54
CA GLN A 2 26.61 -32.33 9.10
C GLN A 2 26.11 -30.91 8.93
N SER A 3 24.87 -30.66 9.35
CA SER A 3 24.28 -29.33 9.24
C SER A 3 24.19 -28.89 7.78
N VAL A 4 23.11 -28.18 7.45
CA VAL A 4 22.91 -27.71 6.09
C VAL A 4 22.12 -26.40 6.07
N PRO A 5 22.53 -25.44 5.22
CA PRO A 5 21.86 -24.14 5.12
C PRO A 5 20.46 -24.26 4.50
N PRO A 6 19.50 -23.46 5.01
CA PRO A 6 18.12 -23.49 4.51
C PRO A 6 18.00 -22.83 3.13
N GLY A 7 17.21 -23.44 2.26
CA GLY A 7 17.02 -22.90 0.92
C GLY A 7 16.54 -21.46 0.95
N ASP A 8 17.41 -20.55 0.50
CA ASP A 8 17.07 -19.13 0.47
C ASP A 8 15.69 -18.90 -0.13
N ILE A 9 14.94 -17.97 0.44
CA ILE A 9 13.60 -17.65 -0.05
C ILE A 9 13.51 -16.23 -0.56
N ASN A 10 12.68 -16.01 -1.58
CA ASN A 10 12.50 -14.69 -2.17
C ASN A 10 11.31 -13.98 -1.52
N THR A 11 11.41 -12.66 -1.37
CA THR A 11 10.34 -11.89 -0.77
C THR A 11 10.10 -10.59 -1.54
N GLN A 12 8.84 -10.19 -1.63
CA GLN A 12 8.47 -8.97 -2.32
C GLN A 12 7.50 -8.13 -1.48
N PRO A 13 7.94 -6.96 -0.97
CA PRO A 13 9.29 -6.41 -1.19
C PRO A 13 10.37 -7.29 -0.57
N SER A 14 11.60 -7.10 -1.03
CA SER A 14 12.73 -7.89 -0.53
C SER A 14 13.71 -7.00 0.24
N GLN A 15 13.66 -5.70 -0.01
CA GLN A 15 14.56 -4.76 0.66
C GLN A 15 13.87 -4.11 1.87
N LYS A 16 12.66 -3.60 1.65
CA LYS A 16 11.91 -2.95 2.70
C LYS A 16 10.53 -2.54 2.22
N ILE A 17 9.58 -2.48 3.13
CA ILE A 17 8.21 -2.11 2.81
C ILE A 17 7.89 -0.69 3.28
N VAL A 18 6.97 -0.03 2.61
CA VAL A 18 6.58 1.33 2.97
C VAL A 18 5.06 1.51 2.95
N PHE A 19 4.45 1.47 4.13
CA PHE A 19 3.01 1.63 4.23
C PHE A 19 2.59 3.02 3.76
N ASN A 20 1.83 3.06 2.66
CA ASN A 20 1.38 4.33 2.10
C ASN A 20 0.19 4.89 2.89
N ALA A 21 0.18 6.20 3.04
CA ALA A 21 -0.90 6.88 3.76
C ALA A 21 -2.22 6.74 3.01
N PRO A 22 -3.36 7.14 3.63
CA PRO A 22 -3.39 7.70 4.99
C PRO A 22 -3.18 6.64 6.07
N TYR A 23 -2.94 7.10 7.29
CA TYR A 23 -2.72 6.20 8.41
C TYR A 23 -3.88 6.27 9.40
N ASP A 24 -5.07 6.50 8.87
CA ASP A 24 -6.28 6.59 9.70
C ASP A 24 -7.26 5.48 9.34
N ASP A 25 -6.85 4.55 8.47
CA ASP A 25 -7.73 3.46 8.06
C ASP A 25 -6.96 2.14 8.04
N LYS A 26 -7.68 1.05 8.29
CA LYS A 26 -7.08 -0.28 8.30
C LYS A 26 -6.62 -0.68 6.90
N HIS A 27 -5.32 -0.70 6.69
CA HIS A 27 -4.76 -1.07 5.39
C HIS A 27 -4.09 -2.43 5.45
N THR A 28 -4.30 -3.25 4.43
CA THR A 28 -3.73 -4.58 4.37
C THR A 28 -2.69 -4.69 3.26
N TYR A 29 -1.43 -4.86 3.64
CA TYR A 29 -0.35 -4.98 2.67
C TYR A 29 0.11 -6.42 2.56
N HIS A 30 -0.20 -7.07 1.44
CA HIS A 30 0.18 -8.45 1.22
C HIS A 30 1.63 -8.57 0.78
N ILE A 31 2.25 -9.70 1.12
CA ILE A 31 3.64 -9.96 0.76
C ILE A 31 3.77 -11.28 0.01
N LYS A 32 4.76 -11.37 -0.87
CA LYS A 32 4.98 -12.58 -1.65
C LYS A 32 6.18 -13.36 -1.13
N ILE A 33 5.94 -14.60 -0.72
CA ILE A 33 7.00 -15.46 -0.21
C ILE A 33 7.10 -16.74 -1.02
N THR A 34 8.31 -17.08 -1.45
CA THR A 34 8.53 -18.28 -2.26
C THR A 34 9.81 -18.99 -1.83
N ASN A 35 9.87 -20.29 -2.09
CA ASN A 35 11.03 -21.10 -1.75
C ASN A 35 11.99 -21.17 -2.93
N ALA A 36 13.17 -20.59 -2.76
CA ALA A 36 14.19 -20.59 -3.81
C ALA A 36 15.13 -21.79 -3.67
N GLY A 37 14.68 -22.80 -2.94
CA GLY A 37 15.50 -23.99 -2.75
C GLY A 37 14.83 -25.25 -3.28
N GLY A 38 14.98 -26.34 -2.55
CA GLY A 38 14.39 -27.60 -2.98
C GLY A 38 14.00 -28.47 -1.80
N ARG A 39 13.25 -27.90 -0.86
CA ARG A 39 12.81 -28.65 0.31
C ARG A 39 11.86 -27.80 1.16
N ARG A 40 11.15 -28.46 2.07
CA ARG A 40 10.21 -27.77 2.94
C ARG A 40 10.94 -26.92 3.98
N ILE A 41 10.45 -25.71 4.20
CA ILE A 41 11.06 -24.80 5.16
C ILE A 41 10.01 -24.06 5.98
N GLY A 42 9.96 -24.33 7.27
CA GLY A 42 9.01 -23.66 8.14
C GLY A 42 9.35 -22.20 8.34
N TRP A 43 8.42 -21.31 8.00
CA TRP A 43 8.65 -19.88 8.15
C TRP A 43 7.71 -19.27 9.18
N ALA A 44 8.10 -18.12 9.72
CA ALA A 44 7.31 -17.42 10.72
C ALA A 44 7.61 -15.93 10.69
N ILE A 45 6.56 -15.11 10.76
CA ILE A 45 6.72 -13.66 10.73
C ILE A 45 6.80 -13.08 12.15
N LYS A 46 7.66 -12.09 12.31
CA LYS A 46 7.83 -11.44 13.61
C LYS A 46 8.23 -9.97 13.44
N THR A 47 7.56 -9.09 14.18
CA THR A 47 7.85 -7.66 14.11
C THR A 47 8.09 -7.08 15.49
N THR A 48 8.74 -5.93 15.52
CA THR A 48 9.04 -5.24 16.77
C THR A 48 7.81 -5.15 17.67
N ASN A 49 6.70 -4.72 17.07
CA ASN A 49 5.44 -4.59 17.81
C ASN A 49 4.40 -5.58 17.29
N MET A 50 4.05 -6.55 18.13
CA MET A 50 3.06 -7.55 17.76
C MET A 50 1.67 -7.17 18.28
N ARG A 51 1.46 -5.89 18.52
CA ARG A 51 0.18 -5.39 19.02
C ARG A 51 -0.58 -4.63 17.93
N ARG A 52 0.14 -3.75 17.23
CA ARG A 52 -0.46 -2.95 16.17
C ARG A 52 -0.53 -3.74 14.87
N LEU A 53 0.59 -4.33 14.47
CA LEU A 53 0.66 -5.11 13.24
C LEU A 53 0.01 -6.48 13.43
N SER A 54 -0.47 -7.05 12.33
CA SER A 54 -1.11 -8.36 12.38
C SER A 54 -0.78 -9.16 11.11
N VAL A 55 0.01 -10.21 11.28
CA VAL A 55 0.40 -11.06 10.15
C VAL A 55 -0.44 -12.33 10.10
N ASP A 56 -0.70 -12.81 8.89
CA ASP A 56 -1.49 -14.02 8.70
C ASP A 56 -1.31 -14.56 7.27
N PRO A 57 -0.89 -15.83 7.12
CA PRO A 57 -0.58 -16.73 8.23
C PRO A 57 0.72 -16.35 8.95
N PRO A 58 0.72 -16.34 10.29
CA PRO A 58 1.90 -15.99 11.08
C PRO A 58 2.97 -17.08 11.06
N CYS A 59 2.61 -18.26 10.55
CA CYS A 59 3.56 -19.37 10.48
C CYS A 59 3.06 -20.43 9.50
N GLY A 60 3.96 -21.33 9.12
CA GLY A 60 3.61 -22.39 8.18
C GLY A 60 4.83 -23.02 7.55
N VAL A 61 4.63 -23.59 6.36
CA VAL A 61 5.73 -24.25 5.64
C VAL A 61 5.72 -23.84 4.17
N LEU A 62 6.91 -23.82 3.57
CA LEU A 62 7.05 -23.45 2.17
C LEU A 62 7.60 -24.61 1.35
N ASP A 63 6.85 -25.00 0.32
CA ASP A 63 7.27 -26.10 -0.55
C ASP A 63 8.36 -25.65 -1.52
N PRO A 64 9.01 -26.59 -2.21
CA PRO A 64 10.08 -26.27 -3.17
C PRO A 64 9.57 -25.49 -4.37
N LYS A 65 10.05 -24.26 -4.52
CA LYS A 65 9.65 -23.40 -5.63
C LYS A 65 8.15 -23.11 -5.57
N GLU A 66 7.59 -23.11 -4.36
CA GLU A 66 6.19 -22.84 -4.17
C GLU A 66 5.99 -21.40 -3.69
N LYS A 67 4.84 -20.82 -4.06
CA LYS A 67 4.53 -19.44 -3.66
C LYS A 67 3.39 -19.41 -2.65
N VAL A 68 3.35 -18.36 -1.85
CA VAL A 68 2.30 -18.20 -0.84
C VAL A 68 2.01 -16.73 -0.59
N LEU A 69 0.74 -16.41 -0.37
CA LEU A 69 0.32 -15.03 -0.11
C LEU A 69 0.24 -14.76 1.38
N MET A 70 0.76 -13.59 1.79
CA MET A 70 0.74 -13.20 3.19
C MET A 70 -0.02 -11.89 3.37
N ALA A 71 -0.48 -11.63 4.58
CA ALA A 71 -1.22 -10.42 4.88
C ALA A 71 -0.65 -9.71 6.11
N VAL A 72 -0.30 -8.44 5.94
CA VAL A 72 0.26 -7.65 7.04
C VAL A 72 -0.53 -6.35 7.22
N SER A 73 -1.51 -6.39 8.12
CA SER A 73 -2.34 -5.21 8.38
C SER A 73 -1.69 -4.32 9.43
N CYS A 74 -2.03 -3.03 9.37
CA CYS A 74 -1.50 -2.06 10.32
C CYS A 74 -2.61 -1.17 10.88
N ASP A 75 -2.93 -1.38 12.15
CA ASP A 75 -3.98 -0.61 12.81
C ASP A 75 -3.72 0.90 12.65
N THR A 76 -4.80 1.66 12.54
CA THR A 76 -4.69 3.11 12.39
C THR A 76 -4.01 3.73 13.60
N PHE A 77 -3.18 4.74 13.36
CA PHE A 77 -2.46 5.42 14.44
C PHE A 77 -2.31 6.90 14.14
N ASN A 78 -1.50 7.58 14.95
CA ASN A 78 -1.26 9.01 14.76
C ASN A 78 0.20 9.27 14.43
N ALA A 79 0.45 9.72 13.21
CA ALA A 79 1.81 10.01 12.75
C ALA A 79 2.11 11.51 12.87
N ALA A 80 1.35 12.20 13.70
CA ALA A 80 1.55 13.63 13.89
C ALA A 80 2.42 13.91 15.11
N THR A 81 2.37 13.02 16.08
CA THR A 81 3.16 13.16 17.30
C THR A 81 3.69 11.82 17.78
N GLU A 82 4.25 11.05 16.86
CA GLU A 82 4.79 9.74 17.18
C GLU A 82 6.00 9.41 16.30
N ASP A 83 6.98 8.74 16.88
CA ASP A 83 8.19 8.37 16.14
C ASP A 83 7.90 7.27 15.13
N LEU A 84 8.66 7.26 14.04
CA LEU A 84 8.49 6.25 12.99
C LEU A 84 9.83 5.65 12.59
N ASN A 85 10.45 4.91 13.50
CA ASN A 85 11.74 4.28 13.24
C ASN A 85 11.97 3.10 14.16
N ASN A 86 10.88 2.42 14.53
CA ASN A 86 10.97 1.26 15.42
C ASN A 86 10.15 0.09 14.88
N ASP A 87 9.61 0.22 13.67
CA ASP A 87 8.82 -0.84 13.07
C ASP A 87 9.62 -1.57 11.99
N ARG A 88 9.85 -2.86 12.21
CA ARG A 88 10.60 -3.66 11.27
C ARG A 88 10.13 -5.12 11.28
N ILE A 89 9.94 -5.69 10.10
CA ILE A 89 9.49 -7.07 9.99
C ILE A 89 10.68 -8.04 10.00
N THR A 90 10.41 -9.30 10.29
CA THR A 90 11.46 -10.30 10.34
C THR A 90 10.94 -11.67 9.90
N ILE A 91 11.40 -12.13 8.74
CA ILE A 91 10.99 -13.43 8.21
C ILE A 91 12.07 -14.48 8.43
N GLU A 92 11.78 -15.44 9.30
CA GLU A 92 12.74 -16.51 9.61
C GLU A 92 12.22 -17.86 9.11
N TRP A 93 13.08 -18.60 8.42
CA TRP A 93 12.71 -19.91 7.89
C TRP A 93 13.88 -20.88 8.00
N THR A 94 13.57 -22.16 8.15
CA THR A 94 14.59 -23.19 8.26
C THR A 94 14.06 -24.55 7.80
N ASN A 95 14.97 -25.40 7.37
CA ASN A 95 14.60 -26.74 6.91
C ASN A 95 13.77 -27.47 7.95
N THR A 96 12.93 -28.41 7.49
CA THR A 96 12.08 -29.18 8.39
C THR A 96 12.67 -30.57 8.62
N PRO A 97 12.73 -31.01 9.88
CA PRO A 97 13.27 -32.33 10.23
C PRO A 97 12.58 -33.47 9.48
N ASP A 98 13.26 -34.60 9.37
CA ASP A 98 12.71 -35.75 8.66
C ASP A 98 11.33 -36.11 9.20
N GLY A 99 10.35 -36.15 8.31
CA GLY A 99 8.99 -36.48 8.71
C GLY A 99 8.36 -35.38 9.54
N ALA A 100 8.72 -34.14 9.25
CA ALA A 100 8.19 -32.98 9.97
C ALA A 100 6.68 -32.87 9.79
N ALA A 101 6.15 -33.53 8.76
CA ALA A 101 4.72 -33.49 8.49
C ALA A 101 4.30 -32.15 7.91
N LYS A 102 3.10 -32.11 7.37
CA LYS A 102 2.56 -30.89 6.78
C LYS A 102 1.87 -30.05 7.83
N GLN A 103 2.65 -29.46 8.71
CA GLN A 103 2.13 -28.62 9.78
C GLN A 103 3.26 -27.94 10.54
N PHE A 104 3.15 -26.62 10.71
CA PHE A 104 4.16 -25.85 11.42
C PHE A 104 4.36 -26.40 12.83
N ARG A 105 5.58 -26.24 13.35
CA ARG A 105 5.89 -26.71 14.70
C ARG A 105 6.82 -25.73 15.42
N ARG A 106 6.78 -25.76 16.74
CA ARG A 106 7.61 -24.86 17.55
C ARG A 106 8.93 -25.55 17.92
N GLU A 107 9.33 -26.55 17.15
CA GLU A 107 10.56 -27.27 17.41
C GLU A 107 11.64 -26.92 16.39
N TRP A 108 11.28 -26.15 15.37
CA TRP A 108 12.23 -25.76 14.33
C TRP A 108 12.91 -24.44 14.69
N PHE A 109 12.86 -24.07 15.97
CA PHE A 109 13.48 -22.83 16.43
C PHE A 109 14.08 -22.99 17.82
N GLN A 110 14.35 -24.23 18.21
CA GLN A 110 14.93 -24.51 19.52
C GLN A 110 16.41 -24.86 19.38
N GLY A 111 17.04 -24.34 18.33
CA GLY A 111 18.44 -24.61 18.10
C GLY A 111 18.66 -25.78 17.18
N ASP A 112 18.28 -25.61 15.91
CA ASP A 112 18.42 -26.66 14.91
C ASP A 112 19.26 -26.17 13.73
N GLY A 113 20.39 -26.81 13.51
CA GLY A 113 21.25 -26.43 12.41
C GLY A 113 21.56 -24.95 12.40
N MET A 114 20.83 -24.20 11.57
CA MET A 114 21.02 -22.76 11.47
C MET A 114 19.90 -22.11 10.68
N VAL A 115 19.05 -21.35 11.37
CA VAL A 115 17.93 -20.67 10.73
C VAL A 115 18.38 -19.36 10.10
N ARG A 116 17.79 -19.04 8.94
CA ARG A 116 18.12 -17.81 8.23
C ARG A 116 16.92 -16.89 8.14
N ARG A 117 17.08 -15.65 8.59
CA ARG A 117 15.99 -14.68 8.55
C ARG A 117 16.49 -13.33 8.06
N LYS A 118 15.58 -12.55 7.48
CA LYS A 118 15.92 -11.22 6.97
C LYS A 118 14.92 -10.19 7.47
N ASN A 119 15.43 -9.04 7.91
CA ASN A 119 14.58 -7.98 8.42
C ASN A 119 14.29 -6.94 7.34
N LEU A 120 13.01 -6.62 7.16
CA LEU A 120 12.59 -5.64 6.18
C LEU A 120 12.05 -4.38 6.86
N PRO A 121 12.89 -3.33 6.97
CA PRO A 121 12.49 -2.07 7.59
C PRO A 121 11.16 -1.53 7.06
N ILE A 122 10.43 -0.81 7.91
CA ILE A 122 9.15 -0.25 7.53
C ILE A 122 9.29 1.24 7.21
N GLU A 123 8.44 1.73 6.31
CA GLU A 123 8.47 3.13 5.91
C GLU A 123 7.07 3.73 5.91
N TYR A 124 7.00 5.05 6.03
CA TYR A 124 5.72 5.75 6.04
C TYR A 124 5.67 6.82 4.95
N ASN A 125 4.93 6.53 3.88
CA ASN A 125 4.79 7.47 2.77
C ASN A 125 3.64 8.44 3.02
N LEU A 126 3.92 9.48 3.81
CA LEU A 126 2.90 10.48 4.13
C LEU A 126 2.64 11.39 2.93
N ALA B 1 -14.68 43.80 -8.65
CA ALA B 1 -13.79 42.62 -8.78
C ALA B 1 -14.58 41.38 -9.21
N GLN B 2 -13.87 40.29 -9.45
CA GLN B 2 -14.50 39.04 -9.87
C GLN B 2 -13.54 37.87 -9.73
N SER B 3 -14.03 36.67 -10.03
CA SER B 3 -13.21 35.46 -9.94
C SER B 3 -12.72 35.24 -8.52
N VAL B 4 -12.63 33.98 -8.12
CA VAL B 4 -12.18 33.63 -6.78
C VAL B 4 -11.48 32.28 -6.77
N PRO B 5 -10.35 32.16 -6.04
CA PRO B 5 -9.59 30.90 -5.96
C PRO B 5 -10.35 29.83 -5.18
N PRO B 6 -10.26 28.56 -5.63
CA PRO B 6 -10.93 27.45 -4.97
C PRO B 6 -10.28 27.07 -3.64
N GLY B 7 -11.09 26.79 -2.64
CA GLY B 7 -10.57 26.42 -1.34
C GLY B 7 -9.61 25.25 -1.40
N ASP B 8 -8.33 25.51 -1.13
CA ASP B 8 -7.31 24.47 -1.16
C ASP B 8 -7.77 23.22 -0.41
N ILE B 9 -7.44 22.05 -0.97
CA ILE B 9 -7.83 20.79 -0.35
C ILE B 9 -6.60 19.99 0.07
N ASN B 10 -6.74 19.23 1.15
CA ASN B 10 -5.64 18.42 1.65
C ASN B 10 -5.75 16.99 1.12
N THR B 11 -4.61 16.36 0.86
CA THR B 11 -4.59 15.01 0.33
C THR B 11 -3.52 14.16 1.02
N GLN B 12 -3.83 12.89 1.23
CA GLN B 12 -2.91 11.96 1.87
C GLN B 12 -2.82 10.65 1.09
N PRO B 13 -1.67 10.36 0.45
CA PRO B 13 -0.48 11.23 0.47
C PRO B 13 -0.74 12.57 -0.20
N SER B 14 0.14 13.54 0.09
CA SER B 14 0.01 14.87 -0.47
C SER B 14 1.17 15.19 -1.42
N GLN B 15 2.27 14.46 -1.26
CA GLN B 15 3.45 14.67 -2.10
C GLN B 15 3.49 13.67 -3.26
N LYS B 16 3.32 12.41 -2.93
CA LYS B 16 3.33 11.35 -3.94
C LYS B 16 3.02 9.99 -3.32
N ILE B 17 2.46 9.10 -4.12
CA ILE B 17 2.10 7.76 -3.66
C ILE B 17 3.07 6.72 -4.20
N VAL B 18 3.22 5.62 -3.47
CA VAL B 18 4.12 4.56 -3.89
C VAL B 18 3.47 3.18 -3.70
N PHE B 19 2.98 2.61 -4.79
CA PHE B 19 2.34 1.30 -4.75
C PHE B 19 3.35 0.23 -4.32
N ASN B 20 3.13 -0.35 -3.16
CA ASN B 20 4.02 -1.38 -2.64
C ASN B 20 3.78 -2.73 -3.32
N ALA B 21 4.86 -3.46 -3.56
CA ALA B 21 4.78 -4.77 -4.19
C ALA B 21 4.07 -5.76 -3.29
N PRO B 22 3.73 -6.97 -3.80
CA PRO B 22 4.01 -7.38 -5.18
C PRO B 22 3.10 -6.70 -6.20
N TYR B 23 3.46 -6.82 -7.47
CA TYR B 23 2.68 -6.22 -8.55
C TYR B 23 2.00 -7.29 -9.39
N ASP B 24 1.64 -8.39 -8.75
CA ASP B 24 0.98 -9.50 -9.42
C ASP B 24 -0.43 -9.73 -8.88
N ASP B 25 -0.89 -8.83 -8.00
CA ASP B 25 -2.22 -8.96 -7.41
C ASP B 25 -2.93 -7.61 -7.38
N LYS B 26 -4.26 -7.65 -7.47
CA LYS B 26 -5.05 -6.43 -7.46
C LYS B 26 -4.99 -5.75 -6.09
N HIS B 27 -4.29 -4.63 -6.03
CA HIS B 27 -4.14 -3.87 -4.79
C HIS B 27 -4.96 -2.58 -4.84
N THR B 28 -5.62 -2.27 -3.73
CA THR B 28 -6.44 -1.07 -3.66
C THR B 28 -5.85 -0.07 -2.66
N TYR B 29 -5.38 1.06 -3.17
CA TYR B 29 -4.80 2.09 -2.33
C TYR B 29 -5.76 3.27 -2.17
N HIS B 30 -6.32 3.40 -0.97
CA HIS B 30 -7.27 4.48 -0.70
C HIS B 30 -6.55 5.80 -0.43
N ILE B 31 -7.22 6.90 -0.74
CA ILE B 31 -6.67 8.23 -0.53
C ILE B 31 -7.62 9.09 0.28
N LYS B 32 -7.06 10.02 1.04
CA LYS B 32 -7.87 10.90 1.88
C LYS B 32 -7.97 12.31 1.28
N ILE B 33 -9.19 12.74 0.99
CA ILE B 33 -9.42 14.06 0.42
C ILE B 33 -10.35 14.87 1.31
N THR B 34 -9.94 16.11 1.62
CA THR B 34 -10.74 16.97 2.47
C THR B 34 -10.72 18.41 1.96
N ASN B 35 -11.76 19.17 2.30
CA ASN B 35 -11.86 20.56 1.89
C ASN B 35 -11.28 21.48 2.94
N ALA B 36 -10.19 22.15 2.59
CA ALA B 36 -9.53 23.08 3.51
C ALA B 36 -10.06 24.50 3.36
N GLY B 37 -11.25 24.62 2.75
CA GLY B 37 -11.84 25.93 2.57
C GLY B 37 -13.18 26.07 3.26
N GLY B 38 -14.11 26.75 2.61
CA GLY B 38 -15.43 26.93 3.18
C GLY B 38 -16.52 27.01 2.13
N ARG B 39 -16.55 26.02 1.25
CA ARG B 39 -17.55 25.96 0.18
C ARG B 39 -17.44 24.66 -0.60
N ARG B 40 -18.48 24.35 -1.37
CA ARG B 40 -18.50 23.13 -2.18
C ARG B 40 -17.53 23.24 -3.35
N ILE B 41 -16.79 22.17 -3.60
CA ILE B 41 -15.82 22.15 -4.70
C ILE B 41 -15.85 20.81 -5.43
N GLY B 42 -16.25 20.85 -6.70
CA GLY B 42 -16.30 19.63 -7.49
C GLY B 42 -14.92 19.12 -7.84
N TRP B 43 -14.61 17.89 -7.45
CA TRP B 43 -13.31 17.30 -7.73
C TRP B 43 -13.42 16.12 -8.69
N ALA B 44 -12.30 15.81 -9.35
CA ALA B 44 -12.25 14.71 -10.29
C ALA B 44 -10.83 14.16 -10.41
N ILE B 45 -10.71 12.84 -10.41
CA ILE B 45 -9.40 12.20 -10.51
C ILE B 45 -9.05 11.88 -11.95
N LYS B 46 -7.77 12.05 -12.30
CA LYS B 46 -7.30 11.78 -13.65
C LYS B 46 -5.83 11.35 -13.63
N THR B 47 -5.53 10.28 -14.36
CA THR B 47 -4.17 9.76 -14.42
C THR B 47 -3.72 9.56 -15.86
N THR B 48 -2.41 9.48 -16.06
CA THR B 48 -1.83 9.30 -17.38
C THR B 48 -2.51 8.15 -18.12
N ASN B 49 -2.66 7.03 -17.44
CA ASN B 49 -3.30 5.86 -18.03
C ASN B 49 -4.61 5.54 -17.33
N MET B 50 -5.72 5.70 -18.04
CA MET B 50 -7.04 5.43 -17.49
C MET B 50 -7.51 4.03 -17.87
N ARG B 51 -6.57 3.15 -18.18
CA ARG B 51 -6.89 1.77 -18.55
C ARG B 51 -6.50 0.80 -17.44
N ARG B 52 -5.30 0.97 -16.90
CA ARG B 52 -4.81 0.10 -15.83
C ARG B 52 -5.36 0.54 -14.48
N LEU B 53 -5.21 1.83 -14.18
CA LEU B 53 -5.69 2.37 -12.91
C LEU B 53 -7.20 2.55 -12.92
N SER B 54 -7.80 2.52 -11.73
CA SER B 54 -9.24 2.67 -11.60
C SER B 54 -9.58 3.45 -10.34
N VAL B 55 -10.08 4.67 -10.51
CA VAL B 55 -10.45 5.52 -9.38
C VAL B 55 -11.95 5.49 -9.14
N ASP B 56 -12.34 5.60 -7.88
CA ASP B 56 -13.75 5.59 -7.51
C ASP B 56 -13.94 6.12 -6.08
N PRO B 57 -14.77 7.16 -5.89
CA PRO B 57 -15.51 7.83 -6.97
C PRO B 57 -14.58 8.68 -7.85
N PRO B 58 -14.75 8.59 -9.18
CA PRO B 58 -13.92 9.36 -10.13
C PRO B 58 -14.28 10.85 -10.15
N CYS B 59 -15.39 11.20 -9.52
CA CYS B 59 -15.83 12.59 -9.48
C CYS B 59 -16.86 12.81 -8.37
N GLY B 60 -17.11 14.07 -8.03
CA GLY B 60 -18.07 14.39 -6.99
C GLY B 60 -17.88 15.79 -6.46
N VAL B 61 -18.32 16.01 -5.22
CA VAL B 61 -18.21 17.32 -4.58
C VAL B 61 -17.69 17.20 -3.16
N LEU B 62 -16.97 18.22 -2.70
CA LEU B 62 -16.42 18.22 -1.35
C LEU B 62 -17.01 19.35 -0.52
N ASP B 63 -17.60 19.00 0.62
CA ASP B 63 -18.20 19.99 1.50
C ASP B 63 -17.12 20.72 2.29
N PRO B 64 -17.50 21.82 2.97
CA PRO B 64 -16.55 22.61 3.78
C PRO B 64 -16.01 21.83 4.97
N LYS B 65 -14.71 21.60 4.97
CA LYS B 65 -14.06 20.86 6.06
C LYS B 65 -14.60 19.44 6.16
N GLU B 66 -15.04 18.90 5.02
CA GLU B 66 -15.58 17.55 4.98
C GLU B 66 -14.52 16.58 4.43
N LYS B 67 -14.59 15.33 4.87
CA LYS B 67 -13.65 14.31 4.43
C LYS B 67 -14.34 13.27 3.55
N VAL B 68 -13.57 12.62 2.68
CA VAL B 68 -14.11 11.60 1.79
C VAL B 68 -13.05 10.55 1.48
N LEU B 69 -13.49 9.30 1.38
CA LEU B 69 -12.57 8.20 1.08
C LEU B 69 -12.56 7.88 -0.41
N MET B 70 -11.37 7.68 -0.96
CA MET B 70 -11.22 7.37 -2.38
C MET B 70 -10.54 6.02 -2.56
N ALA B 71 -10.72 5.42 -3.73
CA ALA B 71 -10.12 4.13 -4.03
C ALA B 71 -9.37 4.16 -5.36
N VAL B 72 -8.10 3.79 -5.33
CA VAL B 72 -7.28 3.77 -6.53
C VAL B 72 -6.62 2.40 -6.72
N SER B 73 -7.26 1.54 -7.48
CA SER B 73 -6.75 0.20 -7.73
C SER B 73 -5.78 0.20 -8.92
N CYS B 74 -4.86 -0.77 -8.92
CA CYS B 74 -3.88 -0.89 -9.98
C CYS B 74 -3.78 -2.33 -10.48
N ASP B 75 -4.28 -2.58 -11.67
CA ASP B 75 -4.26 -3.91 -12.26
C ASP B 75 -2.85 -4.49 -12.25
N THR B 76 -2.74 -5.81 -12.06
CA THR B 76 -1.46 -6.47 -12.03
C THR B 76 -0.72 -6.31 -13.36
N PHE B 77 0.59 -6.13 -13.29
CA PHE B 77 1.40 -5.96 -14.49
C PHE B 77 2.77 -6.60 -14.32
N ASN B 78 3.68 -6.32 -15.26
CA ASN B 78 5.02 -6.88 -15.22
C ASN B 78 6.06 -5.77 -15.06
N ALA B 79 6.71 -5.72 -13.91
CA ALA B 79 7.73 -4.70 -13.65
C ALA B 79 9.13 -5.24 -13.90
N ALA B 80 9.22 -6.31 -14.69
CA ALA B 80 10.50 -6.92 -15.01
C ALA B 80 11.04 -6.40 -16.34
N THR B 81 10.14 -6.03 -17.23
CA THR B 81 10.53 -5.52 -18.53
C THR B 81 9.62 -4.38 -18.98
N GLU B 82 9.37 -3.44 -18.07
CA GLU B 82 8.51 -2.30 -18.37
C GLU B 82 8.98 -1.06 -17.61
N ASP B 83 8.85 0.11 -18.24
CA ASP B 83 9.26 1.36 -17.64
C ASP B 83 8.30 1.76 -16.51
N LEU B 84 8.83 2.48 -15.53
CA LEU B 84 8.03 2.93 -14.39
C LEU B 84 8.27 4.41 -14.11
N ASN B 85 7.87 5.27 -15.04
CA ASN B 85 8.05 6.71 -14.88
C ASN B 85 7.05 7.48 -15.73
N ASN B 86 5.87 6.90 -15.92
CA ASN B 86 4.82 7.53 -16.72
C ASN B 86 3.47 7.51 -16.01
N ASP B 87 3.45 7.05 -14.76
CA ASP B 87 2.21 6.98 -13.99
C ASP B 87 2.15 8.11 -12.96
N ARG B 88 1.16 8.99 -13.12
CA ARG B 88 0.99 10.11 -12.21
C ARG B 88 -0.48 10.49 -12.07
N ILE B 89 -0.92 10.70 -10.83
CA ILE B 89 -2.30 11.07 -10.56
C ILE B 89 -2.49 12.57 -10.65
N THR B 90 -3.74 13.01 -10.82
CA THR B 90 -4.03 14.44 -10.91
C THR B 90 -5.41 14.75 -10.32
N ILE B 91 -5.41 15.46 -9.19
CA ILE B 91 -6.66 15.83 -8.53
C ILE B 91 -7.00 17.29 -8.80
N GLU B 92 -8.07 17.51 -9.56
CA GLU B 92 -8.50 18.86 -9.89
C GLU B 92 -9.85 19.18 -9.25
N TRP B 93 -9.92 20.34 -8.60
CA TRP B 93 -11.16 20.76 -7.95
C TRP B 93 -11.39 22.26 -8.12
N THR B 94 -12.65 22.67 -8.14
CA THR B 94 -12.99 24.07 -8.30
C THR B 94 -14.36 24.38 -7.68
N ASN B 95 -14.56 25.64 -7.29
CA ASN B 95 -15.82 26.06 -6.69
C ASN B 95 -17.00 25.69 -7.57
N THR B 96 -18.16 25.51 -6.95
CA THR B 96 -19.37 25.15 -7.68
C THR B 96 -20.26 26.37 -7.88
N PRO B 97 -20.76 26.59 -9.12
CA PRO B 97 -21.64 27.73 -9.43
C PRO B 97 -22.86 27.79 -8.51
N ASP B 98 -23.44 28.98 -8.40
CA ASP B 98 -24.62 29.17 -7.57
C ASP B 98 -25.71 28.16 -7.91
N GLY B 99 -26.15 27.42 -6.90
CA GLY B 99 -27.18 26.42 -7.12
C GLY B 99 -26.69 25.25 -7.94
N ALA B 100 -25.42 24.91 -7.79
CA ALA B 100 -24.82 23.81 -8.52
C ALA B 100 -25.49 22.48 -8.18
N ALA B 101 -26.20 22.45 -7.05
CA ALA B 101 -26.88 21.23 -6.62
C ALA B 101 -25.90 20.20 -6.09
N LYS B 102 -26.43 19.20 -5.42
CA LYS B 102 -25.61 18.12 -4.86
C LYS B 102 -25.39 17.02 -5.88
N GLN B 103 -24.59 17.33 -6.89
CA GLN B 103 -24.29 16.36 -7.95
C GLN B 103 -23.22 16.92 -8.89
N PHE B 104 -22.18 16.11 -9.13
CA PHE B 104 -21.09 16.51 -10.01
C PHE B 104 -21.62 16.89 -11.40
N ARG B 105 -20.92 17.80 -12.07
CA ARG B 105 -21.32 18.24 -13.40
C ARG B 105 -20.09 18.45 -14.28
N ARG B 106 -20.30 18.34 -15.59
CA ARG B 106 -19.21 18.52 -16.56
C ARG B 106 -19.14 19.97 -17.04
N GLU B 107 -19.69 20.89 -16.24
CA GLU B 107 -19.67 22.30 -16.59
C GLU B 107 -18.69 23.09 -15.73
N TRP B 108 -18.10 22.43 -14.73
CA TRP B 108 -17.14 23.09 -13.85
C TRP B 108 -15.71 22.93 -14.37
N PHE B 109 -15.59 22.62 -15.66
CA PHE B 109 -14.28 22.45 -16.28
C PHE B 109 -14.27 22.95 -17.72
N GLN B 110 -15.22 23.83 -18.04
CA GLN B 110 -15.32 24.38 -19.38
C GLN B 110 -14.82 25.82 -19.40
N GLY B 111 -13.92 26.14 -18.47
CA GLY B 111 -13.38 27.49 -18.38
C GLY B 111 -14.15 28.35 -17.41
N ASP B 112 -14.05 28.02 -16.13
CA ASP B 112 -14.73 28.76 -15.08
C ASP B 112 -13.73 29.27 -14.05
N GLY B 113 -13.66 30.59 -13.90
CA GLY B 113 -12.75 31.18 -12.94
C GLY B 113 -11.34 30.63 -13.07
N MET B 114 -10.99 29.67 -12.22
CA MET B 114 -9.66 29.08 -12.25
C MET B 114 -9.60 27.83 -11.38
N VAL B 115 -9.49 26.67 -12.03
CA VAL B 115 -9.43 25.41 -11.31
C VAL B 115 -8.01 25.11 -10.83
N ARG B 116 -7.90 24.52 -9.64
CA ARG B 116 -6.61 24.20 -9.06
C ARG B 116 -6.46 22.69 -8.89
N ARG B 117 -5.38 22.13 -9.45
CA ARG B 117 -5.13 20.70 -9.36
C ARG B 117 -3.66 20.42 -9.03
N LYS B 118 -3.41 19.28 -8.39
CA LYS B 118 -2.05 18.89 -8.03
C LYS B 118 -1.77 17.45 -8.48
N ASN B 119 -0.59 17.25 -9.06
CA ASN B 119 -0.20 15.93 -9.55
C ASN B 119 0.66 15.20 -8.51
N LEU B 120 0.27 13.96 -8.22
CA LEU B 120 1.00 13.14 -7.26
C LEU B 120 1.69 11.98 -7.96
N PRO B 121 3.01 12.11 -8.24
CA PRO B 121 3.78 11.07 -8.91
C PRO B 121 3.61 9.70 -8.28
N ILE B 122 3.72 8.65 -9.09
CA ILE B 122 3.58 7.29 -8.60
C ILE B 122 4.94 6.63 -8.40
N GLU B 123 5.02 5.71 -7.44
CA GLU B 123 6.27 5.01 -7.16
C GLU B 123 6.03 3.51 -7.02
N TYR B 124 7.09 2.73 -7.24
CA TYR B 124 7.01 1.28 -7.15
C TYR B 124 8.01 0.74 -6.14
N ASN B 125 7.52 0.33 -4.98
CA ASN B 125 8.38 -0.21 -3.93
C ASN B 125 8.57 -1.72 -4.11
N LEU B 126 9.48 -2.09 -5.00
CA LEU B 126 9.75 -3.50 -5.27
C LEU B 126 10.52 -4.13 -4.12
N ALA A 1 33.86 -31.20 5.36
CA ALA A 1 33.59 -30.05 6.26
C ALA A 1 32.70 -29.02 5.58
N GLN A 2 32.02 -28.20 6.38
CA GLN A 2 31.14 -27.18 5.85
C GLN A 2 30.01 -27.79 5.04
N SER A 3 28.78 -27.65 5.53
CA SER A 3 27.62 -28.20 4.85
C SER A 3 27.06 -27.20 3.83
N VAL A 4 25.99 -27.58 3.15
CA VAL A 4 25.37 -26.73 2.15
C VAL A 4 24.45 -25.70 2.81
N PRO A 5 24.43 -24.47 2.28
CA PRO A 5 23.59 -23.39 2.82
C PRO A 5 22.11 -23.60 2.51
N PRO A 6 21.23 -22.82 3.15
CA PRO A 6 19.78 -22.91 2.93
C PRO A 6 19.37 -22.34 1.58
N GLY A 7 18.20 -22.77 1.09
CA GLY A 7 17.71 -22.29 -0.19
C GLY A 7 17.01 -20.95 -0.07
N ASP A 8 17.41 -20.02 -0.92
CA ASP A 8 16.82 -18.68 -0.92
C ASP A 8 15.30 -18.75 -0.95
N ILE A 9 14.64 -18.04 -0.04
CA ILE A 9 13.18 -18.02 0.01
C ILE A 9 12.62 -16.79 -0.68
N ASN A 10 11.81 -17.00 -1.70
CA ASN A 10 11.20 -15.89 -2.44
C ASN A 10 9.97 -15.36 -1.70
N THR A 11 9.78 -14.04 -1.74
CA THR A 11 8.65 -13.41 -1.08
C THR A 11 8.03 -12.33 -1.96
N GLN A 12 6.75 -12.06 -1.72
CA GLN A 12 6.01 -11.05 -2.48
C GLN A 12 5.00 -10.32 -1.58
N PRO A 13 5.27 -9.05 -1.20
CA PRO A 13 6.48 -8.31 -1.61
C PRO A 13 7.77 -8.99 -1.14
N SER A 14 8.86 -8.73 -1.86
CA SER A 14 10.15 -9.33 -1.52
C SER A 14 10.80 -8.61 -0.34
N GLN A 15 10.87 -7.28 -0.44
CA GLN A 15 11.47 -6.48 0.62
C GLN A 15 11.01 -5.03 0.55
N LYS A 16 9.71 -4.85 0.30
CA LYS A 16 9.14 -3.50 0.21
C LYS A 16 7.66 -3.50 0.56
N ILE A 17 7.36 -3.25 1.82
CA ILE A 17 5.98 -3.21 2.30
C ILE A 17 5.67 -1.86 2.94
N VAL A 18 4.57 -1.25 2.54
CA VAL A 18 4.17 0.05 3.09
C VAL A 18 2.67 0.11 3.35
N PHE A 19 2.30 0.21 4.61
CA PHE A 19 0.89 0.31 5.00
C PHE A 19 0.33 1.68 4.61
N ASN A 20 -0.46 1.71 3.54
CA ASN A 20 -1.06 2.95 3.07
C ASN A 20 -2.15 3.45 4.00
N ALA A 21 -2.37 4.77 3.99
CA ALA A 21 -3.38 5.38 4.83
C ALA A 21 -4.77 5.17 4.24
N PRO A 22 -5.85 5.51 4.98
CA PRO A 22 -5.77 6.08 6.34
C PRO A 22 -5.49 5.02 7.40
N TYR A 23 -5.13 5.48 8.59
CA TYR A 23 -4.85 4.59 9.71
C TYR A 23 -5.96 4.63 10.74
N ASP A 24 -7.19 4.46 10.27
CA ASP A 24 -8.37 4.47 11.14
C ASP A 24 -9.11 3.14 11.08
N ASP A 25 -8.65 2.23 10.22
CA ASP A 25 -9.29 0.91 10.10
C ASP A 25 -8.24 -0.18 10.00
N LYS A 26 -8.60 -1.38 10.48
CA LYS A 26 -7.70 -2.52 10.45
C LYS A 26 -7.42 -2.96 9.01
N HIS A 27 -6.20 -2.75 8.55
CA HIS A 27 -5.81 -3.11 7.19
C HIS A 27 -4.84 -4.29 7.19
N THR A 28 -5.39 -5.50 7.29
CA THR A 28 -4.56 -6.70 7.31
C THR A 28 -3.96 -6.97 5.93
N TYR A 29 -2.64 -6.89 5.84
CA TYR A 29 -1.95 -7.13 4.58
C TYR A 29 -1.43 -8.56 4.51
N HIS A 30 -1.68 -9.22 3.37
CA HIS A 30 -1.24 -10.59 3.17
C HIS A 30 0.01 -10.66 2.30
N ILE A 31 0.94 -11.53 2.68
CA ILE A 31 2.18 -11.71 1.93
C ILE A 31 2.44 -13.19 1.69
N LYS A 32 3.02 -13.50 0.54
CA LYS A 32 3.32 -14.89 0.18
C LYS A 32 4.80 -15.20 0.36
N ILE A 33 5.07 -16.39 0.91
CA ILE A 33 6.44 -16.83 1.13
C ILE A 33 6.71 -18.13 0.38
N THR A 34 7.99 -18.40 0.12
CA THR A 34 8.37 -19.61 -0.59
C THR A 34 9.85 -19.91 -0.39
N ASN A 35 10.19 -21.20 -0.40
CA ASN A 35 11.56 -21.63 -0.23
C ASN A 35 12.03 -22.44 -1.43
N ALA A 36 12.48 -21.74 -2.47
CA ALA A 36 12.95 -22.38 -3.69
C ALA A 36 13.87 -23.56 -3.39
N GLY A 37 14.55 -23.50 -2.24
CA GLY A 37 15.44 -24.58 -1.86
C GLY A 37 14.82 -25.96 -2.03
N GLY A 38 15.66 -26.96 -2.22
CA GLY A 38 15.17 -28.31 -2.39
C GLY A 38 15.28 -29.14 -1.12
N ARG A 39 14.70 -28.62 -0.04
CA ARG A 39 14.73 -29.30 1.25
C ARG A 39 13.80 -28.62 2.25
N ARG A 40 13.34 -29.38 3.24
CA ARG A 40 12.45 -28.85 4.26
C ARG A 40 13.17 -27.81 5.11
N ILE A 41 12.42 -26.82 5.60
CA ILE A 41 13.00 -25.77 6.42
C ILE A 41 12.02 -25.29 7.49
N GLY A 42 12.55 -24.56 8.46
CA GLY A 42 11.73 -24.03 9.53
C GLY A 42 11.89 -22.53 9.64
N TRP A 43 10.88 -21.78 9.21
CA TRP A 43 10.93 -20.32 9.24
C TRP A 43 10.10 -19.74 10.36
N ALA A 44 10.44 -18.52 10.75
CA ALA A 44 9.73 -17.80 11.81
C ALA A 44 9.71 -16.31 11.53
N ILE A 45 8.69 -15.62 12.05
CA ILE A 45 8.56 -14.18 11.83
C ILE A 45 8.59 -13.41 13.13
N LYS A 46 9.16 -12.22 13.09
CA LYS A 46 9.25 -11.36 14.28
C LYS A 46 9.20 -9.89 13.89
N THR A 47 8.41 -9.12 14.62
CA THR A 47 8.26 -7.70 14.34
C THR A 47 8.85 -6.85 15.46
N THR A 48 9.28 -5.63 15.12
CA THR A 48 9.86 -4.73 16.09
C THR A 48 8.95 -4.55 17.29
N ASN A 49 7.65 -4.75 17.08
CA ASN A 49 6.65 -4.61 18.14
C ASN A 49 5.54 -5.63 17.96
N MET A 50 5.44 -6.56 18.90
CA MET A 50 4.41 -7.60 18.84
C MET A 50 3.15 -7.17 19.60
N ARG A 51 3.00 -5.86 19.82
CA ARG A 51 1.84 -5.32 20.52
C ARG A 51 0.78 -4.86 19.53
N ARG A 52 1.21 -4.15 18.49
CA ARG A 52 0.30 -3.65 17.47
C ARG A 52 0.26 -4.59 16.26
N LEU A 53 1.43 -4.94 15.75
CA LEU A 53 1.54 -5.83 14.60
C LEU A 53 1.34 -7.28 15.03
N SER A 54 0.88 -8.12 14.10
CA SER A 54 0.66 -9.53 14.37
C SER A 54 0.75 -10.35 13.09
N VAL A 55 1.15 -11.61 13.23
CA VAL A 55 1.29 -12.51 12.09
C VAL A 55 0.64 -13.85 12.38
N ASP A 56 0.15 -14.51 11.34
CA ASP A 56 -0.50 -15.82 11.48
C ASP A 56 -0.70 -16.48 10.13
N PRO A 57 -0.05 -17.63 9.87
CA PRO A 57 0.85 -18.29 10.82
C PRO A 57 2.18 -17.54 10.98
N PRO A 58 2.70 -17.44 12.21
CA PRO A 58 3.97 -16.75 12.48
C PRO A 58 5.17 -17.62 12.16
N CYS A 59 5.02 -18.92 12.36
CA CYS A 59 6.09 -19.88 12.08
C CYS A 59 5.54 -21.14 11.43
N GLY A 60 6.39 -21.85 10.71
CA GLY A 60 5.97 -23.06 10.03
C GLY A 60 7.07 -23.70 9.24
N VAL A 61 6.93 -24.99 8.96
CA VAL A 61 7.94 -25.71 8.19
C VAL A 61 7.58 -25.79 6.72
N LEU A 62 8.38 -25.14 5.88
CA LEU A 62 8.15 -25.12 4.44
C LEU A 62 8.72 -26.37 3.78
N ASP A 63 8.32 -26.60 2.53
CA ASP A 63 8.79 -27.76 1.78
C ASP A 63 9.53 -27.32 0.52
N PRO A 64 10.27 -28.25 -0.12
CA PRO A 64 11.03 -27.95 -1.34
C PRO A 64 10.17 -27.34 -2.44
N LYS A 65 10.36 -26.05 -2.69
CA LYS A 65 9.60 -25.34 -3.72
C LYS A 65 8.14 -25.18 -3.30
N GLU A 66 7.92 -24.90 -2.03
CA GLU A 66 6.57 -24.71 -1.50
C GLU A 66 6.35 -23.26 -1.08
N LYS A 67 5.08 -22.85 -1.07
CA LYS A 67 4.73 -21.49 -0.69
C LYS A 67 3.62 -21.49 0.36
N VAL A 68 3.78 -20.64 1.37
CA VAL A 68 2.81 -20.53 2.45
C VAL A 68 2.27 -19.11 2.57
N LEU A 69 0.95 -18.99 2.59
CA LEU A 69 0.31 -17.68 2.69
C LEU A 69 0.10 -17.30 4.16
N MET A 70 0.57 -16.12 4.53
CA MET A 70 0.43 -15.64 5.91
C MET A 70 -0.15 -14.23 5.93
N ALA A 71 -0.71 -13.85 7.08
CA ALA A 71 -1.32 -12.54 7.23
C ALA A 71 -0.55 -11.69 8.25
N VAL A 72 -0.66 -10.38 8.12
CA VAL A 72 0.01 -9.45 9.02
C VAL A 72 -1.00 -8.48 9.64
N SER A 73 -1.67 -8.92 10.69
CA SER A 73 -2.66 -8.09 11.37
C SER A 73 -2.07 -6.74 11.76
N CYS A 74 -2.85 -5.68 11.53
CA CYS A 74 -2.41 -4.33 11.86
C CYS A 74 -3.62 -3.43 12.14
N ASP A 75 -4.13 -3.51 13.37
CA ASP A 75 -5.28 -2.71 13.77
C ASP A 75 -4.96 -1.22 13.73
N THR A 76 -5.97 -0.41 13.47
CA THR A 76 -5.79 1.04 13.42
C THR A 76 -5.16 1.56 14.71
N PHE A 77 -4.62 2.77 14.65
CA PHE A 77 -4.00 3.39 15.80
C PHE A 77 -3.72 4.87 15.57
N ASN A 78 -2.96 5.49 16.47
CA ASN A 78 -2.63 6.90 16.35
C ASN A 78 -1.22 7.08 15.83
N ALA A 79 -1.10 7.65 14.64
CA ALA A 79 0.20 7.89 14.02
C ALA A 79 0.72 9.29 14.34
N ALA A 80 0.22 9.87 15.42
CA ALA A 80 0.64 11.20 15.83
C ALA A 80 1.73 11.14 16.89
N THR A 81 1.69 10.10 17.72
CA THR A 81 2.68 9.94 18.77
C THR A 81 3.04 8.47 18.97
N GLU A 82 3.48 7.83 17.89
CA GLU A 82 3.86 6.42 17.93
C GLU A 82 5.30 6.23 17.45
N ASP A 83 5.76 4.98 17.47
CA ASP A 83 7.11 4.67 17.03
C ASP A 83 7.11 4.12 15.60
N LEU A 84 7.09 5.02 14.63
CA LEU A 84 7.08 4.63 13.23
C LEU A 84 8.34 5.15 12.52
N ASN A 85 9.49 4.61 12.90
CA ASN A 85 10.76 5.02 12.31
C ASN A 85 11.04 4.24 11.04
N ASN A 86 10.51 3.02 10.96
CA ASN A 86 10.71 2.17 9.78
C ASN A 86 10.03 0.82 9.95
N ASP A 87 10.28 0.18 11.09
CA ASP A 87 9.70 -1.14 11.37
C ASP A 87 10.30 -2.16 10.41
N ARG A 88 10.44 -3.40 10.88
CA ARG A 88 11.01 -4.45 10.04
C ARG A 88 10.56 -5.83 10.47
N ILE A 89 10.13 -6.63 9.51
CA ILE A 89 9.70 -8.00 9.76
C ILE A 89 10.81 -8.98 9.39
N THR A 90 11.52 -9.47 10.40
CA THR A 90 12.62 -10.39 10.17
C THR A 90 12.13 -11.82 10.02
N ILE A 91 12.70 -12.53 9.05
CA ILE A 91 12.35 -13.92 8.79
C ILE A 91 13.59 -14.81 8.91
N GLU A 92 13.51 -15.80 9.77
CA GLU A 92 14.63 -16.71 9.98
C GLU A 92 14.23 -18.15 9.65
N TRP A 93 14.82 -18.69 8.59
CA TRP A 93 14.54 -20.06 8.17
C TRP A 93 15.83 -20.85 8.02
N THR A 94 15.88 -22.01 8.67
CA THR A 94 17.07 -22.86 8.61
C THR A 94 16.72 -24.28 8.18
N ASN A 95 17.66 -24.94 7.50
CA ASN A 95 17.46 -26.31 7.04
C ASN A 95 17.01 -27.20 8.19
N THR A 96 16.20 -28.20 7.88
CA THR A 96 15.70 -29.13 8.88
C THR A 96 16.70 -30.26 9.12
N PRO A 97 16.97 -30.60 10.39
CA PRO A 97 17.90 -31.67 10.73
C PRO A 97 17.58 -32.97 10.01
N ASP A 98 18.55 -33.87 9.94
CA ASP A 98 18.36 -35.15 9.28
C ASP A 98 17.10 -35.84 9.79
N GLY A 99 16.21 -36.19 8.86
CA GLY A 99 14.97 -36.86 9.24
C GLY A 99 14.22 -36.09 10.33
N ALA A 100 14.20 -34.77 10.20
CA ALA A 100 13.52 -33.92 11.17
C ALA A 100 12.02 -34.15 11.15
N ALA A 101 11.39 -34.09 12.32
CA ALA A 101 9.96 -34.27 12.43
C ALA A 101 9.20 -33.33 11.51
N LYS A 102 7.92 -33.63 11.30
CA LYS A 102 7.08 -32.80 10.45
C LYS A 102 6.43 -31.70 11.26
N GLN A 103 7.25 -30.74 11.68
CA GLN A 103 6.77 -29.61 12.47
C GLN A 103 7.91 -28.69 12.85
N PHE A 104 7.68 -27.39 12.74
CA PHE A 104 8.69 -26.39 13.07
C PHE A 104 9.22 -26.59 14.48
N ARG A 105 10.50 -26.31 14.67
CA ARG A 105 11.14 -26.46 15.97
C ARG A 105 11.94 -25.21 16.34
N ARG A 106 12.05 -24.95 17.64
CA ARG A 106 12.79 -23.78 18.12
C ARG A 106 14.27 -24.12 18.32
N GLU A 107 14.55 -25.40 18.55
CA GLU A 107 15.92 -25.86 18.75
C GLU A 107 16.68 -25.95 17.43
N TRP A 108 15.95 -25.94 16.32
CA TRP A 108 16.56 -26.04 15.00
C TRP A 108 17.62 -24.96 14.81
N PHE A 109 17.54 -23.89 15.60
CA PHE A 109 18.48 -22.79 15.49
C PHE A 109 19.61 -22.95 16.51
N GLN A 110 20.07 -24.18 16.69
CA GLN A 110 21.15 -24.46 17.63
C GLN A 110 21.86 -25.75 17.27
N GLY A 111 21.89 -26.06 15.97
CA GLY A 111 22.55 -27.27 15.51
C GLY A 111 23.44 -27.02 14.31
N ASP A 112 23.66 -28.08 13.51
CA ASP A 112 24.50 -27.97 12.32
C ASP A 112 23.71 -27.38 11.16
N GLY A 113 24.43 -26.78 10.22
CA GLY A 113 23.79 -26.18 9.06
C GLY A 113 23.95 -24.67 9.01
N MET A 114 23.05 -23.99 8.32
CA MET A 114 23.11 -22.55 8.20
C MET A 114 21.72 -21.93 8.33
N VAL A 115 21.67 -20.73 8.90
CA VAL A 115 20.39 -20.04 9.11
C VAL A 115 20.42 -18.67 8.43
N ARG A 116 19.37 -18.39 7.64
CA ARG A 116 19.27 -17.11 6.94
C ARG A 116 18.28 -16.19 7.64
N ARG A 117 18.63 -14.92 7.77
CA ARG A 117 17.77 -13.94 8.42
C ARG A 117 17.62 -12.68 7.57
N LYS A 118 16.48 -12.56 6.90
CA LYS A 118 16.18 -11.41 6.07
C LYS A 118 15.36 -10.39 6.83
N ASN A 119 15.19 -9.22 6.24
CA ASN A 119 14.42 -8.15 6.87
C ASN A 119 13.62 -7.38 5.83
N LEU A 120 12.30 -7.33 6.03
CA LEU A 120 11.42 -6.62 5.11
C LEU A 120 11.06 -5.23 5.67
N PRO A 121 11.63 -4.16 5.10
CA PRO A 121 11.38 -2.79 5.55
C PRO A 121 9.91 -2.40 5.45
N ILE A 122 9.42 -1.70 6.47
CA ILE A 122 8.04 -1.25 6.50
C ILE A 122 7.95 0.26 6.36
N GLU A 123 6.86 0.76 5.79
CA GLU A 123 6.69 2.20 5.60
C GLU A 123 5.25 2.62 5.85
N TYR A 124 5.08 3.77 6.49
CA TYR A 124 3.75 4.29 6.78
C TYR A 124 3.37 5.39 5.79
N ASN A 125 2.61 5.02 4.76
CA ASN A 125 2.19 5.97 3.75
C ASN A 125 1.05 6.84 4.27
N LEU A 126 1.38 8.01 4.80
CA LEU A 126 0.39 8.93 5.33
C LEU A 126 -0.11 9.89 4.25
N ALA B 1 -9.33 44.77 -7.35
CA ALA B 1 -8.60 43.87 -8.28
C ALA B 1 -8.12 42.62 -7.57
N GLN B 2 -7.88 41.56 -8.34
CA GLN B 2 -7.41 40.30 -7.78
C GLN B 2 -8.43 39.73 -6.79
N SER B 3 -9.01 38.59 -7.13
CA SER B 3 -9.99 37.95 -6.28
C SER B 3 -9.33 37.02 -5.28
N VAL B 4 -10.13 36.37 -4.43
CA VAL B 4 -9.61 35.45 -3.44
C VAL B 4 -9.31 34.08 -4.04
N PRO B 5 -8.22 33.45 -3.59
CA PRO B 5 -7.80 32.13 -4.10
C PRO B 5 -8.71 31.01 -3.59
N PRO B 6 -8.60 29.81 -4.17
CA PRO B 6 -9.41 28.65 -3.77
C PRO B 6 -8.99 28.09 -2.42
N GLY B 7 -9.89 27.38 -1.77
CA GLY B 7 -9.60 26.79 -0.48
C GLY B 7 -8.85 25.48 -0.60
N ASP B 8 -7.74 25.37 0.13
CA ASP B 8 -6.93 24.15 0.11
C ASP B 8 -7.79 22.93 0.35
N ILE B 9 -7.62 21.92 -0.51
CA ILE B 9 -8.38 20.69 -0.40
C ILE B 9 -7.55 19.59 0.27
N ASN B 10 -8.04 19.09 1.40
CA ASN B 10 -7.33 18.04 2.12
C ASN B 10 -7.61 16.67 1.51
N THR B 11 -6.59 15.81 1.49
CA THR B 11 -6.73 14.48 0.93
C THR B 11 -6.05 13.43 1.81
N GLN B 12 -6.51 12.19 1.70
CA GLN B 12 -5.96 11.09 2.47
C GLN B 12 -5.98 9.79 1.67
N PRO B 13 -4.81 9.31 1.17
CA PRO B 13 -3.51 9.97 1.37
C PRO B 13 -3.47 11.38 0.79
N SER B 14 -2.60 12.21 1.35
CA SER B 14 -2.46 13.60 0.91
C SER B 14 -1.65 13.68 -0.39
N GLN B 15 -0.49 13.03 -0.40
CA GLN B 15 0.38 13.05 -1.57
C GLN B 15 1.36 11.88 -1.54
N LYS B 16 0.87 10.71 -1.14
CA LYS B 16 1.72 9.52 -1.07
C LYS B 16 0.90 8.24 -1.23
N ILE B 17 0.80 7.77 -2.47
CA ILE B 17 0.05 6.55 -2.78
C ILE B 17 0.95 5.54 -3.47
N VAL B 18 0.94 4.30 -2.97
CA VAL B 18 1.76 3.24 -3.55
C VAL B 18 1.00 1.92 -3.63
N PHE B 19 0.73 1.46 -4.85
CA PHE B 19 0.03 0.20 -5.05
C PHE B 19 0.94 -0.97 -4.70
N ASN B 20 0.67 -1.59 -3.55
CA ASN B 20 1.47 -2.71 -3.08
C ASN B 20 1.21 -3.97 -3.91
N ALA B 21 2.21 -4.85 -3.96
CA ALA B 21 2.10 -6.10 -4.71
C ALA B 21 1.26 -7.12 -3.94
N PRO B 22 0.89 -8.25 -4.57
CA PRO B 22 1.24 -8.57 -5.96
C PRO B 22 0.37 -7.85 -6.97
N TYR B 23 0.80 -7.88 -8.22
CA TYR B 23 0.06 -7.23 -9.31
C TYR B 23 -0.62 -8.27 -10.19
N ASP B 24 -1.35 -9.19 -9.56
CA ASP B 24 -2.05 -10.24 -10.29
C ASP B 24 -3.56 -10.15 -10.05
N ASP B 25 -3.99 -9.22 -9.20
CA ASP B 25 -5.41 -9.05 -8.90
C ASP B 25 -5.79 -7.57 -8.86
N LYS B 26 -7.03 -7.28 -9.21
CA LYS B 26 -7.51 -5.90 -9.22
C LYS B 26 -7.57 -5.35 -7.80
N HIS B 27 -6.69 -4.39 -7.50
CA HIS B 27 -6.64 -3.78 -6.18
C HIS B 27 -7.11 -2.33 -6.23
N THR B 28 -8.44 -2.15 -6.17
CA THR B 28 -9.02 -0.82 -6.21
C THR B 28 -8.76 -0.07 -4.91
N TYR B 29 -7.99 1.01 -4.98
CA TYR B 29 -7.67 1.81 -3.80
C TYR B 29 -8.61 3.01 -3.69
N HIS B 30 -9.15 3.23 -2.50
CA HIS B 30 -10.06 4.34 -2.27
C HIS B 30 -9.36 5.49 -1.55
N ILE B 31 -9.66 6.71 -1.98
CA ILE B 31 -9.07 7.90 -1.38
C ILE B 31 -10.14 8.94 -1.07
N LYS B 32 -9.95 9.67 0.03
CA LYS B 32 -10.93 10.68 0.43
C LYS B 32 -10.44 12.08 0.09
N ILE B 33 -11.36 12.91 -0.40
CA ILE B 33 -11.04 14.29 -0.76
C ILE B 33 -11.91 15.26 0.03
N THR B 34 -11.44 16.49 0.15
CA THR B 34 -12.17 17.52 0.90
C THR B 34 -11.68 18.92 0.53
N ASN B 35 -12.59 19.88 0.58
CA ASN B 35 -12.25 21.27 0.27
C ASN B 35 -12.55 22.17 1.47
N ALA B 36 -11.59 22.25 2.39
CA ALA B 36 -11.73 23.07 3.58
C ALA B 36 -12.28 24.45 3.25
N GLY B 37 -12.03 24.91 2.03
CA GLY B 37 -12.50 26.22 1.61
C GLY B 37 -13.97 26.44 1.94
N GLY B 38 -14.36 27.70 2.11
CA GLY B 38 -15.74 28.01 2.42
C GLY B 38 -16.53 28.45 1.20
N ARG B 39 -16.52 27.61 0.17
CA ARG B 39 -17.24 27.91 -1.06
C ARG B 39 -17.28 26.70 -1.99
N ARG B 40 -18.28 26.65 -2.85
CA ARG B 40 -18.41 25.55 -3.80
C ARG B 40 -17.26 25.54 -4.80
N ILE B 41 -16.88 24.35 -5.24
CA ILE B 41 -15.79 24.22 -6.20
C ILE B 41 -16.03 23.07 -7.18
N GLY B 42 -15.26 23.06 -8.25
CA GLY B 42 -15.36 22.01 -9.25
C GLY B 42 -14.02 21.34 -9.48
N TRP B 43 -13.88 20.12 -8.98
CA TRP B 43 -12.64 19.39 -9.10
C TRP B 43 -12.71 18.29 -10.16
N ALA B 44 -11.54 17.90 -10.67
CA ALA B 44 -11.44 16.85 -11.68
C ALA B 44 -10.16 16.04 -11.49
N ILE B 45 -10.17 14.79 -11.92
CA ILE B 45 -9.01 13.93 -11.79
C ILE B 45 -8.51 13.45 -13.14
N LYS B 46 -7.18 13.30 -13.25
CA LYS B 46 -6.56 12.85 -14.49
C LYS B 46 -5.30 12.03 -14.19
N THR B 47 -5.16 10.90 -14.87
CA THR B 47 -4.00 10.04 -14.68
C THR B 47 -3.12 10.02 -15.91
N THR B 48 -1.83 9.75 -15.71
CA THR B 48 -0.87 9.69 -16.80
C THR B 48 -1.35 8.74 -17.90
N ASN B 49 -2.17 7.77 -17.51
CA ASN B 49 -2.71 6.79 -18.45
C ASN B 49 -4.13 6.40 -18.07
N MET B 50 -5.08 6.75 -18.93
CA MET B 50 -6.48 6.43 -18.68
C MET B 50 -6.87 5.09 -19.30
N ARG B 51 -5.88 4.26 -19.58
CA ARG B 51 -6.11 2.95 -20.16
C ARG B 51 -6.16 1.87 -19.08
N ARG B 52 -5.21 1.93 -18.16
CA ARG B 52 -5.14 0.97 -17.07
C ARG B 52 -5.81 1.51 -15.82
N LEU B 53 -5.43 2.72 -15.42
CA LEU B 53 -5.98 3.37 -14.24
C LEU B 53 -7.37 3.95 -14.54
N SER B 54 -8.18 4.07 -13.50
CA SER B 54 -9.53 4.62 -13.66
C SER B 54 -10.02 5.22 -12.34
N VAL B 55 -10.89 6.23 -12.45
CA VAL B 55 -11.43 6.90 -11.28
C VAL B 55 -12.94 7.04 -11.40
N ASP B 56 -13.62 7.05 -10.25
CA ASP B 56 -15.08 7.18 -10.24
C ASP B 56 -15.59 7.46 -8.82
N PRO B 57 -16.18 8.65 -8.57
CA PRO B 57 -16.39 9.70 -9.57
C PRO B 57 -15.08 10.40 -9.95
N PRO B 58 -14.87 10.70 -11.24
CA PRO B 58 -13.67 11.37 -11.71
C PRO B 58 -13.72 12.89 -11.47
N CYS B 59 -14.93 13.44 -11.57
CA CYS B 59 -15.13 14.87 -11.37
C CYS B 59 -16.41 15.12 -10.57
N GLY B 60 -16.46 16.26 -9.90
CA GLY B 60 -17.64 16.60 -9.11
C GLY B 60 -17.49 17.94 -8.41
N VAL B 61 -18.62 18.52 -8.03
CA VAL B 61 -18.62 19.80 -7.35
C VAL B 61 -18.68 19.64 -5.83
N LEU B 62 -17.61 20.04 -5.15
CA LEU B 62 -17.55 19.93 -3.69
C LEU B 62 -18.23 21.11 -3.02
N ASP B 63 -18.47 20.98 -1.73
CA ASP B 63 -19.12 22.05 -0.97
C ASP B 63 -18.20 22.53 0.16
N PRO B 64 -18.52 23.69 0.77
CA PRO B 64 -17.73 24.26 1.86
C PRO B 64 -17.53 23.27 3.02
N LYS B 65 -16.31 22.77 3.15
CA LYS B 65 -15.99 21.83 4.21
C LYS B 65 -16.66 20.48 3.97
N GLU B 66 -16.70 20.05 2.71
CA GLU B 66 -17.30 18.78 2.35
C GLU B 66 -16.26 17.79 1.87
N LYS B 67 -16.57 16.50 1.99
CA LYS B 67 -15.66 15.45 1.56
C LYS B 67 -16.36 14.45 0.65
N VAL B 68 -15.68 14.06 -0.43
CA VAL B 68 -16.24 13.10 -1.38
C VAL B 68 -15.34 11.89 -1.53
N LEU B 69 -15.92 10.70 -1.38
CA LEU B 69 -15.17 9.46 -1.50
C LEU B 69 -15.13 8.98 -2.95
N MET B 70 -13.94 8.73 -3.46
CA MET B 70 -13.77 8.26 -4.84
C MET B 70 -12.89 7.01 -4.89
N ALA B 71 -13.01 6.27 -5.98
CA ALA B 71 -12.23 5.04 -6.15
C ALA B 71 -11.25 5.16 -7.30
N VAL B 72 -10.17 4.38 -7.25
CA VAL B 72 -9.15 4.39 -8.29
C VAL B 72 -8.94 2.98 -8.84
N SER B 73 -9.79 2.58 -9.77
CA SER B 73 -9.70 1.25 -10.38
C SER B 73 -8.30 1.00 -10.92
N CYS B 74 -7.78 -0.20 -10.67
CA CYS B 74 -6.45 -0.58 -11.14
C CYS B 74 -6.36 -2.10 -11.33
N ASP B 75 -6.84 -2.57 -12.48
CA ASP B 75 -6.81 -3.99 -12.78
C ASP B 75 -5.39 -4.51 -12.89
N THR B 76 -5.20 -5.78 -12.56
CA THR B 76 -3.87 -6.40 -12.62
C THR B 76 -3.26 -6.24 -14.01
N PHE B 77 -1.95 -6.42 -14.10
CA PHE B 77 -1.25 -6.29 -15.37
C PHE B 77 0.17 -6.85 -15.27
N ASN B 78 0.97 -6.59 -16.30
CA ASN B 78 2.36 -7.06 -16.32
C ASN B 78 3.33 -5.92 -15.98
N ALA B 79 4.01 -6.05 -14.85
CA ALA B 79 4.96 -5.04 -14.42
C ALA B 79 6.37 -5.36 -14.89
N ALA B 80 6.47 -6.17 -15.94
CA ALA B 80 7.77 -6.56 -16.49
C ALA B 80 8.15 -5.68 -17.66
N THR B 81 7.16 -5.21 -18.40
CA THR B 81 7.42 -4.36 -19.56
C THR B 81 6.34 -3.28 -19.69
N GLU B 82 6.16 -2.50 -18.64
CA GLU B 82 5.16 -1.44 -18.64
C GLU B 82 5.81 -0.09 -18.33
N ASP B 83 5.00 0.96 -18.31
CA ASP B 83 5.49 2.31 -18.02
C ASP B 83 5.20 2.69 -16.58
N LEU B 84 6.07 2.25 -15.67
CA LEU B 84 5.91 2.57 -14.26
C LEU B 84 7.09 3.39 -13.75
N ASN B 85 7.19 4.62 -14.23
CA ASN B 85 8.27 5.51 -13.83
C ASN B 85 7.92 6.25 -12.54
N ASN B 86 6.62 6.46 -12.32
CA ASN B 86 6.16 7.16 -11.13
C ASN B 86 4.64 7.30 -11.13
N ASP B 87 4.09 7.77 -12.23
CA ASP B 87 2.65 7.97 -12.35
C ASP B 87 2.20 9.08 -11.41
N ARG B 88 1.18 9.83 -11.80
CA ARG B 88 0.70 10.92 -10.97
C ARG B 88 -0.75 11.25 -11.26
N ILE B 89 -1.54 11.39 -10.19
CA ILE B 89 -2.95 11.73 -10.31
C ILE B 89 -3.14 13.21 -10.01
N THR B 90 -3.31 14.01 -11.06
CA THR B 90 -3.49 15.45 -10.90
C THR B 90 -4.94 15.80 -10.60
N ILE B 91 -5.11 16.74 -9.66
CA ILE B 91 -6.43 17.20 -9.27
C ILE B 91 -6.55 18.70 -9.48
N GLU B 92 -7.53 19.11 -10.25
CA GLU B 92 -7.74 20.52 -10.54
C GLU B 92 -9.12 20.98 -10.07
N TRP B 93 -9.14 21.83 -9.05
CA TRP B 93 -10.39 22.35 -8.51
C TRP B 93 -10.36 23.87 -8.47
N THR B 94 -11.40 24.50 -9.04
CA THR B 94 -11.47 25.96 -9.07
C THR B 94 -12.81 26.45 -8.51
N ASN B 95 -12.79 27.64 -7.90
CA ASN B 95 -14.00 28.22 -7.34
C ASN B 95 -15.12 28.25 -8.36
N THR B 96 -16.35 28.11 -7.88
CA THR B 96 -17.52 28.12 -8.76
C THR B 96 -17.97 29.55 -9.03
N PRO B 97 -18.27 29.87 -10.30
CA PRO B 97 -18.73 31.21 -10.69
C PRO B 97 -19.91 31.67 -9.84
N ASP B 98 -20.16 32.98 -9.84
CA ASP B 98 -21.26 33.55 -9.07
C ASP B 98 -22.56 32.81 -9.37
N GLY B 99 -23.21 32.32 -8.32
CA GLY B 99 -24.46 31.60 -8.50
C GLY B 99 -24.34 30.49 -9.53
N ALA B 100 -23.21 29.78 -9.50
CA ALA B 100 -22.97 28.69 -10.43
C ALA B 100 -23.94 27.54 -10.21
N ALA B 101 -24.37 26.90 -11.29
CA ALA B 101 -25.29 25.78 -11.22
C ALA B 101 -24.79 24.71 -10.28
N LYS B 102 -25.68 23.81 -9.89
CA LYS B 102 -25.32 22.72 -9.00
C LYS B 102 -24.82 21.51 -9.80
N GLN B 103 -23.65 21.67 -10.38
CA GLN B 103 -23.04 20.60 -11.18
C GLN B 103 -21.70 21.06 -11.75
N PHE B 104 -20.72 20.16 -11.71
CA PHE B 104 -19.38 20.47 -12.22
C PHE B 104 -19.45 20.93 -13.67
N ARG B 105 -18.56 21.84 -14.03
CA ARG B 105 -18.52 22.37 -15.40
C ARG B 105 -17.09 22.36 -15.94
N ARG B 106 -16.97 22.22 -17.25
CA ARG B 106 -15.66 22.19 -17.90
C ARG B 106 -15.19 23.60 -18.25
N GLU B 107 -16.15 24.50 -18.43
CA GLU B 107 -15.84 25.89 -18.78
C GLU B 107 -15.37 26.68 -17.55
N TRP B 108 -15.61 26.13 -16.36
CA TRP B 108 -15.21 26.79 -15.13
C TRP B 108 -13.72 27.12 -15.13
N PHE B 109 -12.96 26.42 -15.97
CA PHE B 109 -11.51 26.64 -16.06
C PHE B 109 -11.18 27.61 -17.20
N GLN B 110 -12.00 28.63 -17.35
CA GLN B 110 -11.78 29.64 -18.40
C GLN B 110 -12.46 30.95 -18.04
N GLY B 111 -12.54 31.23 -16.73
CA GLY B 111 -13.16 32.46 -16.28
C GLY B 111 -12.35 33.16 -15.21
N ASP B 112 -13.02 33.95 -14.39
CA ASP B 112 -12.35 34.68 -13.31
C ASP B 112 -12.12 33.79 -12.11
N GLY B 113 -11.13 34.14 -11.30
CA GLY B 113 -10.82 33.35 -10.12
C GLY B 113 -9.45 32.70 -10.19
N MET B 114 -9.27 31.62 -9.43
CA MET B 114 -8.00 30.90 -9.42
C MET B 114 -8.23 29.40 -9.43
N VAL B 115 -7.32 28.67 -10.07
CA VAL B 115 -7.41 27.22 -10.15
C VAL B 115 -6.18 26.54 -9.57
N ARG B 116 -6.39 25.57 -8.69
CA ARG B 116 -5.28 24.86 -8.07
C ARG B 116 -5.11 23.48 -8.70
N ARG B 117 -3.86 23.10 -8.95
CA ARG B 117 -3.57 21.81 -9.56
C ARG B 117 -2.48 21.06 -8.79
N LYS B 118 -2.91 20.08 -8.00
CA LYS B 118 -1.97 19.28 -7.21
C LYS B 118 -1.65 17.98 -7.94
N ASN B 119 -0.68 17.26 -7.40
CA ASN B 119 -0.25 16.00 -8.01
C ASN B 119 0.10 14.98 -6.93
N LEU B 120 -0.57 13.82 -6.97
CA LEU B 120 -0.31 12.76 -6.01
C LEU B 120 0.59 11.68 -6.61
N PRO B 121 1.88 11.64 -6.18
CA PRO B 121 2.84 10.66 -6.69
C PRO B 121 2.41 9.22 -6.43
N ILE B 122 2.62 8.37 -7.43
CA ILE B 122 2.26 6.96 -7.31
C ILE B 122 3.52 6.09 -7.27
N GLU B 123 3.44 4.95 -6.61
CA GLU B 123 4.59 4.05 -6.49
C GLU B 123 4.15 2.58 -6.59
N TYR B 124 4.96 1.78 -7.28
CA TYR B 124 4.66 0.36 -7.44
C TYR B 124 5.51 -0.47 -6.49
N ASN B 125 4.93 -0.83 -5.35
CA ASN B 125 5.64 -1.64 -4.36
C ASN B 125 5.70 -3.11 -4.80
N LEU B 126 6.81 -3.48 -5.44
CA LEU B 126 7.00 -4.84 -5.91
C LEU B 126 7.68 -5.69 -4.84
N ALA A 1 26.63 -28.39 1.50
CA ALA A 1 25.31 -29.05 1.55
C ALA A 1 25.44 -30.49 2.02
N GLN A 2 25.20 -30.73 3.31
CA GLN A 2 25.29 -32.06 3.87
C GLN A 2 24.21 -32.97 3.31
N SER A 3 23.04 -32.39 3.04
CA SER A 3 21.92 -33.14 2.49
C SER A 3 21.07 -32.27 1.57
N VAL A 4 20.21 -31.45 2.17
CA VAL A 4 19.34 -30.57 1.40
C VAL A 4 18.95 -29.34 2.22
N PRO A 5 19.49 -28.15 1.87
CA PRO A 5 19.19 -26.90 2.58
C PRO A 5 17.74 -26.47 2.39
N PRO A 6 17.30 -25.44 3.14
CA PRO A 6 15.92 -24.93 3.06
C PRO A 6 15.62 -24.34 1.68
N GLY A 7 14.45 -24.67 1.15
CA GLY A 7 14.06 -24.16 -0.15
C GLY A 7 13.80 -22.66 -0.12
N ASP A 8 14.52 -21.92 -0.96
CA ASP A 8 14.35 -20.47 -1.03
C ASP A 8 12.87 -20.10 -1.17
N ILE A 9 12.30 -19.56 -0.11
CA ILE A 9 10.89 -19.17 -0.13
C ILE A 9 10.70 -17.84 -0.86
N ASN A 10 9.57 -17.71 -1.54
CA ASN A 10 9.25 -16.49 -2.29
C ASN A 10 8.41 -15.56 -1.44
N THR A 11 8.59 -14.25 -1.62
CA THR A 11 7.84 -13.26 -0.87
C THR A 11 7.38 -12.12 -1.76
N GLN A 12 6.31 -11.44 -1.35
CA GLN A 12 5.76 -10.33 -2.10
C GLN A 12 5.01 -9.37 -1.18
N PRO A 13 5.59 -8.17 -0.89
CA PRO A 13 6.90 -7.76 -1.42
C PRO A 13 8.03 -8.67 -0.97
N SER A 14 9.15 -8.60 -1.69
CA SER A 14 10.32 -9.42 -1.36
C SER A 14 11.50 -8.57 -0.91
N GLN A 15 11.40 -7.25 -1.08
CA GLN A 15 12.49 -6.35 -0.69
C GLN A 15 12.11 -5.55 0.55
N LYS A 16 10.99 -4.83 0.46
CA LYS A 16 10.52 -4.02 1.58
C LYS A 16 9.01 -3.80 1.50
N ILE A 17 8.50 -2.99 2.43
CA ILE A 17 7.08 -2.69 2.49
C ILE A 17 6.84 -1.29 3.06
N VAL A 18 5.94 -0.54 2.44
CA VAL A 18 5.65 0.82 2.89
C VAL A 18 4.15 1.01 3.14
N PHE A 19 3.78 1.11 4.41
CA PHE A 19 2.38 1.31 4.77
C PHE A 19 1.90 2.68 4.29
N ASN A 20 0.88 2.67 3.44
CA ASN A 20 0.34 3.92 2.88
C ASN A 20 -0.67 4.56 3.83
N ALA A 21 -0.55 5.87 4.00
CA ALA A 21 -1.45 6.62 4.87
C ALA A 21 -2.91 6.34 4.49
N PRO A 22 -3.88 6.79 5.32
CA PRO A 22 -3.63 7.55 6.55
C PRO A 22 -3.25 6.66 7.72
N TYR A 23 -2.69 7.27 8.76
CA TYR A 23 -2.28 6.54 9.95
C TYR A 23 -3.18 6.87 11.13
N ASP A 24 -4.49 6.82 10.88
CA ASP A 24 -5.47 7.10 11.91
C ASP A 24 -6.52 5.98 11.99
N ASP A 25 -6.31 4.91 11.23
CA ASP A 25 -7.23 3.78 11.24
C ASP A 25 -6.47 2.46 11.22
N LYS A 26 -6.82 1.57 12.15
CA LYS A 26 -6.17 0.27 12.24
C LYS A 26 -6.13 -0.42 10.88
N HIS A 27 -4.95 -0.47 10.29
CA HIS A 27 -4.78 -1.10 8.99
C HIS A 27 -4.07 -2.44 9.13
N THR A 28 -4.37 -3.37 8.22
CA THR A 28 -3.76 -4.69 8.26
C THR A 28 -3.33 -5.13 6.86
N TYR A 29 -2.04 -4.96 6.56
CA TYR A 29 -1.51 -5.35 5.26
C TYR A 29 -1.08 -6.81 5.28
N HIS A 30 -1.60 -7.59 4.34
CA HIS A 30 -1.28 -9.01 4.26
C HIS A 30 -0.13 -9.27 3.28
N ILE A 31 0.86 -10.03 3.74
CA ILE A 31 2.00 -10.36 2.90
C ILE A 31 1.83 -11.74 2.27
N LYS A 32 2.42 -11.94 1.10
CA LYS A 32 2.31 -13.21 0.40
C LYS A 32 3.61 -14.01 0.50
N ILE A 33 3.49 -15.29 0.80
CA ILE A 33 4.64 -16.17 0.93
C ILE A 33 4.39 -17.51 0.25
N THR A 34 5.45 -18.18 -0.17
CA THR A 34 5.33 -19.47 -0.84
C THR A 34 6.59 -20.31 -0.65
N ASN A 35 6.43 -21.62 -0.80
CA ASN A 35 7.55 -22.54 -0.66
C ASN A 35 7.97 -23.09 -2.02
N ALA A 36 9.17 -22.74 -2.44
CA ALA A 36 9.70 -23.19 -3.72
C ALA A 36 10.50 -24.49 -3.57
N GLY A 37 10.26 -25.20 -2.47
CA GLY A 37 10.97 -26.44 -2.24
C GLY A 37 10.06 -27.65 -2.26
N GLY A 38 10.62 -28.83 -2.00
CA GLY A 38 9.82 -30.04 -1.99
C GLY A 38 9.65 -30.61 -0.59
N ARG A 39 9.87 -29.78 0.42
CA ARG A 39 9.75 -30.22 1.81
C ARG A 39 9.17 -29.10 2.67
N ARG A 40 8.66 -29.47 3.84
CA ARG A 40 8.08 -28.50 4.77
C ARG A 40 9.15 -27.55 5.28
N ILE A 41 8.72 -26.42 5.85
CA ILE A 41 9.65 -25.44 6.39
C ILE A 41 9.06 -24.70 7.58
N GLY A 42 9.90 -24.41 8.56
CA GLY A 42 9.45 -23.70 9.74
C GLY A 42 9.85 -22.24 9.71
N TRP A 43 8.91 -21.37 9.36
CA TRP A 43 9.18 -19.94 9.28
C TRP A 43 8.56 -19.18 10.44
N ALA A 44 9.21 -18.09 10.82
CA ALA A 44 8.75 -17.25 11.92
C ALA A 44 9.07 -15.78 11.65
N ILE A 45 8.08 -14.92 11.84
CA ILE A 45 8.26 -13.48 11.62
C ILE A 45 8.67 -12.77 12.90
N LYS A 46 9.41 -11.68 12.76
CA LYS A 46 9.86 -10.90 13.91
C LYS A 46 9.74 -9.41 13.63
N THR A 47 9.28 -8.65 14.63
CA THR A 47 9.13 -7.22 14.49
C THR A 47 9.90 -6.47 15.59
N THR A 48 10.37 -5.27 15.26
CA THR A 48 11.12 -4.47 16.22
C THR A 48 10.31 -4.25 17.48
N ASN A 49 9.01 -4.01 17.32
CA ASN A 49 8.12 -3.78 18.46
C ASN A 49 6.92 -4.71 18.40
N MET A 50 6.78 -5.56 19.41
CA MET A 50 5.68 -6.50 19.48
C MET A 50 4.48 -5.90 20.20
N ARG A 51 4.47 -4.58 20.34
CA ARG A 51 3.37 -3.89 21.02
C ARG A 51 2.56 -3.06 20.02
N ARG A 52 3.23 -2.56 19.00
CA ARG A 52 2.58 -1.76 17.97
C ARG A 52 2.32 -2.58 16.71
N LEU A 53 3.10 -3.65 16.54
CA LEU A 53 2.95 -4.51 15.37
C LEU A 53 2.78 -5.97 15.79
N SER A 54 1.87 -6.68 15.11
CA SER A 54 1.62 -8.08 15.41
C SER A 54 1.18 -8.83 14.16
N VAL A 55 1.99 -9.81 13.76
CA VAL A 55 1.69 -10.60 12.57
C VAL A 55 0.95 -11.89 12.95
N ASP A 56 0.17 -12.41 12.01
CA ASP A 56 -0.59 -13.64 12.26
C ASP A 56 -0.69 -14.47 10.97
N PRO A 57 -0.25 -15.75 10.99
CA PRO A 57 0.35 -16.38 12.17
C PRO A 57 1.80 -15.95 12.40
N PRO A 58 2.22 -15.83 13.68
CA PRO A 58 3.58 -15.44 14.02
C PRO A 58 4.62 -16.48 13.62
N CYS A 59 4.15 -17.69 13.30
CA CYS A 59 5.04 -18.77 12.91
C CYS A 59 4.24 -20.00 12.48
N GLY A 60 4.58 -20.56 11.33
CA GLY A 60 3.88 -21.73 10.84
C GLY A 60 4.75 -22.62 9.99
N VAL A 61 4.17 -23.70 9.48
CA VAL A 61 4.90 -24.65 8.65
C VAL A 61 4.36 -24.65 7.21
N LEU A 62 5.18 -24.15 6.29
CA LEU A 62 4.79 -24.10 4.89
C LEU A 62 4.98 -25.46 4.21
N ASP A 63 4.11 -25.77 3.27
CA ASP A 63 4.18 -27.03 2.54
C ASP A 63 4.78 -26.82 1.15
N PRO A 64 5.07 -27.91 0.42
CA PRO A 64 5.65 -27.83 -0.92
C PRO A 64 4.79 -27.01 -1.88
N LYS A 65 5.41 -26.04 -2.54
CA LYS A 65 4.72 -25.17 -3.49
C LYS A 65 3.39 -24.67 -2.93
N GLU A 66 3.37 -24.42 -1.62
CA GLU A 66 2.17 -23.92 -0.97
C GLU A 66 2.29 -22.41 -0.73
N LYS A 67 1.21 -21.68 -1.00
CA LYS A 67 1.20 -20.24 -0.82
C LYS A 67 0.34 -19.83 0.36
N VAL A 68 0.98 -19.29 1.39
CA VAL A 68 0.27 -18.86 2.60
C VAL A 68 0.11 -17.35 2.62
N LEU A 69 -0.91 -16.87 3.34
CA LEU A 69 -1.18 -15.44 3.44
C LEU A 69 -1.27 -15.01 4.90
N MET A 70 -0.39 -14.10 5.29
CA MET A 70 -0.38 -13.60 6.66
C MET A 70 -0.77 -12.13 6.70
N ALA A 71 -1.10 -11.64 7.89
CA ALA A 71 -1.50 -10.26 8.06
C ALA A 71 -0.55 -9.51 9.00
N VAL A 72 -0.50 -8.19 8.84
CA VAL A 72 0.36 -7.36 9.67
C VAL A 72 -0.43 -6.19 10.26
N SER A 73 -0.74 -6.29 11.54
CA SER A 73 -1.49 -5.24 12.23
C SER A 73 -0.57 -4.13 12.70
N CYS A 74 -0.87 -2.89 12.31
CA CYS A 74 -0.07 -1.74 12.69
C CYS A 74 -0.95 -0.64 13.26
N ASP A 75 -1.02 -0.57 14.59
CA ASP A 75 -1.83 0.44 15.26
C ASP A 75 -1.52 1.84 14.73
N THR A 76 -2.50 2.74 14.83
CA THR A 76 -2.34 4.11 14.36
C THR A 76 -1.27 4.83 15.17
N PHE A 77 -0.61 5.79 14.55
CA PHE A 77 0.44 6.56 15.21
C PHE A 77 0.50 7.99 14.67
N ASN A 78 1.63 8.66 14.91
CA ASN A 78 1.81 10.03 14.46
C ASN A 78 3.22 10.23 13.90
N ALA A 79 3.35 10.06 12.59
CA ALA A 79 4.65 10.23 11.93
C ALA A 79 5.11 11.68 11.95
N ALA A 80 4.17 12.60 12.18
CA ALA A 80 4.48 14.03 12.22
C ALA A 80 5.72 14.29 13.07
N THR A 81 5.95 13.43 14.06
CA THR A 81 7.09 13.59 14.95
C THR A 81 7.67 12.24 15.34
N GLU A 82 8.10 11.48 14.33
CA GLU A 82 8.68 10.16 14.58
C GLU A 82 9.52 9.72 13.38
N ASP A 83 10.41 8.76 13.62
CA ASP A 83 11.29 8.24 12.58
C ASP A 83 10.57 7.19 11.73
N LEU A 84 11.00 7.05 10.48
CA LEU A 84 10.39 6.08 9.57
C LEU A 84 11.47 5.21 8.93
N ASN A 85 12.48 4.84 9.71
CA ASN A 85 13.57 4.00 9.22
C ASN A 85 14.09 3.09 10.32
N ASN A 86 13.21 2.73 11.25
CA ASN A 86 13.60 1.85 12.36
C ASN A 86 12.88 0.52 12.26
N ASP A 87 11.58 0.56 11.99
CA ASP A 87 10.78 -0.65 11.87
C ASP A 87 11.35 -1.58 10.81
N ARG A 88 11.37 -2.88 11.10
CA ARG A 88 11.88 -3.88 10.17
C ARG A 88 11.43 -5.27 10.57
N ILE A 89 10.93 -6.02 9.59
CA ILE A 89 10.45 -7.38 9.84
C ILE A 89 11.41 -8.41 9.24
N THR A 90 11.92 -9.30 10.09
CA THR A 90 12.84 -10.34 9.65
C THR A 90 12.14 -11.69 9.56
N ILE A 91 12.44 -12.44 8.52
CA ILE A 91 11.83 -13.75 8.32
C ILE A 91 12.89 -14.86 8.32
N GLU A 92 12.71 -15.83 9.20
CA GLU A 92 13.65 -16.95 9.29
C GLU A 92 12.94 -18.28 9.10
N TRP A 93 13.38 -19.05 8.11
CA TRP A 93 12.78 -20.34 7.82
C TRP A 93 13.83 -21.44 7.69
N THR A 94 13.51 -22.63 8.17
CA THR A 94 14.44 -23.76 8.10
C THR A 94 13.69 -25.07 7.87
N ASN A 95 14.02 -25.74 6.77
CA ASN A 95 13.38 -27.02 6.42
C ASN A 95 13.25 -27.92 7.64
N THR A 96 12.15 -28.65 7.71
CA THR A 96 11.89 -29.57 8.81
C THR A 96 12.62 -30.89 8.61
N PRO A 97 13.08 -31.52 9.70
CA PRO A 97 13.78 -32.80 9.63
C PRO A 97 12.90 -33.92 9.08
N ASP A 98 13.53 -35.03 8.70
CA ASP A 98 12.81 -36.18 8.15
C ASP A 98 11.55 -36.49 8.95
N GLY A 99 10.40 -36.32 8.31
CA GLY A 99 9.13 -36.59 8.98
C GLY A 99 9.06 -35.99 10.37
N ALA A 100 9.39 -34.72 10.48
CA ALA A 100 9.35 -34.02 11.77
C ALA A 100 8.01 -34.23 12.45
N ALA A 101 6.99 -33.50 11.98
CA ALA A 101 5.66 -33.59 12.55
C ALA A 101 4.73 -32.53 11.96
N LYS A 102 3.44 -32.74 12.14
CA LYS A 102 2.44 -31.80 11.63
C LYS A 102 2.18 -30.70 12.65
N GLN A 103 3.18 -29.85 12.83
CA GLN A 103 3.08 -28.73 13.77
C GLN A 103 4.43 -28.02 13.89
N PHE A 104 4.41 -26.70 13.74
CA PHE A 104 5.63 -25.91 13.83
C PHE A 104 6.42 -26.26 15.09
N ARG A 105 7.71 -26.48 14.92
CA ARG A 105 8.58 -26.83 16.04
C ARG A 105 9.72 -25.83 16.18
N ARG A 106 10.19 -25.64 17.41
CA ARG A 106 11.27 -24.70 17.68
C ARG A 106 12.58 -25.45 17.91
N GLU A 107 12.69 -26.64 17.30
CA GLU A 107 13.90 -27.45 17.44
C GLU A 107 14.65 -27.57 16.10
N TRP A 108 14.11 -26.96 15.05
CA TRP A 108 14.74 -27.02 13.74
C TRP A 108 15.67 -25.82 13.52
N PHE A 109 16.08 -25.19 14.61
CA PHE A 109 16.97 -24.03 14.53
C PHE A 109 18.32 -24.32 15.18
N GLN A 110 18.35 -25.29 16.08
CA GLN A 110 19.57 -25.66 16.78
C GLN A 110 20.64 -26.13 15.78
N GLY A 111 20.20 -26.75 14.70
CA GLY A 111 21.12 -27.24 13.70
C GLY A 111 21.98 -26.13 13.11
N ASP A 112 23.22 -26.47 12.78
CA ASP A 112 24.15 -25.50 12.20
C ASP A 112 24.07 -25.51 10.68
N GLY A 113 24.35 -24.36 10.07
CA GLY A 113 24.30 -24.26 8.63
C GLY A 113 22.92 -23.92 8.12
N MET A 114 22.04 -24.92 8.10
CA MET A 114 20.67 -24.73 7.63
C MET A 114 20.04 -23.49 8.26
N VAL A 115 18.88 -23.12 7.73
CA VAL A 115 18.13 -21.96 8.22
C VAL A 115 18.59 -20.68 7.53
N ARG A 116 17.74 -20.17 6.63
CA ARG A 116 18.04 -18.95 5.89
C ARG A 116 17.34 -17.75 6.52
N ARG A 117 18.00 -16.59 6.46
CA ARG A 117 17.44 -15.37 7.03
C ARG A 117 16.89 -14.45 5.95
N LYS A 118 15.96 -13.58 6.34
CA LYS A 118 15.36 -12.64 5.42
C LYS A 118 15.06 -11.32 6.12
N ASN A 119 14.86 -10.27 5.34
CA ASN A 119 14.57 -8.95 5.90
C ASN A 119 13.60 -8.17 5.02
N LEU A 120 12.79 -7.33 5.66
CA LEU A 120 11.81 -6.52 4.95
C LEU A 120 11.55 -5.21 5.70
N PRO A 121 12.38 -4.18 5.44
CA PRO A 121 12.25 -2.87 6.10
C PRO A 121 10.83 -2.31 6.01
N ILE A 122 10.51 -1.40 6.92
CA ILE A 122 9.19 -0.78 6.96
C ILE A 122 9.28 0.71 6.63
N GLU A 123 8.25 1.23 5.97
CA GLU A 123 8.21 2.64 5.60
C GLU A 123 6.82 3.21 5.78
N TYR A 124 6.73 4.53 5.78
CA TYR A 124 5.46 5.21 5.95
C TYR A 124 5.27 6.31 4.90
N ASN A 125 4.38 6.06 3.95
CA ASN A 125 4.10 7.02 2.89
C ASN A 125 2.90 7.89 3.22
N LEU A 126 3.13 8.94 4.00
CA LEU A 126 2.07 9.85 4.40
C LEU A 126 1.37 10.44 3.17
N ALA B 1 -10.29 37.49 -2.91
CA ALA B 1 -11.54 36.71 -2.75
C ALA B 1 -12.76 37.55 -3.11
N GLN B 2 -13.24 37.38 -4.35
CA GLN B 2 -14.40 38.13 -4.83
C GLN B 2 -15.65 37.73 -4.06
N SER B 3 -15.74 36.46 -3.69
CA SER B 3 -16.89 35.95 -2.95
C SER B 3 -16.48 34.84 -1.99
N VAL B 4 -16.30 33.64 -2.53
CA VAL B 4 -15.91 32.48 -1.72
C VAL B 4 -15.17 31.44 -2.57
N PRO B 5 -13.84 31.31 -2.38
CA PRO B 5 -13.04 30.33 -3.13
C PRO B 5 -13.41 28.89 -2.79
N PRO B 6 -12.86 27.92 -3.55
CA PRO B 6 -13.13 26.50 -3.31
C PRO B 6 -12.61 26.02 -1.96
N GLY B 7 -13.43 25.25 -1.26
CA GLY B 7 -13.03 24.75 0.04
C GLY B 7 -11.91 23.73 -0.06
N ASP B 8 -10.80 24.00 0.62
CA ASP B 8 -9.66 23.10 0.61
C ASP B 8 -10.09 21.66 0.93
N ILE B 9 -10.07 20.81 -0.09
CA ILE B 9 -10.46 19.42 0.08
C ILE B 9 -9.35 18.60 0.73
N ASN B 10 -9.74 17.63 1.55
CA ASN B 10 -8.78 16.78 2.24
C ASN B 10 -8.54 15.50 1.45
N THR B 11 -7.32 14.98 1.51
CA THR B 11 -6.96 13.76 0.79
C THR B 11 -6.12 12.83 1.66
N GLN B 12 -6.16 11.55 1.33
CA GLN B 12 -5.41 10.55 2.08
C GLN B 12 -5.10 9.33 1.18
N PRO B 13 -3.83 9.18 0.74
CA PRO B 13 -2.73 10.09 1.06
C PRO B 13 -2.97 11.50 0.55
N SER B 14 -2.23 12.46 1.09
CA SER B 14 -2.37 13.85 0.69
C SER B 14 -1.09 14.38 0.03
N GLN B 15 -0.01 13.61 0.12
CA GLN B 15 1.26 14.01 -0.47
C GLN B 15 1.59 13.18 -1.70
N LYS B 16 1.63 11.86 -1.52
CA LYS B 16 1.93 10.95 -2.62
C LYS B 16 1.34 9.57 -2.38
N ILE B 17 1.65 8.64 -3.27
CA ILE B 17 1.15 7.27 -3.17
C ILE B 17 2.14 6.29 -3.80
N VAL B 18 2.39 5.18 -3.13
CA VAL B 18 3.32 4.17 -3.63
C VAL B 18 2.68 2.79 -3.70
N PHE B 19 2.40 2.33 -4.91
CA PHE B 19 1.81 1.02 -5.11
C PHE B 19 2.77 -0.08 -4.66
N ASN B 20 2.34 -0.88 -3.68
CA ASN B 20 3.19 -1.94 -3.16
C ASN B 20 3.09 -3.21 -4.01
N ALA B 21 4.23 -3.81 -4.29
CA ALA B 21 4.29 -5.04 -5.09
C ALA B 21 3.34 -6.09 -4.51
N PRO B 22 3.12 -7.21 -5.23
CA PRO B 22 3.73 -7.49 -6.53
C PRO B 22 3.03 -6.78 -7.67
N TYR B 23 3.70 -6.71 -8.82
CA TYR B 23 3.15 -6.06 -10.00
C TYR B 23 2.80 -7.09 -11.07
N ASP B 24 2.11 -8.15 -10.65
CA ASP B 24 1.71 -9.21 -11.56
C ASP B 24 0.20 -9.50 -11.43
N ASP B 25 -0.50 -8.70 -10.63
CA ASP B 25 -1.92 -8.88 -10.44
C ASP B 25 -2.65 -7.53 -10.43
N LYS B 26 -3.70 -7.43 -11.24
CA LYS B 26 -4.47 -6.20 -11.33
C LYS B 26 -4.86 -5.70 -9.94
N HIS B 27 -4.21 -4.63 -9.50
CA HIS B 27 -4.49 -4.05 -8.19
C HIS B 27 -5.28 -2.75 -8.33
N THR B 28 -6.09 -2.45 -7.33
CA THR B 28 -6.90 -1.25 -7.34
C THR B 28 -6.88 -0.54 -5.98
N TYR B 29 -6.02 0.47 -5.87
CA TYR B 29 -5.91 1.22 -4.62
C TYR B 29 -6.92 2.36 -4.60
N HIS B 30 -7.73 2.40 -3.55
CA HIS B 30 -8.75 3.43 -3.41
C HIS B 30 -8.26 4.61 -2.57
N ILE B 31 -8.44 5.82 -3.09
CA ILE B 31 -8.02 7.03 -2.39
C ILE B 31 -9.20 7.66 -1.65
N LYS B 32 -8.91 8.34 -0.55
CA LYS B 32 -9.95 8.98 0.25
C LYS B 32 -9.96 10.49 0.03
N ILE B 33 -11.15 11.04 -0.16
CA ILE B 33 -11.31 12.48 -0.37
C ILE B 33 -12.49 13.01 0.43
N THR B 34 -12.44 14.30 0.76
CA THR B 34 -13.52 14.93 1.52
C THR B 34 -13.60 16.42 1.22
N ASN B 35 -14.76 17.00 1.49
CA ASN B 35 -14.98 18.42 1.27
C ASN B 35 -15.06 19.17 2.60
N ALA B 36 -14.08 20.03 2.84
CA ALA B 36 -14.02 20.80 4.07
C ALA B 36 -14.72 22.15 3.91
N GLY B 37 -15.58 22.25 2.91
CA GLY B 37 -16.30 23.49 2.67
C GLY B 37 -17.79 23.35 2.89
N GLY B 38 -18.53 24.43 2.64
CA GLY B 38 -19.97 24.40 2.82
C GLY B 38 -20.72 24.47 1.50
N ARG B 39 -20.04 24.14 0.41
CA ARG B 39 -20.64 24.16 -0.91
C ARG B 39 -20.11 23.03 -1.77
N ARG B 40 -20.84 22.70 -2.85
CA ARG B 40 -20.44 21.64 -3.74
C ARG B 40 -19.14 22.00 -4.46
N ILE B 41 -18.49 21.00 -5.05
CA ILE B 41 -17.24 21.21 -5.76
C ILE B 41 -17.08 20.24 -6.92
N GLY B 42 -16.52 20.73 -8.03
CA GLY B 42 -16.31 19.88 -9.19
C GLY B 42 -14.85 19.45 -9.31
N TRP B 43 -14.57 18.22 -8.89
CA TRP B 43 -13.21 17.69 -8.94
C TRP B 43 -13.03 16.69 -10.08
N ALA B 44 -11.81 16.63 -10.61
CA ALA B 44 -11.50 15.71 -11.69
C ALA B 44 -10.05 15.23 -11.57
N ILE B 45 -9.86 13.92 -11.70
CA ILE B 45 -8.52 13.34 -11.61
C ILE B 45 -7.87 13.20 -12.98
N LYS B 46 -6.56 13.26 -13.01
CA LYS B 46 -5.80 13.15 -14.25
C LYS B 46 -4.57 12.27 -14.07
N THR B 47 -4.30 11.42 -15.04
CA THR B 47 -3.14 10.53 -14.99
C THR B 47 -2.26 10.71 -16.22
N THR B 48 -0.96 10.50 -16.05
CA THR B 48 -0.02 10.64 -17.15
C THR B 48 -0.40 9.74 -18.32
N ASN B 49 -0.86 8.53 -18.00
CA ASN B 49 -1.27 7.59 -19.03
C ASN B 49 -2.67 7.06 -18.75
N MET B 50 -3.60 7.33 -19.68
CA MET B 50 -4.98 6.88 -19.52
C MET B 50 -5.18 5.49 -20.12
N ARG B 51 -4.08 4.77 -20.37
CA ARG B 51 -4.16 3.44 -20.94
C ARG B 51 -3.76 2.39 -19.90
N ARG B 52 -2.85 2.77 -19.02
CA ARG B 52 -2.37 1.86 -17.97
C ARG B 52 -3.05 2.16 -16.64
N LEU B 53 -3.52 3.40 -16.49
CA LEU B 53 -4.18 3.81 -15.25
C LEU B 53 -5.55 4.41 -15.55
N SER B 54 -6.53 4.07 -14.71
CA SER B 54 -7.89 4.57 -14.87
C SER B 54 -8.59 4.70 -13.53
N VAL B 55 -8.94 5.92 -13.16
CA VAL B 55 -9.62 6.18 -11.90
C VAL B 55 -11.13 6.21 -12.08
N ASP B 56 -11.87 5.90 -11.02
CA ASP B 56 -13.33 5.89 -11.08
C ASP B 56 -13.92 6.34 -9.74
N PRO B 57 -14.77 7.39 -9.73
CA PRO B 57 -15.15 8.15 -10.92
C PRO B 57 -14.07 9.13 -11.37
N PRO B 58 -13.92 9.33 -12.69
CA PRO B 58 -12.91 10.24 -13.24
C PRO B 58 -13.21 11.70 -12.91
N CYS B 59 -14.42 11.97 -12.44
CA CYS B 59 -14.84 13.32 -12.09
C CYS B 59 -16.23 13.33 -11.48
N GLY B 60 -16.38 13.99 -10.34
CA GLY B 60 -17.68 14.04 -9.68
C GLY B 60 -17.86 15.32 -8.89
N VAL B 61 -19.02 15.45 -8.23
CA VAL B 61 -19.32 16.62 -7.44
C VAL B 61 -19.42 16.28 -5.95
N LEU B 62 -18.47 16.76 -5.18
CA LEU B 62 -18.44 16.50 -3.74
C LEU B 62 -19.40 17.44 -3.00
N ASP B 63 -20.00 16.93 -1.94
CA ASP B 63 -20.94 17.72 -1.14
C ASP B 63 -20.27 18.21 0.14
N PRO B 64 -20.95 19.09 0.89
CA PRO B 64 -20.40 19.64 2.15
C PRO B 64 -20.03 18.55 3.15
N LYS B 65 -18.80 18.60 3.65
CA LYS B 65 -18.31 17.63 4.62
C LYS B 65 -18.64 16.20 4.20
N GLU B 66 -18.61 15.95 2.90
CA GLU B 66 -18.90 14.62 2.37
C GLU B 66 -17.59 13.91 2.01
N LYS B 67 -17.49 12.63 2.37
CA LYS B 67 -16.30 11.85 2.09
C LYS B 67 -16.56 10.82 0.99
N VAL B 68 -15.90 11.01 -0.14
CA VAL B 68 -16.06 10.09 -1.27
C VAL B 68 -14.87 9.14 -1.38
N LEU B 69 -15.09 7.98 -1.99
CA LEU B 69 -14.04 6.99 -2.15
C LEU B 69 -13.91 6.57 -3.62
N MET B 70 -12.73 6.81 -4.19
CA MET B 70 -12.47 6.45 -5.58
C MET B 70 -11.44 5.34 -5.66
N ALA B 71 -11.36 4.72 -6.84
CA ALA B 71 -10.42 3.63 -7.05
C ALA B 71 -9.41 3.97 -8.15
N VAL B 72 -8.25 3.32 -8.09
CA VAL B 72 -7.20 3.56 -9.09
C VAL B 72 -6.70 2.23 -9.65
N SER B 73 -7.10 1.92 -10.88
CA SER B 73 -6.70 0.68 -11.53
C SER B 73 -5.34 0.83 -12.20
N CYS B 74 -4.40 -0.04 -11.84
CA CYS B 74 -3.06 -0.01 -12.42
C CYS B 74 -2.66 -1.38 -12.94
N ASP B 75 -2.81 -1.57 -14.25
CA ASP B 75 -2.46 -2.84 -14.88
C ASP B 75 -1.05 -3.28 -14.49
N THR B 76 -0.81 -4.59 -14.53
CA THR B 76 0.48 -5.14 -14.19
C THR B 76 1.55 -4.67 -15.17
N PHE B 77 2.79 -4.58 -14.71
CA PHE B 77 3.89 -4.16 -15.56
C PHE B 77 5.20 -4.82 -15.14
N ASN B 78 6.32 -4.24 -15.56
CA ASN B 78 7.63 -4.77 -15.23
C ASN B 78 8.60 -3.66 -14.87
N ALA B 79 8.70 -3.35 -13.58
CA ALA B 79 9.59 -2.30 -13.11
C ALA B 79 11.06 -2.69 -13.29
N ALA B 80 11.32 -3.99 -13.45
CA ALA B 80 12.68 -4.48 -13.64
C ALA B 80 13.45 -3.64 -14.66
N THR B 81 12.72 -3.07 -15.62
CA THR B 81 13.33 -2.25 -16.65
C THR B 81 12.44 -1.06 -17.01
N GLU B 82 12.14 -0.22 -16.02
CA GLU B 82 11.29 0.94 -16.23
C GLU B 82 11.52 1.98 -15.14
N ASP B 83 11.13 3.22 -15.42
CA ASP B 83 11.28 4.31 -14.46
C ASP B 83 10.13 4.32 -13.46
N LEU B 84 10.39 4.85 -12.27
CA LEU B 84 9.38 4.92 -11.23
C LEU B 84 9.27 6.33 -10.67
N ASN B 85 9.39 7.32 -11.55
CA ASN B 85 9.32 8.72 -11.14
C ASN B 85 8.68 9.57 -12.24
N ASN B 86 7.79 8.95 -13.01
CA ASN B 86 7.12 9.66 -14.10
C ASN B 86 5.62 9.77 -13.82
N ASP B 87 5.02 8.67 -13.38
CA ASP B 87 3.59 8.65 -13.08
C ASP B 87 3.24 9.70 -12.03
N ARG B 88 2.12 10.37 -12.24
CA ARG B 88 1.66 11.40 -11.32
C ARG B 88 0.19 11.74 -11.55
N ILE B 89 -0.58 11.77 -10.46
CA ILE B 89 -2.00 12.07 -10.55
C ILE B 89 -2.31 13.47 -10.01
N THR B 90 -2.89 14.32 -10.85
CA THR B 90 -3.23 15.67 -10.47
C THR B 90 -4.73 15.80 -10.19
N ILE B 91 -5.08 16.53 -9.14
CA ILE B 91 -6.48 16.73 -8.77
C ILE B 91 -6.86 18.21 -8.84
N GLU B 92 -7.89 18.51 -9.61
CA GLU B 92 -8.36 19.89 -9.76
C GLU B 92 -9.84 20.01 -9.37
N TRP B 93 -10.13 20.86 -8.40
CA TRP B 93 -11.50 21.05 -7.95
C TRP B 93 -11.85 22.54 -7.88
N THR B 94 -13.09 22.86 -8.22
CA THR B 94 -13.55 24.25 -8.19
C THR B 94 -15.02 24.33 -7.78
N ASN B 95 -15.28 25.05 -6.68
CA ASN B 95 -16.64 25.21 -6.16
C ASN B 95 -17.64 25.49 -7.29
N THR B 96 -18.84 24.94 -7.16
CA THR B 96 -19.88 25.13 -8.16
C THR B 96 -20.60 26.45 -7.96
N PRO B 97 -21.03 27.10 -9.06
CA PRO B 97 -21.74 28.39 -8.99
C PRO B 97 -23.06 28.27 -8.24
N ASP B 98 -23.62 29.41 -7.88
CA ASP B 98 -24.90 29.46 -7.16
C ASP B 98 -25.92 28.50 -7.77
N GLY B 99 -26.29 27.47 -7.00
CA GLY B 99 -27.26 26.51 -7.48
C GLY B 99 -26.98 26.02 -8.88
N ALA B 100 -25.74 25.62 -9.13
CA ALA B 100 -25.35 25.13 -10.44
C ALA B 100 -26.30 24.05 -10.94
N ALA B 101 -26.15 22.84 -10.39
CA ALA B 101 -27.00 21.71 -10.77
C ALA B 101 -26.50 20.42 -10.14
N LYS B 102 -27.37 19.42 -10.13
CA LYS B 102 -27.03 18.12 -9.57
C LYS B 102 -26.36 17.24 -10.63
N GLN B 103 -25.15 17.62 -11.00
CA GLN B 103 -24.38 16.88 -11.99
C GLN B 103 -23.09 17.63 -12.34
N PHE B 104 -21.98 16.92 -12.27
CA PHE B 104 -20.67 17.52 -12.58
C PHE B 104 -20.72 18.29 -13.90
N ARG B 105 -20.22 19.52 -13.89
CA ARG B 105 -20.21 20.35 -15.07
C ARG B 105 -18.79 20.77 -15.43
N ARG B 106 -18.55 20.97 -16.72
CA ARG B 106 -17.23 21.38 -17.20
C ARG B 106 -17.20 22.87 -17.53
N GLU B 107 -18.07 23.63 -16.86
CA GLU B 107 -18.15 25.07 -17.09
C GLU B 107 -17.69 25.86 -15.87
N TRP B 108 -17.32 25.17 -14.79
CA TRP B 108 -16.87 25.83 -13.57
C TRP B 108 -15.35 25.99 -13.56
N PHE B 109 -14.74 25.92 -14.75
CA PHE B 109 -13.30 26.07 -14.85
C PHE B 109 -12.92 27.32 -15.66
N GLN B 110 -13.84 27.78 -16.49
CA GLN B 110 -13.61 28.97 -17.30
C GLN B 110 -13.33 30.19 -16.43
N GLY B 111 -13.94 30.22 -15.26
CA GLY B 111 -13.74 31.33 -14.34
C GLY B 111 -12.28 31.52 -13.96
N ASP B 112 -11.89 32.77 -13.76
CA ASP B 112 -10.51 33.09 -13.39
C ASP B 112 -10.36 33.13 -11.87
N GLY B 113 -9.17 32.80 -11.38
CA GLY B 113 -8.93 32.81 -9.96
C GLY B 113 -9.29 31.50 -9.29
N MET B 114 -10.58 31.29 -9.09
CA MET B 114 -11.08 30.06 -8.46
C MET B 114 -10.44 28.83 -9.09
N VAL B 115 -10.67 27.69 -8.45
CA VAL B 115 -10.13 26.41 -8.91
C VAL B 115 -8.72 26.16 -8.38
N ARG B 116 -8.62 25.25 -7.42
CA ARG B 116 -7.34 24.91 -6.82
C ARG B 116 -6.76 23.64 -7.43
N ARG B 117 -5.44 23.58 -7.53
CA ARG B 117 -4.77 22.42 -8.12
C ARG B 117 -4.14 21.55 -7.03
N LYS B 118 -3.93 20.28 -7.36
CA LYS B 118 -3.34 19.33 -6.44
C LYS B 118 -2.47 18.33 -7.19
N ASN B 119 -1.59 17.66 -6.47
CA ASN B 119 -0.69 16.68 -7.08
C ASN B 119 -0.43 15.51 -6.13
N LEU B 120 -0.21 14.34 -6.72
CA LEU B 120 0.06 13.13 -5.95
C LEU B 120 0.94 12.16 -6.75
N PRO B 121 2.27 12.33 -6.68
CA PRO B 121 3.22 11.48 -7.41
C PRO B 121 2.96 9.99 -7.18
N ILE B 122 3.46 9.17 -8.09
CA ILE B 122 3.28 7.72 -8.00
C ILE B 122 4.62 7.03 -7.80
N GLU B 123 4.62 5.95 -7.04
CA GLU B 123 5.83 5.19 -6.77
C GLU B 123 5.57 3.69 -6.81
N TYR B 124 6.65 2.92 -6.89
CA TYR B 124 6.55 1.47 -6.95
C TYR B 124 7.51 0.81 -5.96
N ASN B 125 6.96 0.25 -4.90
CA ASN B 125 7.77 -0.41 -3.87
C ASN B 125 7.83 -1.92 -4.11
N LEU B 126 8.74 -2.33 -4.99
CA LEU B 126 8.91 -3.75 -5.30
C LEU B 126 9.21 -4.56 -4.04
N ALA A 1 32.13 -31.52 6.86
CA ALA A 1 31.10 -30.93 7.76
C ALA A 1 31.18 -29.41 7.76
N GLN A 2 30.17 -28.77 8.33
CA GLN A 2 30.12 -27.31 8.40
C GLN A 2 30.27 -26.70 7.01
N SER A 3 29.13 -26.47 6.36
CA SER A 3 29.13 -25.88 5.01
C SER A 3 28.79 -24.41 5.06
N VAL A 4 28.68 -23.79 3.89
CA VAL A 4 28.34 -22.37 3.79
C VAL A 4 27.05 -22.06 4.53
N PRO A 5 26.86 -20.80 4.95
CA PRO A 5 25.66 -20.37 5.67
C PRO A 5 24.43 -20.35 4.77
N PRO A 6 23.23 -20.15 5.36
CA PRO A 6 21.97 -20.10 4.61
C PRO A 6 21.92 -18.93 3.63
N GLY A 7 21.40 -19.18 2.44
CA GLY A 7 21.31 -18.13 1.44
C GLY A 7 20.31 -17.06 1.81
N ASP A 8 19.73 -16.41 0.80
CA ASP A 8 18.76 -15.36 1.03
C ASP A 8 17.37 -15.78 0.55
N ILE A 9 16.34 -15.23 1.18
CA ILE A 9 14.96 -15.56 0.81
C ILE A 9 14.28 -14.38 0.15
N ASN A 10 13.70 -14.61 -1.03
CA ASN A 10 13.00 -13.56 -1.76
C ASN A 10 11.67 -13.24 -1.10
N THR A 11 11.21 -12.01 -1.26
CA THR A 11 9.94 -11.58 -0.66
C THR A 11 9.19 -10.61 -1.57
N GLN A 12 7.87 -10.74 -1.58
CA GLN A 12 7.03 -9.87 -2.39
C GLN A 12 5.95 -9.21 -1.53
N PRO A 13 6.02 -7.88 -1.31
CA PRO A 13 7.07 -7.01 -1.85
C PRO A 13 8.47 -7.39 -1.37
N SER A 14 9.47 -6.79 -2.01
CA SER A 14 10.87 -7.06 -1.68
C SER A 14 11.10 -7.20 -0.18
N GLN A 15 10.57 -6.26 0.59
CA GLN A 15 10.70 -6.29 2.04
C GLN A 15 10.06 -5.06 2.67
N LYS A 16 10.42 -3.89 2.17
CA LYS A 16 9.89 -2.63 2.69
C LYS A 16 8.48 -2.37 2.15
N ILE A 17 7.49 -2.42 3.04
CA ILE A 17 6.11 -2.18 2.64
C ILE A 17 5.59 -0.90 3.28
N VAL A 18 4.99 -0.03 2.47
CA VAL A 18 4.46 1.24 2.96
C VAL A 18 2.94 1.22 3.04
N PHE A 19 2.42 0.76 4.19
CA PHE A 19 0.98 0.71 4.40
C PHE A 19 0.35 2.08 4.10
N ASN A 20 -0.26 2.19 2.92
CA ASN A 20 -0.89 3.44 2.51
C ASN A 20 -2.17 3.70 3.29
N ALA A 21 -2.35 4.95 3.70
CA ALA A 21 -3.55 5.35 4.44
C ALA A 21 -4.79 5.32 3.54
N PRO A 22 -6.00 5.45 4.12
CA PRO A 22 -6.20 5.61 5.56
C PRO A 22 -6.02 4.30 6.33
N TYR A 23 -5.91 4.42 7.65
CA TYR A 23 -5.73 3.26 8.50
C TYR A 23 -7.00 2.98 9.31
N ASP A 24 -8.14 3.32 8.73
CA ASP A 24 -9.42 3.10 9.39
C ASP A 24 -10.16 1.91 8.78
N ASP A 25 -9.50 1.17 7.89
CA ASP A 25 -10.11 0.01 7.26
C ASP A 25 -9.14 -1.17 7.24
N LYS A 26 -9.71 -2.38 7.19
CA LYS A 26 -8.91 -3.59 7.16
C LYS A 26 -8.20 -3.76 5.82
N HIS A 27 -6.91 -4.05 5.87
CA HIS A 27 -6.12 -4.23 4.66
C HIS A 27 -5.13 -5.38 4.82
N THR A 28 -5.55 -6.57 4.39
CA THR A 28 -4.71 -7.76 4.48
C THR A 28 -3.63 -7.74 3.40
N TYR A 29 -2.38 -7.57 3.83
CA TYR A 29 -1.25 -7.55 2.90
C TYR A 29 -0.57 -8.91 2.84
N HIS A 30 -0.78 -9.61 1.74
CA HIS A 30 -0.19 -10.93 1.54
C HIS A 30 1.27 -10.82 1.11
N ILE A 31 2.16 -11.41 1.91
CA ILE A 31 3.59 -11.39 1.61
C ILE A 31 4.08 -12.77 1.20
N LYS A 32 4.71 -12.85 0.03
CA LYS A 32 5.23 -14.12 -0.48
C LYS A 32 6.70 -14.30 -0.13
N ILE A 33 7.14 -15.55 -0.07
CA ILE A 33 8.52 -15.87 0.24
C ILE A 33 9.06 -16.91 -0.73
N THR A 34 10.37 -16.92 -0.92
CA THR A 34 11.00 -17.87 -1.83
C THR A 34 12.36 -18.32 -1.32
N ASN A 35 12.75 -19.53 -1.69
CA ASN A 35 14.04 -20.08 -1.30
C ASN A 35 15.07 -19.93 -2.41
N ALA A 36 15.98 -18.98 -2.23
CA ALA A 36 17.02 -18.73 -3.23
C ALA A 36 18.28 -19.51 -2.92
N GLY A 37 18.14 -20.58 -2.14
CA GLY A 37 19.28 -21.41 -1.79
C GLY A 37 19.25 -22.76 -2.48
N GLY A 38 20.01 -23.71 -1.95
CA GLY A 38 20.05 -25.04 -2.52
C GLY A 38 19.58 -26.10 -1.57
N ARG A 39 18.52 -25.80 -0.83
CA ARG A 39 17.96 -26.74 0.14
C ARG A 39 16.82 -26.11 0.92
N ARG A 40 16.00 -26.95 1.55
CA ARG A 40 14.87 -26.45 2.34
C ARG A 40 15.35 -25.47 3.40
N ILE A 41 14.40 -24.79 4.05
CA ILE A 41 14.74 -23.82 5.08
C ILE A 41 13.57 -23.55 6.02
N GLY A 42 13.74 -23.91 7.29
CA GLY A 42 12.69 -23.68 8.27
C GLY A 42 12.59 -22.22 8.64
N TRP A 43 11.54 -21.55 8.17
CA TRP A 43 11.36 -20.13 8.43
C TRP A 43 10.29 -19.89 9.49
N ALA A 44 10.36 -18.70 10.10
CA ALA A 44 9.40 -18.31 11.14
C ALA A 44 9.12 -16.81 11.06
N ILE A 45 7.89 -16.42 11.36
CA ILE A 45 7.51 -15.02 11.31
C ILE A 45 6.93 -14.55 12.65
N LYS A 46 7.10 -13.26 12.93
CA LYS A 46 6.60 -12.67 14.16
C LYS A 46 6.29 -11.19 13.97
N THR A 47 5.51 -10.63 14.89
CA THR A 47 5.15 -9.21 14.81
C THR A 47 5.20 -8.56 16.17
N THR A 48 5.49 -7.26 16.19
CA THR A 48 5.58 -6.51 17.44
C THR A 48 4.34 -6.74 18.29
N ASN A 49 3.20 -6.96 17.63
CA ASN A 49 1.95 -7.18 18.33
C ASN A 49 1.18 -8.35 17.71
N MET A 50 0.97 -9.39 18.50
CA MET A 50 0.24 -10.57 18.02
C MET A 50 -1.26 -10.44 18.27
N ARG A 51 -1.72 -9.21 18.54
CA ARG A 51 -3.13 -8.96 18.80
C ARG A 51 -3.77 -8.23 17.62
N ARG A 52 -3.18 -7.09 17.26
CA ARG A 52 -3.67 -6.30 16.15
C ARG A 52 -3.20 -6.86 14.82
N LEU A 53 -1.94 -7.30 14.79
CA LEU A 53 -1.35 -7.87 13.58
C LEU A 53 -1.22 -9.39 13.71
N SER A 54 -1.84 -10.11 12.77
CA SER A 54 -1.78 -11.57 12.79
C SER A 54 -1.18 -12.11 11.50
N VAL A 55 0.05 -12.62 11.60
CA VAL A 55 0.74 -13.17 10.45
C VAL A 55 0.61 -14.68 10.40
N ASP A 56 0.19 -15.20 9.25
CA ASP A 56 0.02 -16.64 9.07
C ASP A 56 0.50 -17.09 7.70
N PRO A 57 1.16 -18.27 7.60
CA PRO A 57 1.44 -19.13 8.75
C PRO A 57 2.58 -18.61 9.62
N PRO A 58 2.59 -18.95 10.92
CA PRO A 58 3.63 -18.51 11.85
C PRO A 58 4.96 -19.22 11.62
N CYS A 59 4.95 -20.27 10.80
CA CYS A 59 6.16 -21.02 10.51
C CYS A 59 5.90 -22.06 9.42
N GLY A 60 6.97 -22.50 8.75
CA GLY A 60 6.84 -23.48 7.70
C GLY A 60 8.15 -23.77 7.00
N VAL A 61 8.32 -25.00 6.54
CA VAL A 61 9.53 -25.41 5.86
C VAL A 61 9.42 -25.16 4.36
N LEU A 62 10.41 -24.48 3.80
CA LEU A 62 10.42 -24.17 2.37
C LEU A 62 11.29 -25.17 1.61
N ASP A 63 11.15 -25.19 0.30
CA ASP A 63 11.93 -26.09 -0.55
C ASP A 63 12.81 -25.29 -1.50
N PRO A 64 13.75 -25.96 -2.19
CA PRO A 64 14.67 -25.30 -3.14
C PRO A 64 13.92 -24.56 -4.24
N LYS A 65 14.03 -23.23 -4.23
CA LYS A 65 13.37 -22.40 -5.23
C LYS A 65 11.86 -22.54 -5.16
N GLU A 66 11.33 -22.72 -3.95
CA GLU A 66 9.90 -22.86 -3.76
C GLU A 66 9.29 -21.56 -3.24
N LYS A 67 8.00 -21.37 -3.51
CA LYS A 67 7.31 -20.17 -3.07
C LYS A 67 6.32 -20.47 -1.96
N VAL A 68 5.93 -19.42 -1.24
CA VAL A 68 4.98 -19.55 -0.13
C VAL A 68 4.08 -18.32 -0.06
N LEU A 69 2.87 -18.51 0.46
CA LEU A 69 1.92 -17.42 0.58
C LEU A 69 1.69 -17.05 2.04
N MET A 70 1.89 -15.77 2.36
CA MET A 70 1.69 -15.28 3.72
C MET A 70 0.66 -14.16 3.73
N ALA A 71 0.06 -13.92 4.90
CA ALA A 71 -0.95 -12.89 5.04
C ALA A 71 -0.74 -12.07 6.31
N VAL A 72 -0.86 -10.76 6.20
CA VAL A 72 -0.70 -9.86 7.34
C VAL A 72 -2.01 -9.17 7.66
N SER A 73 -2.79 -9.77 8.56
CA SER A 73 -4.08 -9.21 8.96
C SER A 73 -3.90 -7.95 9.79
N CYS A 74 -4.60 -6.89 9.41
CA CYS A 74 -4.52 -5.62 10.13
C CYS A 74 -5.92 -5.09 10.42
N ASP A 75 -6.10 -4.52 11.62
CA ASP A 75 -7.40 -3.99 12.01
C ASP A 75 -7.35 -2.47 12.10
N THR A 76 -8.50 -1.83 11.88
CA THR A 76 -8.60 -0.39 11.92
C THR A 76 -8.09 0.16 13.26
N PHE A 77 -6.97 0.86 13.21
CA PHE A 77 -6.39 1.43 14.42
C PHE A 77 -6.31 2.96 14.33
N ASN A 78 -5.65 3.57 15.31
CA ASN A 78 -5.52 5.02 15.34
C ASN A 78 -4.05 5.43 15.30
N ALA A 79 -3.69 6.30 14.36
CA ALA A 79 -2.32 6.76 14.23
C ALA A 79 -2.16 8.19 14.74
N ALA A 80 -3.11 8.64 15.56
CA ALA A 80 -3.08 9.98 16.11
C ALA A 80 -2.31 10.00 17.43
N THR A 81 -2.28 8.86 18.11
CA THR A 81 -1.58 8.75 19.39
C THR A 81 -0.75 7.48 19.45
N GLU A 82 -0.28 7.03 18.30
CA GLU A 82 0.53 5.81 18.23
C GLU A 82 1.63 5.97 17.18
N ASP A 83 2.87 5.67 17.58
CA ASP A 83 4.02 5.77 16.68
C ASP A 83 3.81 4.89 15.44
N LEU A 84 4.33 5.34 14.31
CA LEU A 84 4.21 4.60 13.06
C LEU A 84 5.58 4.18 12.54
N ASN A 85 6.44 3.74 13.46
CA ASN A 85 7.79 3.30 13.09
C ASN A 85 8.25 2.18 14.00
N ASN A 86 7.30 1.44 14.57
CA ASN A 86 7.63 0.34 15.46
C ASN A 86 7.11 -1.00 14.91
N ASP A 87 6.22 -0.94 13.92
CA ASP A 87 5.66 -2.15 13.33
C ASP A 87 6.68 -2.82 12.41
N ARG A 88 7.11 -4.02 12.79
CA ARG A 88 8.08 -4.77 12.00
C ARG A 88 7.83 -6.27 12.11
N ILE A 89 7.88 -6.96 10.98
CA ILE A 89 7.66 -8.40 10.96
C ILE A 89 8.99 -9.15 10.92
N THR A 90 9.34 -9.77 12.05
CA THR A 90 10.59 -10.52 12.14
C THR A 90 10.54 -11.80 11.32
N ILE A 91 11.45 -11.92 10.37
CA ILE A 91 11.52 -13.10 9.52
C ILE A 91 12.75 -13.94 9.84
N GLU A 92 12.63 -15.24 9.63
CA GLU A 92 13.73 -16.16 9.90
C GLU A 92 13.70 -17.34 8.95
N TRP A 93 14.85 -18.00 8.82
CA TRP A 93 14.97 -19.17 7.94
C TRP A 93 16.37 -19.76 8.02
N THR A 94 16.44 -21.04 8.36
CA THR A 94 17.72 -21.74 8.47
C THR A 94 17.66 -23.11 7.80
N ASN A 95 18.69 -23.43 7.02
CA ASN A 95 18.74 -24.71 6.33
C ASN A 95 18.63 -25.87 7.31
N THR A 96 17.53 -26.61 7.23
CA THR A 96 17.30 -27.74 8.12
C THR A 96 18.42 -28.77 7.98
N PRO A 97 18.74 -29.49 9.08
CA PRO A 97 19.79 -30.51 9.08
C PRO A 97 19.61 -31.51 7.95
N ASP A 98 20.68 -32.27 7.68
CA ASP A 98 20.65 -33.27 6.62
C ASP A 98 19.39 -34.14 6.70
N GLY A 99 18.54 -34.04 5.68
CA GLY A 99 17.32 -34.81 5.64
C GLY A 99 16.53 -34.71 6.94
N ALA A 100 16.34 -33.49 7.42
CA ALA A 100 15.60 -33.27 8.66
C ALA A 100 14.19 -33.82 8.55
N ALA A 101 13.51 -33.94 9.69
CA ALA A 101 12.15 -34.45 9.72
C ALA A 101 11.18 -33.51 9.02
N LYS A 102 10.00 -34.04 8.72
CA LYS A 102 8.97 -33.26 8.05
C LYS A 102 8.09 -32.55 9.07
N GLN A 103 8.66 -31.54 9.71
CA GLN A 103 7.96 -30.76 10.72
C GLN A 103 8.84 -29.66 11.28
N PHE A 104 8.30 -28.45 11.36
CA PHE A 104 9.04 -27.31 11.87
C PHE A 104 9.63 -27.62 13.25
N ARG A 105 10.74 -26.96 13.57
CA ARG A 105 11.39 -27.16 14.86
C ARG A 105 11.83 -25.84 15.46
N ARG A 106 11.78 -25.74 16.78
CA ARG A 106 12.16 -24.53 17.49
C ARG A 106 13.64 -24.56 17.86
N GLU A 107 14.17 -25.76 18.04
CA GLU A 107 15.58 -25.93 18.39
C GLU A 107 16.50 -25.51 17.25
N TRP A 108 15.95 -25.44 16.04
CA TRP A 108 16.72 -25.04 14.87
C TRP A 108 17.37 -23.67 15.06
N PHE A 109 16.84 -22.90 16.00
CA PHE A 109 17.37 -21.56 16.28
C PHE A 109 17.93 -21.49 17.70
N GLN A 110 18.65 -22.52 18.11
CA GLN A 110 19.24 -22.55 19.45
C GLN A 110 20.75 -22.49 19.37
N GLY A 111 21.31 -23.02 18.29
CA GLY A 111 22.76 -23.00 18.12
C GLY A 111 23.21 -21.99 17.08
N ASP A 112 24.38 -21.39 17.32
CA ASP A 112 24.92 -20.40 16.40
C ASP A 112 25.58 -21.07 15.20
N GLY A 113 25.67 -20.33 14.10
CA GLY A 113 26.28 -20.86 12.90
C GLY A 113 25.44 -20.63 11.67
N MET A 114 24.59 -21.61 11.34
CA MET A 114 23.72 -21.50 10.17
C MET A 114 22.32 -21.08 10.57
N VAL A 115 21.99 -19.82 10.27
CA VAL A 115 20.67 -19.28 10.59
C VAL A 115 20.60 -17.80 10.24
N ARG A 116 19.59 -17.42 9.46
CA ARG A 116 19.41 -16.03 9.05
C ARG A 116 18.08 -15.48 9.55
N ARG A 117 18.00 -14.16 9.65
CA ARG A 117 16.79 -13.49 10.12
C ARG A 117 16.79 -12.02 9.75
N LYS A 118 15.74 -11.58 9.04
CA LYS A 118 15.62 -10.19 8.64
C LYS A 118 14.23 -9.65 8.93
N ASN A 119 14.16 -8.49 9.55
CA ASN A 119 12.88 -7.86 9.90
C ASN A 119 12.46 -6.85 8.84
N LEU A 120 11.28 -7.05 8.27
CA LEU A 120 10.76 -6.16 7.25
C LEU A 120 10.11 -4.93 7.90
N PRO A 121 10.43 -3.72 7.38
CA PRO A 121 9.88 -2.48 7.92
C PRO A 121 8.46 -2.20 7.43
N ILE A 122 7.58 -1.81 8.36
CA ILE A 122 6.19 -1.51 8.02
C ILE A 122 5.93 -0.01 8.09
N GLU A 123 6.27 0.68 7.01
CA GLU A 123 6.07 2.13 6.93
C GLU A 123 4.59 2.48 6.87
N TYR A 124 4.28 3.74 7.17
CA TYR A 124 2.90 4.20 7.16
C TYR A 124 2.78 5.51 6.38
N ASN A 125 2.31 5.40 5.14
CA ASN A 125 2.13 6.56 4.29
C ASN A 125 0.84 7.30 4.63
N LEU A 126 0.90 8.13 5.66
CA LEU A 126 -0.26 8.91 6.10
C LEU A 126 -0.73 9.84 5.00
N ALA B 1 -10.70 43.37 -8.92
CA ALA B 1 -10.85 42.12 -9.72
C ALA B 1 -9.53 41.37 -9.81
N GLN B 2 -9.59 40.14 -10.30
CA GLN B 2 -8.39 39.31 -10.44
C GLN B 2 -7.63 39.22 -9.13
N SER B 3 -7.95 38.20 -8.34
CA SER B 3 -7.30 38.00 -7.05
C SER B 3 -6.24 36.90 -7.13
N VAL B 4 -5.64 36.58 -6.00
CA VAL B 4 -4.60 35.55 -5.95
C VAL B 4 -5.11 34.23 -6.53
N PRO B 5 -4.19 33.37 -6.99
CA PRO B 5 -4.55 32.06 -7.57
C PRO B 5 -5.07 31.09 -6.52
N PRO B 6 -5.58 29.93 -6.97
CA PRO B 6 -6.12 28.91 -6.06
C PRO B 6 -5.04 28.32 -5.16
N GLY B 7 -5.38 28.10 -3.90
CA GLY B 7 -4.43 27.55 -2.95
C GLY B 7 -4.09 26.10 -3.26
N ASP B 8 -3.72 25.36 -2.22
CA ASP B 8 -3.37 23.95 -2.38
C ASP B 8 -4.40 23.05 -1.70
N ILE B 9 -4.55 21.84 -2.22
CA ILE B 9 -5.50 20.88 -1.66
C ILE B 9 -4.78 19.72 -0.99
N ASN B 10 -5.13 19.45 0.27
CA ASN B 10 -4.53 18.37 1.02
C ASN B 10 -5.04 17.02 0.52
N THR B 11 -4.22 15.99 0.67
CA THR B 11 -4.59 14.65 0.22
C THR B 11 -4.05 13.56 1.15
N GLN B 12 -4.85 12.53 1.34
CA GLN B 12 -4.47 11.41 2.21
C GLN B 12 -4.57 10.08 1.45
N PRO B 13 -3.45 9.42 1.13
CA PRO B 13 -2.09 9.88 1.49
C PRO B 13 -1.75 11.22 0.86
N SER B 14 -0.64 11.80 1.33
CA SER B 14 -0.16 13.10 0.83
C SER B 14 -0.35 13.23 -0.68
N GLN B 15 0.08 12.23 -1.42
CA GLN B 15 -0.05 12.25 -2.88
C GLN B 15 0.57 11.01 -3.49
N LYS B 16 1.81 10.72 -3.11
CA LYS B 16 2.52 9.56 -3.64
C LYS B 16 2.08 8.28 -2.93
N ILE B 17 1.41 7.40 -3.67
CA ILE B 17 0.94 6.14 -3.12
C ILE B 17 1.67 4.97 -3.76
N VAL B 18 2.18 4.07 -2.92
CA VAL B 18 2.92 2.91 -3.42
C VAL B 18 2.10 1.63 -3.32
N PHE B 19 1.31 1.35 -4.34
CA PHE B 19 0.48 0.14 -4.37
C PHE B 19 1.33 -1.09 -4.07
N ASN B 20 1.26 -1.57 -2.82
CA ASN B 20 2.04 -2.73 -2.41
C ASN B 20 1.49 -4.01 -3.03
N ALA B 21 2.40 -4.87 -3.49
CA ALA B 21 2.02 -6.14 -4.10
C ALA B 21 1.46 -7.10 -3.04
N PRO B 22 0.86 -8.23 -3.46
CA PRO B 22 0.72 -8.60 -4.87
C PRO B 22 -0.38 -7.82 -5.59
N TYR B 23 -0.39 -7.89 -6.91
CA TYR B 23 -1.38 -7.19 -7.71
C TYR B 23 -2.37 -8.17 -8.32
N ASP B 24 -2.61 -9.27 -7.62
CA ASP B 24 -3.54 -10.28 -8.09
C ASP B 24 -4.87 -10.22 -7.32
N ASP B 25 -5.03 -9.19 -6.50
CA ASP B 25 -6.25 -9.04 -5.71
C ASP B 25 -6.75 -7.60 -5.75
N LYS B 26 -8.05 -7.42 -5.55
CA LYS B 26 -8.66 -6.10 -5.55
C LYS B 26 -8.26 -5.32 -4.31
N HIS B 27 -7.84 -4.07 -4.51
CA HIS B 27 -7.42 -3.21 -3.40
C HIS B 27 -7.90 -1.78 -3.62
N THR B 28 -9.07 -1.47 -3.07
CA THR B 28 -9.64 -0.13 -3.20
C THR B 28 -8.94 0.85 -2.28
N TYR B 29 -8.20 1.78 -2.87
CA TYR B 29 -7.47 2.79 -2.10
C TYR B 29 -8.26 4.09 -2.04
N HIS B 30 -8.83 4.38 -0.88
CA HIS B 30 -9.61 5.59 -0.69
C HIS B 30 -8.70 6.80 -0.46
N ILE B 31 -8.84 7.80 -1.33
CA ILE B 31 -8.03 9.01 -1.22
C ILE B 31 -8.88 10.20 -0.79
N LYS B 32 -8.48 10.86 0.28
CA LYS B 32 -9.22 12.01 0.79
C LYS B 32 -8.64 13.32 0.27
N ILE B 33 -9.48 14.34 0.23
CA ILE B 33 -9.06 15.67 -0.25
C ILE B 33 -9.55 16.75 0.70
N THR B 34 -8.84 17.88 0.73
CA THR B 34 -9.21 18.98 1.60
C THR B 34 -8.92 20.33 0.95
N ASN B 35 -9.70 21.34 1.34
CA ASN B 35 -9.54 22.68 0.81
C ASN B 35 -8.74 23.55 1.78
N ALA B 36 -7.48 23.80 1.42
CA ALA B 36 -6.60 24.61 2.26
C ALA B 36 -6.65 26.08 1.84
N GLY B 37 -7.72 26.46 1.15
CA GLY B 37 -7.87 27.84 0.70
C GLY B 37 -8.94 28.59 1.47
N GLY B 38 -9.40 29.69 0.89
CA GLY B 38 -10.43 30.49 1.55
C GLY B 38 -11.70 30.58 0.73
N ARG B 39 -12.08 29.47 0.11
CA ARG B 39 -13.29 29.42 -0.72
C ARG B 39 -13.44 28.07 -1.39
N ARG B 40 -14.65 27.76 -1.85
CA ARG B 40 -14.92 26.49 -2.50
C ARG B 40 -13.97 26.28 -3.68
N ILE B 41 -13.97 25.08 -4.23
CA ILE B 41 -13.09 24.76 -5.36
C ILE B 41 -13.60 23.56 -6.15
N GLY B 42 -13.97 23.80 -7.41
CA GLY B 42 -14.43 22.71 -8.25
C GLY B 42 -13.30 21.81 -8.70
N TRP B 43 -13.22 20.61 -8.13
CA TRP B 43 -12.15 19.68 -8.46
C TRP B 43 -12.63 18.57 -9.39
N ALA B 44 -11.67 17.95 -10.07
CA ALA B 44 -11.97 16.85 -10.99
C ALA B 44 -10.84 15.83 -10.96
N ILE B 45 -11.19 14.56 -11.12
CA ILE B 45 -10.20 13.49 -11.12
C ILE B 45 -10.27 12.65 -12.38
N LYS B 46 -9.12 12.09 -12.77
CA LYS B 46 -9.03 11.26 -13.95
C LYS B 46 -7.92 10.21 -13.80
N THR B 47 -7.96 9.19 -14.65
CA THR B 47 -6.96 8.14 -14.60
C THR B 47 -6.54 7.72 -16.01
N THR B 48 -5.29 7.27 -16.14
CA THR B 48 -4.76 6.84 -17.43
C THR B 48 -5.71 5.85 -18.10
N ASN B 49 -6.41 5.07 -17.29
CA ASN B 49 -7.35 4.07 -17.80
C ASN B 49 -8.65 4.10 -17.02
N MET B 50 -9.74 4.41 -17.72
CA MET B 50 -11.06 4.46 -17.08
C MET B 50 -11.76 3.11 -17.14
N ARG B 51 -11.00 2.05 -17.42
CA ARG B 51 -11.56 0.71 -17.50
C ARG B 51 -11.13 -0.12 -16.29
N ARG B 52 -9.82 -0.20 -16.08
CA ARG B 52 -9.28 -0.96 -14.96
C ARG B 52 -9.35 -0.16 -13.67
N LEU B 53 -9.05 1.14 -13.78
CA LEU B 53 -9.08 2.03 -12.63
C LEU B 53 -10.30 2.95 -12.69
N SER B 54 -11.12 2.89 -11.64
CA SER B 54 -12.33 3.71 -11.58
C SER B 54 -12.30 4.61 -10.35
N VAL B 55 -12.11 5.90 -10.57
CA VAL B 55 -12.08 6.88 -9.49
C VAL B 55 -13.42 7.56 -9.34
N ASP B 56 -13.93 7.59 -8.11
CA ASP B 56 -15.22 8.22 -7.84
C ASP B 56 -15.18 8.98 -6.50
N PRO B 57 -15.82 10.17 -6.43
CA PRO B 57 -16.55 10.78 -7.55
C PRO B 57 -15.60 11.38 -8.58
N PRO B 58 -16.05 11.47 -9.85
CA PRO B 58 -15.24 12.04 -10.94
C PRO B 58 -15.11 13.56 -10.83
N CYS B 59 -15.91 14.18 -9.96
CA CYS B 59 -15.88 15.62 -9.78
C CYS B 59 -16.76 16.04 -8.61
N GLY B 60 -16.49 17.23 -8.07
CA GLY B 60 -17.26 17.73 -6.94
C GLY B 60 -16.73 19.04 -6.42
N VAL B 61 -17.63 19.88 -5.91
CA VAL B 61 -17.26 21.17 -5.36
C VAL B 61 -16.93 21.06 -3.87
N LEU B 62 -15.76 21.57 -3.50
CA LEU B 62 -15.33 21.53 -2.10
C LEU B 62 -15.62 22.86 -1.40
N ASP B 63 -15.56 22.85 -0.08
CA ASP B 63 -15.80 24.05 0.71
C ASP B 63 -14.55 24.44 1.49
N PRO B 64 -14.56 25.65 2.09
CA PRO B 64 -13.41 26.14 2.87
C PRO B 64 -13.04 25.20 4.02
N LYS B 65 -11.85 24.58 3.91
CA LYS B 65 -11.37 23.66 4.93
C LYS B 65 -12.30 22.46 5.08
N GLU B 66 -12.87 22.02 3.95
CA GLU B 66 -13.76 20.86 3.96
C GLU B 66 -13.05 19.62 3.44
N LYS B 67 -13.52 18.45 3.86
CA LYS B 67 -12.93 17.19 3.46
C LYS B 67 -13.83 16.43 2.50
N VAL B 68 -13.24 15.50 1.77
CA VAL B 68 -13.97 14.68 0.81
C VAL B 68 -13.42 13.26 0.77
N LEU B 69 -14.28 12.30 0.43
CA LEU B 69 -13.86 10.90 0.37
C LEU B 69 -13.85 10.39 -1.07
N MET B 70 -12.71 9.86 -1.48
CA MET B 70 -12.55 9.32 -2.83
C MET B 70 -12.16 7.85 -2.78
N ALA B 71 -12.40 7.14 -3.86
CA ALA B 71 -12.08 5.72 -3.93
C ALA B 71 -11.44 5.36 -5.28
N VAL B 72 -10.38 4.57 -5.22
CA VAL B 72 -9.68 4.14 -6.42
C VAL B 72 -9.81 2.63 -6.62
N SER B 73 -10.83 2.23 -7.36
CA SER B 73 -11.08 0.82 -7.63
C SER B 73 -10.02 0.23 -8.55
N CYS B 74 -9.44 -0.90 -8.15
CA CYS B 74 -8.42 -1.56 -8.93
C CYS B 74 -8.74 -3.05 -9.07
N ASP B 75 -8.50 -3.59 -10.27
CA ASP B 75 -8.77 -5.00 -10.54
C ASP B 75 -7.47 -5.78 -10.70
N THR B 76 -7.52 -7.07 -10.38
CA THR B 76 -6.36 -7.93 -10.50
C THR B 76 -5.79 -7.90 -11.92
N PHE B 77 -4.60 -7.33 -12.06
CA PHE B 77 -3.96 -7.22 -13.37
C PHE B 77 -2.62 -7.98 -13.38
N ASN B 78 -1.88 -7.82 -14.47
CA ASN B 78 -0.59 -8.48 -14.60
C ASN B 78 0.53 -7.46 -14.79
N ALA B 79 1.56 -7.56 -13.96
CA ALA B 79 2.69 -6.63 -14.03
C ALA B 79 3.91 -7.30 -14.65
N ALA B 80 3.69 -8.41 -15.36
CA ALA B 80 4.78 -9.14 -15.99
C ALA B 80 5.03 -8.61 -17.40
N THR B 81 4.01 -8.01 -18.00
CA THR B 81 4.12 -7.48 -19.35
C THR B 81 3.48 -6.10 -19.45
N GLU B 82 3.48 -5.38 -18.34
CA GLU B 82 2.90 -4.04 -18.30
C GLU B 82 3.73 -3.11 -17.42
N ASP B 83 4.07 -1.94 -17.96
CA ASP B 83 4.87 -0.97 -17.21
C ASP B 83 4.17 -0.57 -15.93
N LEU B 84 4.95 -0.28 -14.90
CA LEU B 84 4.41 0.11 -13.59
C LEU B 84 4.84 1.53 -13.24
N ASN B 85 4.81 2.42 -14.21
CA ASN B 85 5.19 3.81 -14.00
C ASN B 85 4.37 4.73 -14.90
N ASN B 86 3.19 4.29 -15.29
CA ASN B 86 2.32 5.08 -16.16
C ASN B 86 0.99 5.40 -15.47
N ASP B 87 0.69 4.69 -14.38
CA ASP B 87 -0.56 4.92 -13.65
C ASP B 87 -0.48 6.20 -12.83
N ARG B 88 -1.31 7.17 -13.19
CA ARG B 88 -1.34 8.45 -12.48
C ARG B 88 -2.75 9.03 -12.48
N ILE B 89 -3.17 9.52 -11.32
CA ILE B 89 -4.50 10.12 -11.18
C ILE B 89 -4.43 11.64 -11.28
N THR B 90 -4.91 12.18 -12.40
CA THR B 90 -4.89 13.62 -12.61
C THR B 90 -5.90 14.32 -11.71
N ILE B 91 -5.41 15.23 -10.88
CA ILE B 91 -6.26 15.98 -9.97
C ILE B 91 -6.37 17.44 -10.40
N GLU B 92 -7.51 18.05 -10.11
CA GLU B 92 -7.74 19.45 -10.47
C GLU B 92 -8.64 20.13 -9.45
N TRP B 93 -8.58 21.46 -9.43
CA TRP B 93 -9.39 22.25 -8.50
C TRP B 93 -9.17 23.74 -8.73
N THR B 94 -10.26 24.46 -8.99
CA THR B 94 -10.19 25.90 -9.23
C THR B 94 -11.30 26.63 -8.48
N ASN B 95 -10.94 27.73 -7.82
CA ASN B 95 -11.90 28.52 -7.07
C ASN B 95 -13.06 28.96 -7.96
N THR B 96 -14.24 28.43 -7.69
CA THR B 96 -15.43 28.78 -8.47
C THR B 96 -15.71 30.27 -8.42
N PRO B 97 -16.27 30.84 -9.51
CA PRO B 97 -16.58 32.27 -9.59
C PRO B 97 -17.38 32.75 -8.38
N ASP B 98 -17.44 34.06 -8.20
CA ASP B 98 -18.17 34.66 -7.10
C ASP B 98 -19.56 34.05 -6.96
N GLY B 99 -19.79 33.37 -5.84
CA GLY B 99 -21.09 32.76 -5.61
C GLY B 99 -21.57 31.94 -6.78
N ALA B 100 -20.70 31.09 -7.32
CA ALA B 100 -21.05 30.24 -8.45
C ALA B 100 -22.24 29.36 -8.13
N ALA B 101 -22.83 28.76 -9.16
CA ALA B 101 -23.98 27.89 -8.99
C ALA B 101 -23.61 26.63 -8.22
N LYS B 102 -24.63 25.93 -7.74
CA LYS B 102 -24.43 24.70 -6.99
C LYS B 102 -24.42 23.50 -7.92
N GLN B 103 -23.34 23.40 -8.70
CA GLN B 103 -23.17 22.31 -9.65
C GLN B 103 -21.85 22.42 -10.38
N PHE B 104 -21.12 21.30 -10.46
CA PHE B 104 -19.83 21.28 -11.14
C PHE B 104 -19.95 21.83 -12.55
N ARG B 105 -18.86 22.40 -13.06
CA ARG B 105 -18.84 22.96 -14.41
C ARG B 105 -17.56 22.57 -15.14
N ARG B 106 -17.67 22.37 -16.45
CA ARG B 106 -16.53 21.99 -17.27
C ARG B 106 -15.82 23.23 -17.82
N GLU B 107 -16.58 24.31 -18.00
CA GLU B 107 -16.03 25.55 -18.52
C GLU B 107 -15.06 26.19 -17.53
N TRP B 108 -15.14 25.77 -16.27
CA TRP B 108 -14.26 26.31 -15.23
C TRP B 108 -12.79 26.12 -15.59
N PHE B 109 -12.53 25.18 -16.50
CA PHE B 109 -11.16 24.90 -16.93
C PHE B 109 -10.97 25.20 -18.41
N GLN B 110 -11.51 26.34 -18.84
CA GLN B 110 -11.40 26.74 -20.24
C GLN B 110 -10.54 28.00 -20.38
N GLY B 111 -10.56 28.84 -19.35
CA GLY B 111 -9.77 30.06 -19.36
C GLY B 111 -8.56 29.98 -18.46
N ASP B 112 -7.48 30.62 -18.88
CA ASP B 112 -6.24 30.62 -18.10
C ASP B 112 -6.31 31.64 -16.97
N GLY B 113 -5.52 31.40 -15.92
CA GLY B 113 -5.50 32.30 -14.79
C GLY B 113 -5.60 31.56 -13.46
N MET B 114 -6.83 31.39 -12.97
CA MET B 114 -7.05 30.70 -11.71
C MET B 114 -7.48 29.26 -11.94
N VAL B 115 -6.55 28.33 -11.68
CA VAL B 115 -6.82 26.91 -11.86
C VAL B 115 -5.57 26.07 -11.59
N ARG B 116 -5.68 25.09 -10.71
CA ARG B 116 -4.56 24.23 -10.38
C ARG B 116 -4.85 22.78 -10.72
N ARG B 117 -3.79 22.00 -10.88
CA ARG B 117 -3.91 20.59 -11.23
C ARG B 117 -2.62 19.83 -10.95
N LYS B 118 -2.72 18.77 -10.15
CA LYS B 118 -1.55 17.96 -9.81
C LYS B 118 -1.87 16.48 -9.95
N ASN B 119 -1.00 15.74 -10.63
CA ASN B 119 -1.18 14.31 -10.85
C ASN B 119 -0.43 13.50 -9.81
N LEU B 120 -1.15 12.66 -9.07
CA LEU B 120 -0.54 11.82 -8.05
C LEU B 120 0.08 10.56 -8.67
N PRO B 121 1.33 10.23 -8.29
CA PRO B 121 2.02 9.07 -8.82
C PRO B 121 1.57 7.76 -8.16
N ILE B 122 1.34 6.74 -8.99
CA ILE B 122 0.91 5.44 -8.50
C ILE B 122 2.02 4.41 -8.61
N GLU B 123 2.91 4.41 -7.63
CA GLU B 123 4.04 3.48 -7.62
C GLU B 123 3.57 2.05 -7.39
N TYR B 124 4.43 1.09 -7.72
CA TYR B 124 4.11 -0.32 -7.56
C TYR B 124 5.23 -1.06 -6.85
N ASN B 125 5.04 -1.30 -5.55
CA ASN B 125 6.05 -2.01 -4.76
C ASN B 125 5.95 -3.51 -4.97
N LEU B 126 6.55 -3.98 -6.05
CA LEU B 126 6.55 -5.41 -6.38
C LEU B 126 7.21 -6.21 -5.28
N ALA A 1 13.51 -41.16 7.21
CA ALA A 1 14.71 -41.61 6.46
C ALA A 1 15.30 -40.47 5.62
N GLN A 2 14.48 -39.94 4.71
CA GLN A 2 14.92 -38.86 3.85
C GLN A 2 14.61 -37.50 4.48
N SER A 3 15.57 -36.58 4.37
CA SER A 3 15.41 -35.25 4.94
C SER A 3 15.66 -34.18 3.88
N VAL A 4 14.76 -33.20 3.79
CA VAL A 4 14.89 -32.13 2.83
C VAL A 4 14.85 -30.76 3.52
N PRO A 5 15.68 -29.81 3.04
CA PRO A 5 15.74 -28.46 3.61
C PRO A 5 14.49 -27.64 3.31
N PRO A 6 14.23 -26.58 4.09
CA PRO A 6 13.06 -25.72 3.91
C PRO A 6 13.18 -24.86 2.66
N GLY A 7 12.28 -25.08 1.70
CA GLY A 7 12.30 -24.31 0.47
C GLY A 7 12.27 -22.81 0.72
N ASP A 8 13.36 -22.13 0.37
CA ASP A 8 13.44 -20.69 0.56
C ASP A 8 12.24 -19.99 -0.05
N ILE A 9 11.82 -18.89 0.58
CA ILE A 9 10.67 -18.13 0.10
C ILE A 9 11.10 -16.77 -0.45
N ASN A 10 10.40 -16.30 -1.48
CA ASN A 10 10.71 -15.01 -2.09
C ASN A 10 9.82 -13.92 -1.50
N THR A 11 10.39 -12.74 -1.30
CA THR A 11 9.66 -11.61 -0.74
C THR A 11 9.80 -10.37 -1.62
N GLN A 12 8.73 -9.59 -1.69
CA GLN A 12 8.73 -8.36 -2.49
C GLN A 12 8.10 -7.21 -1.70
N PRO A 13 8.85 -6.13 -1.42
CA PRO A 13 10.25 -5.97 -1.83
C PRO A 13 11.18 -7.00 -1.18
N SER A 14 12.32 -7.24 -1.82
CA SER A 14 13.29 -8.20 -1.31
C SER A 14 13.89 -7.75 0.01
N GLN A 15 14.05 -6.44 0.18
CA GLN A 15 14.61 -5.89 1.40
C GLN A 15 14.67 -4.37 1.35
N LYS A 16 13.55 -3.75 1.04
CA LYS A 16 13.47 -2.29 0.97
C LYS A 16 12.06 -1.81 0.72
N ILE A 17 11.45 -1.22 1.75
CA ILE A 17 10.08 -0.72 1.65
C ILE A 17 10.00 0.71 2.19
N VAL A 18 9.00 1.46 1.72
CA VAL A 18 8.83 2.85 2.15
C VAL A 18 7.37 3.16 2.47
N PHE A 19 7.00 3.07 3.74
CA PHE A 19 5.64 3.36 4.16
C PHE A 19 5.31 4.83 3.89
N ASN A 20 4.59 5.07 2.78
CA ASN A 20 4.22 6.42 2.39
C ASN A 20 3.19 7.03 3.34
N ALA A 21 3.23 8.36 3.46
CA ALA A 21 2.31 9.09 4.32
C ALA A 21 0.87 8.64 4.07
N PRO A 22 -0.09 9.07 4.91
CA PRO A 22 0.15 9.96 6.06
C PRO A 22 0.52 9.20 7.33
N TYR A 23 0.97 9.95 8.33
CA TYR A 23 1.35 9.36 9.61
C TYR A 23 0.37 9.74 10.71
N ASP A 24 -0.83 10.17 10.31
CA ASP A 24 -1.86 10.55 11.26
C ASP A 24 -2.94 9.47 11.36
N ASP A 25 -2.74 8.36 10.65
CA ASP A 25 -3.70 7.26 10.67
C ASP A 25 -2.98 5.92 10.55
N LYS A 26 -3.74 4.85 10.38
CA LYS A 26 -3.16 3.52 10.25
C LYS A 26 -3.07 3.10 8.80
N HIS A 27 -1.86 3.12 8.25
CA HIS A 27 -1.63 2.73 6.86
C HIS A 27 -1.19 1.28 6.79
N THR A 28 -1.94 0.47 6.06
CA THR A 28 -1.63 -0.95 5.92
C THR A 28 -1.09 -1.26 4.53
N TYR A 29 0.22 -1.53 4.45
CA TYR A 29 0.87 -1.86 3.19
C TYR A 29 0.99 -3.37 3.04
N HIS A 30 0.49 -3.90 1.93
CA HIS A 30 0.53 -5.33 1.68
C HIS A 30 1.84 -5.76 1.02
N ILE A 31 2.35 -6.91 1.44
CA ILE A 31 3.58 -7.45 0.89
C ILE A 31 3.31 -8.74 0.11
N LYS A 32 4.19 -9.05 -0.84
CA LYS A 32 4.03 -10.24 -1.65
C LYS A 32 4.96 -11.37 -1.20
N ILE A 33 4.38 -12.49 -0.80
CA ILE A 33 5.16 -13.64 -0.35
C ILE A 33 4.91 -14.84 -1.26
N THR A 34 5.94 -15.65 -1.47
CA THR A 34 5.82 -16.83 -2.32
C THR A 34 6.72 -17.96 -1.84
N ASN A 35 6.38 -19.18 -2.24
CA ASN A 35 7.13 -20.36 -1.87
C ASN A 35 7.85 -20.94 -3.07
N ALA A 36 9.18 -20.87 -3.06
CA ALA A 36 9.97 -21.40 -4.17
C ALA A 36 10.46 -22.81 -3.87
N GLY A 37 9.75 -23.50 -2.99
CA GLY A 37 10.12 -24.86 -2.63
C GLY A 37 9.21 -25.90 -3.27
N GLY A 38 9.17 -27.09 -2.67
CA GLY A 38 8.34 -28.15 -3.21
C GLY A 38 7.47 -28.79 -2.14
N ARG A 39 7.28 -28.09 -1.03
CA ARG A 39 6.46 -28.59 0.07
C ARG A 39 5.88 -27.45 0.90
N ARG A 40 4.82 -27.73 1.63
CA ARG A 40 4.18 -26.73 2.47
C ARG A 40 5.18 -26.13 3.45
N ILE A 41 4.95 -24.88 3.85
CA ILE A 41 5.84 -24.21 4.78
C ILE A 41 5.11 -23.18 5.63
N GLY A 42 5.15 -23.35 6.95
CA GLY A 42 4.52 -22.40 7.83
C GLY A 42 5.31 -21.12 7.91
N TRP A 43 4.73 -20.08 8.50
CA TRP A 43 5.43 -18.81 8.61
C TRP A 43 4.76 -17.86 9.60
N ALA A 44 5.55 -16.94 10.14
CA ALA A 44 5.07 -15.95 11.09
C ALA A 44 5.82 -14.64 10.91
N ILE A 45 5.21 -13.54 11.33
CA ILE A 45 5.83 -12.24 11.19
C ILE A 45 6.00 -11.54 12.54
N LYS A 46 7.17 -10.93 12.75
CA LYS A 46 7.46 -10.22 13.98
C LYS A 46 8.28 -8.98 13.69
N THR A 47 7.78 -7.84 14.17
CA THR A 47 8.47 -6.56 13.97
C THR A 47 9.01 -6.01 15.28
N THR A 48 9.94 -5.07 15.16
CA THR A 48 10.56 -4.44 16.33
C THR A 48 9.51 -4.03 17.36
N ASN A 49 8.30 -3.74 16.88
CA ASN A 49 7.21 -3.34 17.77
C ASN A 49 5.94 -4.13 17.46
N MET A 50 5.45 -4.85 18.46
CA MET A 50 4.24 -5.65 18.30
C MET A 50 2.99 -4.87 18.70
N ARG A 51 3.14 -3.56 18.91
CA ARG A 51 2.02 -2.72 19.29
C ARG A 51 1.71 -1.69 18.21
N ARG A 52 2.73 -0.93 17.82
CA ARG A 52 2.57 0.08 16.79
C ARG A 52 2.49 -0.55 15.41
N LEU A 53 3.11 -1.71 15.26
CA LEU A 53 3.10 -2.44 13.99
C LEU A 53 2.36 -3.76 14.12
N SER A 54 1.32 -3.94 13.31
CA SER A 54 0.53 -5.16 13.34
C SER A 54 0.59 -5.90 12.01
N VAL A 55 0.32 -7.20 12.05
CA VAL A 55 0.33 -8.02 10.84
C VAL A 55 -1.00 -8.73 10.65
N ASP A 56 -1.30 -9.08 9.40
CA ASP A 56 -2.56 -9.76 9.08
C ASP A 56 -2.51 -10.32 7.66
N PRO A 57 -2.43 -11.66 7.50
CA PRO A 57 -2.39 -12.61 8.62
C PRO A 57 -1.01 -12.66 9.29
N PRO A 58 -0.98 -12.77 10.63
CA PRO A 58 0.28 -12.82 11.38
C PRO A 58 1.03 -14.12 11.15
N CYS A 59 0.31 -15.16 10.78
CA CYS A 59 0.91 -16.47 10.52
C CYS A 59 0.09 -17.25 9.50
N GLY A 60 0.61 -18.40 9.06
CA GLY A 60 -0.11 -19.21 8.10
C GLY A 60 0.79 -20.22 7.42
N VAL A 61 0.32 -20.77 6.30
CA VAL A 61 1.09 -21.76 5.56
C VAL A 61 1.01 -21.51 4.06
N LEU A 62 2.05 -21.92 3.33
CA LEU A 62 2.08 -21.75 1.89
C LEU A 62 2.30 -23.09 1.19
N ASP A 63 1.99 -23.14 -0.10
CA ASP A 63 2.15 -24.35 -0.88
C ASP A 63 3.21 -24.17 -1.97
N PRO A 64 3.61 -25.25 -2.65
CA PRO A 64 4.62 -25.19 -3.70
C PRO A 64 4.25 -24.22 -4.82
N LYS A 65 5.03 -23.14 -4.94
CA LYS A 65 4.79 -22.14 -5.98
C LYS A 65 3.50 -21.37 -5.72
N GLU A 66 3.24 -21.06 -4.46
CA GLU A 66 2.04 -20.32 -4.08
C GLU A 66 2.41 -18.92 -3.59
N LYS A 67 1.63 -17.92 -3.99
CA LYS A 67 1.87 -16.55 -3.59
C LYS A 67 0.71 -16.02 -2.75
N VAL A 68 0.97 -15.77 -1.48
CA VAL A 68 -0.05 -15.26 -0.57
C VAL A 68 0.11 -13.76 -0.34
N LEU A 69 -1.00 -13.09 -0.10
CA LEU A 69 -0.99 -11.65 0.15
C LEU A 69 -1.01 -11.35 1.64
N MET A 70 -0.06 -10.54 2.09
CA MET A 70 0.03 -10.18 3.50
C MET A 70 -0.24 -8.70 3.71
N ALA A 71 -0.56 -8.33 4.94
CA ALA A 71 -0.85 -6.94 5.28
C ALA A 71 -0.04 -6.49 6.49
N VAL A 72 0.43 -5.25 6.46
CA VAL A 72 1.22 -4.71 7.56
C VAL A 72 0.72 -3.32 7.96
N SER A 73 -0.04 -3.27 9.05
CA SER A 73 -0.58 -2.00 9.54
C SER A 73 0.47 -1.22 10.32
N CYS A 74 0.40 0.10 10.20
CA CYS A 74 1.34 0.99 10.90
C CYS A 74 0.61 1.95 11.81
N ASP A 75 1.19 2.23 12.97
CA ASP A 75 0.58 3.14 13.93
C ASP A 75 1.10 4.56 13.73
N THR A 76 0.21 5.53 13.92
CA THR A 76 0.56 6.94 13.76
C THR A 76 1.72 7.32 14.67
N PHE A 77 2.37 8.44 14.35
CA PHE A 77 3.50 8.92 15.14
C PHE A 77 3.94 10.31 14.67
N ASN A 78 5.16 10.68 15.02
CA ASN A 78 5.70 11.99 14.64
C ASN A 78 7.05 11.84 13.95
N ALA A 79 7.03 11.79 12.62
CA ALA A 79 8.26 11.65 11.85
C ALA A 79 9.15 12.88 12.00
N ALA A 80 8.55 14.00 12.38
CA ALA A 80 9.30 15.25 12.57
C ALA A 80 10.39 15.08 13.63
N THR A 81 10.04 14.44 14.73
CA THR A 81 10.98 14.23 15.82
C THR A 81 10.98 12.77 16.29
N GLU A 82 11.32 11.86 15.37
CA GLU A 82 11.35 10.44 15.69
C GLU A 82 12.24 9.69 14.69
N ASP A 83 12.65 8.49 15.07
CA ASP A 83 13.50 7.66 14.23
C ASP A 83 12.73 7.15 13.01
N LEU A 84 13.44 6.91 11.92
CA LEU A 84 12.80 6.42 10.69
C LEU A 84 13.66 5.33 10.04
N ASN A 85 14.49 4.67 10.84
CA ASN A 85 15.35 3.61 10.34
C ASN A 85 15.54 2.53 11.39
N ASN A 86 14.54 2.38 12.26
CA ASN A 86 14.59 1.39 13.32
C ASN A 86 13.57 0.28 13.08
N ASP A 87 12.47 0.62 12.41
CA ASP A 87 11.42 -0.34 12.10
C ASP A 87 11.88 -1.36 11.07
N ARG A 88 11.80 -2.64 11.42
CA ARG A 88 12.21 -3.71 10.53
C ARG A 88 11.31 -4.94 10.68
N ILE A 89 10.86 -5.47 9.55
CA ILE A 89 10.00 -6.65 9.55
C ILE A 89 10.82 -7.93 9.39
N THR A 90 10.61 -8.88 10.29
CA THR A 90 11.33 -10.14 10.26
C THR A 90 10.40 -11.30 9.92
N ILE A 91 10.49 -11.79 8.69
CA ILE A 91 9.66 -12.90 8.25
C ILE A 91 10.34 -14.23 8.57
N GLU A 92 9.54 -15.27 8.83
CA GLU A 92 10.09 -16.58 9.16
C GLU A 92 9.20 -17.69 8.60
N TRP A 93 9.80 -18.85 8.36
CA TRP A 93 9.08 -20.01 7.83
C TRP A 93 9.87 -21.29 8.04
N THR A 94 9.14 -22.39 8.21
CA THR A 94 9.77 -23.70 8.42
C THR A 94 8.91 -24.81 7.82
N ASN A 95 9.57 -25.81 7.23
CA ASN A 95 8.87 -26.93 6.62
C ASN A 95 7.89 -27.56 7.61
N THR A 96 6.71 -27.93 7.12
CA THR A 96 5.69 -28.55 7.95
C THR A 96 5.80 -30.07 7.91
N PRO A 97 5.47 -30.75 9.03
CA PRO A 97 5.53 -32.20 9.11
C PRO A 97 4.82 -32.88 7.94
N ASP A 98 5.11 -34.15 7.73
CA ASP A 98 4.49 -34.91 6.65
C ASP A 98 2.98 -34.74 6.65
N GLY A 99 2.47 -34.07 5.62
CA GLY A 99 1.04 -33.84 5.52
C GLY A 99 0.46 -33.22 6.77
N ALA A 100 1.12 -32.18 7.28
CA ALA A 100 0.66 -31.50 8.48
C ALA A 100 -0.72 -30.91 8.29
N ALA A 101 -1.44 -30.72 9.40
CA ALA A 101 -2.78 -30.16 9.35
C ALA A 101 -2.80 -28.79 8.69
N LYS A 102 -3.99 -28.35 8.32
CA LYS A 102 -4.14 -27.05 7.68
C LYS A 102 -4.34 -25.96 8.71
N GLN A 103 -3.28 -25.68 9.45
CA GLN A 103 -3.32 -24.65 10.49
C GLN A 103 -1.93 -24.40 11.06
N PHE A 104 -1.49 -23.14 11.02
CA PHE A 104 -0.18 -22.77 11.53
C PHE A 104 0.00 -23.28 12.96
N ARG A 105 1.09 -24.03 13.18
CA ARG A 105 1.38 -24.57 14.50
C ARG A 105 2.55 -23.84 15.15
N ARG A 106 2.53 -23.76 16.48
CA ARG A 106 3.60 -23.10 17.21
C ARG A 106 4.78 -24.03 17.46
N GLU A 107 4.52 -25.33 17.40
CA GLU A 107 5.57 -26.32 17.62
C GLU A 107 6.52 -26.41 16.42
N TRP A 108 6.17 -25.75 15.31
CA TRP A 108 7.00 -25.78 14.12
C TRP A 108 8.30 -25.00 14.33
N PHE A 109 8.24 -23.99 15.19
CA PHE A 109 9.40 -23.17 15.50
C PHE A 109 9.96 -23.50 16.87
N GLN A 110 9.92 -24.77 17.24
CA GLN A 110 10.43 -25.23 18.53
C GLN A 110 11.55 -26.24 18.37
N GLY A 111 12.24 -26.18 17.23
CA GLY A 111 13.32 -27.10 16.97
C GLY A 111 14.25 -26.61 15.88
N ASP A 112 15.52 -27.00 15.96
CA ASP A 112 16.52 -26.59 14.98
C ASP A 112 16.45 -27.47 13.73
N GLY A 113 16.93 -26.94 12.62
CA GLY A 113 16.91 -27.69 11.37
C GLY A 113 16.35 -26.89 10.22
N MET A 114 15.02 -26.87 10.12
CA MET A 114 14.36 -26.12 9.04
C MET A 114 13.55 -24.96 9.61
N VAL A 115 14.08 -23.75 9.45
CA VAL A 115 13.42 -22.55 9.93
C VAL A 115 14.30 -21.34 9.72
N ARG A 116 14.09 -20.64 8.61
CA ARG A 116 14.88 -19.45 8.28
C ARG A 116 14.06 -18.18 8.45
N ARG A 117 14.74 -17.07 8.68
CA ARG A 117 14.08 -15.78 8.86
C ARG A 117 14.93 -14.65 8.28
N LYS A 118 14.29 -13.78 7.52
CA LYS A 118 14.97 -12.64 6.91
C LYS A 118 14.44 -11.33 7.45
N ASN A 119 15.27 -10.29 7.44
CA ASN A 119 14.87 -8.98 7.94
C ASN A 119 14.59 -8.03 6.79
N LEU A 120 13.78 -7.02 7.05
CA LEU A 120 13.43 -6.04 6.03
C LEU A 120 13.53 -4.61 6.56
N PRO A 121 14.23 -3.72 5.85
CA PRO A 121 14.39 -2.33 6.26
C PRO A 121 13.18 -1.47 5.92
N ILE A 122 12.66 -0.76 6.90
CA ILE A 122 11.49 0.08 6.70
C ILE A 122 11.88 1.55 6.53
N GLU A 123 11.23 2.23 5.59
CA GLU A 123 11.49 3.63 5.33
C GLU A 123 10.24 4.46 5.56
N TYR A 124 10.40 5.76 5.76
CA TYR A 124 9.28 6.64 6.01
C TYR A 124 9.23 7.78 4.98
N ASN A 125 8.14 7.82 4.21
CA ASN A 125 7.96 8.86 3.20
C ASN A 125 6.76 9.74 3.56
N LEU A 126 6.89 11.04 3.31
CA LEU A 126 5.82 11.98 3.60
C LEU A 126 4.99 12.26 2.36
N ALA B 1 -28.58 32.79 -5.86
CA ALA B 1 -28.25 34.09 -5.23
C ALA B 1 -26.88 34.04 -4.56
N GLN B 2 -26.74 33.13 -3.59
CA GLN B 2 -25.50 32.98 -2.87
C GLN B 2 -24.59 31.96 -3.55
N SER B 3 -23.30 32.28 -3.64
CA SER B 3 -22.33 31.40 -4.27
C SER B 3 -21.16 31.11 -3.32
N VAL B 4 -20.80 29.83 -3.21
CA VAL B 4 -19.70 29.43 -2.35
C VAL B 4 -18.65 28.64 -3.12
N PRO B 5 -17.36 28.86 -2.82
CA PRO B 5 -16.26 28.16 -3.49
C PRO B 5 -16.19 26.68 -3.09
N PRO B 6 -15.53 25.86 -3.92
CA PRO B 6 -15.39 24.41 -3.65
C PRO B 6 -14.44 24.14 -2.49
N GLY B 7 -14.97 23.56 -1.42
CA GLY B 7 -14.16 23.25 -0.26
C GLY B 7 -12.94 22.41 -0.61
N ASP B 8 -11.76 22.99 -0.44
CA ASP B 8 -10.52 22.27 -0.74
C ASP B 8 -10.48 20.92 -0.05
N ILE B 9 -9.86 19.95 -0.70
CA ILE B 9 -9.75 18.60 -0.14
C ILE B 9 -8.31 18.28 0.26
N ASN B 10 -8.15 17.51 1.33
CA ASN B 10 -6.83 17.12 1.80
C ASN B 10 -6.44 15.75 1.24
N THR B 11 -5.17 15.60 0.89
CA THR B 11 -4.68 14.34 0.35
C THR B 11 -3.45 13.85 1.11
N GLN B 12 -3.33 12.54 1.25
CA GLN B 12 -2.21 11.93 1.95
C GLN B 12 -1.67 10.74 1.17
N PRO B 13 -0.39 10.78 0.71
CA PRO B 13 0.53 11.91 0.94
C PRO B 13 0.06 13.19 0.25
N SER B 14 0.54 14.33 0.77
CA SER B 14 0.17 15.63 0.22
C SER B 14 0.70 15.81 -1.20
N GLN B 15 1.86 15.22 -1.48
CA GLN B 15 2.47 15.34 -2.80
C GLN B 15 3.79 14.58 -2.87
N LYS B 16 3.77 13.32 -2.46
CA LYS B 16 4.97 12.49 -2.50
C LYS B 16 4.66 11.04 -2.11
N ILE B 17 4.70 10.15 -3.09
CA ILE B 17 4.44 8.74 -2.86
C ILE B 17 5.53 7.88 -3.49
N VAL B 18 5.69 6.67 -2.96
CA VAL B 18 6.72 5.76 -3.46
C VAL B 18 6.18 4.33 -3.61
N PHE B 19 5.75 3.99 -4.82
CA PHE B 19 5.24 2.65 -5.10
C PHE B 19 6.34 1.61 -4.88
N ASN B 20 6.30 0.96 -3.73
CA ASN B 20 7.31 -0.05 -3.40
C ASN B 20 7.16 -1.31 -4.26
N ALA B 21 8.28 -1.99 -4.46
CA ALA B 21 8.31 -3.21 -5.25
C ALA B 21 7.21 -4.18 -4.80
N PRO B 22 6.97 -5.28 -5.56
CA PRO B 22 7.69 -5.62 -6.77
C PRO B 22 7.09 -4.99 -8.03
N TYR B 23 7.83 -5.06 -9.12
CA TYR B 23 7.37 -4.51 -10.40
C TYR B 23 7.04 -5.63 -11.39
N ASP B 24 6.84 -6.84 -10.88
CA ASP B 24 6.49 -7.98 -11.73
C ASP B 24 5.00 -8.31 -11.62
N ASP B 25 4.26 -7.50 -10.85
CA ASP B 25 2.83 -7.73 -10.68
C ASP B 25 2.10 -6.40 -10.56
N LYS B 26 0.81 -6.46 -10.21
CA LYS B 26 0.00 -5.26 -10.06
C LYS B 26 -0.12 -4.86 -8.60
N HIS B 27 0.60 -3.82 -8.22
CA HIS B 27 0.57 -3.33 -6.83
C HIS B 27 -0.42 -2.17 -6.71
N THR B 28 -1.41 -2.33 -5.83
CA THR B 28 -2.42 -1.30 -5.63
C THR B 28 -2.21 -0.58 -4.30
N TYR B 29 -1.75 0.66 -4.37
CA TYR B 29 -1.54 1.47 -3.18
C TYR B 29 -2.73 2.39 -2.94
N HIS B 30 -3.29 2.32 -1.73
CA HIS B 30 -4.45 3.13 -1.39
C HIS B 30 -4.03 4.51 -0.87
N ILE B 31 -4.80 5.52 -1.26
CA ILE B 31 -4.54 6.89 -0.83
C ILE B 31 -5.67 7.40 0.07
N LYS B 32 -5.36 8.36 0.92
CA LYS B 32 -6.36 8.91 1.84
C LYS B 32 -6.86 10.27 1.36
N ILE B 33 -8.17 10.35 1.11
CA ILE B 33 -8.78 11.60 0.65
C ILE B 33 -9.81 12.09 1.67
N THR B 34 -9.93 13.40 1.81
CA THR B 34 -10.87 13.98 2.75
C THR B 34 -11.43 15.31 2.25
N ASN B 35 -12.58 15.68 2.78
CA ASN B 35 -13.22 16.93 2.40
C ASN B 35 -13.20 17.93 3.56
N ALA B 36 -12.45 19.01 3.38
CA ALA B 36 -12.34 20.04 4.41
C ALA B 36 -13.32 21.19 4.16
N GLY B 37 -14.39 20.89 3.42
CA GLY B 37 -15.37 21.90 3.12
C GLY B 37 -16.64 21.73 3.93
N GLY B 38 -17.74 22.30 3.44
CA GLY B 38 -19.01 22.18 4.15
C GLY B 38 -20.14 21.72 3.24
N ARG B 39 -19.78 21.12 2.11
CA ARG B 39 -20.78 20.63 1.16
C ARG B 39 -20.21 19.48 0.33
N ARG B 40 -21.11 18.68 -0.24
CA ARG B 40 -20.69 17.55 -1.07
C ARG B 40 -19.79 18.01 -2.21
N ILE B 41 -18.91 17.12 -2.66
CA ILE B 41 -17.99 17.46 -3.75
C ILE B 41 -17.61 16.23 -4.56
N GLY B 42 -17.90 16.28 -5.86
CA GLY B 42 -17.54 15.17 -6.73
C GLY B 42 -16.06 15.16 -7.01
N TRP B 43 -15.56 14.08 -7.59
CA TRP B 43 -14.13 13.99 -7.88
C TRP B 43 -13.80 12.85 -8.83
N ALA B 44 -12.69 13.00 -9.54
CA ALA B 44 -12.23 12.00 -10.49
C ALA B 44 -10.71 11.95 -10.49
N ILE B 45 -10.15 10.82 -10.93
CA ILE B 45 -8.71 10.65 -10.96
C ILE B 45 -8.20 10.33 -12.36
N LYS B 46 -7.11 10.99 -12.75
CA LYS B 46 -6.52 10.78 -14.06
C LYS B 46 -5.00 10.82 -13.97
N THR B 47 -4.35 9.77 -14.47
CA THR B 47 -2.90 9.68 -14.44
C THR B 47 -2.31 9.76 -15.84
N THR B 48 -1.02 10.06 -15.90
CA THR B 48 -0.31 10.17 -17.18
C THR B 48 -0.64 9.00 -18.10
N ASN B 49 -0.97 7.86 -17.50
CA ASN B 49 -1.31 6.66 -18.27
C ASN B 49 -2.60 6.03 -17.76
N MET B 50 -3.60 5.93 -18.63
CA MET B 50 -4.88 5.35 -18.27
C MET B 50 -4.92 3.85 -18.57
N ARG B 51 -3.76 3.26 -18.88
CA ARG B 51 -3.69 1.84 -19.19
C ARG B 51 -2.85 1.11 -18.15
N ARG B 52 -1.63 1.59 -17.95
CA ARG B 52 -0.72 0.99 -16.99
C ARG B 52 -1.13 1.34 -15.57
N LEU B 53 -1.77 2.49 -15.41
CA LEU B 53 -2.21 2.95 -14.10
C LEU B 53 -3.74 3.03 -14.04
N SER B 54 -4.33 2.30 -13.10
CA SER B 54 -5.78 2.28 -12.95
C SER B 54 -6.20 2.81 -11.59
N VAL B 55 -7.45 3.27 -11.49
CA VAL B 55 -7.98 3.80 -10.25
C VAL B 55 -9.25 3.07 -9.83
N ASP B 56 -9.54 3.08 -8.54
CA ASP B 56 -10.72 2.40 -8.02
C ASP B 56 -11.00 2.83 -6.57
N PRO B 57 -12.07 3.62 -6.33
CA PRO B 57 -13.00 4.09 -7.37
C PRO B 57 -12.40 5.23 -8.20
N PRO B 58 -12.64 5.22 -9.53
CA PRO B 58 -12.13 6.26 -10.42
C PRO B 58 -12.79 7.62 -10.19
N CYS B 59 -14.01 7.58 -9.65
CA CYS B 59 -14.76 8.80 -9.37
C CYS B 59 -15.72 8.59 -8.21
N GLY B 60 -16.36 9.66 -7.76
CA GLY B 60 -17.29 9.56 -6.65
C GLY B 60 -17.59 10.90 -6.03
N VAL B 61 -18.17 10.87 -4.82
CA VAL B 61 -18.51 12.09 -4.11
C VAL B 61 -18.15 11.99 -2.63
N LEU B 62 -17.87 13.14 -2.01
CA LEU B 62 -17.51 13.17 -0.60
C LEU B 62 -18.43 14.11 0.17
N ASP B 63 -18.48 13.95 1.48
CA ASP B 63 -19.32 14.79 2.33
C ASP B 63 -18.47 15.65 3.26
N PRO B 64 -19.10 16.61 3.96
CA PRO B 64 -18.39 17.51 4.87
C PRO B 64 -17.62 16.75 5.96
N LYS B 65 -16.29 16.85 5.91
CA LYS B 65 -15.44 16.18 6.89
C LYS B 65 -15.50 14.66 6.73
N GLU B 66 -15.53 14.19 5.50
CA GLU B 66 -15.57 12.76 5.23
C GLU B 66 -14.26 12.30 4.58
N LYS B 67 -13.78 11.13 5.01
CA LYS B 67 -12.54 10.58 4.48
C LYS B 67 -12.80 9.26 3.76
N VAL B 68 -12.62 9.27 2.44
CA VAL B 68 -12.84 8.08 1.63
C VAL B 68 -11.53 7.40 1.27
N LEU B 69 -11.56 6.08 1.12
CA LEU B 69 -10.38 5.32 0.78
C LEU B 69 -10.33 5.03 -0.73
N MET B 70 -9.21 5.37 -1.34
CA MET B 70 -9.03 5.17 -2.78
C MET B 70 -7.95 4.13 -3.05
N ALA B 71 -7.97 3.59 -4.26
CA ALA B 71 -6.98 2.58 -4.66
C ALA B 71 -6.34 2.96 -6.00
N VAL B 72 -5.04 2.69 -6.11
CA VAL B 72 -4.30 3.00 -7.34
C VAL B 72 -3.45 1.81 -7.77
N SER B 73 -3.94 1.07 -8.77
CA SER B 73 -3.22 -0.09 -9.28
C SER B 73 -2.10 0.33 -10.22
N CYS B 74 -1.01 -0.43 -10.21
CA CYS B 74 0.14 -0.15 -11.07
C CYS B 74 0.45 -1.34 -11.95
N ASP B 75 0.86 -1.07 -13.19
CA ASP B 75 1.18 -2.13 -14.14
C ASP B 75 2.68 -2.45 -14.10
N THR B 76 3.00 -3.73 -14.25
CA THR B 76 4.39 -4.17 -14.23
C THR B 76 5.21 -3.44 -15.30
N PHE B 77 6.53 -3.47 -15.15
CA PHE B 77 7.42 -2.82 -16.11
C PHE B 77 8.88 -3.17 -15.80
N ASN B 78 9.79 -2.35 -16.32
CA ASN B 78 11.21 -2.57 -16.10
C ASN B 78 11.89 -1.31 -15.57
N ALA B 79 12.00 -1.22 -14.25
CA ALA B 79 12.62 -0.05 -13.62
C ALA B 79 14.11 0.03 -13.98
N ALA B 80 14.70 -1.09 -14.36
CA ALA B 80 16.11 -1.12 -14.73
C ALA B 80 16.40 -0.19 -15.89
N THR B 81 15.54 -0.22 -16.90
CA THR B 81 15.72 0.62 -18.08
C THR B 81 14.43 1.37 -18.43
N GLU B 82 13.96 2.18 -17.50
CA GLU B 82 12.74 2.96 -17.72
C GLU B 82 12.69 4.17 -16.79
N ASP B 83 11.84 5.14 -17.13
CA ASP B 83 11.70 6.35 -16.33
C ASP B 83 11.02 6.05 -15.00
N LEU B 84 11.32 6.84 -13.98
CA LEU B 84 10.73 6.65 -12.66
C LEU B 84 10.34 7.98 -12.05
N ASN B 85 10.12 8.99 -12.89
CA ASN B 85 9.74 10.32 -12.42
C ASN B 85 8.79 10.98 -13.40
N ASN B 86 8.04 10.15 -14.14
CA ASN B 86 7.08 10.66 -15.11
C ASN B 86 5.65 10.40 -14.67
N ASP B 87 5.46 9.34 -13.89
CA ASP B 87 4.12 8.98 -13.41
C ASP B 87 3.64 9.98 -12.37
N ARG B 88 2.47 10.57 -12.61
CA ARG B 88 1.90 11.55 -11.70
C ARG B 88 0.37 11.43 -11.65
N ILE B 89 -0.17 11.41 -10.43
CA ILE B 89 -1.61 11.31 -10.24
C ILE B 89 -2.24 12.69 -10.10
N THR B 90 -3.27 12.96 -10.89
CA THR B 90 -3.95 14.24 -10.85
C THR B 90 -5.38 14.10 -10.33
N ILE B 91 -5.58 14.51 -9.08
CA ILE B 91 -6.90 14.44 -8.46
C ILE B 91 -7.71 15.70 -8.76
N GLU B 92 -9.02 15.56 -8.85
CA GLU B 92 -9.89 16.69 -9.14
C GLU B 92 -11.22 16.57 -8.40
N TRP B 93 -11.85 17.73 -8.15
CA TRP B 93 -13.14 17.75 -7.46
C TRP B 93 -13.84 19.09 -7.67
N THR B 94 -15.17 19.05 -7.66
CA THR B 94 -15.97 20.26 -7.86
C THR B 94 -17.28 20.17 -7.08
N ASN B 95 -17.70 21.29 -6.51
CA ASN B 95 -18.94 21.34 -5.74
C ASN B 95 -20.11 20.78 -6.55
N THR B 96 -20.96 20.02 -5.89
CA THR B 96 -22.13 19.43 -6.54
C THR B 96 -23.35 20.33 -6.41
N PRO B 97 -24.23 20.35 -7.43
CA PRO B 97 -25.44 21.17 -7.40
C PRO B 97 -26.23 21.00 -6.12
N ASP B 98 -27.13 21.94 -5.86
CA ASP B 98 -27.96 21.90 -4.66
C ASP B 98 -28.60 20.52 -4.48
N GLY B 99 -28.18 19.80 -3.45
CA GLY B 99 -28.72 18.48 -3.20
C GLY B 99 -28.66 17.59 -4.42
N ALA B 100 -27.50 17.55 -5.06
CA ALA B 100 -27.31 16.73 -6.25
C ALA B 100 -27.52 15.25 -5.93
N ALA B 101 -27.86 14.48 -6.96
CA ALA B 101 -28.10 13.05 -6.79
C ALA B 101 -26.86 12.35 -6.23
N LYS B 102 -27.06 11.14 -5.74
CA LYS B 102 -25.97 10.36 -5.17
C LYS B 102 -25.28 9.54 -6.26
N GLN B 103 -24.58 10.23 -7.15
CA GLN B 103 -23.87 9.59 -8.24
C GLN B 103 -23.00 10.60 -9.00
N PHE B 104 -21.71 10.30 -9.10
CA PHE B 104 -20.78 11.17 -9.80
C PHE B 104 -21.29 11.50 -11.19
N ARG B 105 -21.38 12.80 -11.49
CA ARG B 105 -21.85 13.26 -12.80
C ARG B 105 -20.71 13.81 -13.63
N ARG B 106 -20.82 13.68 -14.94
CA ARG B 106 -19.79 14.16 -15.86
C ARG B 106 -19.99 15.64 -16.17
N GLU B 107 -21.22 16.12 -15.99
CA GLU B 107 -21.53 17.52 -16.26
C GLU B 107 -20.96 18.45 -15.19
N TRP B 108 -20.45 17.88 -14.10
CA TRP B 108 -19.89 18.67 -13.01
C TRP B 108 -18.58 19.33 -13.44
N PHE B 109 -17.87 18.68 -14.36
CA PHE B 109 -16.60 19.21 -14.86
C PHE B 109 -16.76 19.77 -16.27
N GLN B 110 -17.91 20.39 -16.53
CA GLN B 110 -18.19 20.97 -17.83
C GLN B 110 -18.44 22.47 -17.74
N GLY B 111 -17.88 23.09 -16.70
CA GLY B 111 -18.06 24.52 -16.51
C GLY B 111 -17.02 25.11 -15.58
N ASP B 112 -16.70 26.38 -15.79
CA ASP B 112 -15.71 27.07 -14.97
C ASP B 112 -16.33 27.56 -13.67
N GLY B 113 -15.50 27.76 -12.66
CA GLY B 113 -15.97 28.23 -11.37
C GLY B 113 -15.45 27.39 -10.22
N MET B 114 -16.11 26.28 -9.95
CA MET B 114 -15.70 25.39 -8.86
C MET B 114 -15.21 24.05 -9.41
N VAL B 115 -13.90 23.86 -9.41
CA VAL B 115 -13.29 22.63 -9.89
C VAL B 115 -11.77 22.74 -9.88
N ARG B 116 -11.16 22.27 -8.79
CA ARG B 116 -9.70 22.33 -8.66
C ARG B 116 -9.09 20.95 -8.82
N ARG B 117 -7.81 20.92 -9.21
CA ARG B 117 -7.09 19.66 -9.40
C ARG B 117 -5.63 19.81 -9.01
N LYS B 118 -5.13 18.86 -8.24
CA LYS B 118 -3.74 18.87 -7.79
C LYS B 118 -2.98 17.68 -8.37
N ASN B 119 -1.67 17.84 -8.55
CA ASN B 119 -0.83 16.77 -9.08
C ASN B 119 -0.03 16.10 -7.97
N LEU B 120 0.37 14.86 -8.20
CA LEU B 120 1.13 14.11 -7.22
C LEU B 120 2.32 13.40 -7.87
N PRO B 121 3.54 13.57 -7.31
CA PRO B 121 4.75 12.93 -7.84
C PRO B 121 4.87 11.48 -7.41
N ILE B 122 5.08 10.59 -8.38
CA ILE B 122 5.20 9.17 -8.09
C ILE B 122 6.67 8.73 -8.08
N GLU B 123 7.01 7.89 -7.12
CA GLU B 123 8.38 7.37 -6.99
C GLU B 123 8.38 5.86 -7.13
N TYR B 124 9.55 5.30 -7.43
CA TYR B 124 9.67 3.86 -7.60
C TYR B 124 10.73 3.28 -6.67
N ASN B 125 10.30 2.39 -5.78
CA ASN B 125 11.20 1.75 -4.83
C ASN B 125 11.28 0.25 -5.10
N LEU B 126 12.48 -0.32 -4.96
CA LEU B 126 12.67 -1.74 -5.19
C LEU B 126 12.64 -2.51 -3.87
N ALA A 1 12.05 -32.33 13.37
CA ALA A 1 13.04 -31.69 14.28
C ALA A 1 14.46 -32.02 13.85
N GLN A 2 14.68 -33.26 13.43
CA GLN A 2 16.00 -33.71 12.99
C GLN A 2 16.08 -33.70 11.46
N SER A 3 16.48 -32.57 10.90
CA SER A 3 16.61 -32.44 9.45
C SER A 3 17.72 -31.47 9.08
N VAL A 4 17.99 -31.33 7.79
CA VAL A 4 19.03 -30.43 7.31
C VAL A 4 18.57 -28.97 7.37
N PRO A 5 19.52 -28.03 7.40
CA PRO A 5 19.21 -26.60 7.46
C PRO A 5 18.21 -26.17 6.39
N PRO A 6 17.45 -25.10 6.65
CA PRO A 6 16.45 -24.59 5.70
C PRO A 6 17.08 -23.94 4.48
N GLY A 7 16.31 -23.83 3.41
CA GLY A 7 16.81 -23.23 2.19
C GLY A 7 16.77 -21.72 2.23
N ASP A 8 16.54 -21.10 1.08
CA ASP A 8 16.47 -19.64 0.98
C ASP A 8 15.15 -19.20 0.36
N ILE A 9 14.55 -18.16 0.92
CA ILE A 9 13.29 -17.64 0.41
C ILE A 9 13.46 -16.24 -0.18
N ASN A 10 12.64 -15.91 -1.17
CA ASN A 10 12.69 -14.61 -1.82
C ASN A 10 11.55 -13.72 -1.34
N THR A 11 11.77 -12.42 -1.39
CA THR A 11 10.75 -11.46 -0.95
C THR A 11 10.77 -10.20 -1.81
N GLN A 12 9.62 -9.55 -1.91
CA GLN A 12 9.48 -8.32 -2.69
C GLN A 12 8.63 -7.30 -1.93
N PRO A 13 9.21 -6.13 -1.56
CA PRO A 13 10.62 -5.78 -1.83
C PRO A 13 11.60 -6.70 -1.11
N SER A 14 12.79 -6.83 -1.67
CA SER A 14 13.83 -7.67 -1.08
C SER A 14 14.76 -6.88 -0.17
N GLN A 15 14.41 -5.63 0.11
CA GLN A 15 15.22 -4.78 0.97
C GLN A 15 14.40 -4.19 2.11
N LYS A 16 13.37 -3.43 1.75
CA LYS A 16 12.50 -2.79 2.74
C LYS A 16 11.26 -2.21 2.07
N ILE A 17 10.33 -1.73 2.91
CA ILE A 17 9.10 -1.13 2.39
C ILE A 17 8.96 0.31 2.88
N VAL A 18 8.20 1.10 2.13
CA VAL A 18 7.99 2.51 2.48
C VAL A 18 6.52 2.80 2.74
N PHE A 19 6.08 2.56 3.98
CA PHE A 19 4.69 2.80 4.36
C PHE A 19 4.27 4.21 3.94
N ASN A 20 3.51 4.30 2.86
CA ASN A 20 3.04 5.59 2.35
C ASN A 20 1.95 6.17 3.25
N ALA A 21 2.06 7.47 3.53
CA ALA A 21 1.07 8.16 4.37
C ALA A 21 -0.34 7.97 3.80
N PRO A 22 -1.39 8.37 4.55
CA PRO A 22 -1.26 9.00 5.88
C PRO A 22 -0.99 7.98 6.98
N TYR A 23 -0.63 8.49 8.15
CA TYR A 23 -0.34 7.64 9.30
C TYR A 23 -1.38 7.83 10.39
N ASP A 24 -2.60 8.16 9.99
CA ASP A 24 -3.69 8.38 10.92
C ASP A 24 -4.81 7.36 10.69
N ASP A 25 -4.57 6.40 9.80
CA ASP A 25 -5.57 5.37 9.50
C ASP A 25 -4.92 4.00 9.32
N LYS A 26 -5.71 2.95 9.49
CA LYS A 26 -5.21 1.59 9.35
C LYS A 26 -5.04 1.21 7.89
N HIS A 27 -3.79 1.01 7.47
CA HIS A 27 -3.49 0.64 6.09
C HIS A 27 -2.88 -0.76 6.02
N THR A 28 -3.13 -1.45 4.92
CA THR A 28 -2.61 -2.80 4.74
C THR A 28 -1.60 -2.86 3.60
N TYR A 29 -0.42 -3.39 3.88
CA TYR A 29 0.62 -3.52 2.87
C TYR A 29 0.79 -4.98 2.45
N HIS A 30 0.77 -5.21 1.15
CA HIS A 30 0.90 -6.57 0.62
C HIS A 30 2.36 -6.91 0.33
N ILE A 31 2.89 -7.88 1.07
CA ILE A 31 4.27 -8.32 0.89
C ILE A 31 4.31 -9.64 0.14
N LYS A 32 5.32 -9.80 -0.72
CA LYS A 32 5.45 -11.03 -1.51
C LYS A 32 6.50 -11.96 -0.91
N ILE A 33 6.21 -13.26 -0.95
CA ILE A 33 7.12 -14.27 -0.42
C ILE A 33 7.25 -15.43 -1.40
N THR A 34 8.38 -16.12 -1.37
CA THR A 34 8.60 -17.24 -2.27
C THR A 34 9.58 -18.25 -1.67
N ASN A 35 9.52 -19.48 -2.17
CA ASN A 35 10.39 -20.54 -1.70
C ASN A 35 11.37 -20.95 -2.79
N ALA A 36 12.62 -20.57 -2.63
CA ALA A 36 13.66 -20.90 -3.62
C ALA A 36 14.12 -22.35 -3.48
N GLY A 37 13.62 -23.05 -2.46
CA GLY A 37 14.03 -24.43 -2.26
C GLY A 37 13.23 -25.41 -3.10
N GLY A 38 13.43 -26.69 -2.87
CA GLY A 38 12.72 -27.71 -3.62
C GLY A 38 11.82 -28.56 -2.75
N ARG A 39 11.45 -28.03 -1.59
CA ARG A 39 10.59 -28.74 -0.66
C ARG A 39 9.65 -27.78 0.07
N ARG A 40 8.82 -28.33 0.95
CA ARG A 40 7.87 -27.52 1.71
C ARG A 40 8.56 -26.88 2.92
N ILE A 41 8.00 -25.78 3.39
CA ILE A 41 8.56 -25.08 4.54
C ILE A 41 7.47 -24.39 5.35
N GLY A 42 7.85 -23.88 6.52
CA GLY A 42 6.91 -23.19 7.38
C GLY A 42 7.40 -21.81 7.76
N TRP A 43 6.79 -20.78 7.20
CA TRP A 43 7.21 -19.41 7.48
C TRP A 43 6.23 -18.69 8.42
N ALA A 44 6.75 -17.66 9.08
CA ALA A 44 5.96 -16.86 10.00
C ALA A 44 6.50 -15.44 10.08
N ILE A 45 5.66 -14.51 10.50
CA ILE A 45 6.07 -13.11 10.59
C ILE A 45 5.91 -12.56 12.00
N LYS A 46 6.86 -11.71 12.40
CA LYS A 46 6.83 -11.10 13.73
C LYS A 46 7.36 -9.67 13.67
N THR A 47 6.57 -8.73 14.16
CA THR A 47 6.95 -7.32 14.16
C THR A 47 7.43 -6.89 15.54
N THR A 48 8.20 -5.80 15.57
CA THR A 48 8.73 -5.26 16.83
C THR A 48 7.64 -5.19 17.90
N ASN A 49 6.42 -4.91 17.45
CA ASN A 49 5.28 -4.81 18.37
C ASN A 49 4.05 -5.49 17.79
N MET A 50 3.51 -6.44 18.54
CA MET A 50 2.33 -7.18 18.10
C MET A 50 1.04 -6.41 18.43
N ARG A 51 1.18 -5.17 18.89
CA ARG A 51 0.02 -4.36 19.22
C ARG A 51 -0.32 -3.38 18.10
N ARG A 52 0.71 -2.69 17.60
CA ARG A 52 0.53 -1.73 16.51
C ARG A 52 0.49 -2.44 15.16
N LEU A 53 1.53 -3.23 14.90
CA LEU A 53 1.62 -3.97 13.64
C LEU A 53 0.99 -5.36 13.78
N SER A 54 0.56 -5.91 12.66
CA SER A 54 -0.08 -7.23 12.65
C SER A 54 0.08 -7.90 11.30
N VAL A 55 0.08 -9.23 11.30
CA VAL A 55 0.24 -10.00 10.07
C VAL A 55 -0.99 -10.89 9.83
N ASP A 56 -1.25 -11.20 8.57
CA ASP A 56 -2.38 -12.04 8.20
C ASP A 56 -2.35 -12.39 6.72
N PRO A 57 -2.09 -13.67 6.37
CA PRO A 57 -1.82 -14.75 7.33
C PRO A 57 -0.49 -14.57 8.05
N PRO A 58 -0.45 -14.87 9.36
CA PRO A 58 0.77 -14.74 10.17
C PRO A 58 1.77 -15.88 9.91
N CYS A 59 1.36 -16.86 9.11
CA CYS A 59 2.23 -17.99 8.80
C CYS A 59 1.57 -18.91 7.77
N GLY A 60 2.32 -19.89 7.28
CA GLY A 60 1.78 -20.80 6.29
C GLY A 60 2.83 -21.75 5.74
N VAL A 61 2.39 -22.74 4.97
CA VAL A 61 3.30 -23.70 4.37
C VAL A 61 3.54 -23.41 2.90
N LEU A 62 4.79 -23.17 2.54
CA LEU A 62 5.15 -22.88 1.15
C LEU A 62 5.58 -24.14 0.41
N ASP A 63 5.51 -24.09 -0.91
CA ASP A 63 5.89 -25.23 -1.73
C ASP A 63 7.11 -24.91 -2.59
N PRO A 64 7.73 -25.93 -3.21
CA PRO A 64 8.92 -25.74 -4.05
C PRO A 64 8.69 -24.71 -5.14
N LYS A 65 9.35 -23.55 -5.00
CA LYS A 65 9.22 -22.48 -5.98
C LYS A 65 7.79 -21.96 -6.05
N GLU A 66 7.19 -21.72 -4.89
CA GLU A 66 5.82 -21.22 -4.82
C GLU A 66 5.79 -19.79 -4.31
N LYS A 67 4.76 -19.06 -4.69
CA LYS A 67 4.62 -17.67 -4.26
C LYS A 67 3.30 -17.46 -3.50
N VAL A 68 3.35 -16.63 -2.47
CA VAL A 68 2.17 -16.34 -1.67
C VAL A 68 2.15 -14.87 -1.23
N LEU A 69 0.95 -14.34 -1.05
CA LEU A 69 0.79 -12.95 -0.64
C LEU A 69 0.57 -12.85 0.87
N MET A 70 0.95 -11.72 1.44
CA MET A 70 0.79 -11.49 2.88
C MET A 70 0.19 -10.12 3.15
N ALA A 71 -0.57 -10.02 4.24
CA ALA A 71 -1.20 -8.76 4.62
C ALA A 71 -0.58 -8.20 5.89
N VAL A 72 -0.20 -6.93 5.85
CA VAL A 72 0.41 -6.28 7.00
C VAL A 72 -0.45 -5.12 7.51
N SER A 73 -1.25 -5.39 8.54
CA SER A 73 -2.12 -4.38 9.11
C SER A 73 -1.34 -3.45 10.05
N CYS A 74 -1.43 -2.16 9.79
CA CYS A 74 -0.73 -1.17 10.60
C CYS A 74 -1.72 -0.37 11.45
N ASP A 75 -1.26 0.04 12.64
CA ASP A 75 -2.11 0.80 13.55
C ASP A 75 -1.75 2.28 13.49
N THR A 76 -2.78 3.13 13.57
CA THR A 76 -2.57 4.57 13.53
C THR A 76 -1.59 5.03 14.61
N PHE A 77 -0.85 6.09 14.31
CA PHE A 77 0.13 6.63 15.25
C PHE A 77 0.50 8.06 14.88
N ASN A 78 1.60 8.54 15.46
CA ASN A 78 2.06 9.90 15.19
C ASN A 78 3.52 9.90 14.72
N ALA A 79 3.73 10.27 13.47
CA ALA A 79 5.08 10.32 12.90
C ALA A 79 5.66 11.73 12.95
N ALA A 80 5.12 12.55 13.84
CA ALA A 80 5.59 13.93 13.98
C ALA A 80 6.37 14.12 15.27
N THR A 81 6.12 13.25 16.25
CA THR A 81 6.79 13.33 17.53
C THR A 81 7.19 11.94 18.04
N GLU A 82 7.66 11.11 17.13
CA GLU A 82 8.09 9.76 17.49
C GLU A 82 9.18 9.26 16.54
N ASP A 83 10.11 8.48 17.08
CA ASP A 83 11.21 7.94 16.28
C ASP A 83 10.68 7.04 15.17
N LEU A 84 11.38 7.03 14.03
CA LEU A 84 10.99 6.22 12.90
C LEU A 84 12.16 5.41 12.36
N ASN A 85 12.68 4.50 13.20
CA ASN A 85 13.80 3.66 12.82
C ASN A 85 13.88 2.42 13.69
N ASN A 86 12.73 2.00 14.21
CA ASN A 86 12.68 0.81 15.06
C ASN A 86 11.60 -0.17 14.60
N ASP A 87 10.97 0.12 13.46
CA ASP A 87 9.93 -0.75 12.92
C ASP A 87 10.50 -1.65 11.83
N ARG A 88 10.58 -2.95 12.11
CA ARG A 88 11.11 -3.90 11.13
C ARG A 88 10.39 -5.25 11.24
N ILE A 89 9.99 -5.79 10.10
CA ILE A 89 9.31 -7.08 10.06
C ILE A 89 10.31 -8.21 9.81
N THR A 90 10.23 -9.25 10.62
CA THR A 90 11.13 -10.39 10.49
C THR A 90 10.40 -11.60 9.91
N ILE A 91 10.95 -12.15 8.83
CA ILE A 91 10.37 -13.30 8.17
C ILE A 91 11.29 -14.51 8.27
N GLU A 92 10.82 -15.56 8.96
CA GLU A 92 11.60 -16.77 9.13
C GLU A 92 10.91 -17.97 8.50
N TRP A 93 11.68 -19.02 8.21
CA TRP A 93 11.13 -20.23 7.61
C TRP A 93 12.01 -21.43 7.92
N THR A 94 11.39 -22.52 8.39
CA THR A 94 12.12 -23.72 8.73
C THR A 94 11.51 -24.95 8.04
N ASN A 95 12.36 -25.85 7.57
CA ASN A 95 11.89 -27.06 6.89
C ASN A 95 10.90 -27.81 7.76
N THR A 96 9.83 -28.30 7.13
CA THR A 96 8.80 -29.04 7.85
C THR A 96 9.22 -30.50 8.06
N PRO A 97 8.75 -31.13 9.15
CA PRO A 97 9.09 -32.52 9.46
C PRO A 97 8.79 -33.46 8.29
N ASP A 98 9.35 -34.65 8.35
CA ASP A 98 9.14 -35.65 7.29
C ASP A 98 7.66 -35.82 7.00
N GLY A 99 7.22 -35.32 5.84
CA GLY A 99 5.83 -35.43 5.47
C GLY A 99 4.89 -34.91 6.54
N ALA A 100 5.20 -33.71 7.05
CA ALA A 100 4.38 -33.09 8.08
C ALA A 100 2.98 -32.77 7.57
N ALA A 101 2.11 -32.34 8.47
CA ALA A 101 0.74 -32.00 8.11
C ALA A 101 0.68 -30.70 7.32
N LYS A 102 -0.45 -30.47 6.68
CA LYS A 102 -0.64 -29.25 5.89
C LYS A 102 -1.20 -28.13 6.76
N GLN A 103 -0.37 -27.63 7.67
CA GLN A 103 -0.76 -26.56 8.57
C GLN A 103 0.37 -26.20 9.52
N PHE A 104 0.59 -24.90 9.72
CA PHE A 104 1.65 -24.43 10.60
C PHE A 104 1.53 -25.06 11.98
N ARG A 105 2.67 -25.25 12.64
CA ARG A 105 2.70 -25.83 13.97
C ARG A 105 3.69 -25.12 14.87
N ARG A 106 3.39 -25.06 16.16
CA ARG A 106 4.25 -24.40 17.14
C ARG A 106 5.54 -25.20 17.38
N GLU A 107 5.51 -26.48 17.02
CA GLU A 107 6.66 -27.36 17.21
C GLU A 107 7.78 -27.02 16.21
N TRP A 108 7.51 -26.14 15.26
CA TRP A 108 8.50 -25.75 14.27
C TRP A 108 9.38 -24.60 14.76
N PHE A 109 9.30 -24.31 16.06
CA PHE A 109 10.09 -23.22 16.64
C PHE A 109 10.33 -23.48 18.13
N GLN A 110 10.42 -24.75 18.49
CA GLN A 110 10.64 -25.13 19.89
C GLN A 110 12.02 -25.74 20.07
N GLY A 111 12.56 -26.33 19.00
CA GLY A 111 13.87 -26.94 19.07
C GLY A 111 14.98 -25.95 18.88
N ASP A 112 16.22 -26.40 19.10
CA ASP A 112 17.38 -25.53 18.95
C ASP A 112 18.01 -25.72 17.57
N GLY A 113 18.55 -24.65 17.02
CA GLY A 113 19.16 -24.73 15.70
C GLY A 113 18.13 -24.72 14.59
N MET A 114 18.60 -24.71 13.35
CA MET A 114 17.71 -24.70 12.20
C MET A 114 16.80 -23.48 12.23
N VAL A 115 16.15 -23.22 11.09
CA VAL A 115 15.25 -22.08 10.96
C VAL A 115 16.02 -20.81 10.63
N ARG A 116 15.75 -20.25 9.45
CA ARG A 116 16.41 -19.03 9.02
C ARG A 116 15.59 -17.80 9.41
N ARG A 117 16.28 -16.71 9.71
CA ARG A 117 15.62 -15.47 10.11
C ARG A 117 16.01 -14.32 9.20
N LYS A 118 15.02 -13.55 8.75
CA LYS A 118 15.26 -12.41 7.88
C LYS A 118 14.61 -11.16 8.45
N ASN A 119 15.06 -10.00 7.97
CA ASN A 119 14.53 -8.73 8.43
C ASN A 119 14.18 -7.83 7.26
N LEU A 120 13.23 -6.91 7.49
CA LEU A 120 12.79 -5.98 6.46
C LEU A 120 12.46 -4.62 7.06
N PRO A 121 13.42 -3.68 7.05
CA PRO A 121 13.24 -2.34 7.60
C PRO A 121 11.99 -1.65 7.06
N ILE A 122 11.41 -0.77 7.87
CA ILE A 122 10.22 -0.04 7.49
C ILE A 122 10.54 1.44 7.22
N GLU A 123 9.79 2.06 6.33
CA GLU A 123 9.99 3.45 5.98
C GLU A 123 8.67 4.22 6.00
N TYR A 124 8.78 5.54 6.03
CA TYR A 124 7.59 6.40 6.06
C TYR A 124 7.67 7.49 4.99
N ASN A 125 6.78 7.42 4.01
CA ASN A 125 6.74 8.41 2.94
C ASN A 125 5.60 9.40 3.15
N LEU A 126 5.84 10.38 4.01
CA LEU A 126 4.83 11.40 4.31
C LEU A 126 4.47 12.18 3.05
N ALA B 1 -22.67 26.43 -12.58
CA ALA B 1 -21.71 26.87 -13.65
C ALA B 1 -21.19 28.27 -13.37
N GLN B 2 -22.08 29.15 -12.90
CA GLN B 2 -21.71 30.52 -12.59
C GLN B 2 -21.49 30.70 -11.10
N SER B 3 -20.25 30.47 -10.66
CA SER B 3 -19.91 30.61 -9.25
C SER B 3 -18.45 31.05 -9.09
N VAL B 4 -18.04 31.30 -7.85
CA VAL B 4 -16.67 31.73 -7.57
C VAL B 4 -15.69 30.57 -7.67
N PRO B 5 -14.40 30.86 -7.88
CA PRO B 5 -13.36 29.83 -7.99
C PRO B 5 -13.40 28.84 -6.83
N PRO B 6 -12.93 27.60 -7.07
CA PRO B 6 -12.91 26.56 -6.04
C PRO B 6 -11.88 26.82 -4.95
N GLY B 7 -12.06 26.19 -3.80
CA GLY B 7 -11.14 26.39 -2.70
C GLY B 7 -9.90 25.53 -2.83
N ASP B 8 -9.36 25.10 -1.70
CA ASP B 8 -8.15 24.26 -1.69
C ASP B 8 -8.40 22.96 -0.93
N ILE B 9 -7.90 21.86 -1.48
CA ILE B 9 -8.05 20.56 -0.86
C ILE B 9 -6.72 20.00 -0.39
N ASN B 10 -6.75 19.21 0.68
CA ASN B 10 -5.54 18.60 1.23
C ASN B 10 -5.45 17.13 0.84
N THR B 11 -4.23 16.61 0.77
CA THR B 11 -4.01 15.22 0.40
C THR B 11 -2.83 14.62 1.16
N GLN B 12 -2.88 13.31 1.37
CA GLN B 12 -1.82 12.61 2.07
C GLN B 12 -1.49 11.29 1.36
N PRO B 13 -0.25 11.12 0.84
CA PRO B 13 0.81 12.14 0.91
C PRO B 13 0.47 13.41 0.14
N SER B 14 1.06 14.52 0.55
CA SER B 14 0.81 15.81 -0.10
C SER B 14 1.86 16.10 -1.17
N GLN B 15 2.70 15.12 -1.49
CA GLN B 15 3.73 15.30 -2.50
C GLN B 15 3.67 14.20 -3.56
N LYS B 16 3.81 12.95 -3.12
CA LYS B 16 3.77 11.81 -4.04
C LYS B 16 3.70 10.50 -3.27
N ILE B 17 3.52 9.40 -4.00
CA ILE B 17 3.44 8.09 -3.38
C ILE B 17 4.51 7.16 -3.94
N VAL B 18 4.89 6.15 -3.16
CA VAL B 18 5.91 5.20 -3.57
C VAL B 18 5.36 3.78 -3.67
N PHE B 19 4.77 3.46 -4.81
CA PHE B 19 4.21 2.13 -5.04
C PHE B 19 5.22 1.05 -4.67
N ASN B 20 5.02 0.44 -3.51
CA ASN B 20 5.94 -0.61 -3.03
C ASN B 20 5.75 -1.91 -3.82
N ALA B 21 6.86 -2.52 -4.20
CA ALA B 21 6.83 -3.77 -4.95
C ALA B 21 5.99 -4.82 -4.21
N PRO B 22 5.69 -5.97 -4.85
CA PRO B 22 6.13 -6.29 -6.21
C PRO B 22 5.28 -5.60 -7.27
N TYR B 23 5.76 -5.66 -8.51
CA TYR B 23 5.05 -5.04 -9.63
C TYR B 23 4.53 -6.09 -10.59
N ASP B 24 4.23 -7.27 -10.05
CA ASP B 24 3.72 -8.36 -10.86
C ASP B 24 2.31 -8.75 -10.42
N ASP B 25 1.72 -7.97 -9.50
CA ASP B 25 0.36 -8.25 -9.02
C ASP B 25 -0.42 -6.96 -8.83
N LYS B 26 -1.74 -7.08 -8.84
CA LYS B 26 -2.61 -5.91 -8.67
C LYS B 26 -2.66 -5.47 -7.22
N HIS B 27 -2.14 -4.28 -6.95
CA HIS B 27 -2.12 -3.74 -5.59
C HIS B 27 -2.96 -2.47 -5.51
N THR B 28 -3.55 -2.23 -4.34
CA THR B 28 -4.39 -1.06 -4.14
C THR B 28 -3.78 -0.10 -3.12
N TYR B 29 -3.64 1.17 -3.52
CA TYR B 29 -3.07 2.18 -2.65
C TYR B 29 -4.16 3.12 -2.16
N HIS B 30 -4.23 3.33 -0.84
CA HIS B 30 -5.22 4.19 -0.25
C HIS B 30 -4.72 5.63 -0.12
N ILE B 31 -5.35 6.54 -0.86
CA ILE B 31 -4.98 7.95 -0.83
C ILE B 31 -5.98 8.75 -0.01
N LYS B 32 -5.48 9.74 0.74
CA LYS B 32 -6.35 10.56 1.58
C LYS B 32 -6.66 11.90 0.92
N ILE B 33 -7.91 12.35 1.08
CA ILE B 33 -8.33 13.62 0.51
C ILE B 33 -9.14 14.42 1.53
N THR B 34 -9.12 15.74 1.41
CA THR B 34 -9.85 16.59 2.34
C THR B 34 -10.27 17.91 1.69
N ASN B 35 -11.27 18.55 2.28
CA ASN B 35 -11.77 19.81 1.78
C ASN B 35 -11.47 20.93 2.77
N ALA B 36 -10.51 21.78 2.43
CA ALA B 36 -10.13 22.90 3.29
C ALA B 36 -11.11 24.05 3.19
N GLY B 37 -12.10 23.94 2.29
CA GLY B 37 -13.07 24.99 2.13
C GLY B 37 -14.20 24.90 3.14
N GLY B 38 -15.22 25.74 2.96
CA GLY B 38 -16.36 25.73 3.87
C GLY B 38 -17.65 25.37 3.17
N ARG B 39 -17.54 24.69 2.03
CA ARG B 39 -18.70 24.28 1.27
C ARG B 39 -18.48 22.93 0.60
N ARG B 40 -19.47 22.46 -0.13
CA ARG B 40 -19.38 21.18 -0.83
C ARG B 40 -18.63 21.32 -2.15
N ILE B 41 -18.06 20.23 -2.62
CA ILE B 41 -17.31 20.24 -3.87
C ILE B 41 -17.40 18.91 -4.59
N GLY B 42 -16.91 18.87 -5.82
CA GLY B 42 -16.92 17.64 -6.60
C GLY B 42 -15.54 17.31 -7.14
N TRP B 43 -14.93 16.27 -6.57
CA TRP B 43 -13.59 15.88 -6.98
C TRP B 43 -13.61 14.61 -7.85
N ALA B 44 -12.55 14.45 -8.62
CA ALA B 44 -12.39 13.29 -9.51
C ALA B 44 -10.92 12.98 -9.72
N ILE B 45 -10.63 11.75 -10.10
CA ILE B 45 -9.24 11.33 -10.33
C ILE B 45 -9.04 10.81 -11.75
N LYS B 46 -7.88 11.13 -12.32
CA LYS B 46 -7.54 10.68 -13.67
C LYS B 46 -6.05 10.38 -13.77
N THR B 47 -5.74 9.17 -14.23
CA THR B 47 -4.35 8.75 -14.36
C THR B 47 -3.89 8.81 -15.81
N THR B 48 -2.58 8.89 -16.02
CA THR B 48 -2.00 8.96 -17.35
C THR B 48 -2.63 7.92 -18.27
N ASN B 49 -2.99 6.77 -17.71
CA ASN B 49 -3.60 5.70 -18.48
C ASN B 49 -4.76 5.07 -17.71
N MET B 50 -5.94 5.06 -18.32
CA MET B 50 -7.12 4.49 -17.69
C MET B 50 -7.19 2.98 -17.90
N ARG B 51 -6.12 2.39 -18.46
CA ARG B 51 -6.08 0.95 -18.71
C ARG B 51 -5.29 0.24 -17.62
N ARG B 52 -4.12 0.77 -17.29
CA ARG B 52 -3.28 0.18 -16.26
C ARG B 52 -3.72 0.63 -14.88
N LEU B 53 -3.83 1.93 -14.69
CA LEU B 53 -4.25 2.49 -13.41
C LEU B 53 -5.76 2.69 -13.37
N SER B 54 -6.32 2.71 -12.17
CA SER B 54 -7.76 2.87 -12.00
C SER B 54 -8.08 3.46 -10.63
N VAL B 55 -9.19 4.18 -10.54
CA VAL B 55 -9.62 4.79 -9.30
C VAL B 55 -10.98 4.26 -8.86
N ASP B 56 -11.22 4.30 -7.56
CA ASP B 56 -12.49 3.81 -7.00
C ASP B 56 -12.59 4.13 -5.51
N PRO B 57 -13.48 5.07 -5.10
CA PRO B 57 -14.37 5.79 -6.02
C PRO B 57 -13.61 6.77 -6.92
N PRO B 58 -14.00 6.88 -8.20
CA PRO B 58 -13.35 7.78 -9.14
C PRO B 58 -13.75 9.25 -8.94
N CYS B 59 -14.70 9.48 -8.05
CA CYS B 59 -15.17 10.84 -7.77
C CYS B 59 -16.16 10.84 -6.62
N GLY B 60 -16.53 12.02 -6.15
CA GLY B 60 -17.47 12.13 -5.05
C GLY B 60 -17.64 13.56 -4.57
N VAL B 61 -18.61 13.77 -3.69
CA VAL B 61 -18.88 15.10 -3.15
C VAL B 61 -18.33 15.24 -1.73
N LEU B 62 -17.42 16.21 -1.55
CA LEU B 62 -16.82 16.44 -0.25
C LEU B 62 -17.57 17.52 0.52
N ASP B 63 -17.41 17.54 1.83
CA ASP B 63 -18.07 18.53 2.68
C ASP B 63 -17.05 19.44 3.35
N PRO B 64 -17.51 20.55 3.96
CA PRO B 64 -16.64 21.51 4.63
C PRO B 64 -15.75 20.85 5.67
N LYS B 65 -14.45 20.78 5.37
CA LYS B 65 -13.49 20.17 6.28
C LYS B 65 -13.79 18.69 6.51
N GLU B 66 -14.05 17.97 5.41
CA GLU B 66 -14.35 16.55 5.49
C GLU B 66 -13.22 15.72 4.88
N LYS B 67 -13.09 14.48 5.34
CA LYS B 67 -12.05 13.59 4.85
C LYS B 67 -12.66 12.33 4.25
N VAL B 68 -12.05 11.84 3.17
CA VAL B 68 -12.53 10.64 2.49
C VAL B 68 -11.36 9.80 1.96
N LEU B 69 -11.56 8.50 1.92
CA LEU B 69 -10.52 7.59 1.43
C LEU B 69 -10.73 7.25 -0.04
N MET B 70 -9.65 6.92 -0.73
CA MET B 70 -9.71 6.58 -2.14
C MET B 70 -8.90 5.32 -2.44
N ALA B 71 -9.35 4.54 -3.42
CA ALA B 71 -8.67 3.31 -3.80
C ALA B 71 -8.02 3.45 -5.18
N VAL B 72 -6.75 3.10 -5.27
CA VAL B 72 -6.02 3.17 -6.53
C VAL B 72 -5.56 1.80 -6.99
N SER B 73 -6.33 1.20 -7.90
CA SER B 73 -6.00 -0.12 -8.43
C SER B 73 -4.93 -0.02 -9.50
N CYS B 74 -3.84 -0.77 -9.32
CA CYS B 74 -2.74 -0.77 -10.28
C CYS B 74 -2.69 -2.07 -11.06
N ASP B 75 -2.26 -2.00 -12.31
CA ASP B 75 -2.16 -3.18 -13.16
C ASP B 75 -0.71 -3.67 -13.24
N THR B 76 -0.55 -4.98 -13.26
CA THR B 76 0.78 -5.58 -13.34
C THR B 76 1.54 -5.07 -14.55
N PHE B 77 2.86 -4.99 -14.42
CA PHE B 77 3.71 -4.52 -15.50
C PHE B 77 5.17 -4.95 -15.28
N ASN B 78 6.08 -4.32 -16.02
CA ASN B 78 7.50 -4.63 -15.90
C ASN B 78 8.32 -3.38 -15.62
N ALA B 79 8.89 -3.30 -14.43
CA ALA B 79 9.71 -2.16 -14.04
C ALA B 79 11.19 -2.42 -14.25
N ALA B 80 11.49 -3.39 -15.11
CA ALA B 80 12.88 -3.74 -15.41
C ALA B 80 13.30 -3.27 -16.79
N THR B 81 12.31 -3.08 -17.67
CA THR B 81 12.58 -2.64 -19.03
C THR B 81 11.57 -1.61 -19.50
N GLU B 82 11.21 -0.69 -18.60
CA GLU B 82 10.25 0.36 -18.91
C GLU B 82 10.52 1.61 -18.09
N ASP B 83 10.28 2.78 -18.67
CA ASP B 83 10.50 4.04 -17.99
C ASP B 83 9.60 4.15 -16.76
N LEU B 84 10.10 4.83 -15.73
CA LEU B 84 9.34 5.01 -14.49
C LEU B 84 9.34 6.48 -14.07
N ASN B 85 8.75 7.32 -14.90
CA ASN B 85 8.68 8.76 -14.61
C ASN B 85 7.56 9.42 -15.40
N ASN B 86 6.54 8.64 -15.74
CA ASN B 86 5.40 9.16 -16.50
C ASN B 86 4.07 8.81 -15.83
N ASP B 87 4.11 8.21 -14.65
CA ASP B 87 2.90 7.84 -13.94
C ASP B 87 2.58 8.87 -12.86
N ARG B 88 1.49 9.62 -13.06
CA ARG B 88 1.08 10.64 -12.11
C ARG B 88 -0.44 10.75 -12.03
N ILE B 89 -0.96 10.78 -10.82
CA ILE B 89 -2.41 10.89 -10.61
C ILE B 89 -2.80 12.36 -10.41
N THR B 90 -3.82 12.78 -11.14
CA THR B 90 -4.30 14.16 -11.04
C THR B 90 -5.62 14.24 -10.30
N ILE B 91 -5.67 15.07 -9.26
CA ILE B 91 -6.88 15.24 -8.47
C ILE B 91 -7.43 16.65 -8.60
N GLU B 92 -8.63 16.77 -9.15
CA GLU B 92 -9.26 18.06 -9.34
C GLU B 92 -10.56 18.16 -8.55
N TRP B 93 -11.01 19.38 -8.30
CA TRP B 93 -12.24 19.61 -7.55
C TRP B 93 -12.83 20.98 -7.89
N THR B 94 -14.13 20.99 -8.20
CA THR B 94 -14.81 22.24 -8.55
C THR B 94 -16.07 22.42 -7.72
N ASN B 95 -16.33 23.65 -7.30
CA ASN B 95 -17.51 23.95 -6.50
C ASN B 95 -18.78 23.45 -7.18
N THR B 96 -19.67 22.86 -6.39
CA THR B 96 -20.93 22.34 -6.92
C THR B 96 -21.95 23.45 -7.09
N PRO B 97 -22.86 23.32 -8.07
CA PRO B 97 -23.90 24.32 -8.33
C PRO B 97 -24.71 24.65 -7.07
N ASP B 98 -25.43 25.76 -7.12
CA ASP B 98 -26.25 26.18 -5.99
C ASP B 98 -27.13 25.04 -5.49
N GLY B 99 -26.80 24.49 -4.33
CA GLY B 99 -27.58 23.41 -3.77
C GLY B 99 -27.76 22.26 -4.75
N ALA B 100 -26.65 21.85 -5.38
CA ALA B 100 -26.69 20.76 -6.34
C ALA B 100 -27.08 19.44 -5.68
N ALA B 101 -27.29 18.41 -6.49
CA ALA B 101 -27.67 17.10 -5.99
C ALA B 101 -26.51 16.41 -5.29
N LYS B 102 -26.82 15.38 -4.53
CA LYS B 102 -25.80 14.63 -3.80
C LYS B 102 -25.26 13.49 -4.66
N GLN B 103 -24.52 13.87 -5.69
CA GLN B 103 -23.93 12.90 -6.60
C GLN B 103 -23.14 13.61 -7.70
N PHE B 104 -21.96 13.07 -8.02
CA PHE B 104 -21.11 13.65 -9.05
C PHE B 104 -21.87 13.80 -10.37
N ARG B 105 -21.51 14.81 -11.15
CA ARG B 105 -22.16 15.05 -12.43
C ARG B 105 -21.14 15.44 -13.49
N ARG B 106 -21.42 15.06 -14.74
CA ARG B 106 -20.52 15.37 -15.84
C ARG B 106 -20.56 16.86 -16.19
N GLU B 107 -21.61 17.54 -15.75
CA GLU B 107 -21.75 18.98 -16.02
C GLU B 107 -20.78 19.81 -15.21
N TRP B 108 -20.05 19.17 -14.29
CA TRP B 108 -19.09 19.87 -13.45
C TRP B 108 -17.71 19.96 -14.13
N PHE B 109 -17.66 19.66 -15.41
CA PHE B 109 -16.41 19.69 -16.17
C PHE B 109 -16.68 19.93 -17.65
N GLN B 110 -17.76 20.65 -17.94
CA GLN B 110 -18.12 20.94 -19.32
C GLN B 110 -17.94 22.42 -19.64
N GLY B 111 -18.03 23.26 -18.60
CA GLY B 111 -17.87 24.69 -18.80
C GLY B 111 -16.42 25.12 -18.81
N ASP B 112 -16.17 26.38 -19.16
CA ASP B 112 -14.83 26.92 -19.20
C ASP B 112 -14.49 27.64 -17.91
N GLY B 113 -13.23 27.56 -17.50
CA GLY B 113 -12.81 28.21 -16.27
C GLY B 113 -13.20 27.42 -15.04
N MET B 114 -12.81 27.90 -13.87
CA MET B 114 -13.12 27.22 -12.62
C MET B 114 -12.58 25.81 -12.61
N VAL B 115 -12.56 25.19 -11.44
CA VAL B 115 -12.06 23.83 -11.26
C VAL B 115 -10.54 23.82 -11.12
N ARG B 116 -10.07 23.38 -9.95
CA ARG B 116 -8.64 23.32 -9.68
C ARG B 116 -8.08 21.95 -10.05
N ARG B 117 -6.83 21.93 -10.51
CA ARG B 117 -6.18 20.68 -10.90
C ARG B 117 -4.89 20.46 -10.11
N LYS B 118 -4.71 19.25 -9.61
CA LYS B 118 -3.52 18.91 -8.85
C LYS B 118 -2.87 17.65 -9.40
N ASN B 119 -1.61 17.45 -9.06
CA ASN B 119 -0.86 16.28 -9.54
C ASN B 119 -0.15 15.59 -8.39
N LEU B 120 0.11 14.29 -8.56
CA LEU B 120 0.78 13.49 -7.55
C LEU B 120 1.69 12.45 -8.19
N PRO B 121 2.98 12.76 -8.35
CA PRO B 121 3.94 11.84 -8.97
C PRO B 121 3.94 10.46 -8.32
N ILE B 122 4.28 9.45 -9.12
CA ILE B 122 4.33 8.08 -8.64
C ILE B 122 5.76 7.58 -8.52
N GLU B 123 6.00 6.69 -7.57
CA GLU B 123 7.34 6.13 -7.35
C GLU B 123 7.29 4.62 -7.25
N TYR B 124 8.45 3.99 -7.38
CA TYR B 124 8.55 2.54 -7.32
C TYR B 124 9.64 2.10 -6.34
N ASN B 125 9.24 1.45 -5.26
CA ASN B 125 10.18 0.97 -4.26
C ASN B 125 10.39 -0.54 -4.39
N LEU B 126 11.24 -0.92 -5.34
CA LEU B 126 11.53 -2.33 -5.58
C LEU B 126 12.16 -2.98 -4.34
N ALA A 1 25.03 -32.44 9.69
CA ALA A 1 25.10 -31.48 10.82
C ALA A 1 26.46 -30.77 10.85
N GLN A 2 26.55 -29.66 10.14
CA GLN A 2 27.79 -28.88 10.08
C GLN A 2 27.49 -27.41 9.92
N SER A 3 26.83 -27.05 8.82
CA SER A 3 26.48 -25.66 8.54
C SER A 3 25.39 -25.58 7.49
N VAL A 4 25.77 -25.74 6.23
CA VAL A 4 24.83 -25.68 5.11
C VAL A 4 23.85 -24.51 5.24
N PRO A 5 24.09 -23.41 4.52
CA PRO A 5 23.22 -22.23 4.56
C PRO A 5 21.90 -22.46 3.82
N PRO A 6 20.75 -22.18 4.48
CA PRO A 6 19.43 -22.37 3.87
C PRO A 6 19.29 -21.62 2.55
N GLY A 7 18.64 -22.25 1.58
CA GLY A 7 18.45 -21.62 0.28
C GLY A 7 17.65 -20.34 0.37
N ASP A 8 18.14 -19.29 -0.28
CA ASP A 8 17.47 -18.00 -0.28
C ASP A 8 16.00 -18.16 -0.67
N ILE A 9 15.11 -17.60 0.15
CA ILE A 9 13.68 -17.68 -0.11
C ILE A 9 13.14 -16.36 -0.69
N ASN A 10 12.21 -16.47 -1.62
CA ASN A 10 11.62 -15.29 -2.24
C ASN A 10 10.61 -14.63 -1.31
N THR A 11 10.45 -13.32 -1.44
CA THR A 11 9.52 -12.57 -0.61
C THR A 11 8.84 -11.46 -1.40
N GLN A 12 7.60 -11.14 -1.02
CA GLN A 12 6.84 -10.10 -1.70
C GLN A 12 5.95 -9.35 -0.72
N PRO A 13 6.33 -8.11 -0.32
CA PRO A 13 7.54 -7.44 -0.80
C PRO A 13 8.82 -8.16 -0.37
N SER A 14 9.90 -7.89 -1.07
CA SER A 14 11.18 -8.52 -0.77
C SER A 14 12.18 -7.51 -0.20
N GLN A 15 11.92 -6.22 -0.41
CA GLN A 15 12.80 -5.17 0.08
C GLN A 15 12.20 -4.46 1.28
N LYS A 16 10.93 -4.09 1.17
CA LYS A 16 10.23 -3.41 2.26
C LYS A 16 8.74 -3.26 1.96
N ILE A 17 8.02 -2.63 2.88
CA ILE A 17 6.59 -2.41 2.72
C ILE A 17 6.20 -0.99 3.11
N VAL A 18 5.30 -0.40 2.32
CA VAL A 18 4.85 0.97 2.58
C VAL A 18 3.34 1.02 2.77
N PHE A 19 2.89 0.89 4.01
CA PHE A 19 1.46 0.93 4.31
C PHE A 19 0.86 2.25 3.89
N ASN A 20 0.16 2.24 2.76
CA ASN A 20 -0.47 3.45 2.23
C ASN A 20 -1.66 3.89 3.09
N ALA A 21 -1.76 5.19 3.32
CA ALA A 21 -2.85 5.75 4.11
C ALA A 21 -4.20 5.44 3.48
N PRO A 22 -5.32 5.65 4.21
CA PRO A 22 -5.32 6.19 5.57
C PRO A 22 -5.20 5.09 6.63
N TYR A 23 -4.88 5.49 7.84
CA TYR A 23 -4.74 4.57 8.95
C TYR A 23 -5.98 4.57 9.83
N ASP A 24 -7.15 4.49 9.21
CA ASP A 24 -8.40 4.48 9.94
C ASP A 24 -9.20 3.19 9.68
N ASP A 25 -8.62 2.29 8.89
CA ASP A 25 -9.29 1.02 8.57
C ASP A 25 -8.30 -0.13 8.58
N LYS A 26 -8.80 -1.33 8.88
CA LYS A 26 -7.96 -2.52 8.93
C LYS A 26 -7.37 -2.81 7.55
N HIS A 27 -6.04 -2.84 7.48
CA HIS A 27 -5.36 -3.11 6.21
C HIS A 27 -4.62 -4.44 6.26
N THR A 28 -5.23 -5.48 5.69
CA THR A 28 -4.63 -6.80 5.65
C THR A 28 -3.98 -7.06 4.31
N TYR A 29 -2.64 -7.11 4.30
CA TYR A 29 -1.89 -7.34 3.08
C TYR A 29 -1.60 -8.82 2.89
N HIS A 30 -1.23 -9.18 1.67
CA HIS A 30 -0.91 -10.57 1.35
C HIS A 30 0.54 -10.71 0.91
N ILE A 31 1.36 -11.33 1.75
CA ILE A 31 2.77 -11.52 1.44
C ILE A 31 3.00 -12.85 0.74
N LYS A 32 3.91 -12.86 -0.22
CA LYS A 32 4.22 -14.06 -0.98
C LYS A 32 5.64 -14.55 -0.69
N ILE A 33 5.76 -15.82 -0.35
CA ILE A 33 7.06 -16.42 -0.04
C ILE A 33 7.26 -17.70 -0.85
N THR A 34 8.52 -18.04 -1.10
CA THR A 34 8.84 -19.24 -1.87
C THR A 34 10.17 -19.85 -1.42
N ASN A 35 10.34 -21.13 -1.69
CA ASN A 35 11.57 -21.84 -1.32
C ASN A 35 12.45 -22.07 -2.54
N ALA A 36 13.07 -21.00 -3.01
CA ALA A 36 13.96 -21.08 -4.17
C ALA A 36 15.09 -22.09 -3.94
N GLY A 37 15.42 -22.30 -2.67
CA GLY A 37 16.48 -23.24 -2.34
C GLY A 37 16.27 -24.60 -2.98
N GLY A 38 15.18 -25.27 -2.62
CA GLY A 38 14.90 -26.57 -3.18
C GLY A 38 14.87 -27.66 -2.13
N ARG A 39 14.66 -27.28 -0.88
CA ARG A 39 14.62 -28.23 0.22
C ARG A 39 13.68 -27.74 1.33
N ARG A 40 13.22 -28.67 2.16
CA ARG A 40 12.33 -28.33 3.26
C ARG A 40 12.95 -27.27 4.16
N ILE A 41 12.12 -26.42 4.76
CA ILE A 41 12.61 -25.37 5.64
C ILE A 41 11.55 -24.96 6.66
N GLY A 42 11.97 -24.21 7.66
CA GLY A 42 11.05 -23.74 8.69
C GLY A 42 11.15 -22.25 8.91
N TRP A 43 10.21 -21.50 8.33
CA TRP A 43 10.21 -20.05 8.46
C TRP A 43 9.30 -19.59 9.59
N ALA A 44 9.57 -18.39 10.09
CA ALA A 44 8.79 -17.81 11.17
C ALA A 44 8.84 -16.29 11.12
N ILE A 45 7.67 -15.66 11.15
CA ILE A 45 7.58 -14.20 11.10
C ILE A 45 7.55 -13.59 12.49
N LYS A 46 8.21 -12.45 12.65
CA LYS A 46 8.25 -11.76 13.93
C LYS A 46 8.27 -10.25 13.72
N THR A 47 7.41 -9.55 14.47
CA THR A 47 7.33 -8.09 14.37
C THR A 47 7.74 -7.42 15.68
N THR A 48 8.19 -6.17 15.58
CA THR A 48 8.61 -5.42 16.74
C THR A 48 7.44 -5.14 17.67
N ASN A 49 6.26 -4.93 17.09
CA ASN A 49 5.05 -4.66 17.87
C ASN A 49 3.96 -5.66 17.52
N MET A 50 3.62 -6.51 18.50
CA MET A 50 2.58 -7.52 18.29
C MET A 50 1.24 -7.05 18.84
N ARG A 51 1.09 -5.73 18.98
CA ARG A 51 -0.15 -5.16 19.50
C ARG A 51 -1.05 -4.71 18.35
N ARG A 52 -0.45 -4.01 17.38
CA ARG A 52 -1.20 -3.52 16.22
C ARG A 52 -0.87 -4.34 14.98
N LEU A 53 0.38 -4.82 14.90
CA LEU A 53 0.83 -5.61 13.77
C LEU A 53 0.72 -7.10 14.09
N SER A 54 0.14 -7.86 13.17
CA SER A 54 -0.02 -9.29 13.35
C SER A 54 0.09 -10.03 12.02
N VAL A 55 0.22 -11.36 12.10
CA VAL A 55 0.33 -12.18 10.90
C VAL A 55 -0.21 -13.58 11.15
N ASP A 56 -0.52 -14.27 10.07
CA ASP A 56 -1.05 -15.63 10.15
C ASP A 56 -0.99 -16.31 8.78
N PRO A 57 -0.36 -17.51 8.68
CA PRO A 57 0.28 -18.20 9.81
C PRO A 57 1.62 -17.56 10.20
N PRO A 58 1.94 -17.51 11.50
CA PRO A 58 3.18 -16.92 12.00
C PRO A 58 4.39 -17.85 11.83
N CYS A 59 4.17 -19.01 11.20
CA CYS A 59 5.25 -19.97 10.99
C CYS A 59 4.74 -21.19 10.23
N GLY A 60 5.66 -21.92 9.59
CA GLY A 60 5.29 -23.09 8.84
C GLY A 60 6.46 -23.72 8.12
N VAL A 61 6.29 -24.96 7.67
CA VAL A 61 7.34 -25.68 6.97
C VAL A 61 7.10 -25.64 5.45
N LEU A 62 8.03 -25.03 4.73
CA LEU A 62 7.93 -24.93 3.28
C LEU A 62 8.61 -26.11 2.60
N ASP A 63 8.24 -26.35 1.34
CA ASP A 63 8.81 -27.45 0.57
C ASP A 63 9.74 -26.92 -0.52
N PRO A 64 10.35 -27.83 -1.29
CA PRO A 64 11.27 -27.46 -2.38
C PRO A 64 10.57 -26.72 -3.52
N LYS A 65 10.80 -25.41 -3.58
CA LYS A 65 10.20 -24.58 -4.62
C LYS A 65 8.70 -24.39 -4.39
N GLU A 66 8.27 -24.56 -3.15
CA GLU A 66 6.87 -24.40 -2.80
C GLU A 66 6.55 -22.94 -2.48
N LYS A 67 5.31 -22.54 -2.74
CA LYS A 67 4.88 -21.17 -2.49
C LYS A 67 3.78 -21.12 -1.43
N VAL A 68 3.94 -20.24 -0.46
CA VAL A 68 2.96 -20.08 0.61
C VAL A 68 2.45 -18.65 0.70
N LEU A 69 1.17 -18.49 1.00
CA LEU A 69 0.57 -17.17 1.11
C LEU A 69 0.19 -16.86 2.54
N MET A 70 0.67 -15.72 3.06
CA MET A 70 0.38 -15.31 4.42
C MET A 70 -0.26 -13.94 4.44
N ALA A 71 -0.80 -13.56 5.60
CA ALA A 71 -1.47 -12.28 5.76
C ALA A 71 -0.89 -11.49 6.93
N VAL A 72 -0.70 -10.19 6.72
CA VAL A 72 -0.17 -9.32 7.75
C VAL A 72 -1.21 -8.28 8.16
N SER A 73 -1.93 -8.56 9.23
CA SER A 73 -2.97 -7.65 9.72
C SER A 73 -2.37 -6.33 10.21
N CYS A 74 -3.08 -5.25 9.98
CA CYS A 74 -2.62 -3.92 10.40
C CYS A 74 -3.78 -3.11 10.98
N ASP A 75 -4.10 -3.35 12.24
CA ASP A 75 -5.18 -2.65 12.92
C ASP A 75 -5.03 -1.13 12.75
N THR A 76 -6.15 -0.43 12.82
CA THR A 76 -6.15 1.02 12.68
C THR A 76 -5.43 1.68 13.85
N PHE A 77 -4.40 2.46 13.53
CA PHE A 77 -3.64 3.15 14.56
C PHE A 77 -3.47 4.63 14.22
N ASN A 78 -2.79 5.36 15.09
CA ASN A 78 -2.55 6.78 14.88
C ASN A 78 -1.08 7.07 14.65
N ALA A 79 -0.77 7.76 13.55
CA ALA A 79 0.59 8.10 13.21
C ALA A 79 1.01 9.45 13.80
N ALA A 80 0.26 9.91 14.80
CA ALA A 80 0.56 11.18 15.45
C ALA A 80 1.34 10.97 16.74
N THR A 81 1.12 9.83 17.37
CA THR A 81 1.80 9.51 18.62
C THR A 81 2.30 8.07 18.63
N GLU A 82 2.86 7.63 17.51
CA GLU A 82 3.37 6.27 17.38
C GLU A 82 4.64 6.26 16.54
N ASP A 83 5.66 5.55 17.03
CA ASP A 83 6.93 5.45 16.32
C ASP A 83 6.73 5.00 14.88
N LEU A 84 7.40 5.68 13.96
CA LEU A 84 7.29 5.35 12.54
C LEU A 84 8.66 5.01 11.95
N ASN A 85 9.60 4.63 12.82
CA ASN A 85 10.94 4.27 12.37
C ASN A 85 11.51 3.13 13.21
N ASN A 86 10.61 2.37 13.85
CA ASN A 86 11.03 1.24 14.68
C ASN A 86 10.23 -0.01 14.37
N ASP A 87 9.36 0.05 13.36
CA ASP A 87 8.55 -1.10 12.98
C ASP A 87 9.19 -1.84 11.81
N ARG A 88 9.54 -3.11 12.04
CA ARG A 88 10.17 -3.92 11.01
C ARG A 88 9.89 -5.40 11.22
N ILE A 89 9.50 -6.09 10.16
CA ILE A 89 9.21 -7.52 10.22
C ILE A 89 10.49 -8.33 10.05
N THR A 90 10.44 -9.61 10.40
CA THR A 90 11.60 -10.48 10.28
C THR A 90 11.21 -11.88 9.85
N ILE A 91 11.75 -12.33 8.73
CA ILE A 91 11.46 -13.66 8.22
C ILE A 91 12.67 -14.58 8.38
N GLU A 92 12.72 -15.29 9.51
CA GLU A 92 13.82 -16.20 9.78
C GLU A 92 13.44 -17.65 9.46
N TRP A 93 14.21 -18.28 8.59
CA TRP A 93 13.95 -19.66 8.20
C TRP A 93 15.23 -20.48 8.20
N THR A 94 15.12 -21.75 8.61
CA THR A 94 16.27 -22.64 8.68
C THR A 94 15.90 -24.03 8.20
N ASN A 95 16.77 -24.63 7.40
CA ASN A 95 16.52 -25.98 6.88
C ASN A 95 16.15 -26.93 8.01
N THR A 96 15.26 -27.88 7.71
CA THR A 96 14.82 -28.85 8.69
C THR A 96 15.79 -30.02 8.79
N PRO A 97 16.07 -30.50 10.02
CA PRO A 97 17.00 -31.62 10.23
C PRO A 97 16.42 -32.95 9.77
N ASP A 98 17.30 -33.92 9.57
CA ASP A 98 16.88 -35.25 9.12
C ASP A 98 15.73 -35.78 9.96
N GLY A 99 14.67 -36.22 9.30
CA GLY A 99 13.52 -36.75 10.01
C GLY A 99 12.86 -35.73 10.91
N ALA A 100 12.81 -34.49 10.45
CA ALA A 100 12.21 -33.41 11.22
C ALA A 100 10.70 -33.55 11.27
N ALA A 101 10.12 -33.39 12.46
CA ALA A 101 8.68 -33.50 12.63
C ALA A 101 7.94 -32.58 11.69
N LYS A 102 6.64 -32.83 11.53
CA LYS A 102 5.81 -32.04 10.65
C LYS A 102 5.18 -30.88 11.42
N GLN A 103 6.02 -29.92 11.79
CA GLN A 103 5.57 -28.75 12.53
C GLN A 103 6.75 -27.87 12.91
N PHE A 104 6.53 -26.55 12.92
CA PHE A 104 7.57 -25.60 13.27
C PHE A 104 8.13 -25.88 14.65
N ARG A 105 9.41 -26.24 14.71
CA ARG A 105 10.08 -26.53 15.97
C ARG A 105 11.02 -25.40 16.36
N ARG A 106 11.26 -25.26 17.66
CA ARG A 106 12.13 -24.22 18.17
C ARG A 106 13.58 -24.68 18.19
N GLU A 107 13.78 -25.99 18.31
CA GLU A 107 15.11 -26.57 18.34
C GLU A 107 15.87 -26.27 17.05
N TRP A 108 15.13 -26.21 15.95
CA TRP A 108 15.73 -25.94 14.65
C TRP A 108 16.56 -24.65 14.69
N PHE A 109 16.14 -23.71 15.52
CA PHE A 109 16.84 -22.44 15.66
C PHE A 109 17.94 -22.53 16.70
N GLN A 110 17.73 -23.35 17.72
CA GLN A 110 18.71 -23.54 18.78
C GLN A 110 19.45 -24.86 18.62
N GLY A 111 19.72 -25.23 17.37
CA GLY A 111 20.42 -26.47 17.10
C GLY A 111 21.57 -26.29 16.13
N ASP A 112 21.81 -27.31 15.30
CA ASP A 112 22.88 -27.26 14.32
C ASP A 112 22.39 -26.69 13.00
N GLY A 113 23.30 -26.11 12.22
CA GLY A 113 22.94 -25.53 10.94
C GLY A 113 23.05 -24.03 10.94
N MET A 114 22.62 -23.41 9.85
CA MET A 114 22.67 -21.96 9.71
C MET A 114 21.26 -21.38 9.55
N VAL A 115 20.97 -20.33 10.31
CA VAL A 115 19.66 -19.69 10.25
C VAL A 115 19.74 -18.35 9.52
N ARG A 116 18.92 -18.19 8.49
CA ARG A 116 18.89 -16.96 7.71
C ARG A 116 17.77 -16.05 8.19
N ARG A 117 18.14 -14.96 8.86
CA ARG A 117 17.16 -14.02 9.38
C ARG A 117 17.10 -12.76 8.52
N LYS A 118 15.94 -12.55 7.89
CA LYS A 118 15.75 -11.38 7.03
C LYS A 118 14.91 -10.32 7.76
N ASN A 119 15.04 -9.08 7.31
CA ASN A 119 14.29 -7.98 7.93
C ASN A 119 13.80 -6.98 6.89
N LEU A 120 12.50 -6.72 6.91
CA LEU A 120 11.89 -5.78 5.97
C LEU A 120 11.37 -4.55 6.71
N PRO A 121 11.96 -3.36 6.46
CA PRO A 121 11.53 -2.12 7.13
C PRO A 121 10.12 -1.69 6.74
N ILE A 122 9.41 -1.10 7.69
CA ILE A 122 8.04 -0.64 7.45
C ILE A 122 8.03 0.83 7.08
N GLU A 123 7.03 1.23 6.29
CA GLU A 123 6.92 2.61 5.86
C GLU A 123 5.47 3.09 5.96
N TYR A 124 5.30 4.41 6.07
CA TYR A 124 3.96 4.99 6.17
C TYR A 124 3.76 6.09 5.13
N ASN A 125 3.00 5.78 4.09
CA ASN A 125 2.73 6.74 3.03
C ASN A 125 1.54 7.61 3.39
N LEU A 126 1.78 8.60 4.25
CA LEU A 126 0.73 9.51 4.68
C LEU A 126 0.34 10.47 3.55
N ALA B 1 -15.58 37.71 -10.28
CA ALA B 1 -14.88 37.19 -11.48
C ALA B 1 -13.58 37.96 -11.74
N GLN B 2 -12.50 37.50 -11.11
CA GLN B 2 -11.20 38.14 -11.27
C GLN B 2 -10.08 37.12 -11.18
N SER B 3 -9.99 36.43 -10.05
CA SER B 3 -8.96 35.43 -9.85
C SER B 3 -9.32 34.52 -8.68
N VAL B 4 -9.09 35.01 -7.45
CA VAL B 4 -9.38 34.26 -6.24
C VAL B 4 -8.92 32.80 -6.34
N PRO B 5 -7.78 32.47 -5.73
CA PRO B 5 -7.24 31.10 -5.76
C PRO B 5 -8.03 30.15 -4.85
N PRO B 6 -8.47 29.00 -5.38
CA PRO B 6 -9.23 28.01 -4.60
C PRO B 6 -8.50 27.58 -3.34
N GLY B 7 -9.25 27.42 -2.25
CA GLY B 7 -8.65 27.02 -0.99
C GLY B 7 -7.99 25.66 -1.08
N ASP B 8 -6.77 25.56 -0.57
CA ASP B 8 -6.02 24.30 -0.60
C ASP B 8 -6.86 23.17 -0.02
N ILE B 9 -6.96 22.07 -0.76
CA ILE B 9 -7.74 20.92 -0.32
C ILE B 9 -6.83 19.81 0.21
N ASN B 10 -7.29 19.13 1.25
CA ASN B 10 -6.53 18.04 1.86
C ASN B 10 -6.62 16.78 1.01
N THR B 11 -5.57 15.97 1.06
CA THR B 11 -5.52 14.72 0.29
C THR B 11 -4.84 13.61 1.07
N GLN B 12 -5.25 12.37 0.83
CA GLN B 12 -4.68 11.22 1.51
C GLN B 12 -4.64 10.00 0.58
N PRO B 13 -3.45 9.64 0.06
CA PRO B 13 -2.19 10.35 0.32
C PRO B 13 -2.21 11.78 -0.19
N SER B 14 -1.31 12.60 0.34
CA SER B 14 -1.22 14.00 -0.07
C SER B 14 0.08 14.27 -0.83
N GLN B 15 1.06 13.38 -0.68
CA GLN B 15 2.35 13.54 -1.35
C GLN B 15 2.47 12.58 -2.53
N LYS B 16 2.13 11.31 -2.30
CA LYS B 16 2.22 10.29 -3.33
C LYS B 16 1.60 8.97 -2.86
N ILE B 17 1.65 7.97 -3.74
CA ILE B 17 1.10 6.65 -3.43
C ILE B 17 2.06 5.54 -3.87
N VAL B 18 2.19 4.52 -3.03
CA VAL B 18 3.07 3.40 -3.33
C VAL B 18 2.31 2.08 -3.33
N PHE B 19 1.80 1.69 -4.50
CA PHE B 19 1.06 0.45 -4.63
C PHE B 19 1.92 -0.74 -4.24
N ASN B 20 1.69 -1.26 -3.04
CA ASN B 20 2.46 -2.40 -2.53
C ASN B 20 2.10 -3.68 -3.27
N ALA B 21 3.12 -4.47 -3.57
CA ALA B 21 2.93 -5.74 -4.26
C ALA B 21 2.04 -6.68 -3.45
N PRO B 22 1.55 -7.79 -4.05
CA PRO B 22 1.82 -8.16 -5.44
C PRO B 22 0.82 -7.55 -6.41
N TYR B 23 1.17 -7.57 -7.69
CA TYR B 23 0.32 -7.03 -8.74
C TYR B 23 -0.44 -8.13 -9.46
N ASP B 24 -1.03 -9.03 -8.69
CA ASP B 24 -1.79 -10.14 -9.26
C ASP B 24 -3.25 -10.11 -8.81
N ASP B 25 -3.62 -9.10 -8.02
CA ASP B 25 -4.99 -8.97 -7.53
C ASP B 25 -5.46 -7.52 -7.58
N LYS B 26 -6.76 -7.32 -7.73
CA LYS B 26 -7.34 -5.98 -7.78
C LYS B 26 -7.11 -5.25 -6.47
N HIS B 27 -6.43 -4.11 -6.56
CA HIS B 27 -6.14 -3.31 -5.37
C HIS B 27 -6.89 -1.98 -5.41
N THR B 28 -8.00 -1.92 -4.68
CA THR B 28 -8.81 -0.70 -4.62
C THR B 28 -8.52 0.08 -3.35
N TYR B 29 -7.86 1.24 -3.51
CA TYR B 29 -7.51 2.08 -2.37
C TYR B 29 -8.58 3.12 -2.11
N HIS B 30 -8.53 3.70 -0.92
CA HIS B 30 -9.50 4.72 -0.53
C HIS B 30 -8.81 6.06 -0.26
N ILE B 31 -9.02 7.01 -1.14
CA ILE B 31 -8.41 8.33 -1.00
C ILE B 31 -9.32 9.27 -0.22
N LYS B 32 -8.73 10.11 0.61
CA LYS B 32 -9.48 11.06 1.42
C LYS B 32 -9.19 12.49 0.99
N ILE B 33 -10.25 13.25 0.74
CA ILE B 33 -10.13 14.64 0.33
C ILE B 33 -11.00 15.55 1.19
N THR B 34 -10.60 16.81 1.33
CA THR B 34 -11.35 17.76 2.13
C THR B 34 -11.22 19.17 1.58
N ASN B 35 -12.19 20.02 1.92
CA ASN B 35 -12.20 21.41 1.45
C ASN B 35 -11.77 22.36 2.57
N ALA B 36 -10.49 22.36 2.87
CA ALA B 36 -9.95 23.21 3.92
C ALA B 36 -10.24 24.69 3.63
N GLY B 37 -10.41 25.00 2.35
CA GLY B 37 -10.70 26.38 1.97
C GLY B 37 -11.87 26.96 2.74
N GLY B 38 -13.05 26.37 2.57
CA GLY B 38 -14.23 26.86 3.25
C GLY B 38 -15.30 27.35 2.29
N ARG B 39 -15.23 26.88 1.05
CA ARG B 39 -16.21 27.27 0.04
C ARG B 39 -16.42 26.16 -0.98
N ARG B 40 -17.55 26.21 -1.68
CA ARG B 40 -17.87 25.20 -2.68
C ARG B 40 -16.77 25.12 -3.73
N ILE B 41 -16.57 23.92 -4.28
CA ILE B 41 -15.54 23.72 -5.30
C ILE B 41 -15.88 22.55 -6.21
N GLY B 42 -15.15 22.43 -7.32
CA GLY B 42 -15.37 21.36 -8.25
C GLY B 42 -14.08 20.63 -8.59
N TRP B 43 -13.86 19.48 -7.97
CA TRP B 43 -12.65 18.71 -8.19
C TRP B 43 -12.88 17.61 -9.24
N ALA B 44 -11.79 17.17 -9.86
CA ALA B 44 -11.86 16.13 -10.88
C ALA B 44 -10.53 15.37 -10.94
N ILE B 45 -10.61 14.04 -10.89
CA ILE B 45 -9.42 13.21 -10.94
C ILE B 45 -9.10 12.76 -12.36
N LYS B 46 -7.82 12.71 -12.69
CA LYS B 46 -7.37 12.30 -14.01
C LYS B 46 -6.07 11.52 -13.92
N THR B 47 -6.01 10.39 -14.62
CA THR B 47 -4.81 9.55 -14.61
C THR B 47 -4.20 9.46 -16.01
N THR B 48 -2.90 9.18 -16.05
CA THR B 48 -2.19 9.07 -17.32
C THR B 48 -2.69 7.87 -18.12
N ASN B 49 -3.05 6.80 -17.41
CA ASN B 49 -3.55 5.58 -18.05
C ASN B 49 -4.91 5.21 -17.51
N MET B 50 -5.93 5.31 -18.36
CA MET B 50 -7.30 4.98 -17.96
C MET B 50 -7.67 3.56 -18.38
N ARG B 51 -6.65 2.72 -18.59
CA ARG B 51 -6.88 1.34 -18.98
C ARG B 51 -6.82 0.42 -17.77
N ARG B 52 -5.80 0.61 -16.94
CA ARG B 52 -5.62 -0.21 -15.75
C ARG B 52 -5.98 0.60 -14.49
N LEU B 53 -5.72 1.90 -14.54
CA LEU B 53 -6.02 2.77 -13.41
C LEU B 53 -7.37 3.45 -13.60
N SER B 54 -8.19 3.42 -12.56
CA SER B 54 -9.52 4.03 -12.62
C SER B 54 -9.91 4.59 -11.25
N VAL B 55 -10.97 5.41 -11.24
CA VAL B 55 -11.46 6.01 -10.00
C VAL B 55 -12.95 6.29 -10.08
N ASP B 56 -13.56 6.46 -8.92
CA ASP B 56 -14.98 6.74 -8.83
C ASP B 56 -15.36 7.23 -7.43
N PRO B 57 -16.02 8.40 -7.32
CA PRO B 57 -16.42 9.23 -8.47
C PRO B 57 -15.24 9.99 -9.06
N PRO B 58 -15.20 10.15 -10.39
CA PRO B 58 -14.11 10.87 -11.08
C PRO B 58 -14.26 12.39 -10.99
N CYS B 59 -15.26 12.85 -10.25
CA CYS B 59 -15.49 14.29 -10.10
C CYS B 59 -16.69 14.56 -9.20
N GLY B 60 -16.73 15.76 -8.62
CA GLY B 60 -17.83 16.12 -7.75
C GLY B 60 -17.66 17.49 -7.12
N VAL B 61 -18.73 18.03 -6.56
CA VAL B 61 -18.70 19.34 -5.93
C VAL B 61 -18.60 19.21 -4.42
N LEU B 62 -17.50 19.72 -3.86
CA LEU B 62 -17.29 19.67 -2.42
C LEU B 62 -17.85 20.91 -1.74
N ASP B 63 -18.06 20.81 -0.43
CA ASP B 63 -18.60 21.92 0.34
C ASP B 63 -17.54 22.50 1.27
N PRO B 64 -17.89 23.56 2.03
CA PRO B 64 -16.96 24.20 2.96
C PRO B 64 -16.55 23.29 4.11
N LYS B 65 -15.32 22.79 4.06
CA LYS B 65 -14.79 21.92 5.10
C LYS B 65 -15.44 20.54 5.03
N GLU B 66 -15.97 20.18 3.87
CA GLU B 66 -16.61 18.89 3.68
C GLU B 66 -15.58 17.82 3.29
N LYS B 67 -15.85 16.58 3.68
CA LYS B 67 -14.95 15.48 3.37
C LYS B 67 -15.62 14.45 2.46
N VAL B 68 -14.92 14.06 1.40
CA VAL B 68 -15.44 13.08 0.46
C VAL B 68 -14.49 11.89 0.33
N LEU B 69 -15.06 10.70 0.17
CA LEU B 69 -14.27 9.49 0.03
C LEU B 69 -14.40 8.90 -1.37
N MET B 70 -13.26 8.68 -2.01
CA MET B 70 -13.23 8.13 -3.36
C MET B 70 -12.42 6.85 -3.41
N ALA B 71 -12.52 6.13 -4.51
CA ALA B 71 -11.81 4.87 -4.69
C ALA B 71 -10.99 4.86 -5.97
N VAL B 72 -9.76 4.35 -5.88
CA VAL B 72 -8.88 4.27 -7.05
C VAL B 72 -8.60 2.82 -7.40
N SER B 73 -9.36 2.28 -8.35
CA SER B 73 -9.18 0.90 -8.78
C SER B 73 -7.83 0.69 -9.44
N CYS B 74 -7.25 -0.49 -9.21
CA CYS B 74 -5.95 -0.83 -9.78
C CYS B 74 -5.93 -2.27 -10.27
N ASP B 75 -6.46 -2.49 -11.47
CA ASP B 75 -6.51 -3.82 -12.05
C ASP B 75 -5.14 -4.49 -12.03
N THR B 76 -5.14 -5.82 -12.01
CA THR B 76 -3.90 -6.58 -11.98
C THR B 76 -3.12 -6.38 -13.27
N PHE B 77 -1.88 -5.92 -13.15
CA PHE B 77 -1.03 -5.69 -14.31
C PHE B 77 0.35 -6.31 -14.11
N ASN B 78 1.21 -6.17 -15.11
CA ASN B 78 2.56 -6.73 -15.04
C ASN B 78 3.59 -5.60 -15.01
N ALA B 79 4.47 -5.66 -14.02
CA ALA B 79 5.52 -4.65 -13.87
C ALA B 79 6.79 -5.05 -14.61
N ALA B 80 6.67 -5.99 -15.54
CA ALA B 80 7.81 -6.45 -16.32
C ALA B 80 7.88 -5.77 -17.67
N THR B 81 6.71 -5.39 -18.19
CA THR B 81 6.63 -4.72 -19.48
C THR B 81 5.68 -3.54 -19.44
N GLU B 82 5.75 -2.76 -18.36
CA GLU B 82 4.88 -1.60 -18.19
C GLU B 82 5.64 -0.46 -17.52
N ASP B 83 5.50 0.74 -18.08
CA ASP B 83 6.17 1.91 -17.53
C ASP B 83 5.87 2.07 -16.04
N LEU B 84 6.91 2.34 -15.26
CA LEU B 84 6.76 2.51 -13.81
C LEU B 84 7.25 3.88 -13.37
N ASN B 85 7.31 4.83 -14.31
CA ASN B 85 7.77 6.17 -14.01
C ASN B 85 6.98 7.20 -14.83
N ASN B 86 5.80 6.82 -15.29
CA ASN B 86 4.96 7.71 -16.08
C ASN B 86 3.52 7.72 -15.58
N ASP B 87 3.25 7.01 -14.48
CA ASP B 87 1.91 6.96 -13.91
C ASP B 87 1.76 7.98 -12.79
N ARG B 88 0.84 8.92 -12.96
CA ARG B 88 0.62 9.95 -11.95
C ARG B 88 -0.81 10.49 -12.02
N ILE B 89 -1.45 10.59 -10.85
CA ILE B 89 -2.81 11.10 -10.77
C ILE B 89 -2.81 12.62 -10.70
N THR B 90 -3.97 13.23 -10.95
CA THR B 90 -4.08 14.69 -10.90
C THR B 90 -5.42 15.12 -10.33
N ILE B 91 -5.37 15.89 -9.24
CA ILE B 91 -6.57 16.39 -8.59
C ILE B 91 -6.75 17.88 -8.83
N GLU B 92 -7.46 18.23 -9.89
CA GLU B 92 -7.69 19.63 -10.24
C GLU B 92 -9.07 20.08 -9.77
N TRP B 93 -9.09 21.13 -8.94
CA TRP B 93 -10.35 21.67 -8.43
C TRP B 93 -10.38 23.19 -8.54
N THR B 94 -11.55 23.73 -8.83
CA THR B 94 -11.71 25.18 -8.96
C THR B 94 -13.03 25.63 -8.34
N ASN B 95 -12.98 26.74 -7.60
CA ASN B 95 -14.18 27.28 -6.96
C ASN B 95 -15.33 27.39 -7.95
N THR B 96 -16.54 27.16 -7.48
CA THR B 96 -17.73 27.23 -8.33
C THR B 96 -18.22 28.68 -8.44
N PRO B 97 -18.64 29.09 -9.65
CA PRO B 97 -19.12 30.45 -9.90
C PRO B 97 -20.49 30.69 -9.27
N ASP B 98 -20.83 31.97 -9.10
CA ASP B 98 -22.11 32.34 -8.50
C ASP B 98 -23.26 31.59 -9.15
N GLY B 99 -24.11 30.99 -8.34
CA GLY B 99 -25.24 30.24 -8.85
C GLY B 99 -24.84 29.09 -9.74
N ALA B 100 -23.75 28.42 -9.38
CA ALA B 100 -23.26 27.28 -10.16
C ALA B 100 -24.17 26.08 -10.01
N ALA B 101 -24.49 25.43 -11.12
CA ALA B 101 -25.35 24.26 -11.12
C ALA B 101 -24.84 23.20 -10.16
N LYS B 102 -25.71 22.26 -9.82
CA LYS B 102 -25.34 21.18 -8.91
C LYS B 102 -24.79 19.99 -9.69
N GLN B 103 -23.60 20.17 -10.22
CA GLN B 103 -22.94 19.12 -11.00
C GLN B 103 -21.63 19.62 -11.59
N PHE B 104 -20.64 18.73 -11.67
CA PHE B 104 -19.33 19.09 -12.21
C PHE B 104 -19.46 19.63 -13.63
N ARG B 105 -19.10 20.90 -13.81
CA ARG B 105 -19.17 21.53 -15.12
C ARG B 105 -17.77 21.71 -15.72
N ARG B 106 -17.70 21.76 -17.04
CA ARG B 106 -16.42 21.92 -17.73
C ARG B 106 -16.07 23.39 -17.89
N GLU B 107 -17.10 24.23 -17.94
CA GLU B 107 -16.89 25.67 -18.09
C GLU B 107 -16.08 26.23 -16.92
N TRP B 108 -16.27 25.65 -15.74
CA TRP B 108 -15.55 26.09 -14.54
C TRP B 108 -14.05 26.11 -14.79
N PHE B 109 -13.58 25.20 -15.63
CA PHE B 109 -12.15 25.11 -15.95
C PHE B 109 -11.80 26.04 -17.11
N GLN B 110 -12.73 26.21 -18.03
CA GLN B 110 -12.52 27.07 -19.19
C GLN B 110 -13.23 28.40 -19.01
N GLY B 111 -13.23 28.91 -17.78
CA GLY B 111 -13.89 30.18 -17.51
C GLY B 111 -13.01 31.11 -16.69
N ASP B 112 -13.65 31.91 -15.83
CA ASP B 112 -12.92 32.85 -15.00
C ASP B 112 -12.52 32.21 -13.66
N GLY B 113 -11.47 32.74 -13.06
CA GLY B 113 -11.00 32.21 -11.79
C GLY B 113 -9.67 31.50 -11.92
N MET B 114 -9.23 30.88 -10.83
CA MET B 114 -7.96 30.16 -10.82
C MET B 114 -8.17 28.68 -10.52
N VAL B 115 -7.54 27.83 -11.32
CA VAL B 115 -7.67 26.38 -11.15
C VAL B 115 -6.40 25.79 -10.54
N ARG B 116 -6.56 25.07 -9.43
CA ARG B 116 -5.44 24.45 -8.75
C ARG B 116 -5.31 22.98 -9.16
N ARG B 117 -4.29 22.67 -9.96
CA ARG B 117 -4.07 21.31 -10.41
C ARG B 117 -2.93 20.65 -9.64
N LYS B 118 -3.25 19.60 -8.90
CA LYS B 118 -2.27 18.86 -8.13
C LYS B 118 -1.90 17.56 -8.82
N ASN B 119 -0.73 17.04 -8.49
CA ASN B 119 -0.26 15.79 -9.10
C ASN B 119 0.46 14.91 -8.08
N LEU B 120 0.00 13.67 -7.96
CA LEU B 120 0.60 12.72 -7.02
C LEU B 120 1.27 11.57 -7.79
N PRO B 121 2.61 11.45 -7.71
CA PRO B 121 3.35 10.40 -8.41
C PRO B 121 3.03 9.00 -7.88
N ILE B 122 3.03 8.03 -8.78
CA ILE B 122 2.74 6.65 -8.42
C ILE B 122 4.03 5.87 -8.15
N GLU B 123 3.95 4.87 -7.29
CA GLU B 123 5.11 4.06 -6.96
C GLU B 123 4.76 2.58 -6.91
N TYR B 124 5.76 1.73 -7.10
CA TYR B 124 5.56 0.28 -7.09
C TYR B 124 6.51 -0.40 -6.11
N ASN B 125 5.98 -0.81 -4.96
CA ASN B 125 6.78 -1.48 -3.95
C ASN B 125 6.87 -2.97 -4.23
N LEU B 126 7.71 -3.35 -5.18
CA LEU B 126 7.88 -4.75 -5.55
C LEU B 126 8.64 -5.51 -4.46
N ALA A 1 26.20 -37.12 10.30
CA ALA A 1 24.74 -37.03 10.04
C ALA A 1 24.24 -35.60 10.24
N GLN A 2 23.97 -34.92 9.14
CA GLN A 2 23.49 -33.54 9.19
C GLN A 2 22.55 -33.25 8.02
N SER A 3 21.68 -32.26 8.20
CA SER A 3 20.73 -31.88 7.17
C SER A 3 21.33 -30.86 6.22
N VAL A 4 20.65 -30.61 5.11
CA VAL A 4 21.12 -29.65 4.11
C VAL A 4 20.54 -28.26 4.37
N PRO A 5 21.20 -27.21 3.87
CA PRO A 5 20.74 -25.82 4.04
C PRO A 5 19.36 -25.59 3.43
N PRO A 6 18.56 -24.71 4.05
CA PRO A 6 17.20 -24.40 3.56
C PRO A 6 17.23 -23.62 2.25
N GLY A 7 16.27 -23.91 1.38
CA GLY A 7 16.20 -23.22 0.10
C GLY A 7 15.75 -21.78 0.25
N ASP A 8 16.54 -20.86 -0.30
CA ASP A 8 16.22 -19.44 -0.22
C ASP A 8 14.81 -19.17 -0.73
N ILE A 9 13.97 -18.59 0.12
CA ILE A 9 12.59 -18.28 -0.25
C ILE A 9 12.47 -16.85 -0.77
N ASN A 10 11.85 -16.69 -1.94
CA ASN A 10 11.67 -15.38 -2.54
C ASN A 10 10.69 -14.55 -1.72
N THR A 11 10.91 -13.24 -1.69
CA THR A 11 10.04 -12.34 -0.94
C THR A 11 9.81 -11.04 -1.70
N GLN A 12 8.57 -10.56 -1.67
CA GLN A 12 8.20 -9.33 -2.35
C GLN A 12 7.31 -8.45 -1.46
N PRO A 13 7.81 -7.28 -1.01
CA PRO A 13 9.16 -6.78 -1.32
C PRO A 13 10.26 -7.71 -0.77
N SER A 14 11.43 -7.65 -1.41
CA SER A 14 12.56 -8.48 -1.00
C SER A 14 13.06 -8.06 0.38
N GLN A 15 13.08 -6.76 0.63
CA GLN A 15 13.55 -6.23 1.91
C GLN A 15 13.38 -4.72 1.98
N LYS A 16 12.19 -4.24 1.63
CA LYS A 16 11.91 -2.81 1.66
C LYS A 16 10.42 -2.54 1.49
N ILE A 17 9.81 -1.92 2.50
CA ILE A 17 8.39 -1.60 2.47
C ILE A 17 8.13 -0.22 3.07
N VAL A 18 7.13 0.48 2.56
CA VAL A 18 6.80 1.80 3.05
C VAL A 18 5.29 2.01 3.16
N PHE A 19 4.76 1.87 4.38
CA PHE A 19 3.33 2.07 4.61
C PHE A 19 2.87 3.39 4.03
N ASN A 20 2.11 3.32 2.94
CA ASN A 20 1.60 4.53 2.29
C ASN A 20 0.45 5.14 3.06
N ALA A 21 0.46 6.46 3.20
CA ALA A 21 -0.60 7.17 3.90
C ALA A 21 -1.96 6.92 3.25
N PRO A 22 -3.07 7.29 3.93
CA PRO A 22 -3.05 7.91 5.26
C PRO A 22 -3.01 6.89 6.38
N TYR A 23 -2.61 7.34 7.57
CA TYR A 23 -2.54 6.47 8.74
C TYR A 23 -3.78 6.61 9.60
N ASP A 24 -4.91 6.93 8.96
CA ASP A 24 -6.17 7.09 9.68
C ASP A 24 -7.13 5.92 9.39
N ASP A 25 -6.64 4.90 8.70
CA ASP A 25 -7.46 3.74 8.37
C ASP A 25 -6.60 2.49 8.31
N LYS A 26 -7.19 1.35 8.68
CA LYS A 26 -6.48 0.07 8.65
C LYS A 26 -5.95 -0.22 7.25
N HIS A 27 -4.63 -0.32 7.16
CA HIS A 27 -3.98 -0.61 5.87
C HIS A 27 -3.29 -1.98 5.90
N THR A 28 -3.82 -2.92 5.12
CA THR A 28 -3.26 -4.25 5.07
C THR A 28 -2.44 -4.45 3.79
N TYR A 29 -1.13 -4.63 3.96
CA TYR A 29 -0.24 -4.83 2.82
C TYR A 29 0.00 -6.32 2.57
N HIS A 30 -0.32 -6.77 1.37
CA HIS A 30 -0.15 -8.16 1.00
C HIS A 30 1.30 -8.45 0.61
N ILE A 31 1.85 -9.53 1.16
CA ILE A 31 3.22 -9.92 0.87
C ILE A 31 3.27 -11.25 0.12
N LYS A 32 4.31 -11.45 -0.67
CA LYS A 32 4.46 -12.69 -1.43
C LYS A 32 5.65 -13.50 -0.93
N ILE A 33 5.41 -14.77 -0.64
CA ILE A 33 6.47 -15.66 -0.16
C ILE A 33 6.44 -16.97 -0.93
N THR A 34 7.62 -17.38 -1.42
CA THR A 34 7.72 -18.62 -2.18
C THR A 34 9.02 -19.36 -1.85
N ASN A 35 9.03 -20.66 -2.08
CA ASN A 35 10.20 -21.48 -1.83
C ASN A 35 10.96 -21.76 -3.12
N ALA A 36 12.17 -21.23 -3.22
CA ALA A 36 13.00 -21.43 -4.41
C ALA A 36 13.92 -22.62 -4.25
N GLY A 37 13.56 -23.52 -3.33
CA GLY A 37 14.38 -24.71 -3.11
C GLY A 37 13.72 -25.98 -3.64
N GLY A 38 13.84 -27.06 -2.89
CA GLY A 38 13.25 -28.32 -3.30
C GLY A 38 12.88 -29.20 -2.12
N ARG A 39 12.55 -28.56 -1.00
CA ARG A 39 12.17 -29.30 0.21
C ARG A 39 11.30 -28.44 1.12
N ARG A 40 10.40 -29.08 1.85
CA ARG A 40 9.51 -28.37 2.76
C ARG A 40 10.31 -27.52 3.75
N ILE A 41 9.65 -26.53 4.33
CA ILE A 41 10.31 -25.63 5.29
C ILE A 41 9.30 -25.02 6.27
N GLY A 42 9.84 -24.44 7.34
CA GLY A 42 8.99 -23.80 8.33
C GLY A 42 9.37 -22.35 8.54
N TRP A 43 8.52 -21.44 8.09
CA TRP A 43 8.79 -20.01 8.21
C TRP A 43 7.97 -19.37 9.32
N ALA A 44 8.41 -18.20 9.76
CA ALA A 44 7.72 -17.45 10.80
C ALA A 44 8.06 -15.97 10.70
N ILE A 45 7.15 -15.12 11.14
CA ILE A 45 7.36 -13.67 11.08
C ILE A 45 7.26 -13.03 12.46
N LYS A 46 8.13 -12.07 12.72
CA LYS A 46 8.15 -11.36 13.99
C LYS A 46 8.46 -9.88 13.78
N THR A 47 7.66 -9.02 14.39
CA THR A 47 7.85 -7.57 14.26
C THR A 47 8.24 -6.95 15.60
N THR A 48 8.93 -5.82 15.54
CA THR A 48 9.37 -5.12 16.75
C THR A 48 8.18 -4.77 17.62
N ASN A 49 7.06 -4.40 17.00
CA ASN A 49 5.85 -4.04 17.72
C ASN A 49 4.67 -4.88 17.26
N MET A 50 4.18 -5.75 18.14
CA MET A 50 3.05 -6.62 17.83
C MET A 50 1.76 -6.06 18.42
N ARG A 51 1.73 -4.75 18.67
CA ARG A 51 0.55 -4.11 19.24
C ARG A 51 -0.26 -3.43 18.14
N ARG A 52 0.43 -2.85 17.16
CA ARG A 52 -0.23 -2.17 16.06
C ARG A 52 -0.11 -2.97 14.77
N LEU A 53 1.01 -3.68 14.62
CA LEU A 53 1.25 -4.49 13.43
C LEU A 53 0.86 -5.95 13.68
N SER A 54 0.28 -6.58 12.66
CA SER A 54 -0.14 -7.97 12.77
C SER A 54 0.15 -8.74 11.48
N VAL A 55 0.75 -9.91 11.61
CA VAL A 55 1.08 -10.74 10.46
C VAL A 55 0.29 -12.04 10.47
N ASP A 56 -0.38 -12.34 9.36
CA ASP A 56 -1.16 -13.57 9.26
C ASP A 56 -1.12 -14.12 7.84
N PRO A 57 -0.81 -15.42 7.66
CA PRO A 57 -0.51 -16.34 8.77
C PRO A 57 0.85 -16.05 9.41
N PRO A 58 0.91 -16.00 10.75
CA PRO A 58 2.16 -15.73 11.47
C PRO A 58 3.27 -16.70 11.09
N CYS A 59 2.94 -17.98 11.05
CA CYS A 59 3.91 -19.02 10.70
C CYS A 59 3.23 -20.14 9.92
N GLY A 60 3.99 -20.80 9.04
CA GLY A 60 3.44 -21.87 8.25
C GLY A 60 4.51 -22.77 7.68
N VAL A 61 4.11 -23.70 6.80
CA VAL A 61 5.04 -24.63 6.18
C VAL A 61 4.97 -24.53 4.67
N LEU A 62 6.06 -24.08 4.05
CA LEU A 62 6.11 -23.93 2.60
C LEU A 62 6.58 -25.22 1.93
N ASP A 63 6.31 -25.34 0.64
CA ASP A 63 6.70 -26.53 -0.11
C ASP A 63 7.61 -26.15 -1.28
N PRO A 64 8.08 -27.15 -2.05
CA PRO A 64 8.97 -26.92 -3.18
C PRO A 64 8.31 -26.05 -4.26
N LYS A 65 8.78 -24.82 -4.40
CA LYS A 65 8.24 -23.90 -5.39
C LYS A 65 6.79 -23.56 -5.09
N GLU A 66 6.45 -23.49 -3.81
CA GLU A 66 5.08 -23.17 -3.41
C GLU A 66 4.93 -21.69 -3.11
N LYS A 67 3.73 -21.16 -3.31
CA LYS A 67 3.45 -19.75 -3.07
C LYS A 67 2.63 -19.57 -1.80
N VAL A 68 2.71 -18.38 -1.21
CA VAL A 68 1.97 -18.07 0.01
C VAL A 68 1.60 -16.60 0.07
N LEU A 69 0.45 -16.32 0.68
CA LEU A 69 -0.04 -14.95 0.81
C LEU A 69 -0.02 -14.50 2.27
N MET A 70 0.47 -13.29 2.51
CA MET A 70 0.53 -12.76 3.86
C MET A 70 -0.20 -11.42 3.97
N ALA A 71 -0.59 -11.07 5.19
CA ALA A 71 -1.30 -9.82 5.44
C ALA A 71 -0.68 -9.08 6.62
N VAL A 72 -0.27 -7.84 6.38
CA VAL A 72 0.34 -7.02 7.43
C VAL A 72 -0.59 -5.89 7.86
N SER A 73 -1.50 -6.19 8.78
CA SER A 73 -2.44 -5.20 9.28
C SER A 73 -1.72 -4.05 9.97
N CYS A 74 -2.08 -2.82 9.60
CA CYS A 74 -1.47 -1.63 10.19
C CYS A 74 -2.53 -0.73 10.81
N ASP A 75 -2.85 -0.99 12.08
CA ASP A 75 -3.85 -0.20 12.79
C ASP A 75 -3.57 1.30 12.65
N THR A 76 -4.63 2.09 12.67
CA THR A 76 -4.50 3.54 12.53
C THR A 76 -3.72 4.12 13.71
N PHE A 77 -2.80 5.03 13.41
CA PHE A 77 -1.99 5.66 14.45
C PHE A 77 -1.68 7.12 14.09
N ASN A 78 -0.71 7.70 14.77
CA ASN A 78 -0.32 9.09 14.52
C ASN A 78 1.19 9.19 14.27
N ALA A 79 1.55 9.89 13.20
CA ALA A 79 2.95 10.07 12.84
C ALA A 79 3.48 11.43 13.33
N ALA A 80 2.79 12.01 14.29
CA ALA A 80 3.19 13.31 14.83
C ALA A 80 3.68 13.18 16.27
N THR A 81 3.03 12.30 17.04
CA THR A 81 3.39 12.09 18.43
C THR A 81 3.35 10.61 18.79
N GLU A 82 3.53 9.76 17.79
CA GLU A 82 3.51 8.31 18.01
C GLU A 82 4.17 7.59 16.84
N ASP A 83 4.55 6.34 17.06
CA ASP A 83 5.19 5.54 16.02
C ASP A 83 6.48 6.20 15.55
N LEU A 84 7.29 5.43 14.82
CA LEU A 84 8.57 5.91 14.28
C LEU A 84 9.66 5.77 15.33
N ASN A 85 9.81 4.55 15.85
CA ASN A 85 10.82 4.26 16.85
C ASN A 85 11.69 3.10 16.38
N ASN A 86 11.79 2.94 15.06
CA ASN A 86 12.58 1.87 14.45
C ASN A 86 11.77 0.57 14.41
N ASP A 87 11.16 0.33 13.25
CA ASP A 87 10.35 -0.88 13.07
C ASP A 87 10.89 -1.70 11.90
N ARG A 88 10.90 -3.02 12.07
CA ARG A 88 11.39 -3.92 11.03
C ARG A 88 10.93 -5.34 11.28
N ILE A 89 10.41 -5.99 10.24
CA ILE A 89 9.93 -7.36 10.34
C ILE A 89 11.10 -8.35 10.19
N THR A 90 10.85 -9.61 10.55
CA THR A 90 11.88 -10.64 10.44
C THR A 90 11.30 -11.95 9.96
N ILE A 91 11.76 -12.40 8.79
CA ILE A 91 11.28 -13.65 8.21
C ILE A 91 12.35 -14.74 8.29
N GLU A 92 12.19 -15.67 9.23
CA GLU A 92 13.14 -16.75 9.41
C GLU A 92 12.49 -18.09 9.09
N TRP A 93 13.25 -18.98 8.43
CA TRP A 93 12.74 -20.30 8.08
C TRP A 93 13.86 -21.32 8.04
N THR A 94 13.57 -22.53 8.51
CA THR A 94 14.55 -23.60 8.53
C THR A 94 13.96 -24.90 7.96
N ASN A 95 14.80 -25.69 7.31
CA ASN A 95 14.38 -26.95 6.73
C ASN A 95 13.64 -27.81 7.77
N THR A 96 12.56 -28.44 7.34
CA THR A 96 11.77 -29.28 8.23
C THR A 96 12.37 -30.68 8.33
N PRO A 97 12.31 -31.29 9.53
CA PRO A 97 12.85 -32.64 9.76
C PRO A 97 12.26 -33.65 8.79
N ASP A 98 12.95 -34.78 8.64
CA ASP A 98 12.48 -35.85 7.75
C ASP A 98 11.03 -36.20 8.05
N GLY A 99 10.18 -36.06 7.03
CA GLY A 99 8.78 -36.38 7.20
C GLY A 99 8.16 -35.64 8.37
N ALA A 100 8.49 -34.37 8.51
CA ALA A 100 7.97 -33.55 9.59
C ALA A 100 6.46 -33.38 9.48
N ALA A 101 5.83 -33.02 10.59
CA ALA A 101 4.38 -32.82 10.61
C ALA A 101 3.99 -31.54 9.90
N LYS A 102 2.71 -31.43 9.59
CA LYS A 102 2.18 -30.25 8.91
C LYS A 102 1.78 -29.19 9.91
N GLN A 103 2.78 -28.60 10.56
CA GLN A 103 2.55 -27.56 11.56
C GLN A 103 3.87 -26.96 12.03
N PHE A 104 3.91 -25.64 12.12
CA PHE A 104 5.12 -24.94 12.56
C PHE A 104 5.52 -25.39 13.96
N ARG A 105 6.83 -25.45 14.20
CA ARG A 105 7.35 -25.85 15.50
C ARG A 105 8.29 -24.79 16.06
N ARG A 106 8.38 -24.74 17.39
CA ARG A 106 9.24 -23.77 18.06
C ARG A 106 10.69 -24.23 18.07
N GLU A 107 10.89 -25.52 18.40
CA GLU A 107 12.23 -26.09 18.45
C GLU A 107 12.85 -26.18 17.06
N TRP A 108 12.04 -26.03 16.02
CA TRP A 108 12.53 -26.10 14.65
C TRP A 108 13.73 -25.18 14.45
N PHE A 109 13.83 -24.15 15.28
CA PHE A 109 14.93 -23.19 15.19
C PHE A 109 16.00 -23.50 16.22
N GLN A 110 15.59 -24.12 17.32
CA GLN A 110 16.52 -24.48 18.40
C GLN A 110 17.03 -25.91 18.21
N GLY A 111 16.98 -26.40 16.98
CA GLY A 111 17.44 -27.75 16.69
C GLY A 111 18.32 -27.81 15.46
N ASP A 112 17.69 -27.61 14.30
CA ASP A 112 18.40 -27.62 13.03
C ASP A 112 19.30 -26.40 12.92
N GLY A 113 20.60 -26.63 12.92
CA GLY A 113 21.55 -25.53 12.82
C GLY A 113 21.19 -24.54 11.73
N MET A 114 21.41 -24.94 10.48
CA MET A 114 21.11 -24.09 9.33
C MET A 114 19.76 -23.39 9.48
N VAL A 115 19.81 -22.08 9.69
CA VAL A 115 18.60 -21.29 9.85
C VAL A 115 18.72 -19.95 9.11
N ARG A 116 17.77 -19.68 8.22
CA ARG A 116 17.78 -18.45 7.45
C ARG A 116 17.06 -17.33 8.20
N ARG A 117 17.60 -16.12 8.11
CA ARG A 117 17.01 -14.97 8.76
C ARG A 117 16.92 -13.78 7.80
N LYS A 118 15.73 -13.19 7.72
CA LYS A 118 15.50 -12.05 6.84
C LYS A 118 14.92 -10.87 7.60
N ASN A 119 15.00 -9.70 7.00
CA ASN A 119 14.48 -8.48 7.62
C ASN A 119 13.87 -7.55 6.57
N LEU A 120 12.77 -6.90 6.93
CA LEU A 120 12.11 -5.97 6.03
C LEU A 120 11.88 -4.62 6.70
N PRO A 121 12.78 -3.66 6.46
CA PRO A 121 12.68 -2.31 7.03
C PRO A 121 11.38 -1.63 6.67
N ILE A 122 10.74 -1.00 7.65
CA ILE A 122 9.48 -0.29 7.43
C ILE A 122 9.70 1.20 7.21
N GLU A 123 8.89 1.78 6.35
CA GLU A 123 8.99 3.21 6.04
C GLU A 123 7.62 3.87 6.09
N TYR A 124 7.60 5.19 6.17
CA TYR A 124 6.35 5.94 6.22
C TYR A 124 6.30 7.01 5.13
N ASN A 125 5.23 6.98 4.33
CA ASN A 125 5.05 7.94 3.26
C ASN A 125 3.83 8.82 3.52
N LEU A 126 4.01 9.83 4.35
CA LEU A 126 2.93 10.75 4.69
C LEU A 126 2.43 11.48 3.45
N ALA B 1 -18.96 41.13 -10.90
CA ALA B 1 -19.62 39.87 -10.47
C ALA B 1 -18.70 38.66 -10.70
N GLN B 2 -18.11 38.16 -9.62
CA GLN B 2 -17.22 37.01 -9.71
C GLN B 2 -17.32 36.15 -8.45
N SER B 3 -16.97 34.87 -8.60
CA SER B 3 -17.01 33.94 -7.48
C SER B 3 -15.71 33.98 -6.68
N VAL B 4 -15.72 33.35 -5.52
CA VAL B 4 -14.54 33.30 -4.66
C VAL B 4 -13.70 32.05 -4.94
N PRO B 5 -12.41 32.09 -4.59
CA PRO B 5 -11.51 30.95 -4.81
C PRO B 5 -11.95 29.70 -4.04
N PRO B 6 -11.71 28.51 -4.61
CA PRO B 6 -12.09 27.24 -3.99
C PRO B 6 -11.24 26.93 -2.75
N GLY B 7 -11.88 26.34 -1.74
CA GLY B 7 -11.18 26.00 -0.52
C GLY B 7 -10.22 24.85 -0.70
N ASP B 8 -8.96 25.06 -0.33
CA ASP B 8 -7.94 24.04 -0.46
C ASP B 8 -8.39 22.74 0.21
N ILE B 9 -8.43 21.66 -0.58
CA ILE B 9 -8.84 20.36 -0.06
C ILE B 9 -7.63 19.53 0.37
N ASN B 10 -7.69 19.01 1.59
CA ASN B 10 -6.60 18.19 2.12
C ASN B 10 -6.51 16.87 1.37
N THR B 11 -5.29 16.36 1.22
CA THR B 11 -5.08 15.09 0.53
C THR B 11 -4.01 14.26 1.22
N GLN B 12 -4.25 12.96 1.31
CA GLN B 12 -3.32 12.04 1.95
C GLN B 12 -3.16 10.77 1.11
N PRO B 13 -1.96 10.53 0.52
CA PRO B 13 -0.80 11.43 0.63
C PRO B 13 -1.08 12.81 0.02
N SER B 14 -0.34 13.81 0.50
CA SER B 14 -0.50 15.17 0.01
C SER B 14 -0.06 15.28 -1.44
N GLN B 15 1.02 14.58 -1.79
CA GLN B 15 1.55 14.61 -3.15
C GLN B 15 2.73 13.65 -3.30
N LYS B 16 2.56 12.42 -2.84
CA LYS B 16 3.61 11.41 -2.93
C LYS B 16 3.08 10.03 -2.59
N ILE B 17 3.16 9.12 -3.56
CA ILE B 17 2.70 7.74 -3.37
C ILE B 17 3.66 6.77 -4.03
N VAL B 18 3.78 5.57 -3.45
CA VAL B 18 4.67 4.56 -3.99
C VAL B 18 4.05 3.17 -3.92
N PHE B 19 3.50 2.71 -5.05
CA PHE B 19 2.88 1.39 -5.12
C PHE B 19 3.84 0.33 -4.58
N ASN B 20 3.53 -0.19 -3.40
CA ASN B 20 4.35 -1.22 -2.77
C ASN B 20 4.17 -2.58 -3.44
N ALA B 21 5.28 -3.29 -3.66
CA ALA B 21 5.23 -4.60 -4.29
C ALA B 21 4.39 -5.57 -3.46
N PRO B 22 4.04 -6.75 -4.01
CA PRO B 22 4.41 -7.15 -5.36
C PRO B 22 3.42 -6.66 -6.42
N TYR B 23 3.86 -6.64 -7.66
CA TYR B 23 3.02 -6.20 -8.77
C TYR B 23 2.38 -7.38 -9.49
N ASP B 24 2.16 -8.46 -8.74
CA ASP B 24 1.55 -9.66 -9.30
C ASP B 24 0.10 -9.82 -8.81
N ASP B 25 -0.43 -8.82 -8.12
CA ASP B 25 -1.79 -8.86 -7.61
C ASP B 25 -2.40 -7.47 -7.57
N LYS B 26 -3.72 -7.40 -7.78
CA LYS B 26 -4.42 -6.12 -7.76
C LYS B 26 -4.22 -5.41 -6.43
N HIS B 27 -3.59 -4.24 -6.48
CA HIS B 27 -3.34 -3.45 -5.27
C HIS B 27 -4.14 -2.15 -5.30
N THR B 28 -5.11 -2.04 -4.39
CA THR B 28 -5.94 -0.85 -4.31
C THR B 28 -5.52 0.03 -3.13
N TYR B 29 -5.01 1.22 -3.45
CA TYR B 29 -4.57 2.16 -2.42
C TYR B 29 -5.67 3.17 -2.10
N HIS B 30 -6.07 3.22 -0.84
CA HIS B 30 -7.11 4.13 -0.40
C HIS B 30 -6.55 5.54 -0.18
N ILE B 31 -7.25 6.54 -0.72
CA ILE B 31 -6.82 7.92 -0.57
C ILE B 31 -7.83 8.72 0.24
N LYS B 32 -7.35 9.76 0.92
CA LYS B 32 -8.23 10.60 1.74
C LYS B 32 -8.35 12.00 1.15
N ILE B 33 -9.58 12.46 0.98
CA ILE B 33 -9.84 13.78 0.44
C ILE B 33 -10.87 14.53 1.29
N THR B 34 -10.54 15.76 1.66
CA THR B 34 -11.45 16.57 2.48
C THR B 34 -11.42 18.03 2.05
N ASN B 35 -12.49 18.74 2.37
CA ASN B 35 -12.60 20.15 2.02
C ASN B 35 -12.29 21.03 3.23
N ALA B 36 -11.19 21.77 3.14
CA ALA B 36 -10.77 22.66 4.21
C ALA B 36 -11.33 24.07 4.03
N GLY B 37 -12.39 24.18 3.23
CA GLY B 37 -12.99 25.48 2.99
C GLY B 37 -14.33 25.63 3.68
N GLY B 38 -15.28 26.26 2.99
CA GLY B 38 -16.59 26.46 3.56
C GLY B 38 -17.68 26.53 2.50
N ARG B 39 -17.46 25.85 1.39
CA ARG B 39 -18.43 25.83 0.30
C ARG B 39 -18.26 24.58 -0.56
N ARG B 40 -19.37 24.10 -1.12
CA ARG B 40 -19.35 22.92 -1.96
C ARG B 40 -18.34 23.07 -3.10
N ILE B 41 -17.91 21.94 -3.66
CA ILE B 41 -16.94 21.97 -4.75
C ILE B 41 -17.07 20.72 -5.63
N GLY B 42 -16.43 20.78 -6.80
CA GLY B 42 -16.46 19.66 -7.72
C GLY B 42 -15.06 19.20 -8.07
N TRP B 43 -14.68 18.02 -7.58
CA TRP B 43 -13.35 17.49 -7.84
C TRP B 43 -13.37 16.37 -8.88
N ALA B 44 -12.21 16.09 -9.44
CA ALA B 44 -12.06 15.04 -10.45
C ALA B 44 -10.62 14.54 -10.49
N ILE B 45 -10.44 13.29 -10.87
CA ILE B 45 -9.10 12.70 -10.94
C ILE B 45 -8.79 12.18 -12.34
N LYS B 46 -7.54 12.39 -12.77
CA LYS B 46 -7.10 11.94 -14.08
C LYS B 46 -5.66 11.44 -14.01
N THR B 47 -5.43 10.26 -14.57
CA THR B 47 -4.09 9.66 -14.57
C THR B 47 -3.53 9.56 -15.99
N THR B 48 -2.22 9.55 -16.09
CA THR B 48 -1.55 9.45 -17.38
C THR B 48 -1.98 8.20 -18.14
N ASN B 49 -2.17 7.12 -17.39
CA ASN B 49 -2.59 5.85 -17.98
C ASN B 49 -3.87 5.33 -17.32
N MET B 50 -4.95 5.32 -18.08
CA MET B 50 -6.23 4.85 -17.56
C MET B 50 -6.52 3.42 -18.02
N ARG B 51 -5.45 2.69 -18.36
CA ARG B 51 -5.60 1.30 -18.82
C ARG B 51 -5.32 0.33 -17.68
N ARG B 52 -4.35 0.68 -16.84
CA ARG B 52 -3.98 -0.17 -15.71
C ARG B 52 -4.42 0.45 -14.39
N LEU B 53 -4.42 1.78 -14.34
CA LEU B 53 -4.84 2.50 -13.14
C LEU B 53 -6.30 2.93 -13.23
N SER B 54 -7.01 2.85 -12.11
CA SER B 54 -8.41 3.23 -12.07
C SER B 54 -8.75 3.97 -10.78
N VAL B 55 -9.44 5.09 -10.90
CA VAL B 55 -9.82 5.89 -9.74
C VAL B 55 -11.33 5.91 -9.57
N ASP B 56 -11.80 5.59 -8.37
CA ASP B 56 -13.23 5.58 -8.08
C ASP B 56 -13.50 6.01 -6.63
N PRO B 57 -14.42 6.98 -6.41
CA PRO B 57 -15.17 7.64 -7.49
C PRO B 57 -14.30 8.59 -8.31
N PRO B 58 -14.39 8.52 -9.65
CA PRO B 58 -13.60 9.38 -10.54
C PRO B 58 -13.79 10.86 -10.22
N CYS B 59 -15.05 11.27 -10.07
CA CYS B 59 -15.37 12.66 -9.76
C CYS B 59 -16.58 12.75 -8.83
N GLY B 60 -16.62 13.79 -8.01
CA GLY B 60 -17.72 13.96 -7.09
C GLY B 60 -17.85 15.39 -6.59
N VAL B 61 -18.73 15.59 -5.62
CA VAL B 61 -18.95 16.92 -5.05
C VAL B 61 -18.71 16.91 -3.55
N LEU B 62 -17.68 17.63 -3.10
CA LEU B 62 -17.34 17.70 -1.68
C LEU B 62 -18.12 18.82 -0.99
N ASP B 63 -18.20 18.75 0.33
CA ASP B 63 -18.90 19.76 1.11
C ASP B 63 -17.96 20.41 2.12
N PRO B 64 -18.46 21.39 2.89
CA PRO B 64 -17.66 22.09 3.90
C PRO B 64 -17.14 21.16 4.99
N LYS B 65 -15.84 20.91 4.97
CA LYS B 65 -15.22 20.04 5.96
C LYS B 65 -15.73 18.61 5.83
N GLU B 66 -16.00 18.19 4.59
CA GLU B 66 -16.50 16.84 4.34
C GLU B 66 -15.36 15.91 3.96
N LYS B 67 -15.53 14.63 4.27
CA LYS B 67 -14.51 13.62 3.96
C LYS B 67 -14.95 12.74 2.80
N VAL B 68 -13.97 12.14 2.14
CA VAL B 68 -14.25 11.27 0.99
C VAL B 68 -13.20 10.16 0.88
N LEU B 69 -13.64 9.00 0.41
CA LEU B 69 -12.76 7.85 0.24
C LEU B 69 -12.55 7.53 -1.23
N MET B 70 -11.31 7.27 -1.62
CA MET B 70 -10.99 6.97 -3.01
C MET B 70 -10.25 5.62 -3.12
N ALA B 71 -10.31 5.02 -4.29
CA ALA B 71 -9.66 3.74 -4.54
C ALA B 71 -8.86 3.78 -5.84
N VAL B 72 -7.57 3.49 -5.75
CA VAL B 72 -6.70 3.50 -6.91
C VAL B 72 -6.28 2.08 -7.29
N SER B 73 -7.12 1.41 -8.07
CA SER B 73 -6.83 0.05 -8.51
C SER B 73 -5.58 0.01 -9.37
N CYS B 74 -4.68 -0.93 -9.04
CA CYS B 74 -3.43 -1.08 -9.78
C CYS B 74 -3.30 -2.50 -10.33
N ASP B 75 -3.85 -2.72 -11.53
CA ASP B 75 -3.78 -4.04 -12.16
C ASP B 75 -2.36 -4.59 -12.15
N THR B 76 -2.25 -5.90 -12.10
CA THR B 76 -0.93 -6.55 -12.09
C THR B 76 -0.19 -6.29 -13.39
N PHE B 77 1.10 -5.97 -13.27
CA PHE B 77 1.93 -5.70 -14.45
C PHE B 77 3.35 -6.19 -14.23
N ASN B 78 4.27 -5.73 -15.07
CA ASN B 78 5.67 -6.12 -14.96
C ASN B 78 6.58 -4.89 -14.90
N ALA B 79 7.49 -4.88 -13.93
CA ALA B 79 8.42 -3.76 -13.77
C ALA B 79 9.78 -4.07 -14.41
N ALA B 80 9.79 -5.04 -15.32
CA ALA B 80 11.02 -5.42 -16.00
C ALA B 80 10.99 -5.04 -17.47
N THR B 81 9.83 -5.18 -18.09
CA THR B 81 9.66 -4.86 -19.50
C THR B 81 8.35 -4.13 -19.74
N GLU B 82 7.84 -3.46 -18.71
CA GLU B 82 6.59 -2.72 -18.83
C GLU B 82 6.47 -1.70 -17.70
N ASP B 83 5.58 -0.72 -17.89
CA ASP B 83 5.37 0.32 -16.88
C ASP B 83 6.65 1.09 -16.63
N LEU B 84 6.53 2.22 -15.95
CA LEU B 84 7.66 3.09 -15.62
C LEU B 84 7.97 4.02 -16.78
N ASN B 85 6.97 4.75 -17.22
CA ASN B 85 7.12 5.70 -18.32
C ASN B 85 6.64 7.08 -17.88
N ASN B 86 6.74 7.34 -16.58
CA ASN B 86 6.32 8.60 -15.99
C ASN B 86 4.81 8.62 -15.76
N ASP B 87 4.43 8.32 -14.53
CA ASP B 87 3.02 8.29 -14.15
C ASP B 87 2.74 9.26 -13.01
N ARG B 88 1.62 9.97 -13.10
CA ARG B 88 1.24 10.93 -12.07
C ARG B 88 -0.24 11.28 -12.16
N ILE B 89 -0.92 11.25 -11.01
CA ILE B 89 -2.34 11.58 -10.97
C ILE B 89 -2.55 13.08 -10.89
N THR B 90 -3.78 13.53 -11.13
CA THR B 90 -4.09 14.95 -11.08
C THR B 90 -5.46 15.20 -10.43
N ILE B 91 -5.45 15.90 -9.31
CA ILE B 91 -6.68 16.21 -8.59
C ILE B 91 -7.05 17.68 -8.72
N GLU B 92 -8.03 17.96 -9.57
CA GLU B 92 -8.48 19.33 -9.78
C GLU B 92 -9.91 19.53 -9.30
N TRP B 93 -10.18 20.68 -8.69
CA TRP B 93 -11.52 20.98 -8.18
C TRP B 93 -11.78 22.47 -8.22
N THR B 94 -13.02 22.84 -8.55
CA THR B 94 -13.41 24.23 -8.63
C THR B 94 -14.73 24.46 -7.91
N ASN B 95 -14.88 25.64 -7.32
CA ASN B 95 -16.10 25.99 -6.60
C ASN B 95 -17.34 25.75 -7.47
N THR B 96 -18.38 25.20 -6.87
CA THR B 96 -19.62 24.92 -7.59
C THR B 96 -20.50 26.16 -7.67
N PRO B 97 -21.19 26.36 -8.81
CA PRO B 97 -22.08 27.51 -9.01
C PRO B 97 -23.13 27.63 -7.91
N ASP B 98 -23.70 28.83 -7.77
CA ASP B 98 -24.73 29.06 -6.75
C ASP B 98 -25.82 27.99 -6.84
N GLY B 99 -26.03 27.28 -5.74
CA GLY B 99 -27.04 26.24 -5.71
C GLY B 99 -26.89 25.25 -6.84
N ALA B 100 -25.65 24.85 -7.10
CA ALA B 100 -25.37 23.89 -8.17
C ALA B 100 -26.00 22.54 -7.88
N ALA B 101 -26.17 21.73 -8.92
CA ALA B 101 -26.76 20.41 -8.78
C ALA B 101 -25.79 19.43 -8.12
N LYS B 102 -26.33 18.33 -7.65
CA LYS B 102 -25.52 17.30 -7.00
C LYS B 102 -24.96 16.33 -8.02
N GLN B 103 -24.02 16.81 -8.82
CA GLN B 103 -23.40 16.00 -9.85
C GLN B 103 -22.26 16.76 -10.53
N PHE B 104 -21.12 16.09 -10.71
CA PHE B 104 -19.97 16.71 -11.35
C PHE B 104 -20.30 17.18 -12.75
N ARG B 105 -19.70 18.31 -13.14
CA ARG B 105 -19.93 18.87 -14.47
C ARG B 105 -18.63 19.06 -15.22
N ARG B 106 -18.69 19.01 -16.55
CA ARG B 106 -17.51 19.17 -17.38
C ARG B 106 -17.15 20.65 -17.55
N GLU B 107 -18.17 21.47 -17.81
CA GLU B 107 -17.96 22.90 -17.99
C GLU B 107 -17.54 23.58 -16.68
N TRP B 108 -17.71 22.88 -15.57
CA TRP B 108 -17.34 23.43 -14.26
C TRP B 108 -15.91 23.97 -14.27
N PHE B 109 -15.10 23.44 -15.18
CA PHE B 109 -13.70 23.86 -15.30
C PHE B 109 -13.53 24.87 -16.43
N GLN B 110 -14.41 24.78 -17.43
CA GLN B 110 -14.36 25.68 -18.57
C GLN B 110 -15.28 26.88 -18.36
N GLY B 111 -15.56 27.19 -17.09
CA GLY B 111 -16.42 28.32 -16.78
C GLY B 111 -15.86 29.17 -15.67
N ASP B 112 -15.87 28.62 -14.46
CA ASP B 112 -15.36 29.31 -13.29
C ASP B 112 -13.84 29.43 -13.37
N GLY B 113 -13.36 30.65 -13.52
CA GLY B 113 -11.93 30.87 -13.61
C GLY B 113 -11.14 30.12 -12.56
N MET B 114 -11.22 30.60 -11.33
CA MET B 114 -10.51 29.98 -10.20
C MET B 114 -10.64 28.45 -10.23
N VAL B 115 -9.53 27.78 -10.54
CA VAL B 115 -9.51 26.33 -10.60
C VAL B 115 -8.22 25.77 -9.98
N ARG B 116 -8.39 24.89 -9.00
CA ARG B 116 -7.25 24.30 -8.32
C ARG B 116 -6.77 23.04 -9.04
N ARG B 117 -5.45 22.86 -9.10
CA ARG B 117 -4.87 21.69 -9.76
C ARG B 117 -3.80 21.06 -8.88
N LYS B 118 -3.90 19.74 -8.68
CA LYS B 118 -2.96 19.01 -7.86
C LYS B 118 -2.37 17.84 -8.63
N ASN B 119 -1.25 17.32 -8.13
CA ASN B 119 -0.58 16.20 -8.76
C ASN B 119 0.02 15.26 -7.71
N LEU B 120 -0.04 13.96 -7.97
CA LEU B 120 0.50 12.96 -7.06
C LEU B 120 1.45 12.01 -7.78
N PRO B 121 2.76 12.27 -7.73
CA PRO B 121 3.77 11.44 -8.38
C PRO B 121 3.72 9.99 -7.90
N ILE B 122 3.79 9.05 -8.84
CA ILE B 122 3.75 7.64 -8.51
C ILE B 122 5.15 7.04 -8.43
N GLU B 123 5.34 6.10 -7.51
CA GLU B 123 6.63 5.46 -7.31
C GLU B 123 6.45 3.94 -7.24
N TYR B 124 7.56 3.23 -7.41
CA TYR B 124 7.53 1.76 -7.36
C TYR B 124 8.54 1.22 -6.35
N ASN B 125 8.05 0.40 -5.42
CA ASN B 125 8.91 -0.19 -4.40
C ASN B 125 8.98 -1.71 -4.56
N LEU B 126 9.84 -2.15 -5.49
CA LEU B 126 10.00 -3.58 -5.75
C LEU B 126 10.50 -4.31 -4.51
N ALA A 1 29.82 -30.17 -3.02
CA ALA A 1 28.58 -29.57 -2.47
C ALA A 1 28.43 -29.87 -0.99
N GLN A 2 29.25 -29.22 -0.17
CA GLN A 2 29.22 -29.42 1.27
C GLN A 2 29.33 -28.10 2.01
N SER A 3 28.47 -27.90 3.00
CA SER A 3 28.47 -26.67 3.79
C SER A 3 28.22 -25.46 2.90
N VAL A 4 26.95 -25.15 2.69
CA VAL A 4 26.56 -24.01 1.86
C VAL A 4 25.33 -23.30 2.43
N PRO A 5 25.31 -21.96 2.39
CA PRO A 5 24.19 -21.17 2.90
C PRO A 5 22.84 -21.69 2.38
N PRO A 6 21.81 -21.66 3.24
CA PRO A 6 20.46 -22.12 2.85
C PRO A 6 19.96 -21.45 1.59
N GLY A 7 19.04 -22.10 0.90
CA GLY A 7 18.48 -21.54 -0.33
C GLY A 7 17.70 -20.26 -0.08
N ASP A 8 18.10 -19.19 -0.75
CA ASP A 8 17.42 -17.91 -0.60
C ASP A 8 15.93 -18.05 -0.83
N ILE A 9 15.14 -17.81 0.21
CA ILE A 9 13.69 -17.91 0.12
C ILE A 9 13.08 -16.69 -0.56
N ASN A 10 12.12 -16.93 -1.43
CA ASN A 10 11.46 -15.84 -2.15
C ASN A 10 10.31 -15.26 -1.32
N THR A 11 10.08 -13.96 -1.46
CA THR A 11 9.02 -13.29 -0.71
C THR A 11 8.23 -12.34 -1.62
N GLN A 12 6.96 -12.17 -1.31
CA GLN A 12 6.10 -11.29 -2.08
C GLN A 12 5.25 -10.42 -1.15
N PRO A 13 5.42 -9.08 -1.17
CA PRO A 13 6.37 -8.39 -2.04
C PRO A 13 7.82 -8.74 -1.71
N SER A 14 8.73 -8.43 -2.63
CA SER A 14 10.15 -8.71 -2.45
C SER A 14 10.61 -8.29 -1.05
N GLN A 15 10.51 -7.00 -0.74
CA GLN A 15 10.93 -6.49 0.55
C GLN A 15 10.57 -5.03 0.70
N LYS A 16 9.33 -4.69 0.38
CA LYS A 16 8.84 -3.31 0.48
C LYS A 16 7.33 -3.27 0.62
N ILE A 17 6.85 -2.99 1.83
CA ILE A 17 5.42 -2.91 2.09
C ILE A 17 5.08 -1.66 2.87
N VAL A 18 3.91 -1.09 2.58
CA VAL A 18 3.47 0.13 3.25
C VAL A 18 1.95 0.18 3.33
N PHE A 19 1.43 0.26 4.55
CA PHE A 19 -0.01 0.33 4.77
C PHE A 19 -0.56 1.69 4.37
N ASN A 20 -1.38 1.71 3.31
CA ASN A 20 -1.96 2.95 2.82
C ASN A 20 -3.19 3.35 3.64
N ALA A 21 -3.26 4.63 4.01
CA ALA A 21 -4.38 5.14 4.78
C ALA A 21 -5.68 5.08 3.98
N PRO A 22 -6.84 5.33 4.62
CA PRO A 22 -6.93 5.68 6.04
C PRO A 22 -6.69 4.48 6.95
N TYR A 23 -6.45 4.76 8.22
CA TYR A 23 -6.20 3.71 9.22
C TYR A 23 -7.40 3.55 10.14
N ASP A 24 -8.58 3.49 9.56
CA ASP A 24 -9.81 3.34 10.33
C ASP A 24 -10.50 2.02 10.01
N ASP A 25 -9.97 1.26 9.05
CA ASP A 25 -10.55 -0.02 8.68
C ASP A 25 -9.53 -1.14 8.81
N LYS A 26 -9.99 -2.32 9.22
CA LYS A 26 -9.11 -3.46 9.38
C LYS A 26 -8.72 -4.06 8.04
N HIS A 27 -7.42 -4.20 7.81
CA HIS A 27 -6.92 -4.75 6.56
C HIS A 27 -5.99 -5.94 6.81
N THR A 28 -5.88 -6.82 5.83
CA THR A 28 -5.03 -8.00 5.95
C THR A 28 -4.14 -8.17 4.72
N TYR A 29 -2.83 -8.07 4.92
CA TYR A 29 -1.88 -8.21 3.81
C TYR A 29 -1.23 -9.59 3.84
N HIS A 30 -1.48 -10.38 2.80
CA HIS A 30 -0.92 -11.72 2.72
C HIS A 30 0.41 -11.72 1.96
N ILE A 31 1.41 -12.38 2.54
CA ILE A 31 2.73 -12.45 1.92
C ILE A 31 2.98 -13.86 1.39
N LYS A 32 3.66 -13.95 0.25
CA LYS A 32 3.95 -15.24 -0.37
C LYS A 32 5.41 -15.63 -0.17
N ILE A 33 5.62 -16.76 0.49
CA ILE A 33 6.97 -17.25 0.75
C ILE A 33 7.23 -18.54 -0.02
N THR A 34 8.50 -18.80 -0.32
CA THR A 34 8.86 -20.01 -1.07
C THR A 34 10.31 -20.41 -0.79
N ASN A 35 10.60 -21.68 -0.97
CA ASN A 35 11.95 -22.20 -0.75
C ASN A 35 12.67 -22.41 -2.08
N ALA A 36 13.67 -21.57 -2.33
CA ALA A 36 14.44 -21.65 -3.57
C ALA A 36 15.66 -22.56 -3.41
N GLY A 37 15.64 -23.40 -2.39
CA GLY A 37 16.74 -24.31 -2.15
C GLY A 37 16.45 -25.73 -2.58
N GLY A 38 16.95 -26.69 -1.83
CA GLY A 38 16.72 -28.08 -2.15
C GLY A 38 16.53 -28.95 -0.92
N ARG A 39 16.18 -28.32 0.19
CA ARG A 39 15.97 -29.04 1.44
C ARG A 39 15.08 -28.24 2.39
N ARG A 40 14.48 -28.94 3.36
CA ARG A 40 13.60 -28.29 4.33
C ARG A 40 14.34 -27.15 5.03
N ILE A 41 13.58 -26.15 5.49
CA ILE A 41 14.16 -25.01 6.18
C ILE A 41 13.21 -24.44 7.22
N GLY A 42 13.61 -24.49 8.48
CA GLY A 42 12.78 -23.97 9.55
C GLY A 42 12.78 -22.45 9.56
N TRP A 43 11.62 -21.86 9.31
CA TRP A 43 11.50 -20.40 9.28
C TRP A 43 10.54 -19.90 10.36
N ALA A 44 10.67 -18.63 10.70
CA ALA A 44 9.83 -18.00 11.71
C ALA A 44 9.74 -16.49 11.47
N ILE A 45 8.63 -15.90 11.90
CA ILE A 45 8.42 -14.47 11.72
C ILE A 45 8.65 -13.70 13.03
N LYS A 46 9.01 -12.42 12.90
CA LYS A 46 9.25 -11.58 14.06
C LYS A 46 9.05 -10.11 13.71
N THR A 47 8.31 -9.39 14.55
CA THR A 47 8.04 -7.98 14.31
C THR A 47 8.34 -7.14 15.55
N THR A 48 8.52 -5.85 15.35
CA THR A 48 8.81 -4.93 16.44
C THR A 48 7.72 -5.00 17.51
N ASN A 49 6.48 -4.79 17.09
CA ASN A 49 5.35 -4.83 18.00
C ASN A 49 4.50 -6.08 17.77
N MET A 50 4.49 -6.97 18.75
CA MET A 50 3.73 -8.21 18.65
C MET A 50 2.35 -8.04 19.27
N ARG A 51 1.87 -6.81 19.37
CA ARG A 51 0.56 -6.53 19.95
C ARG A 51 -0.38 -5.98 18.89
N ARG A 52 0.00 -4.86 18.27
CA ARG A 52 -0.81 -4.24 17.24
C ARG A 52 -0.74 -5.03 15.94
N LEU A 53 0.42 -5.64 15.69
CA LEU A 53 0.62 -6.43 14.49
C LEU A 53 0.43 -7.92 14.78
N SER A 54 -0.10 -8.64 13.80
CA SER A 54 -0.34 -10.07 13.95
C SER A 54 -0.04 -10.82 12.65
N VAL A 55 0.44 -12.05 12.79
CA VAL A 55 0.77 -12.88 11.63
C VAL A 55 0.34 -14.32 11.86
N ASP A 56 0.22 -15.05 10.77
CA ASP A 56 -0.17 -16.45 10.82
C ASP A 56 -0.06 -17.12 9.43
N PRO A 57 0.63 -18.27 9.32
CA PRO A 57 1.27 -18.95 10.46
C PRO A 57 2.52 -18.21 10.93
N PRO A 58 2.80 -18.27 12.25
CA PRO A 58 3.97 -17.60 12.83
C PRO A 58 5.27 -18.36 12.60
N CYS A 59 5.19 -19.51 11.92
CA CYS A 59 6.37 -20.32 11.65
C CYS A 59 5.99 -21.60 10.92
N GLY A 60 7.00 -22.39 10.56
CA GLY A 60 6.75 -23.65 9.86
C GLY A 60 7.93 -24.09 9.03
N VAL A 61 7.90 -25.33 8.57
CA VAL A 61 8.97 -25.88 7.75
C VAL A 61 8.63 -25.79 6.26
N LEU A 62 9.55 -25.24 5.48
CA LEU A 62 9.35 -25.10 4.05
C LEU A 62 10.15 -26.14 3.27
N ASP A 63 9.46 -26.94 2.47
CA ASP A 63 10.12 -27.98 1.68
C ASP A 63 10.76 -27.38 0.43
N PRO A 64 11.54 -28.18 -0.31
CA PRO A 64 12.21 -27.73 -1.53
C PRO A 64 11.23 -27.29 -2.61
N LYS A 65 11.25 -26.00 -2.94
CA LYS A 65 10.36 -25.46 -3.96
C LYS A 65 8.92 -25.43 -3.48
N GLU A 66 8.73 -25.31 -2.16
CA GLU A 66 7.40 -25.26 -1.58
C GLU A 66 6.96 -23.82 -1.34
N LYS A 67 5.66 -23.57 -1.45
CA LYS A 67 5.12 -22.24 -1.26
C LYS A 67 4.09 -22.23 -0.12
N VAL A 68 4.28 -21.31 0.82
CA VAL A 68 3.37 -21.18 1.96
C VAL A 68 2.70 -19.81 1.98
N LEU A 69 1.41 -19.80 2.28
CA LEU A 69 0.64 -18.56 2.33
C LEU A 69 0.58 -18.02 3.75
N MET A 70 1.03 -16.78 3.94
CA MET A 70 1.02 -16.14 5.25
C MET A 70 0.16 -14.88 5.23
N ALA A 71 -0.20 -14.42 6.42
CA ALA A 71 -1.04 -13.22 6.55
C ALA A 71 -0.52 -12.30 7.65
N VAL A 72 -0.82 -11.01 7.52
CA VAL A 72 -0.41 -10.02 8.50
C VAL A 72 -1.56 -9.09 8.87
N SER A 73 -2.32 -9.47 9.88
CA SER A 73 -3.46 -8.68 10.33
C SER A 73 -3.02 -7.42 11.06
N CYS A 74 -3.71 -6.31 10.80
CA CYS A 74 -3.39 -5.04 11.44
C CYS A 74 -4.65 -4.39 12.00
N ASP A 75 -4.51 -3.64 13.08
CA ASP A 75 -5.64 -2.97 13.71
C ASP A 75 -5.68 -1.49 13.35
N THR A 76 -6.89 -0.94 13.28
CA THR A 76 -7.07 0.47 12.93
C THR A 76 -6.62 1.36 14.09
N PHE A 77 -5.75 2.33 13.78
CA PHE A 77 -5.25 3.25 14.79
C PHE A 77 -5.07 4.65 14.21
N ASN A 78 -4.49 5.54 15.01
CA ASN A 78 -4.26 6.91 14.58
C ASN A 78 -2.81 7.33 14.83
N ALA A 79 -2.13 7.71 13.76
CA ALA A 79 -0.73 8.14 13.87
C ALA A 79 -0.61 9.43 14.67
N ALA A 80 -1.70 10.19 14.77
CA ALA A 80 -1.70 11.44 15.50
C ALA A 80 -1.16 11.26 16.92
N THR A 81 -1.60 10.18 17.58
CA THR A 81 -1.16 9.91 18.95
C THR A 81 -0.93 8.42 19.16
N GLU A 82 0.09 7.89 18.50
CA GLU A 82 0.42 6.46 18.62
C GLU A 82 1.92 6.24 18.43
N ASP A 83 2.36 5.01 18.68
CA ASP A 83 3.77 4.65 18.54
C ASP A 83 4.15 4.57 17.06
N LEU A 84 5.32 5.12 16.73
CA LEU A 84 5.81 5.11 15.36
C LEU A 84 7.33 5.17 15.33
N ASN A 85 7.97 4.01 15.42
CA ASN A 85 9.41 3.92 15.38
C ASN A 85 9.86 3.09 14.17
N ASN A 86 8.99 3.02 13.17
CA ASN A 86 9.28 2.26 11.95
C ASN A 86 9.20 0.77 12.20
N ASP A 87 8.02 0.21 11.95
CA ASP A 87 7.80 -1.21 12.12
C ASP A 87 8.53 -2.01 11.04
N ARG A 88 8.90 -3.24 11.36
CA ARG A 88 9.62 -4.08 10.41
C ARG A 88 9.47 -5.56 10.73
N ILE A 89 9.12 -6.34 9.71
CA ILE A 89 8.96 -7.79 9.87
C ILE A 89 10.30 -8.49 9.72
N THR A 90 10.38 -9.74 10.16
CA THR A 90 11.62 -10.50 10.08
C THR A 90 11.36 -11.98 9.79
N ILE A 91 11.87 -12.45 8.66
CA ILE A 91 11.70 -13.84 8.26
C ILE A 91 13.05 -14.55 8.23
N GLU A 92 13.36 -15.27 9.31
CA GLU A 92 14.62 -15.99 9.40
C GLU A 92 14.41 -17.49 9.20
N TRP A 93 15.26 -18.10 8.38
CA TRP A 93 15.16 -19.53 8.11
C TRP A 93 16.54 -20.17 8.08
N THR A 94 16.59 -21.46 8.35
CA THR A 94 17.86 -22.20 8.35
C THR A 94 17.65 -23.64 7.90
N ASN A 95 18.69 -24.22 7.30
CA ASN A 95 18.63 -25.59 6.82
C ASN A 95 18.23 -26.54 7.94
N THR A 96 17.58 -27.65 7.58
CA THR A 96 17.15 -28.63 8.55
C THR A 96 18.16 -29.78 8.65
N PRO A 97 18.39 -30.30 9.86
CA PRO A 97 19.33 -31.40 10.09
C PRO A 97 18.89 -32.69 9.41
N ASP A 98 19.85 -33.56 9.14
CA ASP A 98 19.57 -34.83 8.49
C ASP A 98 18.43 -35.57 9.19
N GLY A 99 17.43 -35.98 8.42
CA GLY A 99 16.29 -36.68 8.99
C GLY A 99 15.55 -35.84 10.01
N ALA A 100 15.49 -34.54 9.78
CA ALA A 100 14.81 -33.63 10.67
C ALA A 100 13.33 -33.98 10.80
N ALA A 101 12.87 -34.14 12.03
CA ALA A 101 11.47 -34.48 12.28
C ALA A 101 10.53 -33.44 11.72
N LYS A 102 9.26 -33.78 11.66
CA LYS A 102 8.25 -32.87 11.13
C LYS A 102 7.74 -31.95 12.23
N GLN A 103 8.59 -31.03 12.66
CA GLN A 103 8.25 -30.07 13.70
C GLN A 103 9.37 -29.06 13.91
N PHE A 104 9.02 -27.78 13.89
CA PHE A 104 10.00 -26.72 14.07
C PHE A 104 10.81 -26.95 15.34
N ARG A 105 12.05 -26.46 15.34
CA ARG A 105 12.94 -26.62 16.49
C ARG A 105 13.69 -25.33 16.78
N ARG A 106 14.12 -25.18 18.03
CA ARG A 106 14.85 -23.98 18.45
C ARG A 106 16.35 -24.17 18.25
N GLU A 107 16.82 -25.40 18.45
CA GLU A 107 18.24 -25.70 18.30
C GLU A 107 18.70 -25.48 16.85
N TRP A 108 17.76 -25.56 15.93
CA TRP A 108 18.06 -25.36 14.51
C TRP A 108 18.85 -24.07 14.30
N PHE A 109 18.56 -23.06 15.10
CA PHE A 109 19.26 -21.78 15.00
C PHE A 109 20.43 -21.71 15.96
N GLN A 110 20.28 -22.37 17.11
CA GLN A 110 21.35 -22.38 18.12
C GLN A 110 22.24 -23.60 17.94
N GLY A 111 22.69 -23.83 16.72
CA GLY A 111 23.55 -24.97 16.45
C GLY A 111 24.51 -24.70 15.30
N ASP A 112 24.60 -25.65 14.38
CA ASP A 112 25.49 -25.52 13.23
C ASP A 112 24.71 -25.11 11.98
N GLY A 113 25.37 -24.40 11.07
CA GLY A 113 24.73 -23.97 9.85
C GLY A 113 24.42 -22.48 9.87
N MET A 114 24.64 -21.82 8.74
CA MET A 114 24.38 -20.39 8.62
C MET A 114 22.88 -20.12 8.57
N VAL A 115 22.42 -19.19 9.40
CA VAL A 115 21.01 -18.83 9.45
C VAL A 115 20.76 -17.45 8.86
N ARG A 116 19.86 -17.38 7.88
CA ARG A 116 19.53 -16.12 7.23
C ARG A 116 18.40 -15.42 7.96
N ARG A 117 18.48 -14.10 8.05
CA ARG A 117 17.45 -13.31 8.72
C ARG A 117 17.11 -12.06 7.91
N LYS A 118 16.02 -12.14 7.15
CA LYS A 118 15.58 -11.02 6.34
C LYS A 118 14.66 -10.10 7.13
N ASN A 119 14.53 -8.86 6.68
CA ASN A 119 13.69 -7.88 7.36
C ASN A 119 12.97 -6.99 6.34
N LEU A 120 11.65 -7.01 6.38
CA LEU A 120 10.85 -6.21 5.46
C LEU A 120 10.45 -4.88 6.11
N PRO A 121 10.58 -3.76 5.36
CA PRO A 121 10.24 -2.43 5.87
C PRO A 121 8.75 -2.12 5.75
N ILE A 122 8.17 -1.65 6.86
CA ILE A 122 6.75 -1.30 6.88
C ILE A 122 6.58 0.20 7.09
N GLU A 123 5.95 0.87 6.12
CA GLU A 123 5.73 2.30 6.22
C GLU A 123 4.25 2.64 6.23
N TYR A 124 3.93 3.82 6.77
CA TYR A 124 2.54 4.27 6.86
C TYR A 124 2.29 5.46 5.95
N ASN A 125 1.55 5.24 4.87
CA ASN A 125 1.24 6.29 3.91
C ASN A 125 0.05 7.12 4.40
N LEU A 126 0.32 8.07 5.28
CA LEU A 126 -0.72 8.94 5.83
C LEU A 126 -1.16 9.96 4.80
N ALA B 1 -9.55 41.36 1.51
CA ALA B 1 -9.76 39.95 1.07
C ALA B 1 -10.27 39.90 -0.36
N GLN B 2 -9.40 40.20 -1.31
CA GLN B 2 -9.77 40.18 -2.72
C GLN B 2 -8.68 39.53 -3.56
N SER B 3 -9.09 38.63 -4.46
CA SER B 3 -8.14 37.94 -5.33
C SER B 3 -7.14 37.13 -4.51
N VAL B 4 -7.52 35.91 -4.16
CA VAL B 4 -6.64 35.03 -3.37
C VAL B 4 -6.77 33.57 -3.84
N PRO B 5 -5.64 32.85 -3.89
CA PRO B 5 -5.63 31.44 -4.32
C PRO B 5 -6.69 30.61 -3.61
N PRO B 6 -7.33 29.67 -4.33
CA PRO B 6 -8.36 28.81 -3.76
C PRO B 6 -7.90 28.10 -2.49
N GLY B 7 -8.85 27.71 -1.65
CA GLY B 7 -8.52 27.02 -0.42
C GLY B 7 -7.88 25.67 -0.65
N ASP B 8 -6.68 25.47 -0.12
CA ASP B 8 -5.96 24.22 -0.27
C ASP B 8 -6.85 23.04 0.15
N ILE B 9 -7.18 22.19 -0.82
CA ILE B 9 -8.01 21.03 -0.55
C ILE B 9 -7.21 19.90 0.11
N ASN B 10 -7.80 19.26 1.11
CA ASN B 10 -7.14 18.18 1.83
C ASN B 10 -7.36 16.85 1.10
N THR B 11 -6.36 15.98 1.16
CA THR B 11 -6.44 14.68 0.51
C THR B 11 -5.94 13.57 1.43
N GLN B 12 -6.50 12.37 1.27
CA GLN B 12 -6.11 11.23 2.07
C GLN B 12 -5.94 9.98 1.19
N PRO B 13 -4.71 9.42 1.10
CA PRO B 13 -3.53 9.92 1.79
C PRO B 13 -3.10 11.30 1.31
N SER B 14 -2.26 11.96 2.10
CA SER B 14 -1.77 13.30 1.76
C SER B 14 -1.35 13.38 0.29
N GLN B 15 -0.35 12.60 -0.08
CA GLN B 15 0.13 12.60 -1.46
C GLN B 15 1.17 11.49 -1.67
N LYS B 16 0.83 10.28 -1.22
CA LYS B 16 1.74 9.14 -1.36
C LYS B 16 0.97 7.83 -1.32
N ILE B 17 0.80 7.21 -2.48
CA ILE B 17 0.09 5.94 -2.58
C ILE B 17 0.87 4.92 -3.39
N VAL B 18 0.78 3.66 -3.01
CA VAL B 18 1.48 2.59 -3.72
C VAL B 18 0.73 1.27 -3.61
N PHE B 19 0.37 0.71 -4.76
CA PHE B 19 -0.36 -0.55 -4.80
C PHE B 19 0.57 -1.71 -4.43
N ASN B 20 0.29 -2.34 -3.30
CA ASN B 20 1.10 -3.47 -2.83
C ASN B 20 0.69 -4.77 -3.52
N ALA B 21 1.68 -5.52 -3.97
CA ALA B 21 1.43 -6.79 -4.64
C ALA B 21 0.80 -7.80 -3.68
N PRO B 22 0.34 -8.97 -4.20
CA PRO B 22 0.40 -9.32 -5.62
C PRO B 22 -0.61 -8.54 -6.47
N TYR B 23 -0.41 -8.56 -7.78
CA TYR B 23 -1.28 -7.86 -8.71
C TYR B 23 -2.15 -8.84 -9.47
N ASP B 24 -2.75 -9.78 -8.74
CA ASP B 24 -3.62 -10.79 -9.35
C ASP B 24 -5.06 -10.64 -8.86
N ASP B 25 -5.30 -9.72 -7.92
CA ASP B 25 -6.63 -9.51 -7.39
C ASP B 25 -7.05 -8.05 -7.56
N LYS B 26 -8.35 -7.85 -7.82
CA LYS B 26 -8.88 -6.50 -8.01
C LYS B 26 -9.00 -5.77 -6.68
N HIS B 27 -8.43 -4.59 -6.60
CA HIS B 27 -8.48 -3.78 -5.38
C HIS B 27 -9.02 -2.39 -5.67
N THR B 28 -9.58 -1.76 -4.64
CA THR B 28 -10.15 -0.43 -4.77
C THR B 28 -9.67 0.49 -3.65
N TYR B 29 -8.92 1.53 -4.00
CA TYR B 29 -8.42 2.47 -3.03
C TYR B 29 -9.24 3.76 -3.03
N HIS B 30 -9.90 4.04 -1.92
CA HIS B 30 -10.74 5.23 -1.81
C HIS B 30 -9.95 6.39 -1.22
N ILE B 31 -10.05 7.55 -1.86
CA ILE B 31 -9.35 8.75 -1.40
C ILE B 31 -10.35 9.74 -0.80
N LYS B 32 -9.92 10.44 0.26
CA LYS B 32 -10.78 11.40 0.92
C LYS B 32 -10.38 12.83 0.57
N ILE B 33 -11.30 13.58 -0.02
CA ILE B 33 -11.04 14.96 -0.40
C ILE B 33 -11.91 15.91 0.42
N THR B 34 -11.43 17.14 0.59
CA THR B 34 -12.16 18.14 1.36
C THR B 34 -11.77 19.55 0.94
N ASN B 35 -12.66 20.49 1.18
CA ASN B 35 -12.43 21.89 0.84
C ASN B 35 -12.06 22.70 2.09
N ALA B 36 -10.80 23.11 2.15
CA ALA B 36 -10.31 23.88 3.29
C ALA B 36 -10.45 25.38 3.05
N GLY B 37 -11.32 25.74 2.10
CA GLY B 37 -11.52 27.15 1.80
C GLY B 37 -12.83 27.68 2.36
N GLY B 38 -13.47 28.57 1.63
CA GLY B 38 -14.72 29.13 2.08
C GLY B 38 -15.71 29.36 0.94
N ARG B 39 -15.50 28.65 -0.17
CA ARG B 39 -16.37 28.79 -1.33
C ARG B 39 -16.28 27.54 -2.22
N ARG B 40 -17.29 27.34 -3.05
CA ARG B 40 -17.33 26.20 -3.96
C ARG B 40 -16.08 26.16 -4.82
N ILE B 41 -15.69 24.97 -5.25
CA ILE B 41 -14.51 24.81 -6.09
C ILE B 41 -14.65 23.62 -7.04
N GLY B 42 -14.64 23.92 -8.34
CA GLY B 42 -14.76 22.87 -9.34
C GLY B 42 -13.49 22.06 -9.46
N TRP B 43 -13.57 20.78 -9.11
CA TRP B 43 -12.40 19.90 -9.17
C TRP B 43 -12.61 18.76 -10.16
N ALA B 44 -11.51 18.18 -10.61
CA ALA B 44 -11.55 17.07 -11.55
C ALA B 44 -10.30 16.20 -11.40
N ILE B 45 -10.42 14.92 -11.75
CA ILE B 45 -9.29 14.00 -11.65
C ILE B 45 -8.70 13.70 -13.02
N LYS B 46 -7.42 13.33 -13.03
CA LYS B 46 -6.72 13.00 -14.27
C LYS B 46 -5.54 12.08 -14.00
N THR B 47 -5.43 11.03 -14.80
CA THR B 47 -4.34 10.06 -14.63
C THR B 47 -3.65 9.79 -15.95
N THR B 48 -2.42 9.27 -15.87
CA THR B 48 -1.63 8.95 -17.04
C THR B 48 -2.38 8.00 -17.97
N ASN B 49 -2.81 6.87 -17.42
CA ASN B 49 -3.55 5.88 -18.18
C ASN B 49 -5.02 5.84 -17.76
N MET B 50 -5.90 6.25 -18.67
CA MET B 50 -7.33 6.26 -18.39
C MET B 50 -8.00 4.97 -18.85
N ARG B 51 -7.21 3.92 -18.98
CA ARG B 51 -7.73 2.62 -19.42
C ARG B 51 -7.63 1.59 -18.29
N ARG B 52 -6.41 1.37 -17.82
CA ARG B 52 -6.18 0.41 -16.73
C ARG B 52 -6.65 0.98 -15.40
N LEU B 53 -6.52 2.29 -15.24
CA LEU B 53 -6.93 2.96 -14.02
C LEU B 53 -8.33 3.57 -14.18
N SER B 54 -9.10 3.57 -13.09
CA SER B 54 -10.45 4.12 -13.11
C SER B 54 -10.76 4.86 -11.81
N VAL B 55 -11.56 5.91 -11.92
CA VAL B 55 -11.95 6.70 -10.75
C VAL B 55 -13.41 7.09 -10.82
N ASP B 56 -13.96 7.45 -9.67
CA ASP B 56 -15.35 7.86 -9.57
C ASP B 56 -15.67 8.39 -8.17
N PRO B 57 -16.27 9.59 -8.06
CA PRO B 57 -16.66 10.42 -9.21
C PRO B 57 -15.44 11.06 -9.89
N PRO B 58 -15.50 11.24 -11.22
CA PRO B 58 -14.40 11.83 -11.97
C PRO B 58 -14.34 13.35 -11.85
N CYS B 59 -15.27 13.94 -11.10
CA CYS B 59 -15.30 15.39 -10.90
C CYS B 59 -16.49 15.80 -10.04
N GLY B 60 -16.59 17.09 -9.75
CA GLY B 60 -17.68 17.58 -8.94
C GLY B 60 -17.33 18.87 -8.22
N VAL B 61 -18.34 19.53 -7.67
CA VAL B 61 -18.14 20.79 -6.96
C VAL B 61 -18.07 20.55 -5.45
N LEU B 62 -17.02 21.08 -4.83
CA LEU B 62 -16.83 20.92 -3.39
C LEU B 62 -17.19 22.21 -2.65
N ASP B 63 -18.13 22.10 -1.71
CA ASP B 63 -18.56 23.26 -0.93
C ASP B 63 -17.56 23.56 0.19
N PRO B 64 -17.75 24.70 0.88
CA PRO B 64 -16.85 25.11 1.98
C PRO B 64 -16.87 24.11 3.13
N LYS B 65 -15.74 23.46 3.36
CA LYS B 65 -15.61 22.48 4.44
C LYS B 65 -16.39 21.22 4.13
N GLU B 66 -16.56 20.92 2.85
CA GLU B 66 -17.28 19.73 2.42
C GLU B 66 -16.33 18.58 2.14
N LYS B 67 -16.78 17.35 2.38
CA LYS B 67 -15.97 16.17 2.16
C LYS B 67 -16.62 15.23 1.16
N VAL B 68 -15.87 14.83 0.14
CA VAL B 68 -16.39 13.93 -0.89
C VAL B 68 -15.58 12.64 -0.93
N LEU B 69 -16.27 11.51 -1.07
CA LEU B 69 -15.63 10.21 -1.11
C LEU B 69 -15.39 9.76 -2.56
N MET B 70 -14.14 9.48 -2.88
CA MET B 70 -13.77 9.05 -4.23
C MET B 70 -13.15 7.65 -4.20
N ALA B 71 -13.10 7.02 -5.36
CA ALA B 71 -12.54 5.69 -5.47
C ALA B 71 -11.62 5.56 -6.70
N VAL B 72 -10.70 4.62 -6.63
CA VAL B 72 -9.75 4.39 -7.72
C VAL B 72 -9.62 2.90 -8.00
N SER B 73 -10.46 2.39 -8.89
CA SER B 73 -10.44 0.97 -9.24
C SER B 73 -9.25 0.63 -10.13
N CYS B 74 -8.63 -0.52 -9.86
CA CYS B 74 -7.48 -0.97 -10.63
C CYS B 74 -7.66 -2.42 -11.07
N ASP B 75 -7.08 -2.76 -12.22
CA ASP B 75 -7.19 -4.12 -12.74
C ASP B 75 -5.91 -4.91 -12.49
N THR B 76 -6.07 -6.22 -12.31
CA THR B 76 -4.93 -7.11 -12.06
C THR B 76 -4.08 -7.27 -13.31
N PHE B 77 -2.78 -7.04 -13.18
CA PHE B 77 -1.87 -7.16 -14.31
C PHE B 77 -0.52 -7.72 -13.86
N ASN B 78 0.43 -7.76 -14.78
CA ASN B 78 1.77 -8.27 -14.47
C ASN B 78 2.84 -7.29 -14.93
N ALA B 79 3.65 -6.84 -13.99
CA ALA B 79 4.73 -5.89 -14.29
C ALA B 79 5.79 -6.53 -15.19
N ALA B 80 5.84 -7.85 -15.21
CA ALA B 80 6.81 -8.57 -16.03
C ALA B 80 6.75 -8.11 -17.49
N THR B 81 5.54 -7.95 -18.01
CA THR B 81 5.37 -7.52 -19.39
C THR B 81 4.20 -6.54 -19.52
N GLU B 82 4.37 -5.36 -18.96
CA GLU B 82 3.33 -4.33 -19.02
C GLU B 82 3.94 -2.93 -18.98
N ASP B 83 3.10 -1.92 -19.21
CA ASP B 83 3.55 -0.53 -19.20
C ASP B 83 3.87 -0.07 -17.79
N LEU B 84 4.99 0.63 -17.64
CA LEU B 84 5.41 1.14 -16.34
C LEU B 84 6.25 2.40 -16.50
N ASN B 85 5.59 3.55 -16.57
CA ASN B 85 6.28 4.83 -16.70
C ASN B 85 5.97 5.71 -15.51
N ASN B 86 5.57 5.09 -14.41
CA ASN B 86 5.24 5.80 -13.18
C ASN B 86 3.90 6.52 -13.30
N ASP B 87 2.85 5.84 -12.87
CA ASP B 87 1.51 6.41 -12.92
C ASP B 87 1.36 7.51 -11.88
N ARG B 88 0.47 8.46 -12.15
CA ARG B 88 0.26 9.57 -11.23
C ARG B 88 -1.11 10.21 -11.42
N ILE B 89 -1.83 10.40 -10.32
CA ILE B 89 -3.15 11.01 -10.35
C ILE B 89 -3.03 12.53 -10.32
N THR B 90 -4.10 13.23 -10.68
CA THR B 90 -4.07 14.69 -10.68
C THR B 90 -5.42 15.27 -10.26
N ILE B 91 -5.41 16.03 -9.17
CA ILE B 91 -6.62 16.65 -8.66
C ILE B 91 -6.52 18.17 -8.74
N GLU B 92 -7.10 18.74 -9.79
CA GLU B 92 -7.06 20.19 -9.98
C GLU B 92 -8.41 20.82 -9.66
N TRP B 93 -8.38 21.91 -8.90
CA TRP B 93 -9.60 22.61 -8.51
C TRP B 93 -9.42 24.12 -8.60
N THR B 94 -10.52 24.84 -8.79
CA THR B 94 -10.47 26.29 -8.89
C THR B 94 -11.74 26.92 -8.31
N ASN B 95 -11.61 28.13 -7.81
CA ASN B 95 -12.74 28.85 -7.22
C ASN B 95 -13.90 28.95 -8.21
N THR B 96 -15.13 29.00 -7.70
CA THR B 96 -16.31 29.11 -8.53
C THR B 96 -16.75 30.55 -8.67
N PRO B 97 -17.22 30.95 -9.87
CA PRO B 97 -17.68 32.32 -10.13
C PRO B 97 -18.92 32.68 -9.31
N ASP B 98 -19.12 33.97 -9.09
CA ASP B 98 -20.26 34.45 -8.32
C ASP B 98 -21.56 33.83 -8.83
N GLY B 99 -22.33 33.26 -7.91
CA GLY B 99 -23.59 32.64 -8.28
C GLY B 99 -23.40 31.50 -9.26
N ALA B 100 -22.30 30.77 -9.12
CA ALA B 100 -22.00 29.65 -10.00
C ALA B 100 -23.08 28.58 -9.92
N ALA B 101 -23.63 28.20 -11.07
CA ALA B 101 -24.66 27.19 -11.13
C ALA B 101 -24.19 25.87 -10.53
N LYS B 102 -25.15 24.99 -10.29
CA LYS B 102 -24.85 23.68 -9.73
C LYS B 102 -24.47 22.69 -10.82
N GLN B 103 -23.30 22.89 -11.39
CA GLN B 103 -22.80 22.02 -12.46
C GLN B 103 -21.39 22.42 -12.87
N PHE B 104 -20.49 21.45 -12.91
CA PHE B 104 -19.10 21.69 -13.29
C PHE B 104 -19.03 22.43 -14.62
N ARG B 105 -17.98 23.21 -14.81
CA ARG B 105 -17.79 23.97 -16.03
C ARG B 105 -16.35 23.90 -16.51
N ARG B 106 -16.14 24.10 -17.81
CA ARG B 106 -14.81 24.06 -18.39
C ARG B 106 -14.15 25.44 -18.37
N GLU B 107 -14.97 26.48 -18.54
CA GLU B 107 -14.47 27.85 -18.52
C GLU B 107 -13.87 28.20 -17.17
N TRP B 108 -14.30 27.51 -16.13
CA TRP B 108 -13.81 27.74 -14.78
C TRP B 108 -12.27 27.75 -14.76
N PHE B 109 -11.67 26.92 -15.59
CA PHE B 109 -10.23 26.82 -15.67
C PHE B 109 -9.67 27.72 -16.76
N GLN B 110 -10.44 27.87 -17.83
CA GLN B 110 -10.02 28.71 -18.96
C GLN B 110 -10.57 30.13 -18.81
N GLY B 111 -10.38 30.71 -17.63
CA GLY B 111 -10.84 32.06 -17.39
C GLY B 111 -9.98 32.80 -16.38
N ASP B 112 -10.62 33.44 -15.41
CA ASP B 112 -9.90 34.19 -14.39
C ASP B 112 -9.81 33.40 -13.09
N GLY B 113 -8.75 33.65 -12.33
CA GLY B 113 -8.57 32.94 -11.07
C GLY B 113 -7.48 31.89 -11.14
N MET B 114 -6.66 31.80 -10.11
CA MET B 114 -5.58 30.83 -10.07
C MET B 114 -6.13 29.42 -9.85
N VAL B 115 -5.68 28.48 -10.69
CA VAL B 115 -6.13 27.09 -10.59
C VAL B 115 -5.02 26.20 -10.07
N ARG B 116 -5.31 25.46 -9.00
CA ARG B 116 -4.33 24.55 -8.42
C ARG B 116 -4.42 23.17 -9.05
N ARG B 117 -3.27 22.53 -9.24
CA ARG B 117 -3.23 21.21 -9.84
C ARG B 117 -2.26 20.29 -9.10
N LYS B 118 -2.79 19.47 -8.20
CA LYS B 118 -1.98 18.56 -7.42
C LYS B 118 -1.78 17.24 -8.16
N ASN B 119 -0.75 16.50 -7.79
CA ASN B 119 -0.44 15.22 -8.42
C ASN B 119 0.07 14.21 -7.40
N LEU B 120 -0.66 13.09 -7.27
CA LEU B 120 -0.29 12.05 -6.33
C LEU B 120 0.55 10.97 -7.02
N PRO B 121 1.65 10.53 -6.38
CA PRO B 121 2.53 9.51 -6.94
C PRO B 121 2.04 8.09 -6.66
N ILE B 122 1.99 7.28 -7.72
CA ILE B 122 1.55 5.89 -7.59
C ILE B 122 2.70 4.93 -7.88
N GLU B 123 3.04 4.10 -6.90
CA GLU B 123 4.13 3.15 -7.07
C GLU B 123 3.64 1.72 -6.94
N TYR B 124 4.40 0.79 -7.51
CA TYR B 124 4.05 -0.62 -7.46
C TYR B 124 5.04 -1.40 -6.62
N ASN B 125 4.59 -1.85 -5.45
CA ASN B 125 5.44 -2.61 -4.54
C ASN B 125 5.46 -4.08 -4.93
N LEU B 126 6.29 -4.42 -5.92
CA LEU B 126 6.41 -5.79 -6.39
C LEU B 126 7.18 -6.64 -5.38
#